data_5X70
#
_entry.id   5X70
#
_cell.length_a   80.754
_cell.length_b   80.657
_cell.length_c   145.734
_cell.angle_alpha   104.74
_cell.angle_beta   104.00
_cell.angle_gamma   95.29
#
_symmetry.space_group_name_H-M   'P 1'
#
loop_
_entity.id
_entity.type
_entity.pdbx_description
1 polymer 'mRNA capping enzyme P5'
2 polymer "RNA (5'-R(P*GP*GP*CP*AP*AP*A)-3')"
#
loop_
_entity_poly.entity_id
_entity_poly.type
_entity_poly.pdbx_seq_one_letter_code
_entity_poly.pdbx_strand_id
1 'polypeptide(L)'
;GGSMSNPDYCIPNFSQTVNERTIIDIFTICRYRSPLVVFCLSHNELAKKYAQDVSMSSGTHVHIIDGSVEITVSLYRTFR
TIATQLLGRMQIVVFVTVDKSVVSTQVMKSIAWAFRGSFVELRNQSVDSSTLVSKLENLVSFAPLYNVPKCGPDYYGPTV
YSELLSLATNARTHWYATIDYSMFTRSVLTGFVAKYFNEEAVPIDKRIVSIVGYNPPYVWTCLRHGIRPTYIEKSLPNPG
GKGPFGLILPVINELVLKSKVKYVMHNPQIKLLCLDTFMLSTSMNILYIGAYPATHLLSLQLNGWTILAFDPKITSDWTD
AMAKATGAKVIGVSKEFDFKSFSVQANQLNMFQNSKLSVIDDTWVETDYEKFQSEKQAYFEWLIDRTSIDVRLISMKWNR
SKDTSVSHLLALLPQPYGASIREMRAFFHKKGASDIKILAAETEKYMDDFTAMSVSDQINTQKFMHCMITTVGDALKMDL
DGGRAVIASYSLSNSSNSKERVLKFLSDANKAKAMVVFGAPNTHRLAYAKKVGLVLDSAIKMSKDLITFSNPTGRRWRDY
GYSQSELYDAGYVEITIDQMVAYSSDVYNGVGYFANSTYNDLFSWYIPKWYVHKRMLMQDIRLSPAALVKCFTTLIRNIC
YVPHETYYRFRGILVDKYLRSKNVDPSQYSIVGSGSKTFTVLSHFEVPHECGPLVFEASTDVNISGHLLSLAIAAHFVAS
PMILWAEQMKYMAVDRMLPPNLDKSLFFDNKVTPSGALQRWHSREEVLLAAEICESYAAMMLNNKHSPDIIGTLKSAINL
VFKI
;
A,C,D,B
2 'polyribonucleotide' GGCAAA E,G
#
# COMPACT_ATOMS: atom_id res chain seq x y z
N ASP A 8 -7.78 -8.73 54.15
CA ASP A 8 -6.48 -8.53 54.79
C ASP A 8 -5.52 -7.80 53.86
N TYR A 9 -4.88 -6.76 54.37
CA TYR A 9 -3.97 -5.93 53.59
C TYR A 9 -2.53 -6.26 53.99
N CYS A 10 -2.11 -7.48 53.65
CA CYS A 10 -0.77 -7.94 54.00
C CYS A 10 -0.26 -8.90 52.93
N ILE A 11 1.04 -8.81 52.64
CA ILE A 11 1.70 -9.76 51.76
C ILE A 11 2.69 -10.58 52.57
N PRO A 12 2.89 -11.87 52.27
CA PRO A 12 2.17 -12.62 51.22
C PRO A 12 0.71 -12.88 51.56
N ASN A 13 -0.17 -12.70 50.58
CA ASN A 13 -1.61 -12.84 50.77
C ASN A 13 -2.09 -14.11 50.08
N PHE A 14 -2.73 -15.00 50.85
CA PHE A 14 -3.35 -16.19 50.30
C PHE A 14 -4.87 -16.13 50.31
N SER A 15 -5.46 -15.25 51.11
CA SER A 15 -6.91 -15.23 51.25
C SER A 15 -7.57 -14.63 50.02
N GLN A 16 -7.16 -13.43 49.62
CA GLN A 16 -7.79 -12.75 48.48
C GLN A 16 -7.33 -13.30 47.14
N THR A 17 -6.20 -14.01 47.10
CA THR A 17 -5.62 -14.43 45.83
C THR A 17 -6.04 -15.84 45.42
N VAL A 18 -6.10 -16.78 46.36
CA VAL A 18 -6.37 -18.18 46.06
C VAL A 18 -7.80 -18.45 46.49
N ASN A 19 -8.74 -18.29 45.57
CA ASN A 19 -10.14 -18.62 45.78
C ASN A 19 -10.48 -19.88 45.00
N GLU A 20 -11.78 -20.17 44.90
CA GLU A 20 -12.23 -21.36 44.18
C GLU A 20 -11.91 -21.25 42.70
N ARG A 21 -12.06 -20.06 42.12
CA ARG A 21 -11.75 -19.87 40.71
C ARG A 21 -10.26 -19.90 40.45
N THR A 22 -9.44 -19.51 41.43
CA THR A 22 -7.99 -19.55 41.26
C THR A 22 -7.51 -20.98 41.02
N ILE A 23 -8.08 -21.95 41.74
CA ILE A 23 -7.75 -23.34 41.50
C ILE A 23 -8.19 -23.76 40.11
N ILE A 24 -9.31 -23.21 39.63
CA ILE A 24 -9.78 -23.53 38.28
C ILE A 24 -8.76 -23.05 37.25
N ASP A 25 -8.23 -21.83 37.43
CA ASP A 25 -7.28 -21.30 36.47
C ASP A 25 -5.96 -22.05 36.51
N ILE A 26 -5.58 -22.60 37.67
CA ILE A 26 -4.37 -23.40 37.74
C ILE A 26 -4.54 -24.69 36.93
N PHE A 27 -5.72 -25.30 37.00
CA PHE A 27 -6.01 -26.45 36.14
C PHE A 27 -5.92 -26.07 34.67
N THR A 28 -6.40 -24.86 34.32
CA THR A 28 -6.35 -24.41 32.93
C THR A 28 -4.92 -24.19 32.48
N ILE A 29 -4.08 -23.63 33.36
CA ILE A 29 -2.67 -23.39 33.03
C ILE A 29 -1.95 -24.70 32.73
N CYS A 30 -2.34 -25.78 33.42
CA CYS A 30 -1.72 -27.08 33.18
C CYS A 30 -1.92 -27.59 31.76
N ARG A 31 -2.84 -27.00 31.00
CA ARG A 31 -2.94 -27.32 29.58
C ARG A 31 -1.80 -26.72 28.77
N TYR A 32 -1.08 -25.75 29.33
CA TYR A 32 0.02 -25.07 28.65
C TYR A 32 1.39 -25.48 29.19
N ARG A 33 1.45 -26.50 30.05
CA ARG A 33 2.66 -26.80 30.82
C ARG A 33 3.76 -27.46 29.98
N SER A 34 3.70 -27.39 28.65
CA SER A 34 4.75 -27.95 27.79
C SER A 34 5.16 -26.90 26.76
N PRO A 35 5.89 -25.86 27.19
CA PRO A 35 6.32 -24.80 26.26
C PRO A 35 7.74 -24.90 25.75
N LEU A 36 8.49 -25.95 26.12
CA LEU A 36 9.90 -26.02 25.80
C LEU A 36 10.12 -26.48 24.37
N VAL A 37 11.15 -25.92 23.73
CA VAL A 37 11.62 -26.37 22.42
C VAL A 37 13.14 -26.36 22.45
N VAL A 38 13.75 -27.53 22.23
CA VAL A 38 15.20 -27.67 22.24
C VAL A 38 15.68 -27.82 20.81
N PHE A 39 16.47 -26.85 20.36
CA PHE A 39 16.94 -26.77 18.97
C PHE A 39 18.44 -26.97 18.94
N CYS A 40 18.90 -27.93 18.16
CA CYS A 40 20.32 -28.27 18.04
C CYS A 40 20.81 -27.88 16.66
N LEU A 41 21.71 -26.90 16.60
CA LEU A 41 22.33 -26.47 15.36
C LEU A 41 23.79 -26.10 15.63
N SER A 42 24.65 -26.37 14.66
CA SER A 42 26.08 -26.17 14.82
C SER A 42 26.56 -24.80 14.38
N HIS A 43 25.65 -23.85 14.19
CA HIS A 43 26.01 -22.50 13.75
C HIS A 43 25.55 -21.52 14.82
N ASN A 44 26.50 -21.03 15.61
CA ASN A 44 26.17 -20.27 16.80
C ASN A 44 25.63 -18.89 16.47
N GLU A 45 26.31 -18.16 15.57
CA GLU A 45 25.87 -16.80 15.25
C GLU A 45 24.50 -16.81 14.58
N LEU A 46 24.21 -17.82 13.76
CA LEU A 46 22.88 -17.95 13.19
C LEU A 46 21.85 -18.21 14.28
N ALA A 47 22.21 -18.99 15.30
CA ALA A 47 21.30 -19.24 16.41
C ALA A 47 21.02 -17.96 17.19
N LYS A 48 22.04 -17.11 17.35
CA LYS A 48 21.84 -15.85 18.08
C LYS A 48 20.84 -14.95 17.37
N LYS A 49 20.81 -14.98 16.03
CA LYS A 49 19.86 -14.15 15.30
C LYS A 49 18.43 -14.60 15.54
N TYR A 50 18.13 -15.87 15.27
CA TYR A 50 16.78 -16.37 15.44
C TYR A 50 16.36 -16.36 16.90
N ALA A 51 17.33 -16.48 17.82
CA ALA A 51 17.00 -16.31 19.24
C ALA A 51 16.51 -14.89 19.52
N GLN A 52 17.11 -13.89 18.87
CA GLN A 52 16.65 -12.53 19.02
C GLN A 52 15.34 -12.30 18.28
N ASP A 53 15.17 -12.94 17.13
CA ASP A 53 13.97 -12.73 16.32
C ASP A 53 12.72 -13.23 17.05
N VAL A 54 12.79 -14.44 17.61
CA VAL A 54 11.63 -14.98 18.30
C VAL A 54 11.44 -14.33 19.67
N SER A 55 12.52 -13.81 20.27
CA SER A 55 12.40 -13.18 21.58
C SER A 55 11.74 -11.80 21.46
N MET A 56 12.08 -11.05 20.42
CA MET A 56 11.52 -9.71 20.25
C MET A 56 10.10 -9.76 19.68
N SER A 57 9.79 -10.78 18.87
CA SER A 57 8.50 -10.81 18.21
C SER A 57 7.39 -11.33 19.12
N SER A 58 7.65 -12.40 19.85
CA SER A 58 6.62 -13.04 20.66
C SER A 58 6.96 -13.13 22.14
N GLY A 59 8.14 -12.67 22.55
CA GLY A 59 8.52 -12.76 23.95
C GLY A 59 9.00 -14.11 24.41
N THR A 60 9.39 -14.97 23.48
CA THR A 60 9.88 -16.30 23.84
C THR A 60 11.22 -16.19 24.57
N HIS A 61 11.32 -16.84 25.73
CA HIS A 61 12.56 -16.85 26.48
C HIS A 61 13.54 -17.83 25.84
N VAL A 62 14.73 -17.34 25.51
CA VAL A 62 15.71 -18.10 24.76
C VAL A 62 16.95 -18.34 25.61
N HIS A 63 17.58 -19.49 25.38
CA HIS A 63 18.86 -19.83 25.99
C HIS A 63 19.78 -20.37 24.91
N ILE A 64 21.06 -20.00 24.99
CA ILE A 64 22.06 -20.41 24.00
C ILE A 64 23.18 -21.09 24.75
N ILE A 65 23.21 -22.42 24.71
CA ILE A 65 24.30 -23.20 25.30
C ILE A 65 25.39 -23.29 24.23
N ASP A 66 26.37 -22.39 24.30
CA ASP A 66 27.39 -22.26 23.27
C ASP A 66 28.72 -22.89 23.64
N GLY A 67 28.88 -23.36 24.86
CA GLY A 67 30.14 -23.93 25.31
C GLY A 67 31.05 -22.95 26.03
N SER A 68 30.66 -21.68 26.14
CA SER A 68 31.44 -20.73 26.93
C SER A 68 31.47 -21.11 28.39
N VAL A 69 30.52 -21.91 28.85
CA VAL A 69 30.52 -22.49 30.19
C VAL A 69 30.56 -24.00 30.05
N GLU A 70 31.07 -24.67 31.08
CA GLU A 70 31.17 -26.13 31.05
C GLU A 70 29.79 -26.75 30.91
N ILE A 71 29.71 -27.84 30.14
CA ILE A 71 28.42 -28.38 29.70
C ILE A 71 27.58 -28.83 30.90
N THR A 72 28.23 -29.40 31.92
CA THR A 72 27.48 -29.87 33.09
C THR A 72 26.90 -28.69 33.87
N VAL A 73 27.68 -27.63 34.07
CA VAL A 73 27.16 -26.46 34.76
C VAL A 73 26.23 -25.67 33.84
N SER A 74 26.45 -25.74 32.53
CA SER A 74 25.58 -25.03 31.59
C SER A 74 24.18 -25.60 31.60
N LEU A 75 24.06 -26.94 31.57
CA LEU A 75 22.74 -27.55 31.67
C LEU A 75 22.11 -27.30 33.04
N TYR A 76 22.93 -27.26 34.09
CA TYR A 76 22.41 -27.06 35.44
C TYR A 76 21.79 -25.67 35.59
N ARG A 77 22.42 -24.65 35.00
CA ARG A 77 21.89 -23.30 35.12
C ARG A 77 20.70 -23.07 34.20
N THR A 78 20.65 -23.74 33.05
CA THR A 78 19.59 -23.49 32.08
C THR A 78 18.27 -24.10 32.53
N PHE A 79 18.29 -25.36 32.97
CA PHE A 79 17.05 -26.07 33.26
C PHE A 79 16.59 -25.93 34.70
N ARG A 80 17.46 -25.51 35.62
CA ARG A 80 16.97 -25.11 36.94
C ARG A 80 16.10 -23.86 36.83
N THR A 81 16.39 -22.99 35.87
CA THR A 81 15.54 -21.82 35.61
C THR A 81 14.27 -22.21 34.89
N ILE A 82 14.37 -23.08 33.88
CA ILE A 82 13.21 -23.48 33.09
C ILE A 82 12.20 -24.22 33.96
N ALA A 83 12.67 -25.00 34.93
CA ALA A 83 11.77 -25.76 35.79
C ALA A 83 10.80 -24.85 36.54
N THR A 84 11.22 -23.62 36.84
CA THR A 84 10.36 -22.68 37.55
C THR A 84 9.37 -21.98 36.63
N GLN A 85 9.61 -21.98 35.31
CA GLN A 85 8.82 -21.20 34.37
C GLN A 85 7.87 -22.04 33.54
N LEU A 86 7.76 -23.34 33.82
CA LEU A 86 6.97 -24.23 32.96
C LEU A 86 5.48 -23.92 33.01
N LEU A 87 5.01 -23.16 34.00
CA LEU A 87 3.62 -22.77 34.08
C LEU A 87 3.41 -21.29 33.75
N GLY A 88 4.39 -20.67 33.08
CA GLY A 88 4.33 -19.25 32.76
C GLY A 88 3.60 -18.90 31.49
N ARG A 89 3.06 -19.88 30.77
CA ARG A 89 2.31 -19.68 29.53
C ARG A 89 3.16 -19.02 28.44
N MET A 90 4.48 -19.09 28.54
CA MET A 90 5.37 -18.49 27.56
C MET A 90 6.30 -19.54 26.99
N GLN A 91 6.50 -19.48 25.67
CA GLN A 91 7.37 -20.43 24.99
C GLN A 91 8.81 -20.26 25.47
N ILE A 92 9.54 -21.38 25.49
CA ILE A 92 10.94 -21.40 25.87
C ILE A 92 11.71 -22.19 24.82
N VAL A 93 12.78 -21.59 24.30
CA VAL A 93 13.64 -22.22 23.30
C VAL A 93 15.05 -22.29 23.86
N VAL A 94 15.68 -23.45 23.72
CA VAL A 94 17.04 -23.68 24.18
C VAL A 94 17.88 -24.08 22.96
N PHE A 95 18.72 -23.15 22.49
CA PHE A 95 19.61 -23.44 21.37
C PHE A 95 20.87 -24.12 21.89
N VAL A 96 21.16 -25.31 21.39
CA VAL A 96 22.35 -26.06 21.75
C VAL A 96 23.27 -26.07 20.54
N THR A 97 24.41 -25.40 20.65
CA THR A 97 25.32 -25.23 19.53
C THR A 97 26.63 -25.99 19.69
N VAL A 98 26.85 -26.66 20.82
CA VAL A 98 28.07 -27.44 20.99
C VAL A 98 27.98 -28.72 20.17
N ASP A 99 29.14 -29.32 19.91
CA ASP A 99 29.20 -30.52 19.10
C ASP A 99 28.53 -31.69 19.81
N LYS A 100 28.23 -32.74 19.04
CA LYS A 100 27.65 -33.95 19.62
C LYS A 100 28.61 -34.65 20.56
N SER A 101 29.91 -34.35 20.47
CA SER A 101 30.86 -34.91 21.43
C SER A 101 30.70 -34.29 22.81
N VAL A 102 30.26 -33.03 22.88
CA VAL A 102 30.02 -32.40 24.17
C VAL A 102 28.74 -32.94 24.80
N VAL A 103 27.68 -33.06 24.00
CA VAL A 103 26.43 -33.69 24.44
C VAL A 103 25.82 -34.42 23.25
N SER A 104 25.62 -35.73 23.39
CA SER A 104 25.14 -36.54 22.28
C SER A 104 23.69 -36.22 21.97
N THR A 105 23.23 -36.70 20.82
CA THR A 105 21.85 -36.47 20.39
C THR A 105 20.85 -37.16 21.32
N GLN A 106 21.20 -38.37 21.79
CA GLN A 106 20.29 -39.10 22.65
C GLN A 106 20.24 -38.49 24.05
N VAL A 107 21.33 -37.90 24.52
CA VAL A 107 21.33 -37.26 25.84
C VAL A 107 20.50 -35.98 25.81
N MET A 108 20.72 -35.14 24.80
CA MET A 108 19.97 -33.90 24.70
C MET A 108 18.49 -34.15 24.44
N LYS A 109 18.16 -35.20 23.68
CA LYS A 109 16.77 -35.55 23.46
C LYS A 109 16.10 -35.99 24.75
N SER A 110 16.84 -36.70 25.60
CA SER A 110 16.29 -37.12 26.89
C SER A 110 16.01 -35.91 27.78
N ILE A 111 16.96 -34.99 27.87
CA ILE A 111 16.79 -33.80 28.69
C ILE A 111 15.61 -32.97 28.18
N ALA A 112 15.46 -32.88 26.86
CA ALA A 112 14.35 -32.14 26.29
C ALA A 112 13.01 -32.76 26.66
N TRP A 113 12.86 -34.07 26.40
CA TRP A 113 11.60 -34.75 26.70
C TRP A 113 11.36 -34.86 28.20
N ALA A 114 12.42 -34.83 29.02
CA ALA A 114 12.22 -34.84 30.46
C ALA A 114 11.49 -33.60 30.94
N PHE A 115 11.63 -32.49 30.20
CA PHE A 115 10.94 -31.25 30.51
C PHE A 115 9.77 -30.98 29.57
N ARG A 116 9.29 -32.00 28.86
CA ARG A 116 8.17 -31.91 27.93
C ARG A 116 8.44 -30.83 26.87
N GLY A 117 9.41 -31.15 26.01
CA GLY A 117 9.83 -30.22 24.99
C GLY A 117 9.99 -30.87 23.64
N SER A 118 9.88 -30.05 22.59
CA SER A 118 10.13 -30.51 21.23
C SER A 118 11.63 -30.53 20.97
N PHE A 119 12.12 -31.65 20.48
CA PHE A 119 13.54 -31.84 20.23
C PHE A 119 13.82 -31.81 18.72
N VAL A 120 14.74 -30.94 18.32
CA VAL A 120 15.17 -30.82 16.93
C VAL A 120 16.68 -30.96 16.89
N GLU A 121 17.16 -31.89 16.06
CA GLU A 121 18.58 -32.14 15.89
C GLU A 121 18.95 -31.84 14.44
N LEU A 122 19.73 -30.77 14.23
CA LEU A 122 20.16 -30.36 12.90
C LEU A 122 21.59 -29.83 12.95
N ARG A 123 22.44 -30.47 13.75
CA ARG A 123 23.82 -30.02 13.91
C ARG A 123 24.72 -30.44 12.76
N ASN A 124 24.28 -31.37 11.91
CA ASN A 124 25.06 -31.75 10.74
C ASN A 124 24.79 -30.86 9.53
N GLN A 125 23.84 -29.94 9.64
CA GLN A 125 23.46 -29.10 8.50
C GLN A 125 24.42 -27.93 8.33
N SER A 126 24.60 -27.53 7.08
CA SER A 126 25.42 -26.37 6.77
C SER A 126 24.66 -25.08 7.11
N VAL A 127 25.40 -23.97 7.15
CA VAL A 127 24.84 -22.71 7.60
C VAL A 127 23.79 -22.17 6.65
N ASP A 128 23.84 -22.55 5.36
CA ASP A 128 22.87 -22.11 4.37
C ASP A 128 21.96 -23.26 3.94
N SER A 129 21.71 -24.21 4.83
CA SER A 129 20.82 -25.32 4.52
C SER A 129 19.38 -24.83 4.45
N SER A 130 18.68 -25.19 3.37
CA SER A 130 17.28 -24.79 3.25
C SER A 130 16.41 -25.45 4.31
N THR A 131 16.81 -26.63 4.79
CA THR A 131 16.05 -27.29 5.85
C THR A 131 16.29 -26.62 7.20
N LEU A 132 17.55 -26.26 7.48
CA LEU A 132 17.88 -25.66 8.77
C LEU A 132 17.23 -24.29 8.91
N VAL A 133 17.30 -23.46 7.87
CA VAL A 133 16.74 -22.12 7.94
C VAL A 133 15.21 -22.18 8.00
N SER A 134 14.60 -23.14 7.30
CA SER A 134 13.16 -23.26 7.32
C SER A 134 12.64 -23.59 8.72
N LYS A 135 13.27 -24.57 9.38
CA LYS A 135 12.85 -24.92 10.74
C LYS A 135 13.20 -23.84 11.74
N LEU A 136 14.15 -22.95 11.42
CA LEU A 136 14.42 -21.81 12.27
C LEU A 136 13.41 -20.68 12.05
N GLU A 137 12.94 -20.51 10.81
CA GLU A 137 11.89 -19.54 10.54
C GLU A 137 10.56 -19.98 11.13
N ASN A 138 10.36 -21.29 11.28
CA ASN A 138 9.12 -21.78 11.90
C ASN A 138 9.02 -21.37 13.35
N LEU A 139 10.16 -21.23 14.04
CA LEU A 139 10.14 -20.74 15.41
C LEU A 139 9.55 -19.35 15.50
N VAL A 140 9.93 -18.47 14.58
CA VAL A 140 9.43 -17.09 14.59
C VAL A 140 8.00 -17.02 14.06
N SER A 141 7.64 -17.90 13.12
CA SER A 141 6.32 -17.81 12.49
C SER A 141 5.24 -18.39 13.38
N PHE A 142 5.52 -19.49 14.07
CA PHE A 142 4.50 -20.22 14.82
C PHE A 142 4.48 -19.89 16.30
N ALA A 143 5.41 -19.08 16.79
CA ALA A 143 5.46 -18.78 18.22
C ALA A 143 4.13 -18.18 18.68
N PRO A 144 3.67 -18.53 19.89
CA PRO A 144 4.34 -19.36 20.89
C PRO A 144 4.24 -20.87 20.63
N LEU A 145 3.54 -21.27 19.57
CA LEU A 145 3.43 -22.66 19.22
C LEU A 145 4.62 -23.09 18.35
N TYR A 146 4.64 -24.36 17.97
CA TYR A 146 5.70 -24.87 17.12
C TYR A 146 5.22 -26.17 16.47
N ASN A 147 5.55 -26.33 15.18
CA ASN A 147 5.02 -27.46 14.42
C ASN A 147 5.68 -28.78 14.80
N VAL A 148 6.82 -28.75 15.47
CA VAL A 148 7.48 -29.99 15.90
C VAL A 148 6.82 -30.48 17.18
N PRO A 149 6.36 -31.73 17.24
CA PRO A 149 5.67 -32.21 18.44
C PRO A 149 6.61 -32.42 19.61
N LYS A 150 6.03 -32.40 20.81
CA LYS A 150 6.77 -32.60 22.04
C LYS A 150 6.82 -34.09 22.39
N CYS A 151 7.99 -34.54 22.87
CA CYS A 151 8.19 -35.91 23.34
C CYS A 151 7.87 -36.92 22.24
N GLY A 152 8.31 -36.63 21.02
CA GLY A 152 8.06 -37.49 19.89
C GLY A 152 8.42 -36.81 18.59
N PRO A 153 8.98 -37.56 17.65
CA PRO A 153 9.43 -36.95 16.39
C PRO A 153 8.31 -36.76 15.38
N ASP A 154 7.33 -37.65 15.36
CA ASP A 154 6.31 -37.66 14.34
C ASP A 154 4.93 -37.42 14.96
N TYR A 155 4.00 -36.94 14.12
CA TYR A 155 2.63 -36.66 14.54
C TYR A 155 1.72 -36.93 13.36
N TYR A 156 0.71 -37.77 13.58
CA TYR A 156 -0.22 -38.16 12.52
C TYR A 156 -1.66 -37.83 12.88
N GLY A 157 -1.86 -36.75 13.64
CA GLY A 157 -3.19 -36.32 14.00
C GLY A 157 -3.71 -35.24 13.07
N PRO A 158 -4.91 -34.72 13.36
CA PRO A 158 -5.55 -33.76 12.44
C PRO A 158 -4.96 -32.37 12.48
N THR A 159 -4.11 -32.04 13.46
CA THR A 159 -3.56 -30.70 13.56
C THR A 159 -2.51 -30.48 12.49
N VAL A 160 -2.82 -29.62 11.52
CA VAL A 160 -1.92 -29.28 10.42
C VAL A 160 -1.46 -27.84 10.64
N TYR A 161 -0.17 -27.67 10.94
CA TYR A 161 0.34 -26.35 11.27
C TYR A 161 0.43 -25.45 10.03
N SER A 162 0.63 -26.05 8.85
CA SER A 162 0.69 -25.24 7.63
C SER A 162 -0.65 -24.60 7.30
N GLU A 163 -1.75 -25.11 7.86
CA GLU A 163 -3.05 -24.48 7.67
C GLU A 163 -3.22 -23.21 8.49
N LEU A 164 -2.40 -23.03 9.53
CA LEU A 164 -2.45 -21.79 10.30
C LEU A 164 -1.90 -20.61 9.53
N LEU A 165 -1.07 -20.86 8.51
CA LEU A 165 -0.52 -19.81 7.67
C LEU A 165 -1.33 -19.57 6.39
N SER A 166 -2.25 -20.48 6.06
CA SER A 166 -2.99 -20.40 4.81
C SER A 166 -4.23 -19.52 4.99
N LEU A 167 -4.37 -18.53 4.10
CA LEU A 167 -5.57 -17.69 4.12
C LEU A 167 -6.80 -18.42 3.62
N ALA A 168 -6.61 -19.48 2.82
CA ALA A 168 -7.75 -20.22 2.30
C ALA A 168 -8.51 -20.94 3.41
N THR A 169 -7.79 -21.48 4.39
CA THR A 169 -8.40 -22.17 5.52
C THR A 169 -8.72 -21.23 6.67
N ASN A 170 -8.84 -19.93 6.40
CA ASN A 170 -9.09 -18.90 7.41
C ASN A 170 -8.04 -18.88 8.50
N ALA A 171 -6.83 -19.36 8.19
CA ALA A 171 -5.70 -19.39 9.13
C ALA A 171 -6.07 -20.14 10.41
N ARG A 172 -6.68 -21.32 10.25
CA ARG A 172 -7.09 -22.13 11.38
C ARG A 172 -6.80 -23.60 11.08
N THR A 173 -6.73 -24.40 12.14
CA THR A 173 -6.53 -25.83 12.03
C THR A 173 -7.20 -26.50 13.22
N HIS A 174 -7.38 -27.82 13.11
CA HIS A 174 -8.08 -28.56 14.14
C HIS A 174 -7.20 -28.76 15.36
N TRP A 175 -7.84 -29.09 16.49
CA TRP A 175 -7.14 -29.13 17.78
C TRP A 175 -7.91 -30.09 18.69
N TYR A 176 -7.55 -31.38 18.63
CA TYR A 176 -8.14 -32.42 19.47
C TYR A 176 -7.09 -32.82 20.49
N ALA A 177 -7.07 -32.12 21.63
CA ALA A 177 -6.04 -32.35 22.63
C ALA A 177 -6.21 -33.69 23.31
N THR A 178 -7.44 -34.04 23.69
CA THR A 178 -7.68 -35.29 24.41
C THR A 178 -7.37 -36.50 23.52
N ILE A 179 -7.76 -36.45 22.25
CA ILE A 179 -7.53 -37.58 21.36
C ILE A 179 -6.05 -37.73 21.06
N ASP A 180 -5.35 -36.62 20.79
CA ASP A 180 -3.93 -36.70 20.43
C ASP A 180 -3.08 -37.15 21.62
N TYR A 181 -3.43 -36.70 22.82
CA TYR A 181 -2.67 -37.13 24.00
C TYR A 181 -2.96 -38.58 24.35
N SER A 182 -4.15 -39.07 24.00
CA SER A 182 -4.43 -40.49 24.18
C SER A 182 -3.58 -41.34 23.26
N MET A 183 -3.44 -40.93 22.00
CA MET A 183 -2.53 -41.61 21.10
C MET A 183 -1.08 -41.47 21.55
N PHE A 184 -0.73 -40.31 22.11
CA PHE A 184 0.60 -40.12 22.67
C PHE A 184 0.82 -41.05 23.86
N THR A 185 -0.23 -41.28 24.66
CA THR A 185 -0.10 -42.17 25.80
C THR A 185 0.04 -43.62 25.36
N ARG A 186 -0.75 -44.04 24.38
CA ARG A 186 -0.61 -45.39 23.84
C ARG A 186 0.80 -45.63 23.31
N SER A 187 1.38 -44.60 22.68
CA SER A 187 2.73 -44.74 22.13
C SER A 187 3.79 -44.71 23.22
N VAL A 188 3.57 -43.95 24.29
CA VAL A 188 4.55 -43.91 25.37
C VAL A 188 4.57 -45.22 26.13
N LEU A 189 3.39 -45.81 26.38
CA LEU A 189 3.34 -47.10 27.04
C LEU A 189 4.07 -48.16 26.23
N THR A 190 3.90 -48.14 24.91
CA THR A 190 4.60 -49.09 24.06
C THR A 190 6.11 -48.86 24.12
N GLY A 191 6.53 -47.60 24.08
CA GLY A 191 7.95 -47.30 24.14
C GLY A 191 8.59 -47.70 25.46
N PHE A 192 7.83 -47.60 26.56
CA PHE A 192 8.36 -48.02 27.84
C PHE A 192 8.55 -49.54 27.89
N VAL A 193 7.58 -50.30 27.38
CA VAL A 193 7.73 -51.74 27.29
C VAL A 193 8.91 -52.10 26.40
N ALA A 194 9.07 -51.38 25.29
CA ALA A 194 10.22 -51.60 24.41
C ALA A 194 11.52 -51.31 25.15
N LYS A 195 11.55 -50.24 25.94
CA LYS A 195 12.73 -49.97 26.77
C LYS A 195 12.91 -51.05 27.83
N TYR A 196 11.81 -51.59 28.35
CA TYR A 196 11.89 -52.66 29.33
C TYR A 196 12.54 -53.90 28.73
N PHE A 197 12.16 -54.25 27.50
CA PHE A 197 12.75 -55.40 26.84
C PHE A 197 14.23 -55.20 26.58
N ASN A 198 14.62 -53.97 26.25
CA ASN A 198 16.04 -53.70 25.95
C ASN A 198 16.89 -53.76 27.21
N GLU A 199 16.34 -53.32 28.34
CA GLU A 199 17.11 -53.33 29.59
C GLU A 199 17.25 -54.75 30.13
N GLU A 200 16.16 -55.51 30.13
CA GLU A 200 16.19 -56.88 30.63
C GLU A 200 16.87 -57.85 29.68
N ALA A 201 17.35 -57.38 28.52
CA ALA A 201 17.99 -58.21 27.51
C ALA A 201 17.08 -59.38 27.09
N VAL A 202 15.80 -59.08 26.94
CA VAL A 202 14.83 -60.11 26.54
C VAL A 202 15.14 -60.55 25.11
N PRO A 203 15.10 -61.84 24.80
CA PRO A 203 15.32 -62.28 23.42
C PRO A 203 14.33 -61.64 22.46
N ILE A 204 14.77 -61.48 21.21
CA ILE A 204 14.00 -60.72 20.23
C ILE A 204 12.63 -61.36 19.99
N ASP A 205 12.60 -62.68 19.83
CA ASP A 205 11.33 -63.36 19.55
C ASP A 205 10.42 -63.42 20.77
N LYS A 206 10.95 -63.19 21.97
CA LYS A 206 10.15 -63.20 23.18
C LYS A 206 9.54 -61.84 23.49
N ARG A 207 9.87 -60.80 22.72
CA ARG A 207 9.38 -59.45 22.97
C ARG A 207 7.94 -59.35 22.49
N ILE A 208 7.03 -59.87 23.32
CA ILE A 208 5.60 -59.86 23.05
C ILE A 208 4.90 -59.21 24.24
N VAL A 209 3.97 -58.30 23.96
CA VAL A 209 3.24 -57.59 24.99
C VAL A 209 1.75 -57.85 24.82
N SER A 210 1.05 -58.06 25.94
CA SER A 210 -0.38 -58.31 25.94
C SER A 210 -1.12 -57.01 26.23
N ILE A 211 -1.98 -56.61 25.31
CA ILE A 211 -2.79 -55.40 25.44
C ILE A 211 -4.16 -55.83 25.95
N VAL A 212 -4.43 -55.59 27.23
CA VAL A 212 -5.71 -55.97 27.81
C VAL A 212 -6.80 -55.09 27.23
N GLY A 213 -7.88 -55.72 26.77
CA GLY A 213 -8.96 -55.00 26.12
C GLY A 213 -8.60 -54.62 24.70
N TYR A 214 -9.58 -54.56 23.81
CA TYR A 214 -9.29 -54.23 22.42
C TYR A 214 -8.91 -52.77 22.29
N ASN A 215 -7.79 -52.52 21.62
CA ASN A 215 -7.28 -51.17 21.42
C ASN A 215 -6.51 -51.17 20.10
N PRO A 216 -7.15 -50.74 19.01
CA PRO A 216 -6.57 -50.90 17.67
C PRO A 216 -5.17 -50.30 17.54
N PRO A 217 -4.95 -49.04 17.94
CA PRO A 217 -3.66 -48.40 17.59
C PRO A 217 -2.43 -49.08 18.18
N TYR A 218 -2.60 -50.03 19.10
CA TYR A 218 -1.42 -50.66 19.71
C TYR A 218 -0.71 -51.58 18.74
N VAL A 219 -1.42 -52.11 17.74
CA VAL A 219 -0.76 -52.92 16.72
C VAL A 219 0.28 -52.10 15.97
N TRP A 220 -0.06 -50.85 15.65
CA TRP A 220 0.87 -49.98 14.95
C TRP A 220 2.03 -49.57 15.86
N THR A 221 1.71 -49.16 17.09
CA THR A 221 2.76 -48.70 18.00
C THR A 221 3.74 -49.80 18.34
N CYS A 222 3.25 -51.03 18.53
CA CYS A 222 4.13 -52.15 18.85
C CYS A 222 5.09 -52.44 17.70
N LEU A 223 4.58 -52.48 16.47
CA LEU A 223 5.44 -52.68 15.31
C LEU A 223 6.36 -51.50 15.07
N ARG A 224 6.02 -50.32 15.59
CA ARG A 224 6.92 -49.18 15.51
C ARG A 224 8.09 -49.31 16.48
N HIS A 225 7.97 -50.17 17.49
CA HIS A 225 9.02 -50.36 18.49
C HIS A 225 9.63 -51.75 18.46
N GLY A 226 9.35 -52.54 17.43
CA GLY A 226 9.97 -53.84 17.29
C GLY A 226 9.47 -54.90 18.24
N ILE A 227 8.22 -54.80 18.69
CA ILE A 227 7.63 -55.79 19.57
C ILE A 227 6.32 -56.26 18.95
N ARG A 228 5.93 -57.50 19.27
CA ARG A 228 4.72 -58.07 18.69
C ARG A 228 3.56 -57.96 19.66
N PRO A 229 2.41 -57.46 19.23
CA PRO A 229 1.27 -57.32 20.13
C PRO A 229 0.38 -58.54 20.15
N THR A 230 -0.43 -58.63 21.21
CA THR A 230 -1.46 -59.65 21.32
C THR A 230 -2.55 -59.13 22.25
N TYR A 231 -3.80 -59.31 21.86
CA TYR A 231 -4.94 -58.81 22.61
C TYR A 231 -5.52 -59.90 23.51
N ILE A 232 -6.10 -59.48 24.62
CA ILE A 232 -6.81 -60.35 25.54
C ILE A 232 -8.04 -59.59 26.02
N GLU A 233 -9.21 -59.99 25.55
CA GLU A 233 -10.46 -59.29 25.84
C GLU A 233 -11.35 -60.13 26.74
N LYS A 234 -12.10 -59.44 27.59
CA LYS A 234 -13.01 -60.11 28.52
C LYS A 234 -14.08 -60.89 27.77
N SER A 235 -14.81 -60.21 26.89
CA SER A 235 -15.88 -60.84 26.11
C SER A 235 -15.78 -60.35 24.67
N LEU A 236 -15.38 -61.25 23.76
CA LEU A 236 -15.31 -60.93 22.35
C LEU A 236 -16.54 -61.52 21.66
N PRO A 237 -17.44 -60.69 21.14
CA PRO A 237 -18.65 -61.24 20.52
C PRO A 237 -18.34 -62.04 19.26
N ASN A 238 -19.25 -62.96 18.94
CA ASN A 238 -19.07 -63.81 17.77
C ASN A 238 -19.12 -62.97 16.50
N PRO A 239 -18.17 -63.14 15.57
CA PRO A 239 -18.16 -62.29 14.38
C PRO A 239 -19.37 -62.48 13.48
N GLY A 240 -19.95 -63.68 13.45
CA GLY A 240 -21.14 -63.94 12.68
C GLY A 240 -20.92 -64.57 11.32
N GLY A 241 -19.71 -65.04 11.03
CA GLY A 241 -19.40 -65.67 9.77
C GLY A 241 -19.33 -67.19 9.88
N LYS A 242 -18.64 -67.79 8.92
CA LYS A 242 -18.43 -69.23 8.89
C LYS A 242 -16.97 -69.56 9.18
N GLY A 243 -16.70 -70.84 9.36
CA GLY A 243 -15.37 -71.30 9.70
C GLY A 243 -15.25 -71.66 11.16
N PRO A 244 -14.10 -72.20 11.56
CA PRO A 244 -13.91 -72.56 12.97
C PRO A 244 -14.04 -71.39 13.92
N PHE A 245 -13.55 -70.22 13.53
CA PHE A 245 -13.67 -69.01 14.34
C PHE A 245 -14.73 -68.06 13.79
N GLY A 246 -15.47 -68.46 12.76
CA GLY A 246 -16.56 -67.64 12.24
C GLY A 246 -16.12 -66.33 11.65
N LEU A 247 -15.01 -66.32 10.91
CA LEU A 247 -14.44 -65.10 10.36
C LEU A 247 -14.61 -64.96 8.85
N ILE A 248 -15.27 -65.93 8.21
CA ILE A 248 -15.53 -65.87 6.77
C ILE A 248 -16.83 -65.10 6.56
N LEU A 249 -16.73 -63.89 6.01
CA LEU A 249 -17.86 -62.99 5.77
C LEU A 249 -18.60 -62.71 7.08
N PRO A 250 -18.04 -61.88 7.97
CA PRO A 250 -18.72 -61.58 9.23
C PRO A 250 -19.79 -60.52 9.04
N VAL A 251 -20.72 -60.48 10.00
CA VAL A 251 -21.82 -59.54 9.95
C VAL A 251 -21.30 -58.13 10.19
N ILE A 252 -21.79 -57.17 9.40
CA ILE A 252 -21.39 -55.78 9.53
C ILE A 252 -22.55 -54.95 10.08
N HIS A 266 -5.30 -40.05 10.85
CA HIS A 266 -5.10 -39.61 9.46
C HIS A 266 -3.64 -39.77 9.06
N ASN A 267 -3.27 -40.98 8.62
CA ASN A 267 -1.91 -41.28 8.21
C ASN A 267 -1.88 -41.54 6.72
N PRO A 268 -1.04 -40.83 5.95
CA PRO A 268 -1.01 -41.04 4.49
C PRO A 268 -0.52 -42.41 4.06
N GLN A 269 0.10 -43.18 4.95
CA GLN A 269 0.62 -44.50 4.58
C GLN A 269 0.05 -45.62 5.44
N ILE A 270 -1.02 -45.36 6.20
CA ILE A 270 -1.66 -46.42 6.99
C ILE A 270 -2.50 -47.35 6.12
N LYS A 271 -2.73 -47.00 4.86
CA LYS A 271 -3.47 -47.88 3.96
C LYS A 271 -2.80 -49.24 3.81
N LEU A 272 -1.47 -49.27 3.86
CA LEU A 272 -0.72 -50.52 3.76
C LEU A 272 -0.23 -51.03 5.11
N LEU A 273 0.03 -50.13 6.06
CA LEU A 273 0.51 -50.55 7.38
C LEU A 273 -0.56 -51.26 8.19
N CYS A 274 -1.83 -51.06 7.88
CA CYS A 274 -2.90 -51.74 8.62
C CYS A 274 -2.79 -53.25 8.47
N LEU A 275 -2.56 -53.72 7.23
CA LEU A 275 -2.45 -55.15 7.00
C LEU A 275 -1.06 -55.68 7.37
N ASP A 276 -0.01 -54.95 6.99
CA ASP A 276 1.34 -55.49 7.12
C ASP A 276 1.76 -55.59 8.58
N THR A 277 1.42 -54.60 9.40
CA THR A 277 1.79 -54.66 10.81
C THR A 277 1.10 -55.84 11.51
N PHE A 278 -0.13 -56.15 11.11
CA PHE A 278 -0.81 -57.31 11.67
C PHE A 278 -0.13 -58.60 11.24
N MET A 279 0.27 -58.69 9.97
CA MET A 279 0.97 -59.88 9.51
C MET A 279 2.36 -59.98 10.10
N LEU A 280 3.00 -58.84 10.37
CA LEU A 280 4.30 -58.83 11.04
C LEU A 280 4.21 -59.22 12.51
N SER A 281 3.00 -59.33 13.05
CA SER A 281 2.80 -59.79 14.41
C SER A 281 2.63 -61.30 14.51
N THR A 282 2.24 -61.95 13.41
CA THR A 282 1.99 -63.38 13.42
C THR A 282 3.27 -64.21 13.38
N SER A 283 4.38 -63.63 12.93
CA SER A 283 5.62 -64.38 12.80
C SER A 283 6.78 -63.41 12.71
N MET A 284 7.97 -63.92 13.05
CA MET A 284 9.22 -63.16 12.90
C MET A 284 9.86 -63.39 11.53
N ASN A 285 9.28 -64.24 10.70
CA ASN A 285 9.77 -64.50 9.35
C ASN A 285 8.63 -64.24 8.37
N ILE A 286 8.93 -63.48 7.31
CA ILE A 286 7.90 -63.00 6.39
C ILE A 286 8.34 -63.28 4.96
N LEU A 287 7.44 -63.86 4.17
CA LEU A 287 7.61 -64.00 2.73
C LEU A 287 6.71 -62.96 2.06
N TYR A 288 7.30 -61.85 1.65
CA TYR A 288 6.57 -60.73 1.07
C TYR A 288 6.66 -60.82 -0.44
N ILE A 289 5.57 -61.24 -1.09
CA ILE A 289 5.50 -61.37 -2.54
C ILE A 289 4.86 -60.12 -3.10
N GLY A 290 5.58 -59.44 -4.00
CA GLY A 290 5.12 -58.17 -4.53
C GLY A 290 5.38 -57.03 -3.56
N ALA A 291 6.59 -56.97 -3.03
CA ALA A 291 6.90 -56.02 -1.97
C ALA A 291 7.13 -54.61 -2.51
N TYR A 292 7.83 -54.49 -3.64
CA TYR A 292 8.22 -53.18 -4.14
C TYR A 292 6.99 -52.28 -4.31
N PRO A 293 7.04 -51.02 -3.84
CA PRO A 293 8.20 -50.43 -3.16
C PRO A 293 8.27 -50.71 -1.66
N ALA A 294 7.12 -50.98 -1.03
CA ALA A 294 7.05 -51.22 0.41
C ALA A 294 7.66 -50.06 1.19
N THR A 295 7.30 -48.83 0.79
CA THR A 295 7.86 -47.65 1.44
C THR A 295 7.35 -47.49 2.87
N HIS A 296 6.16 -48.04 3.16
CA HIS A 296 5.58 -47.87 4.50
C HIS A 296 6.39 -48.57 5.57
N LEU A 297 7.08 -49.66 5.21
CA LEU A 297 7.84 -50.42 6.19
C LEU A 297 9.08 -49.69 6.71
N LEU A 298 9.50 -48.63 6.04
CA LEU A 298 10.76 -47.98 6.40
C LEU A 298 10.70 -47.30 7.76
N SER A 299 9.51 -46.87 8.19
CA SER A 299 9.35 -46.17 9.45
C SER A 299 9.17 -47.12 10.64
N LEU A 300 9.36 -48.42 10.43
CA LEU A 300 9.27 -49.41 11.50
C LEU A 300 10.65 -49.98 11.79
N GLN A 301 10.94 -50.21 13.06
CA GLN A 301 12.16 -50.90 13.45
C GLN A 301 11.83 -52.38 13.58
N LEU A 302 12.26 -53.18 12.62
CA LEU A 302 11.97 -54.60 12.61
C LEU A 302 13.22 -55.40 12.94
N ASN A 303 13.94 -55.00 13.99
CA ASN A 303 15.18 -55.65 14.38
C ASN A 303 14.86 -57.01 14.98
N GLY A 304 15.07 -58.07 14.21
CA GLY A 304 14.75 -59.42 14.65
C GLY A 304 13.94 -60.17 13.63
N TRP A 305 13.41 -59.45 12.65
CA TRP A 305 12.62 -60.06 11.59
C TRP A 305 13.50 -60.51 10.44
N THR A 306 12.94 -61.37 9.60
CA THR A 306 13.61 -61.86 8.40
C THR A 306 12.60 -61.80 7.26
N ILE A 307 12.84 -60.89 6.31
CA ILE A 307 11.91 -60.62 5.21
C ILE A 307 12.51 -61.20 3.93
N LEU A 308 11.76 -62.10 3.30
CA LEU A 308 12.11 -62.64 1.99
C LEU A 308 11.16 -62.00 0.97
N ALA A 309 11.66 -60.98 0.27
CA ALA A 309 10.84 -60.19 -0.64
C ALA A 309 10.97 -60.72 -2.06
N PHE A 310 9.83 -60.84 -2.74
CA PHE A 310 9.78 -61.31 -4.11
C PHE A 310 9.06 -60.27 -4.97
N ASP A 311 9.79 -59.71 -5.93
CA ASP A 311 9.25 -58.76 -6.90
C ASP A 311 10.27 -58.53 -7.99
N PRO A 312 9.86 -58.45 -9.27
CA PRO A 312 10.84 -58.22 -10.34
C PRO A 312 11.54 -56.88 -10.22
N LYS A 313 10.84 -55.85 -9.78
CA LYS A 313 11.39 -54.50 -9.70
C LYS A 313 12.31 -54.29 -8.50
N ILE A 314 12.63 -55.36 -7.76
CA ILE A 314 13.55 -55.23 -6.63
C ILE A 314 14.97 -55.07 -7.16
N THR A 315 15.67 -54.07 -6.66
CA THR A 315 17.05 -53.79 -7.06
C THR A 315 18.00 -54.15 -5.91
N SER A 316 19.29 -53.97 -6.16
CA SER A 316 20.29 -54.24 -5.13
C SER A 316 20.24 -53.19 -4.03
N ASP A 317 19.99 -51.93 -4.40
CA ASP A 317 19.92 -50.86 -3.40
C ASP A 317 18.66 -50.97 -2.55
N TRP A 318 17.58 -51.51 -3.11
CA TRP A 318 16.33 -51.63 -2.36
C TRP A 318 16.49 -52.56 -1.17
N THR A 319 17.28 -53.63 -1.34
CA THR A 319 17.50 -54.55 -0.22
C THR A 319 18.31 -53.89 0.89
N ASP A 320 19.35 -53.15 0.53
CA ASP A 320 20.16 -52.47 1.53
C ASP A 320 19.39 -51.33 2.20
N ALA A 321 18.50 -50.67 1.46
CA ALA A 321 17.74 -49.57 2.04
C ALA A 321 16.73 -50.06 3.06
N MET A 322 16.08 -51.19 2.79
CA MET A 322 15.10 -51.73 3.73
C MET A 322 15.78 -52.25 4.99
N ALA A 323 16.95 -52.87 4.85
CA ALA A 323 17.63 -53.44 6.01
C ALA A 323 18.19 -52.35 6.92
N LYS A 324 18.65 -51.25 6.33
CA LYS A 324 19.23 -50.17 7.15
C LYS A 324 18.14 -49.41 7.88
N ALA A 325 17.00 -49.16 7.23
CA ALA A 325 15.95 -48.36 7.83
C ALA A 325 15.14 -49.13 8.87
N THR A 326 15.10 -50.46 8.77
CA THR A 326 14.29 -51.26 9.68
C THR A 326 15.11 -52.16 10.60
N GLY A 327 16.38 -52.42 10.27
CA GLY A 327 17.18 -53.32 11.06
C GLY A 327 16.91 -54.79 10.83
N ALA A 328 16.01 -55.13 9.92
CA ALA A 328 15.67 -56.52 9.64
C ALA A 328 16.63 -57.10 8.61
N LYS A 329 16.76 -58.43 8.63
CA LYS A 329 17.54 -59.14 7.64
C LYS A 329 16.66 -59.37 6.42
N VAL A 330 16.93 -58.63 5.34
CA VAL A 330 16.11 -58.65 4.14
C VAL A 330 16.89 -59.36 3.04
N ILE A 331 16.24 -60.36 2.42
CA ILE A 331 16.77 -61.04 1.24
C ILE A 331 15.78 -60.78 0.12
N GLY A 332 16.11 -59.85 -0.77
CA GLY A 332 15.23 -59.45 -1.84
C GLY A 332 15.58 -60.13 -3.14
N VAL A 333 14.60 -60.85 -3.69
CA VAL A 333 14.77 -61.57 -4.96
C VAL A 333 14.22 -60.71 -6.09
N SER A 334 15.03 -60.50 -7.11
CA SER A 334 14.65 -59.69 -8.26
C SER A 334 13.98 -60.51 -9.36
N LYS A 335 13.09 -61.43 -8.98
CA LYS A 335 12.43 -62.31 -9.93
C LYS A 335 10.96 -62.42 -9.56
N GLU A 336 10.20 -63.10 -10.42
CA GLU A 336 8.81 -63.40 -10.12
C GLU A 336 8.72 -64.64 -9.23
N PHE A 337 7.60 -64.75 -8.52
CA PHE A 337 7.42 -65.87 -7.60
C PHE A 337 6.94 -67.11 -8.37
N ASP A 338 7.66 -68.21 -8.19
CA ASP A 338 7.35 -69.47 -8.87
C ASP A 338 6.19 -70.13 -8.13
N PHE A 339 4.97 -69.93 -8.65
CA PHE A 339 3.78 -70.51 -8.04
C PHE A 339 3.48 -71.92 -8.52
N LYS A 340 4.00 -72.33 -9.68
CA LYS A 340 3.75 -73.66 -10.22
C LYS A 340 4.87 -74.64 -9.89
N SER A 341 5.60 -74.40 -8.80
CA SER A 341 6.62 -75.31 -8.31
C SER A 341 6.30 -75.64 -6.87
N PHE A 342 5.88 -76.87 -6.61
CA PHE A 342 5.39 -77.28 -5.29
C PHE A 342 6.50 -78.04 -4.57
N SER A 343 7.46 -77.29 -4.03
CA SER A 343 8.57 -77.87 -3.31
C SER A 343 9.16 -76.83 -2.36
N VAL A 344 9.71 -77.32 -1.25
CA VAL A 344 10.41 -76.44 -0.31
C VAL A 344 11.79 -76.02 -0.82
N GLN A 345 12.22 -76.57 -1.94
CA GLN A 345 13.49 -76.18 -2.56
C GLN A 345 13.32 -75.03 -3.56
N ALA A 346 12.10 -74.56 -3.77
CA ALA A 346 11.82 -73.46 -4.67
C ALA A 346 11.55 -72.18 -3.88
N ASN A 347 11.83 -71.04 -4.50
CA ASN A 347 11.65 -69.71 -3.91
C ASN A 347 12.46 -69.53 -2.63
N GLN A 348 13.53 -70.30 -2.46
CA GLN A 348 14.44 -70.18 -1.32
C GLN A 348 13.71 -70.33 0.01
N LEU A 349 12.68 -71.16 0.05
CA LEU A 349 12.00 -71.47 1.31
C LEU A 349 12.82 -72.40 2.19
N ASN A 350 14.01 -72.81 1.75
CA ASN A 350 14.86 -73.67 2.56
C ASN A 350 15.43 -72.96 3.77
N MET A 351 15.42 -71.63 3.78
CA MET A 351 15.92 -70.86 4.91
C MET A 351 14.93 -70.80 6.07
N PHE A 352 13.71 -71.32 5.89
CA PHE A 352 12.70 -71.30 6.94
C PHE A 352 12.39 -72.71 7.46
N GLN A 353 13.35 -73.62 7.37
CA GLN A 353 13.15 -74.97 7.88
C GLN A 353 13.13 -74.95 9.41
N ASN A 354 12.16 -75.67 9.97
CA ASN A 354 11.94 -75.72 11.42
C ASN A 354 11.76 -74.32 12.01
N SER A 355 10.97 -73.51 11.32
CA SER A 355 10.75 -72.12 11.71
C SER A 355 9.31 -71.72 11.44
N LYS A 356 8.87 -70.68 12.13
CA LYS A 356 7.56 -70.10 11.87
C LYS A 356 7.66 -69.12 10.72
N LEU A 357 6.65 -69.14 9.84
CA LEU A 357 6.68 -68.31 8.65
C LEU A 357 5.26 -67.86 8.31
N SER A 358 5.14 -66.60 7.88
CA SER A 358 3.90 -66.06 7.36
C SER A 358 4.20 -65.34 6.06
N VAL A 359 3.28 -65.43 5.10
CA VAL A 359 3.49 -64.84 3.79
C VAL A 359 2.47 -63.73 3.58
N ILE A 360 2.87 -62.74 2.79
CA ILE A 360 2.04 -61.59 2.45
C ILE A 360 1.98 -61.52 0.93
N ASP A 361 0.88 -61.96 0.35
CA ASP A 361 0.72 -62.02 -1.10
C ASP A 361 0.01 -60.75 -1.56
N ASP A 362 0.75 -59.86 -2.23
CA ASP A 362 0.20 -58.64 -2.81
C ASP A 362 0.29 -58.65 -4.33
N THR A 363 0.39 -59.83 -4.94
CA THR A 363 0.52 -59.95 -6.38
C THR A 363 -0.86 -59.98 -7.04
N TRP A 364 -0.96 -59.34 -8.20
CA TRP A 364 -2.21 -59.27 -8.94
C TRP A 364 -1.93 -58.85 -10.37
N VAL A 365 -2.87 -59.17 -11.25
CA VAL A 365 -2.79 -58.79 -12.66
C VAL A 365 -4.19 -58.45 -13.14
N GLU A 366 -4.27 -57.51 -14.08
CA GLU A 366 -5.54 -57.09 -14.66
C GLU A 366 -5.96 -57.93 -15.84
N THR A 367 -5.17 -58.94 -16.21
CA THR A 367 -5.48 -59.85 -17.31
C THR A 367 -5.65 -61.25 -16.74
N ASP A 368 -6.87 -61.78 -16.81
CA ASP A 368 -7.21 -63.09 -16.27
C ASP A 368 -6.89 -63.17 -14.77
N TYR A 369 -7.51 -62.26 -14.02
CA TYR A 369 -7.33 -62.24 -12.57
C TYR A 369 -7.89 -63.50 -11.93
N GLU A 370 -8.98 -64.05 -12.48
CA GLU A 370 -9.51 -65.30 -11.96
C GLU A 370 -8.54 -66.45 -12.18
N LYS A 371 -7.93 -66.51 -13.36
CA LYS A 371 -7.00 -67.60 -13.67
C LYS A 371 -5.74 -67.53 -12.82
N PHE A 372 -5.28 -66.32 -12.49
CA PHE A 372 -4.07 -66.17 -11.69
C PHE A 372 -4.32 -66.49 -10.22
N GLN A 373 -5.52 -66.22 -9.71
CA GLN A 373 -5.83 -66.52 -8.32
C GLN A 373 -5.93 -68.01 -8.07
N SER A 374 -6.42 -68.77 -9.06
CA SER A 374 -6.51 -70.22 -8.90
C SER A 374 -5.13 -70.85 -8.81
N GLU A 375 -4.14 -70.27 -9.49
CA GLU A 375 -2.78 -70.78 -9.39
C GLU A 375 -2.16 -70.47 -8.02
N LYS A 376 -2.45 -69.28 -7.48
CA LYS A 376 -1.95 -68.94 -6.16
C LYS A 376 -2.63 -69.78 -5.08
N GLN A 377 -3.95 -69.95 -5.18
CA GLN A 377 -4.69 -70.66 -4.14
C GLN A 377 -4.20 -72.10 -4.00
N ALA A 378 -3.95 -72.77 -5.12
CA ALA A 378 -3.43 -74.14 -5.05
C ALA A 378 -2.06 -74.19 -4.41
N TYR A 379 -1.28 -73.10 -4.52
CA TYR A 379 0.03 -73.06 -3.88
C TYR A 379 -0.08 -72.79 -2.38
N PHE A 380 -0.96 -71.87 -1.99
CA PHE A 380 -1.13 -71.57 -0.58
C PHE A 380 -1.83 -72.70 0.17
N GLU A 381 -2.75 -73.39 -0.49
CA GLU A 381 -3.38 -74.56 0.12
C GLU A 381 -2.38 -75.69 0.33
N TRP A 382 -1.30 -75.72 -0.46
CA TRP A 382 -0.22 -76.68 -0.25
C TRP A 382 0.83 -76.15 0.71
N LEU A 383 1.13 -74.85 0.65
CA LEU A 383 2.13 -74.27 1.53
C LEU A 383 1.69 -74.26 2.99
N ILE A 384 0.37 -74.30 3.25
CA ILE A 384 -0.10 -74.30 4.62
C ILE A 384 0.00 -75.69 5.27
N ASP A 385 0.04 -76.75 4.47
CA ASP A 385 0.17 -78.11 4.99
C ASP A 385 1.62 -78.58 4.91
N ARG A 386 2.49 -77.84 5.59
CA ARG A 386 3.92 -78.12 5.62
C ARG A 386 4.32 -78.60 7.01
N THR A 387 4.79 -79.85 7.09
CA THR A 387 5.36 -80.34 8.32
C THR A 387 6.79 -79.84 8.53
N SER A 388 7.43 -79.32 7.48
CA SER A 388 8.79 -78.82 7.56
C SER A 388 8.86 -77.36 7.98
N ILE A 389 7.84 -76.56 7.64
CA ILE A 389 7.77 -75.15 7.98
C ILE A 389 6.46 -74.90 8.72
N ASP A 390 6.57 -74.29 9.90
CA ASP A 390 5.41 -73.93 10.70
C ASP A 390 4.79 -72.67 10.11
N VAL A 391 4.08 -72.85 9.00
CA VAL A 391 3.46 -71.73 8.31
C VAL A 391 2.27 -71.25 9.14
N ARG A 392 2.34 -69.99 9.58
CA ARG A 392 1.31 -69.47 10.50
C ARG A 392 0.11 -68.94 9.72
N LEU A 393 0.26 -67.79 9.05
CA LEU A 393 -0.85 -67.13 8.38
C LEU A 393 -0.44 -66.74 6.96
N ILE A 394 -1.41 -66.84 6.04
CA ILE A 394 -1.23 -66.50 4.64
C ILE A 394 -2.29 -65.49 4.25
N SER A 395 -1.87 -64.35 3.70
CA SER A 395 -2.78 -63.28 3.30
C SER A 395 -2.76 -63.14 1.78
N MET A 396 -3.91 -63.36 1.15
CA MET A 396 -4.03 -63.31 -0.30
C MET A 396 -5.16 -62.38 -0.69
N LYS A 397 -4.99 -61.70 -1.83
CA LYS A 397 -6.04 -60.86 -2.38
C LYS A 397 -7.11 -61.72 -3.02
N TRP A 398 -8.37 -61.47 -2.65
CA TRP A 398 -9.49 -62.28 -3.11
C TRP A 398 -10.44 -61.45 -3.95
N ASN A 399 -10.72 -61.92 -5.16
CA ASN A 399 -11.69 -61.26 -6.05
C ASN A 399 -12.12 -62.31 -7.08
N ARG A 400 -13.15 -63.08 -6.74
CA ARG A 400 -13.62 -64.18 -7.58
C ARG A 400 -15.08 -63.95 -7.93
N SER A 401 -15.38 -64.03 -9.23
CA SER A 401 -16.75 -63.91 -9.71
C SER A 401 -17.43 -65.27 -9.88
N LYS A 402 -16.72 -66.37 -9.63
CA LYS A 402 -17.24 -67.70 -9.79
C LYS A 402 -17.15 -68.46 -8.47
N ASP A 403 -18.03 -69.44 -8.30
CA ASP A 403 -18.01 -70.27 -7.11
C ASP A 403 -16.74 -71.12 -7.08
N THR A 404 -16.12 -71.20 -5.89
CA THR A 404 -14.88 -71.95 -5.74
C THR A 404 -14.77 -72.46 -4.32
N SER A 405 -14.21 -73.66 -4.18
CA SER A 405 -13.99 -74.26 -2.88
C SER A 405 -12.58 -73.92 -2.39
N VAL A 406 -12.48 -73.62 -1.10
CA VAL A 406 -11.22 -73.23 -0.47
C VAL A 406 -10.96 -74.18 0.70
N SER A 407 -9.74 -74.70 0.77
CA SER A 407 -9.33 -75.57 1.86
C SER A 407 -8.35 -74.83 2.76
N HIS A 408 -8.44 -75.10 4.07
CA HIS A 408 -7.62 -74.43 5.07
C HIS A 408 -7.79 -72.92 5.01
N LEU A 409 -9.05 -72.48 5.08
CA LEU A 409 -9.41 -71.07 5.03
C LEU A 409 -9.93 -70.64 6.40
N LEU A 410 -9.29 -69.64 6.99
CA LEU A 410 -9.66 -69.15 8.32
C LEU A 410 -10.57 -67.94 8.27
N ALA A 411 -10.35 -67.02 7.33
CA ALA A 411 -11.08 -65.76 7.34
C ALA A 411 -11.13 -65.18 5.94
N LEU A 412 -12.17 -64.37 5.70
CA LEU A 412 -12.36 -63.65 4.43
C LEU A 412 -12.97 -62.30 4.78
N LEU A 413 -12.11 -61.31 4.98
CA LEU A 413 -12.53 -59.98 5.41
C LEU A 413 -12.43 -58.99 4.27
N PRO A 414 -13.21 -57.91 4.32
CA PRO A 414 -12.98 -56.79 3.40
C PRO A 414 -11.71 -56.04 3.79
N GLN A 415 -11.26 -55.20 2.86
CA GLN A 415 -10.10 -54.36 3.13
C GLN A 415 -10.54 -53.10 3.86
N PRO A 416 -10.18 -52.95 5.13
CA PRO A 416 -10.69 -51.79 5.90
C PRO A 416 -10.24 -50.45 5.35
N TYR A 417 -9.10 -50.40 4.66
CA TYR A 417 -8.64 -49.18 4.02
C TYR A 417 -8.71 -49.25 2.50
N GLY A 418 -9.47 -50.20 1.96
CA GLY A 418 -9.69 -50.27 0.53
C GLY A 418 -10.69 -49.28 -0.02
N ALA A 419 -11.44 -48.62 0.87
CA ALA A 419 -12.42 -47.58 0.51
C ALA A 419 -13.47 -48.21 -0.40
N SER A 420 -13.77 -47.64 -1.56
CA SER A 420 -14.84 -48.11 -2.43
C SER A 420 -14.40 -49.21 -3.39
N ILE A 421 -13.29 -49.89 -3.10
CA ILE A 421 -12.77 -50.90 -4.00
C ILE A 421 -13.57 -52.20 -3.85
N ARG A 422 -13.42 -53.07 -4.84
CA ARG A 422 -14.19 -54.31 -4.91
C ARG A 422 -13.41 -55.53 -4.40
N GLU A 423 -12.12 -55.38 -4.09
CA GLU A 423 -11.29 -56.51 -3.74
C GLU A 423 -11.40 -56.86 -2.26
N MET A 424 -11.38 -58.15 -1.97
CA MET A 424 -11.37 -58.67 -0.60
C MET A 424 -10.01 -59.27 -0.28
N ARG A 425 -9.87 -59.77 0.94
CA ARG A 425 -8.67 -60.46 1.37
C ARG A 425 -9.04 -61.81 1.96
N ALA A 426 -8.25 -62.83 1.66
CA ALA A 426 -8.41 -64.16 2.20
C ALA A 426 -7.25 -64.49 3.12
N PHE A 427 -7.53 -65.26 4.16
CA PHE A 427 -6.52 -65.62 5.16
C PHE A 427 -6.52 -67.13 5.35
N PHE A 428 -5.37 -67.75 5.05
CA PHE A 428 -5.21 -69.20 5.18
C PHE A 428 -4.51 -69.53 6.49
N HIS A 429 -4.99 -70.57 7.16
CA HIS A 429 -4.44 -70.97 8.45
C HIS A 429 -4.57 -72.47 8.61
N LYS A 430 -3.66 -73.06 9.40
CA LYS A 430 -3.71 -74.50 9.65
C LYS A 430 -5.02 -74.89 10.31
N LYS A 431 -5.47 -74.11 11.31
CA LYS A 431 -6.72 -74.37 11.99
C LYS A 431 -7.92 -73.74 11.29
N GLY A 432 -7.83 -73.53 9.98
CA GLY A 432 -8.95 -73.00 9.22
C GLY A 432 -9.95 -74.08 8.86
N ALA A 433 -10.98 -73.67 8.12
CA ALA A 433 -11.99 -74.59 7.66
C ALA A 433 -11.38 -75.59 6.68
N SER A 434 -11.56 -76.89 6.96
CA SER A 434 -10.96 -77.91 6.13
C SER A 434 -11.42 -77.81 4.68
N ASP A 435 -12.69 -77.45 4.48
CA ASP A 435 -13.22 -77.27 3.13
C ASP A 435 -14.52 -76.47 3.22
N ILE A 436 -14.58 -75.34 2.53
CA ILE A 436 -15.76 -74.51 2.49
C ILE A 436 -15.93 -73.95 1.08
N LYS A 437 -17.17 -73.70 0.69
CA LYS A 437 -17.52 -73.24 -0.64
C LYS A 437 -17.87 -71.76 -0.57
N ILE A 438 -17.09 -70.94 -1.27
CA ILE A 438 -17.30 -69.49 -1.29
C ILE A 438 -18.19 -69.17 -2.48
N LEU A 439 -19.48 -68.96 -2.23
CA LEU A 439 -20.42 -68.64 -3.28
C LEU A 439 -20.23 -67.21 -3.76
N ALA A 440 -20.24 -67.03 -5.08
CA ALA A 440 -19.95 -65.71 -5.65
C ALA A 440 -21.08 -64.72 -5.40
N ALA A 441 -22.33 -65.19 -5.45
CA ALA A 441 -23.47 -64.31 -5.24
C ALA A 441 -23.52 -63.75 -3.83
N GLU A 442 -22.92 -64.44 -2.85
CA GLU A 442 -22.92 -63.96 -1.49
C GLU A 442 -21.83 -62.92 -1.24
N THR A 443 -20.68 -63.07 -1.89
CA THR A 443 -19.59 -62.12 -1.72
C THR A 443 -19.75 -60.86 -2.55
N GLU A 444 -20.62 -60.88 -3.56
CA GLU A 444 -20.87 -59.68 -4.35
C GLU A 444 -21.75 -58.69 -3.60
N LYS A 445 -22.86 -59.19 -3.02
CA LYS A 445 -23.72 -58.31 -2.23
C LYS A 445 -23.06 -57.93 -0.91
N TYR A 446 -22.15 -58.76 -0.40
CA TYR A 446 -21.40 -58.40 0.79
C TYR A 446 -20.48 -57.21 0.51
N MET A 447 -19.89 -57.16 -0.68
CA MET A 447 -19.11 -56.00 -1.07
C MET A 447 -19.99 -54.82 -1.41
N ASP A 448 -21.21 -55.07 -1.92
CA ASP A 448 -22.14 -53.98 -2.17
C ASP A 448 -22.52 -53.26 -0.89
N ASP A 449 -22.56 -53.97 0.23
CA ASP A 449 -22.84 -53.32 1.52
C ASP A 449 -21.60 -52.66 2.09
N PHE A 450 -20.46 -53.35 2.04
CA PHE A 450 -19.22 -52.76 2.55
C PHE A 450 -18.80 -51.53 1.75
N THR A 451 -19.12 -51.51 0.45
CA THR A 451 -18.76 -50.36 -0.37
C THR A 451 -19.63 -49.15 -0.05
N ALA A 452 -20.86 -49.37 0.42
CA ALA A 452 -21.80 -48.29 0.65
C ALA A 452 -21.66 -47.63 2.01
N MET A 453 -21.01 -48.31 2.97
CA MET A 453 -20.91 -47.76 4.31
C MET A 453 -19.93 -46.58 4.34
N SER A 454 -19.94 -45.87 5.47
CA SER A 454 -19.05 -44.74 5.65
C SER A 454 -17.60 -45.21 5.82
N VAL A 455 -16.67 -44.28 5.62
CA VAL A 455 -15.25 -44.59 5.75
C VAL A 455 -14.92 -44.96 7.18
N SER A 456 -15.56 -44.30 8.14
CA SER A 456 -15.34 -44.63 9.56
C SER A 456 -15.78 -46.06 9.85
N ASP A 457 -16.86 -46.52 9.24
CA ASP A 457 -17.30 -47.90 9.42
C ASP A 457 -16.43 -48.89 8.65
N GLN A 458 -15.86 -48.45 7.52
CA GLN A 458 -14.96 -49.33 6.77
C GLN A 458 -13.70 -49.61 7.57
N ILE A 459 -13.08 -48.57 8.12
CA ILE A 459 -11.91 -48.76 8.97
C ILE A 459 -12.30 -49.48 10.25
N ASN A 460 -13.55 -49.31 10.69
CA ASN A 460 -13.99 -49.96 11.93
C ASN A 460 -13.95 -51.48 11.82
N THR A 461 -14.09 -52.02 10.61
CA THR A 461 -14.11 -53.47 10.40
C THR A 461 -12.73 -54.10 10.44
N GLN A 462 -11.71 -53.37 10.90
CA GLN A 462 -10.38 -53.98 11.06
C GLN A 462 -10.27 -54.76 12.37
N LYS A 463 -11.33 -54.81 13.17
CA LYS A 463 -11.31 -55.65 14.36
C LYS A 463 -11.41 -57.13 14.00
N PHE A 464 -12.06 -57.44 12.87
CA PHE A 464 -12.10 -58.82 12.41
C PHE A 464 -10.72 -59.33 12.07
N MET A 465 -9.86 -58.46 11.55
CA MET A 465 -8.49 -58.85 11.23
C MET A 465 -7.69 -59.12 12.51
N HIS A 466 -7.81 -58.22 13.50
CA HIS A 466 -7.09 -58.38 14.75
C HIS A 466 -7.62 -59.52 15.61
N CYS A 467 -8.74 -60.14 15.22
CA CYS A 467 -9.25 -61.27 15.99
C CYS A 467 -8.28 -62.44 15.97
N MET A 468 -7.48 -62.57 14.91
CA MET A 468 -6.56 -63.68 14.79
C MET A 468 -5.36 -63.57 15.74
N ILE A 469 -5.16 -62.43 16.38
CA ILE A 469 -4.11 -62.27 17.38
C ILE A 469 -4.73 -61.86 18.70
N THR A 470 -5.91 -62.41 19.00
CA THR A 470 -6.65 -62.06 20.20
C THR A 470 -7.00 -63.33 20.97
N THR A 471 -6.65 -63.36 22.25
CA THR A 471 -7.00 -64.46 23.14
C THR A 471 -8.22 -64.06 23.97
N VAL A 472 -9.22 -64.92 23.99
CA VAL A 472 -10.44 -64.66 24.74
C VAL A 472 -10.30 -65.25 26.14
N GLY A 473 -10.68 -64.47 27.14
CA GLY A 473 -10.58 -64.91 28.53
C GLY A 473 -10.43 -63.72 29.44
N ASP A 474 -10.18 -64.01 30.72
CA ASP A 474 -10.01 -62.99 31.75
C ASP A 474 -8.53 -62.70 31.93
N ALA A 475 -8.17 -61.42 31.81
CA ALA A 475 -6.77 -61.02 31.96
C ALA A 475 -6.28 -61.16 33.39
N LEU A 476 -7.17 -61.21 34.37
CA LEU A 476 -6.77 -61.34 35.76
C LEU A 476 -6.28 -62.74 36.11
N LYS A 477 -6.53 -63.73 35.26
CA LYS A 477 -6.10 -65.10 35.50
C LYS A 477 -5.04 -65.56 34.51
N MET A 478 -4.34 -64.63 33.87
CA MET A 478 -3.33 -64.99 32.89
C MET A 478 -2.06 -65.47 33.58
N ASP A 479 -1.18 -66.07 32.79
CA ASP A 479 0.11 -66.58 33.29
C ASP A 479 1.14 -65.47 33.21
N LEU A 480 1.78 -65.17 34.34
CA LEU A 480 2.75 -64.08 34.41
C LEU A 480 4.17 -64.63 34.55
N ASP A 481 4.61 -65.41 33.58
CA ASP A 481 5.91 -66.08 33.66
C ASP A 481 7.00 -65.21 33.03
N GLY A 482 8.18 -65.25 33.64
CA GLY A 482 9.40 -64.68 33.09
C GLY A 482 9.31 -63.24 32.62
N GLY A 483 8.84 -62.34 33.47
CA GLY A 483 8.76 -60.94 33.13
C GLY A 483 7.92 -60.65 31.92
N ARG A 484 6.66 -61.11 31.94
CA ARG A 484 5.76 -60.93 30.81
C ARG A 484 5.25 -59.49 30.78
N ALA A 485 5.37 -58.85 29.62
CA ALA A 485 4.91 -57.48 29.45
C ALA A 485 3.42 -57.47 29.14
N VAL A 486 2.64 -56.76 29.97
CA VAL A 486 1.20 -56.66 29.79
C VAL A 486 0.81 -55.19 29.98
N ILE A 487 0.15 -54.62 28.99
CA ILE A 487 -0.33 -53.25 29.04
C ILE A 487 -1.85 -53.27 29.21
N ALA A 488 -2.34 -52.54 30.20
CA ALA A 488 -3.77 -52.46 30.49
C ALA A 488 -4.16 -50.98 30.49
N SER A 489 -4.53 -50.47 29.31
CA SER A 489 -4.95 -49.08 29.18
C SER A 489 -6.33 -48.87 29.80
N TYR A 490 -6.35 -48.56 31.11
CA TYR A 490 -7.58 -48.31 31.86
C TYR A 490 -8.49 -49.53 31.91
N SER A 491 -8.08 -50.64 31.29
CA SER A 491 -8.97 -51.78 31.14
C SER A 491 -9.28 -52.43 32.48
N LEU A 492 -8.25 -52.71 33.28
CA LEU A 492 -8.46 -53.35 34.58
C LEU A 492 -9.17 -52.43 35.57
N SER A 493 -9.16 -51.12 35.32
CA SER A 493 -9.73 -50.17 36.27
C SER A 493 -11.25 -50.05 36.16
N ASN A 494 -11.86 -50.56 35.10
CA ASN A 494 -13.29 -50.43 34.94
C ASN A 494 -14.03 -51.29 35.97
N SER A 495 -15.31 -50.95 36.18
CA SER A 495 -16.08 -51.48 37.30
C SER A 495 -16.35 -52.98 37.20
N SER A 496 -16.09 -53.61 36.06
CA SER A 496 -16.33 -55.05 35.96
C SER A 496 -15.39 -55.85 36.85
N ASN A 497 -14.17 -55.34 37.08
CA ASN A 497 -13.20 -55.99 37.93
C ASN A 497 -13.17 -55.30 39.29
N SER A 498 -13.31 -56.08 40.36
CA SER A 498 -13.35 -55.51 41.69
C SER A 498 -11.96 -55.03 42.12
N LYS A 499 -11.94 -53.98 42.93
CA LYS A 499 -10.67 -53.45 43.42
C LYS A 499 -9.93 -54.48 44.27
N GLU A 500 -10.66 -55.38 44.94
CA GLU A 500 -10.01 -56.42 45.71
C GLU A 500 -9.23 -57.37 44.81
N ARG A 501 -9.80 -57.74 43.67
CA ARG A 501 -9.15 -58.70 42.78
C ARG A 501 -8.05 -58.06 41.94
N VAL A 502 -8.22 -56.81 41.53
CA VAL A 502 -7.19 -56.13 40.74
C VAL A 502 -5.94 -55.91 41.58
N LEU A 503 -6.11 -55.42 42.81
CA LEU A 503 -4.97 -55.24 43.70
C LEU A 503 -4.29 -56.57 43.99
N LYS A 504 -5.05 -57.66 44.04
CA LYS A 504 -4.44 -58.98 44.20
C LYS A 504 -3.65 -59.38 42.96
N PHE A 505 -4.18 -59.06 41.78
CA PHE A 505 -3.48 -59.40 40.54
C PHE A 505 -2.18 -58.62 40.41
N LEU A 506 -2.20 -57.33 40.77
CA LEU A 506 -0.98 -56.52 40.64
C LEU A 506 0.05 -56.89 41.70
N SER A 507 -0.41 -57.21 42.91
CA SER A 507 0.53 -57.61 43.95
C SER A 507 1.19 -58.94 43.62
N ASP A 508 0.43 -59.88 43.04
CA ASP A 508 1.04 -61.12 42.57
C ASP A 508 1.97 -60.88 41.40
N ALA A 509 1.63 -59.93 40.53
CA ALA A 509 2.48 -59.63 39.37
C ALA A 509 3.82 -59.05 39.80
N ASN A 510 3.83 -58.25 40.87
CA ASN A 510 5.09 -57.68 41.34
C ASN A 510 5.95 -58.73 42.03
N LYS A 511 5.32 -59.65 42.77
CA LYS A 511 6.07 -60.74 43.37
C LYS A 511 6.65 -61.66 42.30
N ALA A 512 5.93 -61.84 41.20
CA ALA A 512 6.38 -62.69 40.10
C ALA A 512 7.38 -61.99 39.18
N LYS A 513 7.80 -60.77 39.51
CA LYS A 513 8.75 -60.01 38.70
C LYS A 513 8.24 -59.81 37.27
N ALA A 514 6.94 -59.61 37.15
CA ALA A 514 6.31 -59.38 35.86
C ALA A 514 6.15 -57.88 35.61
N MET A 515 6.02 -57.53 34.33
CA MET A 515 5.90 -56.13 33.90
C MET A 515 4.47 -55.92 33.41
N VAL A 516 3.58 -55.56 34.32
CA VAL A 516 2.18 -55.28 34.01
C VAL A 516 1.96 -53.79 34.23
N VAL A 517 2.04 -53.01 33.15
CA VAL A 517 1.83 -51.57 33.24
C VAL A 517 0.34 -51.31 33.44
N PHE A 518 -0.01 -50.70 34.57
CA PHE A 518 -1.39 -50.54 34.97
C PHE A 518 -1.74 -49.06 35.09
N GLY A 519 -2.92 -48.70 34.60
CA GLY A 519 -3.40 -47.35 34.68
C GLY A 519 -4.84 -47.30 35.18
N ALA A 520 -5.16 -46.23 35.91
CA ALA A 520 -6.44 -46.10 36.55
C ALA A 520 -6.68 -44.62 36.85
N PRO A 521 -7.95 -44.21 36.97
CA PRO A 521 -8.23 -42.83 37.37
C PRO A 521 -7.80 -42.56 38.80
N ASN A 522 -7.11 -41.45 39.01
CA ASN A 522 -6.74 -41.05 40.37
C ASN A 522 -7.98 -40.59 41.10
N THR A 523 -8.37 -41.35 42.14
CA THR A 523 -9.63 -41.11 42.81
C THR A 523 -9.71 -39.71 43.40
N HIS A 524 -8.69 -39.31 44.14
CA HIS A 524 -8.73 -38.04 44.85
C HIS A 524 -8.41 -36.84 43.96
N ARG A 525 -7.71 -37.06 42.84
CA ARG A 525 -7.49 -35.96 41.91
C ARG A 525 -8.76 -35.59 41.17
N LEU A 526 -9.56 -36.60 40.79
CA LEU A 526 -10.85 -36.32 40.17
C LEU A 526 -11.85 -35.76 41.19
N ALA A 527 -11.76 -36.23 42.44
CA ALA A 527 -12.62 -35.68 43.49
C ALA A 527 -12.32 -34.21 43.74
N TYR A 528 -11.03 -33.85 43.75
CA TYR A 528 -10.65 -32.46 43.91
C TYR A 528 -11.05 -31.62 42.70
N ALA A 529 -11.12 -32.23 41.52
CA ALA A 529 -11.53 -31.50 40.32
C ALA A 529 -13.03 -31.22 40.35
N LYS A 530 -13.82 -32.17 40.87
CA LYS A 530 -15.27 -31.97 40.93
C LYS A 530 -15.67 -31.07 42.09
N LYS A 531 -14.90 -31.08 43.18
CA LYS A 531 -15.24 -30.24 44.33
C LYS A 531 -15.11 -28.77 43.99
N VAL A 532 -14.02 -28.39 43.31
CA VAL A 532 -13.82 -26.99 42.93
C VAL A 532 -14.64 -26.58 41.72
N GLY A 533 -15.31 -27.53 41.07
CA GLY A 533 -16.17 -27.21 39.94
C GLY A 533 -15.43 -27.00 38.64
N LEU A 534 -14.51 -27.91 38.31
CA LEU A 534 -13.80 -27.86 37.04
C LEU A 534 -14.58 -28.62 35.98
N VAL A 535 -14.41 -29.93 35.92
CA VAL A 535 -15.22 -30.78 35.06
C VAL A 535 -16.58 -30.97 35.74
N LEU A 536 -17.63 -30.50 35.07
CA LEU A 536 -18.95 -30.43 35.68
C LEU A 536 -19.53 -31.84 35.86
N ASP A 537 -20.69 -31.90 36.51
CA ASP A 537 -21.34 -33.18 36.81
C ASP A 537 -21.89 -33.86 35.56
N SER A 538 -22.13 -33.11 34.49
CA SER A 538 -22.71 -33.69 33.28
C SER A 538 -21.73 -34.61 32.56
N ALA A 539 -20.43 -34.36 32.71
CA ALA A 539 -19.42 -35.15 32.02
C ALA A 539 -18.98 -36.37 32.84
N ILE A 540 -18.65 -36.17 34.11
CA ILE A 540 -18.14 -37.23 34.96
C ILE A 540 -18.86 -37.16 36.30
N LYS A 541 -19.46 -38.28 36.70
CA LYS A 541 -20.11 -38.41 38.00
C LYS A 541 -19.38 -39.45 38.82
N MET A 542 -19.17 -39.15 40.10
CA MET A 542 -18.41 -40.00 40.99
C MET A 542 -19.20 -40.29 42.26
N SER A 543 -19.04 -41.51 42.77
CA SER A 543 -19.67 -41.94 44.02
C SER A 543 -18.68 -42.82 44.76
N LYS A 544 -18.21 -42.37 45.92
CA LYS A 544 -17.18 -43.05 46.69
C LYS A 544 -15.92 -43.17 45.83
N ASP A 545 -15.58 -44.39 45.40
CA ASP A 545 -14.49 -44.60 44.45
C ASP A 545 -14.98 -45.16 43.12
N LEU A 546 -16.29 -45.05 42.85
CA LEU A 546 -16.88 -45.52 41.61
C LEU A 546 -17.13 -44.32 40.70
N ILE A 547 -16.55 -44.35 39.51
CA ILE A 547 -16.59 -43.24 38.56
C ILE A 547 -17.41 -43.65 37.35
N THR A 548 -18.24 -42.73 36.86
CA THR A 548 -19.08 -42.96 35.69
C THR A 548 -18.77 -41.88 34.66
N PHE A 549 -18.29 -42.31 33.50
CA PHE A 549 -17.98 -41.40 32.39
C PHE A 549 -19.12 -41.40 31.38
N SER A 550 -19.33 -40.25 30.77
CA SER A 550 -20.38 -40.06 29.77
C SER A 550 -19.76 -39.71 28.42
N ASN A 551 -20.60 -39.67 27.40
CA ASN A 551 -20.20 -39.34 26.03
C ASN A 551 -19.08 -40.26 25.53
N TRP A 557 -19.75 -45.21 30.54
CA TRP A 557 -19.34 -46.45 31.17
C TRP A 557 -18.75 -46.18 32.57
N ARG A 558 -18.92 -47.14 33.47
CA ARG A 558 -18.44 -47.00 34.83
C ARG A 558 -17.01 -47.49 34.97
N ASP A 559 -16.36 -47.06 36.04
CA ASP A 559 -14.94 -47.28 36.22
C ASP A 559 -14.57 -47.10 37.69
N TYR A 560 -13.69 -47.97 38.18
CA TYR A 560 -13.21 -47.88 39.56
C TYR A 560 -12.02 -46.93 39.64
N GLY A 561 -11.93 -46.23 40.77
CA GLY A 561 -10.81 -45.34 41.03
C GLY A 561 -9.79 -46.00 41.94
N TYR A 562 -8.53 -45.60 41.77
CA TYR A 562 -7.43 -46.12 42.57
C TYR A 562 -6.54 -44.99 43.02
N SER A 563 -6.11 -45.04 44.28
CA SER A 563 -5.23 -44.03 44.85
C SER A 563 -3.78 -44.51 44.84
N GLN A 564 -2.87 -43.56 45.08
CA GLN A 564 -1.44 -43.86 44.99
C GLN A 564 -0.95 -44.71 46.16
N SER A 565 -1.67 -44.71 47.29
CA SER A 565 -1.20 -45.45 48.46
C SER A 565 -1.57 -46.93 48.37
N GLU A 566 -2.83 -47.23 48.06
CA GLU A 566 -3.28 -48.61 47.99
C GLU A 566 -2.59 -49.39 46.87
N LEU A 567 -2.06 -48.70 45.85
CA LEU A 567 -1.32 -49.39 44.81
C LEU A 567 0.12 -49.65 45.22
N TYR A 568 0.69 -48.81 46.08
CA TYR A 568 2.00 -49.13 46.65
C TYR A 568 1.88 -50.27 47.65
N ASP A 569 0.73 -50.38 48.33
CA ASP A 569 0.48 -51.55 49.15
C ASP A 569 0.43 -52.83 48.32
N ALA A 570 0.05 -52.71 47.04
CA ALA A 570 0.12 -53.80 46.09
C ALA A 570 1.47 -53.85 45.37
N GLY A 571 2.44 -53.05 45.80
CA GLY A 571 3.76 -53.06 45.22
C GLY A 571 3.83 -52.43 43.84
N TYR A 572 3.22 -51.26 43.68
CA TYR A 572 3.23 -50.56 42.40
C TYR A 572 3.51 -49.08 42.64
N VAL A 573 4.48 -48.55 41.89
CA VAL A 573 4.93 -47.18 42.02
C VAL A 573 4.38 -46.36 40.85
N GLU A 574 3.84 -45.19 41.16
CA GLU A 574 3.28 -44.33 40.11
C GLU A 574 4.40 -43.64 39.35
N ILE A 575 4.37 -43.76 38.04
CA ILE A 575 5.30 -43.06 37.16
C ILE A 575 4.49 -42.19 36.22
N THR A 576 5.09 -41.07 35.79
CA THR A 576 4.42 -40.13 34.92
C THR A 576 4.74 -40.45 33.46
N ILE A 577 3.82 -40.04 32.58
CA ILE A 577 4.06 -40.21 31.14
C ILE A 577 5.29 -39.42 30.71
N ASP A 578 5.58 -38.32 31.39
CA ASP A 578 6.82 -37.58 31.13
C ASP A 578 8.02 -38.47 31.39
N GLN A 579 8.06 -39.13 32.54
CA GLN A 579 9.21 -39.95 32.90
C GLN A 579 9.33 -41.19 32.04
N MET A 580 8.21 -41.74 31.58
CA MET A 580 8.26 -42.95 30.77
C MET A 580 8.88 -42.67 29.40
N VAL A 581 8.42 -41.61 28.74
CA VAL A 581 8.97 -41.29 27.42
C VAL A 581 10.41 -40.80 27.54
N ALA A 582 10.75 -40.15 28.65
CA ALA A 582 12.13 -39.71 28.84
C ALA A 582 13.06 -40.89 29.12
N TYR A 583 12.61 -41.82 29.96
CA TYR A 583 13.39 -43.03 30.24
C TYR A 583 13.51 -43.93 29.01
N SER A 584 12.57 -43.83 28.06
CA SER A 584 12.57 -44.65 26.86
C SER A 584 12.93 -43.85 25.62
N SER A 585 13.76 -42.80 25.79
CA SER A 585 14.05 -41.91 24.66
C SER A 585 14.89 -42.60 23.60
N ASP A 586 15.89 -43.40 24.01
CA ASP A 586 16.80 -44.00 23.06
C ASP A 586 16.17 -45.14 22.27
N VAL A 587 14.96 -45.56 22.62
CA VAL A 587 14.25 -46.62 21.88
C VAL A 587 12.91 -46.13 21.36
N TYR A 588 12.53 -44.89 21.62
CA TYR A 588 11.21 -44.39 21.24
C TYR A 588 11.14 -44.14 19.74
N ASN A 589 10.08 -44.64 19.10
CA ASN A 589 9.86 -44.44 17.68
C ASN A 589 8.41 -44.04 17.39
N GLY A 590 7.66 -43.64 18.41
CA GLY A 590 6.25 -43.34 18.27
C GLY A 590 5.97 -41.88 18.02
N VAL A 591 4.78 -41.45 18.44
CA VAL A 591 4.29 -40.11 18.16
C VAL A 591 4.45 -39.24 19.40
N GLY A 592 4.46 -37.93 19.18
CA GLY A 592 4.50 -36.95 20.25
C GLY A 592 3.14 -36.32 20.48
N TYR A 593 3.18 -35.13 21.09
CA TYR A 593 1.95 -34.39 21.37
C TYR A 593 2.24 -32.90 21.32
N PHE A 594 1.17 -32.12 21.22
CA PHE A 594 1.26 -30.66 21.17
C PHE A 594 0.70 -29.97 22.40
N ALA A 595 -0.47 -30.41 22.87
CA ALA A 595 -1.10 -29.81 24.03
C ALA A 595 -1.46 -30.89 25.04
N ASN A 596 -1.48 -30.50 26.32
CA ASN A 596 -1.91 -31.39 27.37
C ASN A 596 -3.44 -31.39 27.46
N SER A 597 -3.97 -32.42 28.13
CA SER A 597 -5.41 -32.59 28.27
C SER A 597 -5.75 -32.78 29.74
N THR A 598 -6.71 -32.01 30.23
CA THR A 598 -7.14 -32.16 31.62
C THR A 598 -7.79 -33.52 31.85
N TYR A 599 -8.47 -34.06 30.84
CA TYR A 599 -9.08 -35.38 30.97
C TYR A 599 -8.04 -36.46 31.19
N ASN A 600 -6.93 -36.39 30.44
CA ASN A 600 -5.87 -37.39 30.60
C ASN A 600 -5.12 -37.22 31.91
N ASP A 601 -5.04 -35.98 32.41
CA ASP A 601 -4.33 -35.74 33.67
C ASP A 601 -5.05 -36.34 34.87
N LEU A 602 -6.34 -36.68 34.73
CA LEU A 602 -7.07 -37.29 35.84
C LEU A 602 -6.61 -38.72 36.13
N PHE A 603 -5.90 -39.34 35.20
CA PHE A 603 -5.47 -40.73 35.33
C PHE A 603 -4.00 -40.80 35.73
N SER A 604 -3.64 -41.88 36.41
CA SER A 604 -2.27 -42.13 36.83
C SER A 604 -1.80 -43.49 36.31
N TRP A 605 -0.50 -43.60 36.09
CA TRP A 605 0.10 -44.81 35.55
C TRP A 605 1.11 -45.38 36.55
N TYR A 606 1.07 -46.69 36.74
CA TYR A 606 1.85 -47.36 37.76
C TYR A 606 2.62 -48.53 37.16
N ILE A 607 3.87 -48.67 37.57
CA ILE A 607 4.71 -49.78 37.15
C ILE A 607 5.09 -50.57 38.39
N PRO A 608 5.40 -51.86 38.25
CA PRO A 608 5.68 -52.68 39.43
C PRO A 608 6.89 -52.18 40.21
N LYS A 609 6.88 -52.47 41.51
CA LYS A 609 7.92 -51.95 42.41
C LYS A 609 9.26 -52.63 42.21
N TRP A 610 9.28 -53.86 41.70
CA TRP A 610 10.54 -54.57 41.55
C TRP A 610 11.42 -53.93 40.48
N TYR A 611 10.81 -53.44 39.40
CA TYR A 611 11.58 -52.78 38.35
C TYR A 611 12.01 -51.38 38.74
N VAL A 612 11.31 -50.74 39.66
CA VAL A 612 11.73 -49.42 40.15
C VAL A 612 12.98 -49.55 40.99
N HIS A 613 13.01 -50.53 41.90
CA HIS A 613 14.18 -50.72 42.74
C HIS A 613 15.39 -51.17 41.94
N LYS A 614 15.18 -51.92 40.86
CA LYS A 614 16.30 -52.52 40.14
C LYS A 614 17.04 -51.51 39.28
N ARG A 615 16.32 -50.65 38.56
CA ARG A 615 16.95 -49.76 37.60
C ARG A 615 16.52 -48.29 37.71
N MET A 616 15.64 -47.94 38.63
CA MET A 616 15.12 -46.58 38.71
C MET A 616 15.41 -45.89 40.04
N LEU A 617 16.26 -46.48 40.88
CA LEU A 617 16.63 -45.81 42.13
C LEU A 617 17.69 -44.74 41.92
N MET A 618 18.39 -44.77 40.80
CA MET A 618 19.38 -43.74 40.47
C MET A 618 18.67 -42.64 39.66
N GLN A 619 18.37 -41.54 40.33
CA GLN A 619 17.57 -40.47 39.73
C GLN A 619 18.43 -39.69 38.73
N ASP A 620 18.30 -40.03 37.46
CA ASP A 620 18.85 -39.22 36.39
C ASP A 620 17.80 -38.20 35.97
N ILE A 621 18.08 -37.42 34.93
CA ILE A 621 17.15 -36.37 34.52
C ILE A 621 15.89 -36.98 33.93
N ARG A 622 15.96 -38.19 33.36
CA ARG A 622 14.78 -38.81 32.78
C ARG A 622 13.81 -39.29 33.84
N LEU A 623 14.32 -39.66 35.02
CA LEU A 623 13.49 -40.18 36.10
C LEU A 623 13.33 -39.18 37.24
N SER A 624 13.68 -37.89 37.03
CA SER A 624 13.60 -36.89 38.07
C SER A 624 12.30 -36.09 37.96
N PRO A 625 11.80 -35.57 39.07
CA PRO A 625 10.59 -34.74 39.02
C PRO A 625 10.90 -33.28 38.74
N ALA A 626 11.98 -33.02 38.00
CA ALA A 626 12.43 -31.65 37.77
C ALA A 626 11.39 -30.84 36.99
N ALA A 627 10.61 -31.50 36.13
CA ALA A 627 9.63 -30.81 35.32
C ALA A 627 8.34 -30.49 36.08
N LEU A 628 8.31 -30.70 37.40
CA LEU A 628 7.11 -30.43 38.19
C LEU A 628 7.37 -29.85 39.57
N VAL A 629 8.58 -29.96 40.12
CA VAL A 629 8.81 -29.57 41.51
C VAL A 629 8.88 -28.07 41.70
N LYS A 630 9.06 -27.29 40.64
CA LYS A 630 9.21 -25.84 40.74
C LYS A 630 8.09 -25.06 40.10
N CYS A 631 7.55 -25.53 38.98
CA CYS A 631 6.60 -24.72 38.21
C CYS A 631 5.35 -24.38 39.00
N PHE A 632 4.91 -25.28 39.89
CA PHE A 632 3.73 -25.00 40.68
C PHE A 632 4.02 -24.05 41.83
N THR A 633 5.17 -24.22 42.51
CA THR A 633 5.52 -23.35 43.62
C THR A 633 5.80 -21.93 43.15
N THR A 634 6.51 -21.78 42.02
CA THR A 634 6.82 -20.45 41.51
C THR A 634 5.56 -19.72 41.07
N LEU A 635 4.63 -20.43 40.44
CA LEU A 635 3.38 -19.80 39.99
C LEU A 635 2.60 -19.27 41.18
N ILE A 636 2.57 -20.02 42.28
CA ILE A 636 1.83 -19.57 43.46
C ILE A 636 2.56 -18.42 44.15
N ARG A 637 3.89 -18.46 44.16
CA ARG A 637 4.65 -17.36 44.76
C ARG A 637 4.48 -16.07 43.98
N ASN A 638 4.32 -16.17 42.66
CA ASN A 638 4.09 -14.97 41.86
C ASN A 638 2.68 -14.44 42.05
N ILE A 639 1.71 -15.33 42.24
CA ILE A 639 0.32 -14.90 42.39
C ILE A 639 0.09 -14.27 43.76
N CYS A 640 0.73 -14.81 44.80
CA CYS A 640 0.46 -14.43 46.18
C CYS A 640 1.51 -13.51 46.78
N TYR A 641 2.40 -12.96 45.96
CA TYR A 641 3.46 -12.05 46.41
C TYR A 641 4.30 -12.72 47.51
N VAL A 642 4.87 -13.87 47.18
CA VAL A 642 5.69 -14.62 48.14
C VAL A 642 7.16 -14.46 47.76
N PRO A 643 7.92 -13.65 48.49
CA PRO A 643 9.36 -13.52 48.19
C PRO A 643 10.09 -14.85 48.37
N HIS A 644 11.30 -14.90 47.81
CA HIS A 644 12.06 -16.14 47.81
C HIS A 644 12.43 -16.57 49.23
N GLU A 645 13.12 -15.69 49.96
CA GLU A 645 13.51 -16.02 51.33
C GLU A 645 12.30 -16.11 52.25
N THR A 646 11.24 -15.35 51.97
CA THR A 646 10.02 -15.45 52.77
C THR A 646 9.39 -16.83 52.64
N TYR A 647 9.50 -17.46 51.47
CA TYR A 647 8.98 -18.80 51.30
C TYR A 647 9.62 -19.78 52.27
N TYR A 648 10.93 -19.67 52.45
CA TYR A 648 11.62 -20.51 53.43
C TYR A 648 11.37 -20.08 54.86
N ARG A 649 10.95 -18.83 55.07
CA ARG A 649 10.52 -18.41 56.40
C ARG A 649 9.22 -19.10 56.80
N PHE A 650 8.25 -19.16 55.87
CA PHE A 650 7.02 -19.88 56.14
C PHE A 650 7.28 -21.36 56.38
N ARG A 651 8.34 -21.90 55.77
CA ARG A 651 8.69 -23.30 55.99
C ARG A 651 9.07 -23.54 57.44
N GLY A 652 9.91 -22.67 58.00
CA GLY A 652 10.30 -22.82 59.39
C GLY A 652 9.14 -22.58 60.35
N ILE A 653 8.25 -21.65 60.01
CA ILE A 653 7.10 -21.38 60.85
C ILE A 653 6.16 -22.60 60.88
N LEU A 654 5.98 -23.24 59.73
CA LEU A 654 5.18 -24.46 59.69
C LEU A 654 5.81 -25.58 60.48
N VAL A 655 7.15 -25.66 60.49
CA VAL A 655 7.84 -26.63 61.32
C VAL A 655 7.72 -26.23 62.79
N ASP A 656 7.79 -24.93 63.08
CA ASP A 656 7.65 -24.47 64.46
C ASP A 656 6.25 -24.73 65.00
N LYS A 657 5.24 -24.70 64.13
CA LYS A 657 3.88 -25.01 64.56
C LYS A 657 3.67 -26.50 64.79
N TYR A 658 4.47 -27.36 64.14
CA TYR A 658 4.34 -28.80 64.32
C TYR A 658 5.15 -29.31 65.50
N LEU A 659 6.37 -28.82 65.69
CA LEU A 659 7.18 -29.24 66.83
C LEU A 659 6.51 -28.84 68.14
N ARG A 660 5.86 -27.66 68.17
CA ARG A 660 5.14 -27.25 69.36
C ARG A 660 3.88 -28.06 69.57
N SER A 661 3.28 -28.56 68.48
CA SER A 661 2.07 -29.38 68.60
C SER A 661 2.37 -30.78 69.15
N LYS A 662 3.62 -31.21 69.11
CA LYS A 662 4.04 -32.50 69.68
C LYS A 662 4.76 -32.32 71.01
N ASN A 663 4.58 -31.18 71.66
CA ASN A 663 5.14 -30.91 72.99
C ASN A 663 6.66 -31.05 73.02
N VAL A 664 7.31 -30.48 72.01
CA VAL A 664 8.76 -30.33 72.01
C VAL A 664 9.10 -28.98 72.61
N ASP A 665 10.03 -28.97 73.57
CA ASP A 665 10.36 -27.72 74.25
C ASP A 665 10.98 -26.74 73.26
N PRO A 666 10.52 -25.49 73.24
CA PRO A 666 11.05 -24.52 72.26
C PRO A 666 12.54 -24.26 72.42
N SER A 667 13.08 -24.43 73.62
CA SER A 667 14.50 -24.20 73.85
C SER A 667 15.38 -25.32 73.31
N GLN A 668 14.79 -26.42 72.83
CA GLN A 668 15.58 -27.51 72.29
C GLN A 668 15.97 -27.29 70.83
N TYR A 669 15.38 -26.31 70.15
CA TYR A 669 15.70 -26.02 68.76
C TYR A 669 15.73 -24.52 68.55
N SER A 670 16.09 -24.11 67.34
CA SER A 670 16.15 -22.70 66.95
C SER A 670 15.70 -22.59 65.51
N ILE A 671 14.57 -21.91 65.29
CA ILE A 671 13.97 -21.81 63.96
C ILE A 671 14.79 -20.84 63.13
N VAL A 672 15.51 -21.36 62.14
CA VAL A 672 16.24 -20.52 61.20
C VAL A 672 15.37 -20.13 60.01
N GLY A 673 14.77 -21.12 59.35
CA GLY A 673 13.83 -20.85 58.27
C GLY A 673 14.47 -20.27 57.03
N SER A 674 15.54 -20.90 56.55
CA SER A 674 16.23 -20.48 55.34
C SER A 674 16.24 -21.63 54.34
N GLY A 675 16.87 -21.38 53.19
CA GLY A 675 16.95 -22.40 52.16
C GLY A 675 17.88 -23.53 52.50
N SER A 676 18.90 -23.26 53.32
CA SER A 676 19.87 -24.27 53.69
C SER A 676 19.68 -24.83 55.09
N LYS A 677 19.01 -24.10 55.99
CA LYS A 677 18.79 -24.53 57.36
C LYS A 677 17.33 -24.28 57.71
N THR A 678 16.56 -25.36 57.90
CA THR A 678 15.20 -25.20 58.38
C THR A 678 15.18 -24.83 59.85
N PHE A 679 15.90 -25.58 60.67
CA PHE A 679 16.07 -25.26 62.08
C PHE A 679 17.26 -26.04 62.62
N THR A 680 17.91 -25.48 63.65
CA THR A 680 19.07 -26.08 64.27
C THR A 680 18.69 -26.69 65.60
N VAL A 681 19.19 -27.89 65.86
CA VAL A 681 18.91 -28.61 67.10
C VAL A 681 19.90 -28.17 68.17
N LEU A 682 19.40 -27.91 69.37
CA LEU A 682 20.22 -27.51 70.51
C LEU A 682 20.42 -28.61 71.52
N SER A 683 19.39 -29.41 71.80
CA SER A 683 19.48 -30.55 72.69
C SER A 683 18.75 -31.73 72.07
N HIS A 684 19.20 -32.93 72.42
CA HIS A 684 18.64 -34.15 71.84
C HIS A 684 17.17 -34.31 72.24
N PHE A 685 16.32 -34.50 71.24
CA PHE A 685 14.90 -34.76 71.47
C PHE A 685 14.38 -35.64 70.36
N GLU A 686 13.30 -36.37 70.66
CA GLU A 686 12.68 -37.29 69.71
C GLU A 686 11.22 -36.95 69.52
N VAL A 687 10.71 -37.26 68.34
CA VAL A 687 9.31 -37.03 67.98
C VAL A 687 8.68 -38.38 67.69
N PRO A 688 7.56 -38.73 68.34
CA PRO A 688 6.94 -40.04 68.08
C PRO A 688 6.37 -40.11 66.67
N HIS A 689 6.83 -41.10 65.90
CA HIS A 689 6.38 -41.29 64.53
C HIS A 689 6.30 -42.79 64.25
N GLU A 690 5.32 -43.17 63.42
CA GLU A 690 5.09 -44.58 63.14
C GLU A 690 6.22 -45.22 62.34
N CYS A 691 7.01 -44.42 61.64
CA CYS A 691 8.18 -44.93 60.91
C CYS A 691 9.45 -44.80 61.73
N GLY A 692 9.37 -45.18 63.01
CA GLY A 692 10.47 -45.02 63.92
C GLY A 692 10.53 -43.61 64.46
N PRO A 693 10.91 -43.47 65.73
CA PRO A 693 11.01 -42.14 66.34
C PRO A 693 12.05 -41.29 65.62
N LEU A 694 11.68 -40.03 65.36
CA LEU A 694 12.58 -39.11 64.69
C LEU A 694 13.71 -38.70 65.62
N VAL A 695 14.94 -39.06 65.27
CA VAL A 695 16.11 -38.79 66.09
C VAL A 695 16.73 -37.47 65.63
N PHE A 696 16.85 -36.51 66.55
CA PHE A 696 17.45 -35.22 66.26
C PHE A 696 18.69 -35.05 67.15
N GLU A 697 19.86 -35.16 66.54
CA GLU A 697 21.11 -35.02 67.27
C GLU A 697 21.39 -33.55 67.58
N ALA A 698 21.98 -33.32 68.74
CA ALA A 698 22.28 -31.95 69.17
C ALA A 698 23.39 -31.36 68.31
N SER A 699 23.37 -30.03 68.20
CA SER A 699 24.38 -29.28 67.42
C SER A 699 24.40 -29.74 65.97
N THR A 700 23.23 -29.98 65.40
CA THR A 700 23.09 -30.37 64.01
C THR A 700 22.04 -29.50 63.33
N ASP A 701 22.15 -29.39 62.02
CA ASP A 701 21.22 -28.59 61.22
C ASP A 701 20.23 -29.51 60.51
N VAL A 702 18.96 -29.15 60.56
CA VAL A 702 17.90 -29.89 59.89
C VAL A 702 17.47 -29.09 58.66
N ASN A 703 17.36 -29.78 57.53
CA ASN A 703 16.91 -29.17 56.27
C ASN A 703 15.89 -30.11 55.65
N ILE A 704 14.60 -29.88 55.95
CA ILE A 704 13.56 -30.76 55.47
C ILE A 704 13.51 -30.74 53.95
N SER A 705 13.04 -31.84 53.37
CA SER A 705 12.96 -31.97 51.91
C SER A 705 11.85 -31.08 51.39
N GLY A 706 12.22 -30.05 50.63
CA GLY A 706 11.22 -29.15 50.05
C GLY A 706 10.48 -29.73 48.87
N HIS A 707 11.06 -30.73 48.20
CA HIS A 707 10.40 -31.33 47.05
C HIS A 707 9.16 -32.11 47.45
N LEU A 708 9.14 -32.68 48.65
CA LEU A 708 7.97 -33.42 49.12
C LEU A 708 6.76 -32.49 49.23
N LEU A 709 6.98 -31.27 49.71
CA LEU A 709 5.88 -30.32 49.86
C LEU A 709 5.35 -29.89 48.49
N SER A 710 6.25 -29.57 47.56
CA SER A 710 5.81 -29.08 46.26
C SER A 710 5.19 -30.18 45.40
N LEU A 711 5.70 -31.41 45.50
CA LEU A 711 5.12 -32.51 44.75
C LEU A 711 3.71 -32.83 45.21
N ALA A 712 3.39 -32.56 46.48
CA ALA A 712 2.03 -32.74 46.96
C ALA A 712 1.09 -31.71 46.36
N ILE A 713 1.57 -30.49 46.15
CA ILE A 713 0.76 -29.47 45.50
C ILE A 713 0.52 -29.83 44.04
N ALA A 714 1.58 -30.28 43.34
CA ALA A 714 1.43 -30.67 41.95
C ALA A 714 0.52 -31.88 41.79
N ALA A 715 0.40 -32.70 42.84
CA ALA A 715 -0.47 -33.87 42.79
C ALA A 715 -1.95 -33.48 42.74
N HIS A 716 -2.29 -32.24 43.07
CA HIS A 716 -3.67 -31.80 43.02
C HIS A 716 -4.17 -31.61 41.59
N PHE A 717 -3.27 -31.48 40.63
CA PHE A 717 -3.64 -31.07 39.28
C PHE A 717 -3.20 -32.06 38.20
N VAL A 718 -1.98 -32.59 38.28
CA VAL A 718 -1.47 -33.53 37.29
C VAL A 718 -0.93 -34.76 38.01
N ALA A 719 -0.57 -35.76 37.21
CA ALA A 719 0.04 -36.97 37.75
C ALA A 719 1.41 -36.62 38.34
N SER A 720 1.58 -36.89 39.64
CA SER A 720 2.79 -36.51 40.35
C SER A 720 3.63 -37.74 40.65
N PRO A 721 4.94 -37.70 40.36
CA PRO A 721 5.83 -38.83 40.65
C PRO A 721 6.33 -38.84 42.09
N MET A 722 5.40 -38.70 43.05
CA MET A 722 5.78 -38.66 44.46
C MET A 722 6.31 -40.01 44.92
N ILE A 723 5.68 -41.11 44.50
CA ILE A 723 6.09 -42.42 44.96
C ILE A 723 7.46 -42.77 44.42
N LEU A 724 7.72 -42.47 43.14
CA LEU A 724 9.02 -42.76 42.56
C LEU A 724 10.10 -41.89 43.17
N TRP A 725 9.79 -40.63 43.45
CA TRP A 725 10.77 -39.73 44.07
C TRP A 725 11.11 -40.17 45.49
N ALA A 726 10.11 -40.67 46.23
CA ALA A 726 10.37 -41.12 47.60
C ALA A 726 11.26 -42.35 47.62
N GLU A 727 11.04 -43.29 46.69
CA GLU A 727 11.91 -44.46 46.60
C GLU A 727 13.34 -44.06 46.28
N GLN A 728 13.50 -43.05 45.41
CA GLN A 728 14.84 -42.54 45.13
C GLN A 728 15.42 -41.81 46.33
N MET A 729 14.57 -41.10 47.08
CA MET A 729 15.05 -40.34 48.23
C MET A 729 15.55 -41.26 49.34
N LYS A 730 14.86 -42.37 49.57
CA LYS A 730 15.33 -43.32 50.58
C LYS A 730 16.64 -43.98 50.15
N TYR A 731 16.80 -44.22 48.84
CA TYR A 731 18.04 -44.79 48.34
C TYR A 731 19.20 -43.80 48.42
N MET A 732 18.90 -42.50 48.48
CA MET A 732 19.92 -41.46 48.59
C MET A 732 20.20 -41.04 50.02
N ALA A 733 20.01 -41.94 50.99
CA ALA A 733 20.38 -41.63 52.36
C ALA A 733 21.89 -41.51 52.51
N VAL A 734 22.65 -42.27 51.71
CA VAL A 734 24.09 -42.18 51.67
C VAL A 734 24.52 -42.00 50.22
N ASP A 735 25.80 -41.73 50.02
CA ASP A 735 26.32 -41.54 48.67
C ASP A 735 26.23 -42.83 47.88
N ARG A 736 25.90 -42.70 46.60
CA ARG A 736 25.73 -43.84 45.71
C ARG A 736 26.50 -43.59 44.41
N MET A 737 27.24 -44.59 43.96
CA MET A 737 28.05 -44.45 42.76
C MET A 737 27.16 -44.33 41.52
N LEU A 738 27.61 -43.52 40.56
CA LEU A 738 26.87 -43.35 39.33
C LEU A 738 26.92 -44.63 38.49
N PRO A 739 25.85 -44.93 37.75
CA PRO A 739 25.85 -46.10 36.88
C PRO A 739 26.94 -46.01 35.84
N PRO A 740 27.60 -47.13 35.53
CA PRO A 740 28.75 -47.08 34.61
C PRO A 740 28.34 -46.90 33.16
N ASN A 741 27.17 -47.39 32.76
CA ASN A 741 26.80 -47.36 31.35
C ASN A 741 26.16 -46.03 30.96
N LEU A 742 25.41 -45.41 31.86
CA LEU A 742 24.70 -44.18 31.52
C LEU A 742 25.66 -43.01 31.36
N ASP A 743 25.36 -42.13 30.42
CA ASP A 743 26.13 -40.91 30.25
C ASP A 743 26.00 -40.04 31.50
N LYS A 744 27.14 -39.68 32.09
CA LYS A 744 27.13 -38.92 33.33
C LYS A 744 26.59 -37.50 33.16
N SER A 745 26.36 -37.05 31.93
CA SER A 745 25.74 -35.75 31.72
C SER A 745 24.26 -35.76 32.12
N LEU A 746 23.64 -36.93 32.16
CA LEU A 746 22.23 -37.03 32.55
C LEU A 746 22.00 -36.73 34.02
N PHE A 747 23.06 -36.62 34.83
CA PHE A 747 22.95 -36.32 36.25
C PHE A 747 23.31 -34.88 36.56
N PHE A 748 23.08 -33.96 35.61
CA PHE A 748 23.46 -32.57 35.83
C PHE A 748 22.60 -31.90 36.89
N ASP A 749 21.37 -32.37 37.08
CA ASP A 749 20.45 -31.71 38.00
C ASP A 749 20.81 -31.94 39.46
N ASN A 750 21.66 -32.92 39.75
CA ASN A 750 22.02 -33.25 41.12
C ASN A 750 23.54 -33.13 41.32
N LYS A 751 23.93 -32.92 42.58
CA LYS A 751 25.33 -32.75 42.90
C LYS A 751 26.08 -34.07 42.78
N VAL A 752 27.32 -33.98 42.28
CA VAL A 752 28.20 -35.14 42.14
C VAL A 752 29.49 -34.86 42.88
N THR A 753 29.87 -35.77 43.78
CA THR A 753 31.10 -35.62 44.54
C THR A 753 32.30 -35.82 43.61
N PRO A 754 33.48 -35.32 44.01
CA PRO A 754 34.69 -35.55 43.19
C PRO A 754 35.01 -37.02 42.98
N SER A 755 34.49 -37.92 43.81
CA SER A 755 34.71 -39.35 43.61
C SER A 755 33.99 -39.88 42.38
N GLY A 756 32.98 -39.17 41.89
CA GLY A 756 32.16 -39.64 40.80
C GLY A 756 30.88 -40.31 41.22
N ALA A 757 30.30 -39.93 42.35
CA ALA A 757 29.11 -40.55 42.89
C ALA A 757 28.06 -39.49 43.18
N LEU A 758 26.80 -39.90 43.13
CA LEU A 758 25.69 -38.99 43.44
C LEU A 758 25.68 -38.70 44.93
N GLN A 759 25.82 -37.42 45.29
CA GLN A 759 25.89 -37.04 46.70
C GLN A 759 24.55 -37.28 47.39
N ARG A 760 24.63 -37.53 48.69
CA ARG A 760 23.43 -37.79 49.49
C ARG A 760 22.51 -36.58 49.49
N TRP A 761 21.23 -36.83 49.79
CA TRP A 761 20.22 -35.79 49.72
C TRP A 761 19.80 -35.43 51.12
N HIS A 762 18.81 -36.10 51.72
CA HIS A 762 18.28 -35.75 53.02
C HIS A 762 18.22 -36.99 53.90
N SER A 763 18.29 -36.77 55.21
CA SER A 763 18.12 -37.87 56.15
C SER A 763 16.66 -38.28 56.21
N ARG A 764 16.42 -39.47 56.77
CA ARG A 764 15.05 -39.95 56.90
C ARG A 764 14.23 -39.08 57.85
N GLU A 765 14.89 -38.36 58.77
CA GLU A 765 14.17 -37.44 59.65
C GLU A 765 13.73 -36.20 58.88
N GLU A 766 14.59 -35.67 58.01
CA GLU A 766 14.24 -34.47 57.25
C GLU A 766 13.11 -34.75 56.26
N VAL A 767 13.03 -35.97 55.74
CA VAL A 767 11.98 -36.29 54.78
C VAL A 767 10.66 -36.56 55.49
N LEU A 768 10.68 -37.34 56.57
CA LEU A 768 9.46 -37.64 57.30
C LEU A 768 8.91 -36.41 58.01
N LEU A 769 9.78 -35.46 58.36
CA LEU A 769 9.32 -34.24 59.01
C LEU A 769 8.55 -33.36 58.04
N ALA A 770 8.93 -33.35 56.76
CA ALA A 770 8.17 -32.60 55.77
C ALA A 770 6.83 -33.25 55.49
N ALA A 771 6.73 -34.57 55.62
CA ALA A 771 5.46 -35.25 55.40
C ALA A 771 4.43 -34.91 56.47
N GLU A 772 4.89 -34.63 57.69
CA GLU A 772 3.96 -34.28 58.76
C GLU A 772 3.43 -32.85 58.60
N ILE A 773 4.31 -31.91 58.23
CA ILE A 773 3.87 -30.54 57.97
C ILE A 773 3.27 -30.38 56.58
N CYS A 774 3.18 -31.46 55.81
CA CYS A 774 2.67 -31.37 54.44
C CYS A 774 1.18 -30.99 54.42
N GLU A 775 0.42 -31.40 55.43
CA GLU A 775 -1.00 -31.05 55.48
C GLU A 775 -1.19 -29.55 55.69
N SER A 776 -0.49 -28.99 56.67
CA SER A 776 -0.57 -27.55 56.92
C SER A 776 0.10 -26.75 55.82
N TYR A 777 1.03 -27.35 55.07
CA TYR A 777 1.66 -26.64 53.96
C TYR A 777 0.67 -26.42 52.82
N ALA A 778 -0.09 -27.46 52.47
CA ALA A 778 -1.09 -27.33 51.43
C ALA A 778 -2.21 -26.39 51.84
N ALA A 779 -2.49 -26.30 53.14
CA ALA A 779 -3.52 -25.38 53.61
C ALA A 779 -3.08 -23.93 53.46
N MET A 780 -1.77 -23.67 53.53
CA MET A 780 -1.27 -22.31 53.37
C MET A 780 -1.18 -21.91 51.90
N MET A 781 -0.66 -22.80 51.05
CA MET A 781 -0.43 -22.45 49.66
C MET A 781 -1.73 -22.31 48.88
N LEU A 782 -2.76 -23.07 49.24
CA LEU A 782 -4.03 -23.06 48.52
C LEU A 782 -5.17 -22.47 49.35
N ASN A 783 -4.85 -21.76 50.43
CA ASN A 783 -5.84 -21.06 51.25
C ASN A 783 -6.93 -22.02 51.75
N ASN A 784 -6.49 -23.12 52.34
CA ASN A 784 -7.36 -24.16 52.91
C ASN A 784 -8.31 -24.77 51.88
N LYS A 785 -8.15 -24.44 50.60
CA LYS A 785 -8.95 -25.00 49.53
C LYS A 785 -8.25 -26.17 48.85
N HIS A 786 -7.41 -26.89 49.58
CA HIS A 786 -6.72 -28.07 49.08
C HIS A 786 -7.59 -29.29 49.31
N SER A 787 -7.02 -30.48 49.10
CA SER A 787 -7.73 -31.73 49.36
C SER A 787 -6.94 -32.53 50.40
N PRO A 788 -7.44 -32.62 51.64
CA PRO A 788 -6.75 -33.45 52.64
C PRO A 788 -6.67 -34.92 52.25
N ASP A 789 -7.56 -35.39 51.37
CA ASP A 789 -7.48 -36.76 50.89
C ASP A 789 -6.26 -36.95 49.98
N ILE A 790 -5.96 -35.96 49.14
CA ILE A 790 -4.78 -36.03 48.28
C ILE A 790 -3.51 -36.04 49.13
N ILE A 791 -3.45 -35.15 50.13
CA ILE A 791 -2.31 -35.15 51.03
C ILE A 791 -2.28 -36.43 51.86
N GLY A 792 -3.45 -36.94 52.24
CA GLY A 792 -3.50 -38.12 53.08
C GLY A 792 -3.00 -39.37 52.36
N THR A 793 -3.48 -39.59 51.12
CA THR A 793 -3.07 -40.78 50.39
C THR A 793 -1.59 -40.71 50.00
N LEU A 794 -1.03 -39.51 49.85
CA LEU A 794 0.40 -39.39 49.61
C LEU A 794 1.19 -39.57 50.90
N LYS A 795 0.74 -38.95 51.98
CA LYS A 795 1.42 -39.09 53.27
C LYS A 795 1.43 -40.54 53.72
N SER A 796 0.34 -41.27 53.47
CA SER A 796 0.30 -42.69 53.80
C SER A 796 1.29 -43.49 52.95
N ALA A 797 1.48 -43.08 51.70
CA ALA A 797 2.42 -43.79 50.83
C ALA A 797 3.85 -43.50 51.21
N ILE A 798 4.15 -42.27 51.64
CA ILE A 798 5.50 -41.94 52.08
C ILE A 798 5.90 -42.77 53.29
N ASN A 799 4.93 -43.06 54.17
CA ASN A 799 5.23 -43.87 55.35
C ASN A 799 5.55 -45.30 54.98
N LEU A 800 4.84 -45.86 53.99
CA LEU A 800 5.10 -47.24 53.60
C LEU A 800 6.44 -47.40 52.90
N VAL A 801 6.90 -46.36 52.19
CA VAL A 801 8.23 -46.40 51.60
C VAL A 801 9.30 -46.39 52.68
N PHE A 802 9.08 -45.62 53.74
CA PHE A 802 10.03 -45.50 54.85
C PHE A 802 9.62 -46.37 56.04
N LYS A 803 8.99 -47.52 55.78
CA LYS A 803 8.55 -48.38 56.87
C LYS A 803 9.74 -49.02 57.57
N ILE A 804 9.65 -49.14 58.89
CA ILE A 804 10.74 -49.67 59.69
C ILE A 804 10.74 -51.20 59.67
N ASP B 8 6.39 30.25 -53.93
CA ASP B 8 5.07 30.46 -54.50
C ASP B 8 4.07 30.87 -53.44
N TYR B 9 3.32 31.93 -53.71
CA TYR B 9 2.33 32.47 -52.76
C TYR B 9 0.92 32.09 -53.21
N CYS B 10 0.65 30.79 -53.22
CA CYS B 10 -0.64 30.27 -53.65
C CYS B 10 -1.02 29.06 -52.82
N ILE B 11 -2.33 28.90 -52.59
CA ILE B 11 -2.86 27.71 -51.95
C ILE B 11 -3.76 26.98 -52.94
N PRO B 12 -3.80 25.64 -52.93
CA PRO B 12 -3.01 24.77 -52.06
C PRO B 12 -1.53 24.74 -52.44
N ASN B 13 -0.66 24.78 -51.44
CA ASN B 13 0.79 24.83 -51.65
C ASN B 13 1.41 23.50 -51.23
N PHE B 14 2.16 22.89 -52.16
CA PHE B 14 2.91 21.69 -51.86
C PHE B 14 4.42 21.92 -51.84
N SER B 15 4.90 23.02 -52.41
CA SER B 15 6.35 23.25 -52.50
C SER B 15 6.92 23.65 -51.14
N GLN B 16 6.39 24.71 -50.54
CA GLN B 16 6.93 25.20 -49.27
C GLN B 16 6.55 24.30 -48.10
N THR B 17 5.46 23.53 -48.22
CA THR B 17 4.96 22.76 -47.09
C THR B 17 5.54 21.35 -47.03
N VAL B 18 5.68 20.68 -48.17
CA VAL B 18 6.13 19.29 -48.18
C VAL B 18 7.56 19.19 -48.65
N ASN B 19 8.50 19.27 -47.72
CA ASN B 19 9.91 19.05 -47.98
C ASN B 19 10.33 17.70 -47.42
N GLU B 20 11.63 17.41 -47.46
CA GLU B 20 12.12 16.14 -46.95
C GLU B 20 11.89 16.00 -45.45
N ARG B 21 11.98 17.11 -44.71
CA ARG B 21 11.73 17.05 -43.28
C ARG B 21 10.24 16.86 -42.99
N THR B 22 9.37 17.30 -43.89
CA THR B 22 7.94 17.06 -43.72
C THR B 22 7.63 15.56 -43.80
N ILE B 23 8.26 14.85 -44.75
CA ILE B 23 8.09 13.41 -44.83
C ILE B 23 8.61 12.74 -43.56
N ILE B 24 9.67 13.29 -42.97
CA ILE B 24 10.18 12.75 -41.72
C ILE B 24 9.14 12.89 -40.62
N ASP B 25 8.49 14.06 -40.53
CA ASP B 25 7.50 14.28 -39.49
C ASP B 25 6.28 13.39 -39.67
N ILE B 26 5.93 13.05 -40.93
CA ILE B 26 4.80 12.14 -41.16
C ILE B 26 5.12 10.76 -40.61
N PHE B 27 6.36 10.29 -40.81
CA PHE B 27 6.78 9.02 -40.23
C PHE B 27 6.67 9.06 -38.71
N THR B 28 7.04 10.19 -38.09
CA THR B 28 6.94 10.32 -36.65
C THR B 28 5.49 10.28 -36.19
N ILE B 29 4.59 10.92 -36.94
CA ILE B 29 3.18 10.93 -36.58
C ILE B 29 2.60 9.51 -36.60
N CYS B 30 3.11 8.66 -37.50
CA CYS B 30 2.63 7.28 -37.56
C CYS B 30 2.86 6.52 -36.27
N ARG B 31 3.75 7.01 -35.39
CA ARG B 31 3.90 6.42 -34.07
C ARG B 31 2.71 6.74 -33.16
N TYR B 32 1.87 7.69 -33.54
CA TYR B 32 0.73 8.11 -32.73
C TYR B 32 -0.60 7.73 -33.36
N ARG B 33 -0.59 6.92 -34.42
CA ARG B 33 -1.78 6.67 -35.23
C ARG B 33 -2.80 5.74 -34.55
N SER B 34 -2.72 5.55 -33.23
CA SER B 34 -3.68 4.74 -32.49
C SER B 34 -4.16 5.51 -31.28
N PRO B 35 -5.02 6.51 -31.46
CA PRO B 35 -5.53 7.31 -30.33
C PRO B 35 -6.91 6.92 -29.82
N LEU B 36 -7.57 5.94 -30.46
CA LEU B 36 -8.95 5.65 -30.14
C LEU B 36 -9.08 4.85 -28.85
N VAL B 37 -10.14 5.13 -28.10
CA VAL B 37 -10.52 4.36 -26.91
C VAL B 37 -12.03 4.20 -26.94
N VAL B 38 -12.51 2.96 -27.05
CA VAL B 38 -13.93 2.66 -27.11
C VAL B 38 -14.37 2.20 -25.73
N PHE B 39 -15.24 2.99 -25.09
CA PHE B 39 -15.71 2.73 -23.74
C PHE B 39 -17.19 2.38 -23.79
N CYS B 40 -17.54 1.23 -23.21
CA CYS B 40 -18.91 0.73 -23.21
C CYS B 40 -19.43 0.72 -21.78
N LEU B 41 -20.40 1.59 -21.49
CA LEU B 41 -21.05 1.66 -20.19
C LEU B 41 -22.54 1.93 -20.40
N SER B 42 -23.36 1.35 -19.53
CA SER B 42 -24.81 1.42 -19.67
C SER B 42 -25.43 2.65 -19.00
N HIS B 43 -24.62 3.55 -18.46
CA HIS B 43 -25.10 4.74 -17.77
C HIS B 43 -24.75 5.96 -18.62
N ASN B 44 -25.77 6.50 -19.31
CA ASN B 44 -25.53 7.52 -20.31
C ASN B 44 -25.14 8.86 -19.68
N GLU B 45 -25.86 9.27 -18.62
CA GLU B 45 -25.57 10.56 -18.01
C GLU B 45 -24.20 10.57 -17.36
N LEU B 46 -23.78 9.44 -16.78
CA LEU B 46 -22.42 9.34 -16.25
C LEU B 46 -21.38 9.43 -17.37
N ALA B 47 -21.69 8.90 -18.55
CA ALA B 47 -20.76 9.01 -19.67
C ALA B 47 -20.64 10.46 -20.13
N LYS B 48 -21.74 11.22 -20.11
CA LYS B 48 -21.68 12.61 -20.53
C LYS B 48 -20.78 13.43 -19.62
N LYS B 49 -20.74 13.11 -18.33
CA LYS B 49 -19.87 13.84 -17.42
C LYS B 49 -18.40 13.61 -17.73
N TYR B 50 -17.98 12.34 -17.75
CA TYR B 50 -16.59 12.02 -18.04
C TYR B 50 -16.21 12.37 -19.48
N ALA B 51 -17.18 12.44 -20.39
CA ALA B 51 -16.89 12.95 -21.72
C ALA B 51 -16.53 14.43 -21.68
N GLN B 52 -17.25 15.20 -20.86
CA GLN B 52 -16.92 16.62 -20.72
C GLN B 52 -15.64 16.82 -19.93
N ASP B 53 -15.38 15.96 -18.94
CA ASP B 53 -14.19 16.10 -18.11
C ASP B 53 -12.92 15.89 -18.93
N VAL B 54 -12.87 14.80 -19.70
CA VAL B 54 -11.69 14.54 -20.51
C VAL B 54 -11.61 15.48 -21.71
N SER B 55 -12.74 16.04 -22.15
CA SER B 55 -12.71 16.97 -23.28
C SER B 55 -12.18 18.33 -22.85
N MET B 56 -12.56 18.79 -21.66
CA MET B 56 -12.11 20.10 -21.19
C MET B 56 -10.69 20.06 -20.64
N SER B 57 -10.26 18.91 -20.12
CA SER B 57 -8.95 18.85 -19.46
C SER B 57 -7.83 18.68 -20.46
N SER B 58 -7.97 17.77 -21.42
CA SER B 58 -6.90 17.45 -22.35
C SER B 58 -7.30 17.60 -23.82
N GLY B 59 -8.50 18.07 -24.11
CA GLY B 59 -8.91 18.25 -25.49
C GLY B 59 -9.25 16.98 -26.24
N THR B 60 -9.56 15.90 -25.52
CA THR B 60 -9.92 14.65 -26.16
C THR B 60 -11.28 14.79 -26.83
N HIS B 61 -11.33 14.47 -28.13
CA HIS B 61 -12.60 14.50 -28.85
C HIS B 61 -13.46 13.33 -28.42
N VAL B 62 -14.71 13.61 -28.05
CA VAL B 62 -15.59 12.61 -27.47
C VAL B 62 -16.80 12.41 -28.38
N HIS B 63 -17.28 11.17 -28.40
CA HIS B 63 -18.50 10.79 -29.10
C HIS B 63 -19.33 9.90 -28.18
N ILE B 64 -20.64 10.12 -28.17
CA ILE B 64 -21.55 9.38 -27.31
C ILE B 64 -22.62 8.76 -28.20
N ILE B 65 -22.50 7.47 -28.48
CA ILE B 65 -23.53 6.72 -29.20
C ILE B 65 -24.58 6.31 -28.18
N ASP B 66 -25.65 7.10 -28.07
CA ASP B 66 -26.66 6.91 -27.05
C ASP B 66 -27.91 6.21 -27.55
N GLY B 67 -28.07 6.06 -28.87
CA GLY B 67 -29.26 5.44 -29.41
C GLY B 67 -30.31 6.39 -29.92
N SER B 68 -30.12 7.70 -29.76
CA SER B 68 -31.05 8.67 -30.32
C SER B 68 -31.11 8.59 -31.83
N VAL B 69 -30.05 8.08 -32.47
CA VAL B 69 -30.01 7.84 -33.90
C VAL B 69 -29.86 6.33 -34.10
N GLU B 70 -30.28 5.86 -35.28
CA GLU B 70 -30.20 4.45 -35.60
C GLU B 70 -28.75 3.97 -35.57
N ILE B 71 -28.55 2.76 -35.07
CA ILE B 71 -27.21 2.28 -34.74
C ILE B 71 -26.32 2.20 -35.97
N THR B 72 -26.90 1.80 -37.11
CA THR B 72 -26.10 1.68 -38.33
C THR B 72 -25.63 3.04 -38.81
N VAL B 73 -26.53 4.03 -38.82
CA VAL B 73 -26.12 5.38 -39.22
C VAL B 73 -25.30 6.03 -38.12
N SER B 74 -25.51 5.63 -36.87
CA SER B 74 -24.71 6.16 -35.77
C SER B 74 -23.25 5.77 -35.90
N LEU B 75 -22.99 4.48 -36.20
CA LEU B 75 -21.62 4.05 -36.43
C LEU B 75 -21.05 4.64 -37.72
N TYR B 76 -21.91 4.85 -38.73
CA TYR B 76 -21.43 5.40 -39.99
C TYR B 76 -20.98 6.85 -39.82
N ARG B 77 -21.67 7.62 -38.98
CA ARG B 77 -21.29 9.01 -38.76
C ARG B 77 -20.11 9.15 -37.80
N THR B 78 -20.00 8.23 -36.83
CA THR B 78 -18.95 8.34 -35.84
C THR B 78 -17.57 8.02 -36.42
N PHE B 79 -17.48 6.89 -37.14
CA PHE B 79 -16.17 6.40 -37.56
C PHE B 79 -15.75 6.89 -38.93
N ARG B 80 -16.68 7.39 -39.76
CA ARG B 80 -16.26 8.10 -40.96
C ARG B 80 -15.52 9.39 -40.60
N THR B 81 -15.86 10.00 -39.46
CA THR B 81 -15.13 11.14 -38.96
C THR B 81 -13.81 10.73 -38.31
N ILE B 82 -13.83 9.67 -37.52
CA ILE B 82 -12.62 9.21 -36.84
C ILE B 82 -11.57 8.75 -37.83
N ALA B 83 -11.99 8.18 -38.96
CA ALA B 83 -11.04 7.70 -39.97
C ALA B 83 -10.16 8.83 -40.50
N THR B 84 -10.66 10.07 -40.47
CA THR B 84 -9.90 11.21 -40.93
C THR B 84 -8.99 11.80 -39.86
N GLN B 85 -9.28 11.55 -38.58
CA GLN B 85 -8.58 12.18 -37.47
C GLN B 85 -7.54 11.28 -36.83
N LEU B 86 -7.28 10.10 -37.40
CA LEU B 86 -6.37 9.14 -36.77
C LEU B 86 -4.93 9.64 -36.73
N LEU B 87 -4.59 10.65 -37.52
CA LEU B 87 -3.23 11.20 -37.53
C LEU B 87 -3.17 12.58 -36.88
N GLY B 88 -4.18 12.94 -36.09
CA GLY B 88 -4.24 14.25 -35.47
C GLY B 88 -3.53 14.40 -34.16
N ARG B 89 -2.87 13.35 -33.68
CA ARG B 89 -2.14 13.36 -32.41
C ARG B 89 -3.04 13.67 -31.22
N MET B 90 -4.35 13.50 -31.35
CA MET B 90 -5.29 13.79 -30.28
C MET B 90 -6.10 12.55 -29.94
N GLN B 91 -6.26 12.31 -28.65
CA GLN B 91 -7.03 11.16 -28.19
C GLN B 91 -8.50 11.29 -28.59
N ILE B 92 -9.11 10.15 -28.89
CA ILE B 92 -10.51 10.08 -29.28
C ILE B 92 -11.17 8.98 -28.46
N VAL B 93 -12.25 9.33 -27.75
CA VAL B 93 -12.99 8.39 -26.92
C VAL B 93 -14.40 8.28 -27.47
N VAL B 94 -14.86 7.04 -27.65
CA VAL B 94 -16.20 6.75 -28.15
C VAL B 94 -16.96 6.04 -27.04
N PHE B 95 -17.93 6.73 -26.45
CA PHE B 95 -18.77 6.14 -25.41
C PHE B 95 -19.96 5.46 -26.04
N VAL B 96 -20.11 4.16 -25.77
CA VAL B 96 -21.23 3.37 -26.26
C VAL B 96 -22.13 3.05 -25.07
N THR B 97 -23.35 3.57 -25.09
CA THR B 97 -24.29 3.38 -23.99
C THR B 97 -25.48 2.51 -24.33
N VAL B 98 -25.69 2.19 -25.61
CA VAL B 98 -26.80 1.33 -25.99
C VAL B 98 -26.56 -0.09 -25.47
N ASP B 99 -27.65 -0.86 -25.39
CA ASP B 99 -27.58 -2.21 -24.87
C ASP B 99 -26.79 -3.11 -25.82
N LYS B 100 -26.42 -4.29 -25.31
CA LYS B 100 -25.71 -5.27 -26.13
C LYS B 100 -26.57 -5.85 -27.24
N SER B 101 -27.89 -5.64 -27.20
CA SER B 101 -28.75 -6.05 -28.30
C SER B 101 -28.63 -5.10 -29.49
N VAL B 102 -28.36 -3.82 -29.23
CA VAL B 102 -28.17 -2.87 -30.33
C VAL B 102 -26.83 -3.09 -31.01
N VAL B 103 -25.79 -3.35 -30.21
CA VAL B 103 -24.48 -3.75 -30.73
C VAL B 103 -23.81 -4.66 -29.71
N SER B 104 -23.45 -5.87 -30.13
CA SER B 104 -22.91 -6.84 -29.21
C SER B 104 -21.48 -6.48 -28.80
N THR B 105 -21.00 -7.17 -27.76
CA THR B 105 -19.64 -6.94 -27.29
C THR B 105 -18.62 -7.28 -28.35
N GLN B 106 -18.83 -8.39 -29.07
CA GLN B 106 -17.87 -8.81 -30.09
C GLN B 106 -17.91 -7.90 -31.32
N VAL B 107 -19.08 -7.36 -31.66
CA VAL B 107 -19.17 -6.46 -32.79
C VAL B 107 -18.50 -5.13 -32.47
N MET B 108 -18.75 -4.58 -31.27
CA MET B 108 -18.12 -3.32 -30.89
C MET B 108 -16.62 -3.49 -30.68
N LYS B 109 -16.18 -4.65 -30.23
CA LYS B 109 -14.75 -4.88 -30.07
C LYS B 109 -14.04 -5.01 -31.41
N SER B 110 -14.72 -5.59 -32.41
CA SER B 110 -14.14 -5.66 -33.74
C SER B 110 -13.99 -4.28 -34.37
N ILE B 111 -15.05 -3.46 -34.25
CA ILE B 111 -14.99 -2.10 -34.79
C ILE B 111 -13.92 -1.29 -34.07
N ALA B 112 -13.79 -1.49 -32.76
CA ALA B 112 -12.77 -0.78 -32.00
C ALA B 112 -11.37 -1.14 -32.47
N TRP B 113 -11.06 -2.43 -32.53
CA TRP B 113 -9.74 -2.87 -32.95
C TRP B 113 -9.49 -2.63 -34.43
N ALA B 114 -10.55 -2.53 -35.24
CA ALA B 114 -10.38 -2.21 -36.65
C ALA B 114 -9.79 -0.82 -36.84
N PHE B 115 -10.07 0.09 -35.89
CA PHE B 115 -9.53 1.44 -35.93
C PHE B 115 -8.38 1.64 -34.95
N ARG B 116 -7.77 0.55 -34.48
CA ARG B 116 -6.65 0.58 -33.54
C ARG B 116 -7.04 1.37 -32.28
N GLY B 117 -7.96 0.77 -31.53
CA GLY B 117 -8.49 1.41 -30.34
C GLY B 117 -8.54 0.48 -29.16
N SER B 118 -8.44 1.06 -27.97
CA SER B 118 -8.60 0.33 -26.72
C SER B 118 -10.08 0.08 -26.47
N PHE B 119 -10.45 -1.18 -26.25
CA PHE B 119 -11.84 -1.56 -26.04
C PHE B 119 -12.07 -1.87 -24.58
N VAL B 120 -13.13 -1.28 -24.01
CA VAL B 120 -13.52 -1.51 -22.63
C VAL B 120 -15.01 -1.79 -22.60
N GLU B 121 -15.39 -2.96 -22.07
CA GLU B 121 -16.78 -3.37 -21.98
C GLU B 121 -17.16 -3.46 -20.51
N LEU B 122 -18.03 -2.53 -20.07
CA LEU B 122 -18.49 -2.49 -18.68
C LEU B 122 -19.96 -2.09 -18.63
N ARG B 123 -20.77 -2.65 -19.52
CA ARG B 123 -22.19 -2.30 -19.58
C ARG B 123 -23.02 -3.04 -18.53
N ASN B 124 -22.47 -4.08 -17.91
CA ASN B 124 -23.18 -4.79 -16.85
C ASN B 124 -23.00 -4.16 -15.48
N GLN B 125 -22.10 -3.18 -15.36
CA GLN B 125 -21.78 -2.59 -14.08
C GLN B 125 -22.86 -1.60 -13.65
N SER B 126 -23.01 -1.44 -12.33
CA SER B 126 -23.93 -0.46 -11.77
C SER B 126 -23.33 0.94 -11.85
N VAL B 127 -24.18 1.95 -11.60
CA VAL B 127 -23.77 3.32 -11.81
C VAL B 127 -22.71 3.76 -10.79
N ASP B 128 -22.68 3.11 -9.62
CA ASP B 128 -21.71 3.44 -8.58
C ASP B 128 -20.68 2.33 -8.39
N SER B 129 -20.31 1.65 -9.48
CA SER B 129 -19.31 0.59 -9.40
C SER B 129 -17.93 1.20 -9.21
N SER B 130 -17.17 0.66 -8.25
CA SER B 130 -15.82 1.14 -8.02
C SER B 130 -14.91 0.83 -9.19
N THR B 131 -15.22 -0.21 -9.96
CA THR B 131 -14.41 -0.54 -11.13
C THR B 131 -14.75 0.36 -12.32
N LEU B 132 -16.04 0.62 -12.54
CA LEU B 132 -16.45 1.48 -13.65
C LEU B 132 -15.96 2.90 -13.46
N VAL B 133 -16.11 3.44 -12.25
CA VAL B 133 -15.68 4.81 -11.98
C VAL B 133 -14.16 4.93 -12.07
N SER B 134 -13.45 3.89 -11.63
CA SER B 134 -11.99 3.92 -11.68
C SER B 134 -11.49 4.00 -13.13
N LYS B 135 -12.02 3.14 -14.00
CA LYS B 135 -11.60 3.17 -15.40
C LYS B 135 -12.11 4.41 -16.12
N LEU B 136 -13.15 5.07 -15.61
CA LEU B 136 -13.57 6.34 -16.17
C LEU B 136 -12.67 7.47 -15.70
N GLU B 137 -12.22 7.42 -14.45
CA GLU B 137 -11.25 8.41 -13.96
C GLU B 137 -9.90 8.25 -14.64
N ASN B 138 -9.57 7.03 -15.08
CA ASN B 138 -8.31 6.81 -15.78
C ASN B 138 -8.28 7.53 -17.12
N LEU B 139 -9.45 7.75 -17.73
CA LEU B 139 -9.50 8.53 -18.97
C LEU B 139 -9.02 9.96 -18.73
N VAL B 140 -9.53 10.61 -17.67
CA VAL B 140 -9.16 11.99 -17.40
C VAL B 140 -7.76 12.08 -16.82
N SER B 141 -7.32 11.04 -16.10
CA SER B 141 -6.03 11.10 -15.42
C SER B 141 -4.87 10.80 -16.37
N PHE B 142 -5.06 9.89 -17.32
CA PHE B 142 -3.99 9.44 -18.20
C PHE B 142 -4.01 10.10 -19.58
N ALA B 143 -5.01 10.93 -19.86
CA ALA B 143 -5.11 11.54 -21.18
C ALA B 143 -3.84 12.35 -21.49
N PRO B 144 -3.37 12.36 -22.74
CA PRO B 144 -3.99 11.72 -23.91
C PRO B 144 -3.76 10.21 -24.01
N LEU B 145 -2.97 9.65 -23.10
CA LEU B 145 -2.71 8.22 -23.09
C LEU B 145 -3.83 7.49 -22.34
N TYR B 146 -3.69 6.18 -22.23
CA TYR B 146 -4.66 5.36 -21.50
C TYR B 146 -4.01 4.05 -21.12
N ASN B 147 -4.33 3.57 -19.92
CA ASN B 147 -3.68 2.37 -19.40
C ASN B 147 -4.19 1.08 -20.05
N VAL B 148 -5.34 1.14 -20.72
CA VAL B 148 -5.86 -0.05 -21.40
C VAL B 148 -5.16 -0.18 -22.76
N PRO B 149 -4.61 -1.34 -23.09
CA PRO B 149 -3.88 -1.48 -24.35
C PRO B 149 -4.82 -1.50 -25.55
N LYS B 150 -4.25 -1.15 -26.69
CA LYS B 150 -4.99 -1.14 -27.95
C LYS B 150 -4.90 -2.50 -28.62
N CYS B 151 -6.03 -2.95 -29.17
CA CYS B 151 -6.12 -4.23 -29.89
C CYS B 151 -5.66 -5.39 -29.01
N GLY B 152 -6.06 -5.36 -27.75
CA GLY B 152 -5.69 -6.40 -26.81
C GLY B 152 -6.26 -6.15 -25.43
N PRO B 153 -6.64 -7.22 -24.74
CA PRO B 153 -7.25 -7.06 -23.41
C PRO B 153 -6.22 -6.92 -22.29
N ASP B 154 -5.07 -7.58 -22.43
CA ASP B 154 -4.07 -7.62 -21.38
C ASP B 154 -2.71 -7.16 -21.91
N TYR B 155 -1.84 -6.78 -20.98
CA TYR B 155 -0.51 -6.29 -21.28
C TYR B 155 0.47 -6.80 -20.24
N TYR B 156 1.62 -7.27 -20.69
CA TYR B 156 2.63 -7.83 -19.79
C TYR B 156 4.02 -7.30 -20.13
N GLY B 157 4.10 -6.07 -20.63
CA GLY B 157 5.36 -5.45 -20.93
C GLY B 157 5.85 -4.60 -19.78
N PRO B 158 6.99 -3.92 -19.98
CA PRO B 158 7.57 -3.12 -18.88
C PRO B 158 6.86 -1.81 -18.60
N THR B 159 5.95 -1.37 -19.46
CA THR B 159 5.29 -0.09 -19.29
C THR B 159 4.23 -0.22 -18.19
N VAL B 160 4.46 0.43 -17.05
CA VAL B 160 3.54 0.44 -15.93
C VAL B 160 2.93 1.83 -15.84
N TYR B 161 1.62 1.92 -16.11
CA TYR B 161 0.97 3.23 -16.16
C TYR B 161 0.81 3.84 -14.78
N SER B 162 0.71 3.02 -13.73
CA SER B 162 0.58 3.55 -12.38
C SER B 162 1.86 4.24 -11.92
N GLU B 163 3.01 3.93 -12.53
CA GLU B 163 4.24 4.61 -12.18
C GLU B 163 4.28 6.03 -12.70
N LEU B 164 3.45 6.36 -13.71
CA LEU B 164 3.36 7.74 -14.18
C LEU B 164 2.72 8.66 -13.15
N LEU B 165 1.95 8.10 -12.21
CA LEU B 165 1.31 8.88 -11.17
C LEU B 165 2.09 8.88 -9.86
N SER B 166 3.16 8.10 -9.77
CA SER B 166 3.91 7.96 -8.53
C SER B 166 5.04 8.99 -8.47
N LEU B 167 5.06 9.77 -7.39
CA LEU B 167 6.14 10.73 -7.18
C LEU B 167 7.46 10.05 -6.85
N ALA B 168 7.41 8.81 -6.35
CA ALA B 168 8.65 8.11 -6.00
C ALA B 168 9.45 7.75 -7.25
N THR B 169 8.77 7.37 -8.33
CA THR B 169 9.42 7.03 -9.58
C THR B 169 9.62 8.24 -10.49
N ASN B 170 9.57 9.45 -9.93
CA ASN B 170 9.72 10.69 -10.70
C ASN B 170 8.66 10.83 -11.79
N ALA B 171 7.52 10.17 -11.59
CA ALA B 171 6.40 10.20 -12.53
C ALA B 171 6.84 9.77 -13.94
N ARG B 172 7.52 8.63 -14.01
CA ARG B 172 8.02 8.10 -15.26
C ARG B 172 7.85 6.59 -15.29
N THR B 173 7.88 6.03 -16.49
CA THR B 173 7.82 4.59 -16.70
C THR B 173 8.51 4.26 -18.01
N HIS B 174 8.80 2.98 -18.20
CA HIS B 174 9.54 2.54 -19.38
C HIS B 174 8.63 2.51 -20.61
N TRP B 175 9.28 2.55 -21.79
CA TRP B 175 8.55 2.71 -23.04
C TRP B 175 9.39 2.08 -24.15
N TYR B 176 9.19 0.78 -24.37
CA TYR B 176 9.86 0.04 -25.44
C TYR B 176 8.83 -0.21 -26.54
N ALA B 177 8.74 0.74 -27.47
CA ALA B 177 7.72 0.66 -28.51
C ALA B 177 7.99 -0.50 -29.47
N THR B 178 9.24 -0.70 -29.87
CA THR B 178 9.56 -1.75 -30.82
C THR B 178 9.36 -3.13 -30.21
N ILE B 179 9.79 -3.32 -28.96
CA ILE B 179 9.67 -4.62 -28.31
C ILE B 179 8.20 -4.98 -28.10
N ASP B 180 7.40 -4.03 -27.62
CA ASP B 180 6.01 -4.32 -27.29
C ASP B 180 5.18 -4.58 -28.55
N TYR B 181 5.48 -3.87 -29.65
CA TYR B 181 4.75 -4.11 -30.88
C TYR B 181 5.13 -5.43 -31.52
N SER B 182 6.38 -5.88 -31.32
CA SER B 182 6.78 -7.19 -31.80
C SER B 182 6.04 -8.29 -31.06
N MET B 183 5.97 -8.18 -29.73
CA MET B 183 5.17 -9.12 -28.95
C MET B 183 3.69 -9.01 -29.33
N PHE B 184 3.23 -7.82 -29.68
CA PHE B 184 1.88 -7.67 -30.20
C PHE B 184 1.72 -8.34 -31.56
N THR B 185 2.78 -8.31 -32.39
CA THR B 185 2.71 -8.95 -33.70
C THR B 185 2.69 -10.47 -33.57
N ARG B 186 3.56 -11.03 -32.72
CA ARG B 186 3.56 -12.46 -32.48
C ARG B 186 2.20 -12.94 -31.98
N SER B 187 1.54 -12.11 -31.18
CA SER B 187 0.24 -12.48 -30.64
C SER B 187 -0.86 -12.36 -31.69
N VAL B 188 -0.74 -11.39 -32.61
CA VAL B 188 -1.76 -11.22 -33.64
C VAL B 188 -1.65 -12.33 -34.68
N LEU B 189 -0.42 -12.72 -35.04
CA LEU B 189 -0.24 -13.82 -35.98
C LEU B 189 -0.83 -15.11 -35.41
N THR B 190 -0.62 -15.36 -34.12
CA THR B 190 -1.20 -16.54 -33.49
C THR B 190 -2.72 -16.48 -33.50
N GLY B 191 -3.29 -15.31 -33.19
CA GLY B 191 -4.73 -15.17 -33.18
C GLY B 191 -5.35 -15.33 -34.55
N PHE B 192 -4.63 -14.95 -35.60
CA PHE B 192 -5.14 -15.13 -36.96
C PHE B 192 -5.21 -16.62 -37.31
N VAL B 193 -4.17 -17.37 -36.97
CA VAL B 193 -4.19 -18.82 -37.18
C VAL B 193 -5.29 -19.46 -36.34
N ALA B 194 -5.47 -18.96 -35.11
CA ALA B 194 -6.58 -19.43 -34.29
C ALA B 194 -7.92 -19.12 -34.95
N LYS B 195 -8.04 -17.95 -35.58
CA LYS B 195 -9.25 -17.65 -36.34
C LYS B 195 -9.33 -18.49 -37.60
N TYR B 196 -8.19 -18.79 -38.21
CA TYR B 196 -8.18 -19.66 -39.40
C TYR B 196 -8.67 -21.06 -39.05
N PHE B 197 -8.24 -21.60 -37.91
CA PHE B 197 -8.69 -22.93 -37.50
C PHE B 197 -10.18 -22.95 -37.21
N ASN B 198 -10.71 -21.86 -36.65
CA ASN B 198 -12.14 -21.82 -36.34
C ASN B 198 -12.98 -21.67 -37.60
N GLU B 199 -12.47 -20.95 -38.61
CA GLU B 199 -13.23 -20.77 -39.84
C GLU B 199 -13.23 -22.03 -40.69
N GLU B 200 -12.10 -22.73 -40.76
CA GLU B 200 -11.99 -23.96 -41.53
C GLU B 200 -12.54 -25.18 -40.80
N ALA B 201 -13.06 -25.00 -39.58
CA ALA B 201 -13.60 -26.10 -38.78
C ALA B 201 -12.58 -27.21 -38.60
N VAL B 202 -11.32 -26.84 -38.41
CA VAL B 202 -10.26 -27.82 -38.20
C VAL B 202 -10.50 -28.55 -36.87
N PRO B 203 -10.34 -29.87 -36.81
CA PRO B 203 -10.50 -30.58 -35.54
C PRO B 203 -9.57 -30.03 -34.47
N ILE B 204 -9.99 -30.21 -33.21
CA ILE B 204 -9.27 -29.60 -32.09
C ILE B 204 -7.85 -30.15 -31.99
N ASP B 205 -7.70 -31.47 -32.12
CA ASP B 205 -6.38 -32.09 -31.99
C ASP B 205 -5.50 -31.82 -33.21
N LYS B 206 -6.08 -31.40 -34.33
CA LYS B 206 -5.32 -31.06 -35.51
C LYS B 206 -4.79 -29.63 -35.50
N ARG B 207 -5.19 -28.82 -34.53
CA ARG B 207 -4.80 -27.40 -34.48
C ARG B 207 -3.37 -27.29 -33.99
N ILE B 208 -2.44 -27.49 -34.92
CA ILE B 208 -1.01 -27.35 -34.67
C ILE B 208 -0.44 -26.40 -35.70
N VAL B 209 0.45 -25.51 -35.26
CA VAL B 209 1.06 -24.51 -36.13
C VAL B 209 2.57 -24.62 -36.02
N SER B 210 3.26 -24.54 -37.16
CA SER B 210 4.70 -24.64 -37.22
C SER B 210 5.30 -23.23 -37.23
N ILE B 211 6.16 -22.94 -36.26
CA ILE B 211 6.81 -21.64 -36.13
C ILE B 211 8.18 -21.78 -36.76
N VAL B 212 8.35 -21.23 -37.97
CA VAL B 212 9.63 -21.29 -38.65
C VAL B 212 10.66 -20.45 -37.92
N GLY B 213 11.81 -21.04 -37.64
CA GLY B 213 12.83 -20.36 -36.86
C GLY B 213 12.47 -20.32 -35.38
N TYR B 214 13.48 -20.28 -34.51
CA TYR B 214 13.21 -20.29 -33.08
C TYR B 214 12.63 -18.95 -32.64
N ASN B 215 11.54 -19.00 -31.88
CA ASN B 215 10.87 -17.81 -31.38
C ASN B 215 10.20 -18.19 -30.07
N PRO B 216 10.85 -17.91 -28.94
CA PRO B 216 10.35 -18.42 -27.64
C PRO B 216 8.92 -18.02 -27.34
N PRO B 217 8.53 -16.74 -27.46
CA PRO B 217 7.19 -16.35 -26.96
C PRO B 217 6.02 -17.04 -27.65
N TYR B 218 6.25 -17.71 -28.79
CA TYR B 218 5.14 -18.36 -29.48
C TYR B 218 4.59 -19.55 -28.72
N VAL B 219 5.38 -20.17 -27.84
CA VAL B 219 4.84 -21.23 -26.98
C VAL B 219 3.73 -20.68 -26.09
N TRP B 220 3.92 -19.46 -25.57
CA TRP B 220 2.92 -18.86 -24.71
C TRP B 220 1.70 -18.41 -25.52
N THR B 221 1.94 -17.76 -26.66
CA THR B 221 0.83 -17.22 -27.45
C THR B 221 -0.03 -18.33 -28.02
N CYS B 222 0.59 -19.44 -28.45
CA CYS B 222 -0.19 -20.55 -28.99
C CYS B 222 -1.07 -21.18 -27.92
N LEU B 223 -0.54 -21.34 -26.71
CA LEU B 223 -1.35 -21.87 -25.62
C LEU B 223 -2.41 -20.89 -25.14
N ARG B 224 -2.28 -19.61 -25.50
CA ARG B 224 -3.32 -18.63 -25.18
C ARG B 224 -4.51 -18.72 -26.13
N HIS B 225 -4.32 -19.33 -27.31
CA HIS B 225 -5.37 -19.41 -28.32
C HIS B 225 -5.84 -20.83 -28.57
N GLY B 226 -5.43 -21.80 -27.75
CA GLY B 226 -5.91 -23.15 -27.90
C GLY B 226 -5.28 -23.96 -29.01
N ILE B 227 -4.05 -23.63 -29.39
CA ILE B 227 -3.34 -24.36 -30.45
C ILE B 227 -1.99 -24.78 -29.92
N ARG B 228 -1.47 -25.89 -30.46
CA ARG B 228 -0.18 -26.41 -30.01
C ARG B 228 0.92 -25.95 -30.95
N PRO B 229 2.01 -25.40 -30.43
CA PRO B 229 3.10 -24.94 -31.29
C PRO B 229 4.13 -26.03 -31.56
N THR B 230 4.91 -25.81 -32.62
CA THR B 230 6.03 -26.66 -32.95
C THR B 230 7.03 -25.85 -33.76
N TYR B 231 8.32 -26.01 -33.45
CA TYR B 231 9.37 -25.25 -34.09
C TYR B 231 10.05 -26.06 -35.18
N ILE B 232 10.52 -25.36 -36.21
CA ILE B 232 11.31 -25.96 -37.28
C ILE B 232 12.45 -25.00 -37.60
N GLU B 233 13.66 -25.33 -37.15
CA GLU B 233 14.82 -24.46 -37.30
C GLU B 233 15.74 -25.00 -38.39
N LYS B 234 16.43 -24.07 -39.06
CA LYS B 234 17.35 -24.44 -40.12
C LYS B 234 18.53 -25.25 -39.57
N SER B 235 19.21 -24.72 -38.56
CA SER B 235 20.35 -25.38 -37.94
C SER B 235 20.24 -25.23 -36.43
N LEU B 236 20.06 -26.36 -35.74
CA LEU B 236 20.00 -26.34 -34.28
C LEU B 236 21.35 -26.79 -33.74
N PRO B 237 22.09 -25.92 -33.06
CA PRO B 237 23.42 -26.31 -32.58
C PRO B 237 23.35 -27.38 -31.50
N ASN B 238 24.45 -28.10 -31.35
CA ASN B 238 24.53 -29.15 -30.34
C ASN B 238 24.47 -28.53 -28.94
N PRO B 239 23.58 -29.01 -28.06
CA PRO B 239 23.49 -28.40 -26.73
C PRO B 239 24.75 -28.57 -25.89
N GLY B 240 25.48 -29.67 -26.07
CA GLY B 240 26.71 -29.89 -25.35
C GLY B 240 26.60 -30.72 -24.09
N GLY B 241 25.50 -31.47 -23.92
CA GLY B 241 25.31 -32.31 -22.77
C GLY B 241 25.47 -33.78 -23.09
N LYS B 242 24.87 -34.61 -22.24
CA LYS B 242 24.89 -36.06 -22.41
C LYS B 242 23.49 -36.56 -22.77
N GLY B 243 23.43 -37.83 -23.13
CA GLY B 243 22.19 -38.45 -23.54
C GLY B 243 22.08 -38.59 -25.04
N PRO B 244 20.99 -39.19 -25.52
CA PRO B 244 20.83 -39.34 -26.98
C PRO B 244 20.79 -38.02 -27.73
N PHE B 245 20.14 -37.00 -27.16
CA PHE B 245 20.07 -35.68 -27.77
C PHE B 245 21.00 -34.69 -27.09
N GLY B 246 21.82 -35.13 -26.14
CA GLY B 246 22.78 -34.27 -25.48
C GLY B 246 22.16 -33.13 -24.71
N LEU B 247 21.11 -33.42 -23.94
CA LEU B 247 20.37 -32.41 -23.20
C LEU B 247 20.59 -32.47 -21.69
N ILE B 248 21.36 -33.44 -21.20
CA ILE B 248 21.65 -33.56 -19.78
C ILE B 248 22.85 -32.66 -19.47
N LEU B 249 22.60 -31.59 -18.71
CA LEU B 249 23.59 -30.59 -18.34
C LEU B 249 24.22 -29.98 -19.59
N PRO B 250 23.51 -29.10 -20.30
CA PRO B 250 24.07 -28.48 -21.50
C PRO B 250 25.05 -27.36 -21.17
N VAL B 251 25.86 -27.02 -22.17
CA VAL B 251 26.84 -25.96 -22.01
C VAL B 251 26.15 -24.61 -22.00
N ILE B 252 26.61 -23.72 -21.12
CA ILE B 252 26.02 -22.38 -21.01
C ILE B 252 27.00 -21.33 -21.54
N GLN B 269 3.61 -13.94 -13.62
CA GLN B 269 3.30 -15.34 -13.33
C GLN B 269 3.86 -16.25 -14.42
N ILE B 270 4.77 -15.70 -15.24
CA ILE B 270 5.46 -16.50 -16.25
C ILE B 270 6.43 -17.49 -15.63
N LYS B 271 6.71 -17.36 -14.34
CA LYS B 271 7.57 -18.31 -13.65
C LYS B 271 7.05 -19.74 -13.77
N LEU B 272 5.72 -19.90 -13.81
CA LEU B 272 5.10 -21.21 -13.97
C LEU B 272 4.62 -21.48 -15.39
N LEU B 273 4.19 -20.45 -16.11
CA LEU B 273 3.70 -20.64 -17.47
C LEU B 273 4.79 -21.07 -18.44
N CYS B 274 6.06 -20.76 -18.12
CA CYS B 274 7.15 -21.17 -19.01
C CYS B 274 7.20 -22.69 -19.17
N LEU B 275 7.08 -23.41 -18.05
CA LEU B 275 7.13 -24.87 -18.10
C LEU B 275 5.80 -25.46 -18.54
N ASP B 276 4.69 -24.94 -18.00
CA ASP B 276 3.39 -25.56 -18.23
C ASP B 276 2.95 -25.44 -19.69
N THR B 277 3.16 -24.28 -20.30
CA THR B 277 2.79 -24.12 -21.71
C THR B 277 3.59 -25.05 -22.61
N PHE B 278 4.84 -25.30 -22.27
CA PHE B 278 5.64 -26.24 -23.07
C PHE B 278 5.15 -27.67 -22.88
N MET B 279 4.80 -28.05 -21.64
CA MET B 279 4.31 -29.40 -21.40
C MET B 279 2.90 -29.59 -21.96
N LEU B 280 2.12 -28.51 -22.03
CA LEU B 280 0.79 -28.58 -22.65
C LEU B 280 0.86 -28.69 -24.16
N SER B 281 2.04 -28.52 -24.75
CA SER B 281 2.22 -28.69 -26.19
C SER B 281 2.58 -30.12 -26.58
N THR B 282 3.15 -30.89 -25.65
CA THR B 282 3.58 -32.25 -25.95
C THR B 282 2.41 -33.23 -26.02
N SER B 283 1.27 -32.88 -25.44
CA SER B 283 0.13 -33.80 -25.42
C SER B 283 -1.15 -33.03 -25.15
N MET B 284 -2.26 -33.57 -25.62
CA MET B 284 -3.59 -33.05 -25.31
C MET B 284 -4.13 -33.60 -23.99
N ASN B 285 -3.35 -34.43 -23.29
CA ASN B 285 -3.74 -34.98 -22.00
C ASN B 285 -2.59 -34.76 -21.02
N ILE B 286 -2.92 -34.31 -19.81
CA ILE B 286 -1.92 -33.89 -18.84
C ILE B 286 -2.26 -34.50 -17.49
N LEU B 287 -1.25 -35.10 -16.85
CA LEU B 287 -1.34 -35.54 -15.46
C LEU B 287 -0.56 -34.53 -14.62
N TYR B 288 -1.29 -33.64 -13.95
CA TYR B 288 -0.68 -32.54 -13.20
C TYR B 288 -0.70 -32.91 -11.71
N ILE B 289 0.47 -33.23 -11.18
CA ILE B 289 0.64 -33.57 -9.77
C ILE B 289 1.11 -32.33 -9.03
N GLY B 290 0.40 -31.99 -7.94
CA GLY B 290 0.69 -30.77 -7.22
C GLY B 290 0.22 -29.55 -7.99
N ALA B 291 -1.05 -29.56 -8.38
CA ALA B 291 -1.57 -28.52 -9.27
C ALA B 291 -1.96 -27.25 -8.50
N TYR B 292 -2.63 -27.41 -7.35
CA TYR B 292 -3.15 -26.26 -6.63
C TYR B 292 -2.03 -25.28 -6.31
N PRO B 293 -2.22 -23.97 -6.55
CA PRO B 293 -3.47 -23.40 -7.07
C PRO B 293 -3.60 -23.45 -8.59
N ALA B 294 -2.48 -23.43 -9.31
CA ALA B 294 -2.46 -23.40 -10.77
C ALA B 294 -3.25 -22.22 -11.31
N THR B 295 -3.07 -21.05 -10.69
CA THR B 295 -3.79 -19.86 -11.12
C THR B 295 -3.35 -19.39 -12.51
N HIS B 296 -2.11 -19.67 -12.89
CA HIS B 296 -1.60 -19.20 -14.16
C HIS B 296 -2.34 -19.82 -15.34
N LEU B 297 -2.89 -21.02 -15.16
CA LEU B 297 -3.61 -21.67 -16.25
C LEU B 297 -4.97 -21.05 -16.52
N LEU B 298 -5.49 -20.22 -15.62
CA LEU B 298 -6.84 -19.68 -15.76
C LEU B 298 -6.98 -18.74 -16.95
N SER B 299 -5.89 -18.13 -17.42
CA SER B 299 -5.92 -17.21 -18.55
C SER B 299 -5.51 -17.86 -19.85
N LEU B 300 -5.75 -19.17 -19.98
CA LEU B 300 -5.39 -19.92 -21.18
C LEU B 300 -6.62 -20.59 -21.77
N GLN B 301 -6.74 -20.55 -23.09
CA GLN B 301 -7.78 -21.28 -23.79
C GLN B 301 -7.30 -22.72 -23.99
N LEU B 302 -7.80 -23.63 -23.15
CA LEU B 302 -7.42 -25.04 -23.22
C LEU B 302 -8.59 -25.92 -23.65
N ASN B 303 -9.34 -25.46 -24.65
CA ASN B 303 -10.46 -26.22 -25.17
C ASN B 303 -9.94 -27.40 -25.99
N GLY B 304 -10.20 -28.62 -25.52
CA GLY B 304 -9.72 -29.83 -26.14
C GLY B 304 -8.71 -30.59 -25.30
N TRP B 305 -8.22 -30.00 -24.22
CA TRP B 305 -7.29 -30.67 -23.32
C TRP B 305 -8.03 -31.47 -22.26
N THR B 306 -7.31 -32.39 -21.63
CA THR B 306 -7.84 -33.22 -20.55
C THR B 306 -6.81 -33.23 -19.43
N ILE B 307 -7.11 -32.52 -18.34
CA ILE B 307 -6.18 -32.35 -17.23
C ILE B 307 -6.63 -33.22 -16.07
N LEU B 308 -5.72 -34.05 -15.56
CA LEU B 308 -5.94 -34.86 -14.37
C LEU B 308 -5.06 -34.29 -13.27
N ALA B 309 -5.67 -33.51 -12.38
CA ALA B 309 -4.95 -32.77 -11.35
C ALA B 309 -4.94 -33.55 -10.04
N PHE B 310 -3.75 -33.68 -9.44
CA PHE B 310 -3.57 -34.39 -8.18
C PHE B 310 -2.96 -33.43 -7.17
N ASP B 311 -3.70 -33.13 -6.10
CA ASP B 311 -3.22 -32.30 -5.00
C ASP B 311 -4.22 -32.37 -3.86
N PRO B 312 -3.76 -32.46 -2.61
CA PRO B 312 -4.71 -32.50 -1.48
C PRO B 312 -5.56 -31.25 -1.35
N LYS B 313 -5.02 -30.08 -1.70
CA LYS B 313 -5.74 -28.82 -1.53
C LYS B 313 -6.85 -28.62 -2.57
N ILE B 314 -7.05 -29.58 -3.48
CA ILE B 314 -8.07 -29.41 -4.51
C ILE B 314 -9.45 -29.54 -3.89
N THR B 315 -10.32 -28.58 -4.17
CA THR B 315 -11.68 -28.55 -3.68
C THR B 315 -12.66 -28.81 -4.82
N SER B 316 -13.95 -28.71 -4.51
CA SER B 316 -14.99 -28.93 -5.52
C SER B 316 -15.11 -27.73 -6.46
N ASP B 317 -14.96 -26.51 -5.92
CA ASP B 317 -15.10 -25.32 -6.75
C ASP B 317 -13.88 -25.10 -7.64
N TRP B 318 -12.71 -25.56 -7.19
CA TRP B 318 -11.49 -25.37 -7.98
C TRP B 318 -11.57 -26.09 -9.32
N THR B 319 -12.21 -27.26 -9.34
CA THR B 319 -12.37 -28.00 -10.58
C THR B 319 -13.31 -27.28 -11.54
N ASP B 320 -14.42 -26.76 -11.02
CA ASP B 320 -15.36 -26.03 -11.86
C ASP B 320 -14.80 -24.68 -12.31
N ALA B 321 -13.98 -24.05 -11.47
CA ALA B 321 -13.41 -22.76 -11.84
C ALA B 321 -12.38 -22.90 -12.95
N MET B 322 -11.57 -23.97 -12.89
CA MET B 322 -10.57 -24.18 -13.94
C MET B 322 -11.22 -24.57 -15.25
N ALA B 323 -12.27 -25.38 -15.20
CA ALA B 323 -12.93 -25.82 -16.43
C ALA B 323 -13.69 -24.69 -17.11
N LYS B 324 -14.24 -23.77 -16.33
CA LYS B 324 -14.99 -22.66 -16.92
C LYS B 324 -14.06 -21.61 -17.52
N ALA B 325 -12.92 -21.35 -16.87
CA ALA B 325 -12.01 -20.32 -17.35
C ALA B 325 -11.19 -20.78 -18.54
N THR B 326 -10.97 -22.09 -18.69
CA THR B 326 -10.13 -22.61 -19.75
C THR B 326 -10.88 -23.43 -20.79
N GLY B 327 -12.05 -23.97 -20.44
CA GLY B 327 -12.79 -24.81 -21.36
C GLY B 327 -12.31 -26.23 -21.45
N ALA B 328 -11.37 -26.63 -20.59
CA ALA B 328 -10.81 -27.98 -20.62
C ALA B 328 -11.68 -28.93 -19.80
N LYS B 329 -11.44 -30.22 -20.00
CA LYS B 329 -12.11 -31.27 -19.23
C LYS B 329 -11.22 -31.63 -18.05
N VAL B 330 -11.53 -31.06 -16.89
CA VAL B 330 -10.68 -31.17 -15.70
C VAL B 330 -11.31 -32.18 -14.74
N ILE B 331 -10.52 -33.18 -14.33
CA ILE B 331 -10.91 -34.13 -13.30
C ILE B 331 -9.94 -33.92 -12.15
N GLY B 332 -10.37 -33.17 -11.13
CA GLY B 332 -9.51 -32.87 -10.01
C GLY B 332 -9.65 -33.83 -8.86
N VAL B 333 -8.54 -34.44 -8.45
CA VAL B 333 -8.52 -35.41 -7.35
C VAL B 333 -8.05 -34.68 -6.09
N SER B 334 -8.85 -34.79 -5.03
CA SER B 334 -8.53 -34.16 -3.74
C SER B 334 -7.68 -35.06 -2.85
N LYS B 335 -6.77 -35.83 -3.43
CA LYS B 335 -5.93 -36.76 -2.70
C LYS B 335 -4.48 -36.60 -3.12
N GLU B 336 -3.59 -37.27 -2.40
CA GLU B 336 -2.16 -37.24 -2.71
C GLU B 336 -1.82 -38.27 -3.79
N PHE B 339 0.63 -41.80 -6.52
CA PHE B 339 1.48 -42.89 -6.07
C PHE B 339 0.70 -43.88 -5.20
N LYS B 340 -0.41 -44.37 -5.74
CA LYS B 340 -1.22 -45.33 -5.01
C LYS B 340 -0.79 -46.78 -5.26
N SER B 341 -0.19 -47.04 -6.42
CA SER B 341 0.31 -48.37 -6.76
C SER B 341 1.24 -48.24 -7.95
N PHE B 342 1.78 -49.38 -8.39
CA PHE B 342 2.56 -49.42 -9.63
C PHE B 342 1.74 -50.10 -10.71
N SER B 343 0.51 -49.62 -10.92
CA SER B 343 -0.42 -50.25 -11.85
C SER B 343 -1.10 -49.19 -12.68
N VAL B 344 -1.68 -49.63 -13.81
CA VAL B 344 -2.46 -48.75 -14.68
C VAL B 344 -3.83 -48.46 -14.12
N GLN B 345 -4.25 -49.17 -13.06
CA GLN B 345 -5.55 -48.96 -12.43
C GLN B 345 -5.48 -48.03 -11.23
N ALA B 346 -4.29 -47.52 -10.90
CA ALA B 346 -4.11 -46.61 -9.79
C ALA B 346 -4.05 -45.16 -10.30
N ASN B 347 -4.49 -44.23 -9.47
CA ASN B 347 -4.53 -42.81 -9.77
C ASN B 347 -5.40 -42.50 -11.00
N GLN B 348 -6.36 -43.38 -11.30
CA GLN B 348 -7.31 -43.19 -12.39
C GLN B 348 -6.63 -43.00 -13.74
N LEU B 349 -5.49 -43.66 -13.94
CA LEU B 349 -4.81 -43.61 -15.23
C LEU B 349 -5.50 -44.44 -16.30
N ASN B 350 -6.62 -45.08 -15.97
CA ASN B 350 -7.34 -45.90 -16.95
C ASN B 350 -8.02 -45.06 -18.02
N MET B 351 -8.22 -43.76 -17.79
CA MET B 351 -8.86 -42.90 -18.78
C MET B 351 -7.94 -42.54 -19.93
N PHE B 352 -6.65 -42.86 -19.84
CA PHE B 352 -5.68 -42.63 -20.92
C PHE B 352 -5.20 -43.95 -21.50
N GLN B 353 -6.10 -44.94 -21.59
CA GLN B 353 -5.71 -46.28 -21.99
C GLN B 353 -5.23 -46.37 -23.43
N ASN B 354 -5.65 -45.45 -24.29
CA ASN B 354 -5.27 -45.47 -25.71
C ASN B 354 -5.04 -44.05 -26.20
N SER B 355 -4.25 -43.28 -25.45
CA SER B 355 -3.98 -41.89 -25.78
C SER B 355 -2.57 -41.53 -25.37
N LYS B 356 -2.09 -40.40 -25.88
CA LYS B 356 -0.82 -39.85 -25.46
C LYS B 356 -1.00 -39.07 -24.16
N LEU B 357 0.04 -39.09 -23.33
CA LEU B 357 -0.05 -38.48 -22.01
C LEU B 357 1.30 -37.90 -21.62
N SER B 358 1.25 -36.79 -20.89
CA SER B 358 2.42 -36.18 -20.28
C SER B 358 2.11 -35.86 -18.82
N VAL B 359 3.15 -35.87 -17.99
CA VAL B 359 3.01 -35.68 -16.55
C VAL B 359 3.81 -34.47 -16.13
N ILE B 360 3.19 -33.59 -15.35
CA ILE B 360 3.84 -32.40 -14.81
C ILE B 360 3.89 -32.57 -13.29
N ASP B 361 5.10 -32.73 -12.76
CA ASP B 361 5.32 -32.95 -11.33
C ASP B 361 5.87 -31.66 -10.72
N ASP B 362 5.18 -31.13 -9.73
CA ASP B 362 5.62 -29.92 -9.03
C ASP B 362 5.50 -30.10 -7.52
N GLU B 370 15.61 -35.72 -0.71
CA GLU B 370 16.43 -36.81 -1.24
C GLU B 370 15.65 -38.12 -1.23
N LYS B 371 15.03 -38.45 -0.10
CA LYS B 371 14.25 -39.67 -0.01
C LYS B 371 12.97 -39.56 -0.83
N PHE B 372 12.35 -38.38 -0.87
CA PHE B 372 11.13 -38.20 -1.65
C PHE B 372 11.41 -38.23 -3.14
N GLN B 373 12.62 -37.85 -3.55
CA GLN B 373 12.95 -37.86 -4.98
C GLN B 373 13.13 -39.28 -5.50
N SER B 374 13.75 -40.15 -4.70
CA SER B 374 13.95 -41.54 -5.13
C SER B 374 12.62 -42.27 -5.28
N GLU B 375 11.61 -41.89 -4.49
CA GLU B 375 10.29 -42.50 -4.63
C GLU B 375 9.65 -42.12 -5.95
N LYS B 376 9.64 -40.82 -6.28
CA LYS B 376 9.05 -40.36 -7.53
C LYS B 376 9.81 -40.91 -8.74
N GLN B 377 11.14 -40.96 -8.65
CA GLN B 377 11.94 -41.41 -9.79
C GLN B 377 11.63 -42.85 -10.16
N ALA B 378 11.40 -43.71 -9.16
CA ALA B 378 11.07 -45.10 -9.44
C ALA B 378 9.73 -45.22 -10.14
N TYR B 379 8.80 -44.30 -9.88
CA TYR B 379 7.50 -44.35 -10.52
C TYR B 379 7.57 -43.82 -11.95
N PHE B 380 8.26 -42.69 -12.16
CA PHE B 380 8.35 -42.11 -13.49
C PHE B 380 9.20 -42.98 -14.42
N GLU B 381 10.19 -43.68 -13.87
CA GLU B 381 10.96 -44.61 -14.69
C GLU B 381 10.13 -45.81 -15.11
N TRP B 382 9.10 -46.15 -14.33
CA TRP B 382 8.15 -47.19 -14.72
C TRP B 382 6.99 -46.63 -15.53
N LEU B 383 6.57 -45.40 -15.25
CA LEU B 383 5.48 -44.78 -15.99
C LEU B 383 5.87 -44.45 -17.42
N ILE B 384 7.17 -44.40 -17.73
CA ILE B 384 7.61 -44.12 -19.09
C ILE B 384 7.68 -45.39 -19.93
N ASP B 385 7.86 -46.55 -19.31
CA ASP B 385 7.88 -47.83 -20.02
C ASP B 385 6.49 -48.46 -19.96
N ARG B 386 5.57 -47.87 -20.72
CA ARG B 386 4.18 -48.28 -20.74
C ARG B 386 3.77 -48.54 -22.18
N THR B 387 3.51 -49.82 -22.50
CA THR B 387 2.95 -50.16 -23.80
C THR B 387 1.46 -49.83 -23.88
N SER B 388 0.81 -49.57 -22.75
CA SER B 388 -0.61 -49.23 -22.76
C SER B 388 -0.82 -47.75 -23.05
N ILE B 389 -0.11 -46.88 -22.33
CA ILE B 389 -0.24 -45.43 -22.49
C ILE B 389 0.99 -44.90 -23.21
N ASP B 390 0.77 -44.06 -24.22
CA ASP B 390 1.84 -43.43 -24.97
C ASP B 390 2.32 -42.20 -24.19
N VAL B 391 3.04 -42.47 -23.10
CA VAL B 391 3.56 -41.40 -22.25
C VAL B 391 4.66 -40.65 -22.99
N ARG B 392 4.43 -39.38 -23.28
CA ARG B 392 5.37 -38.60 -24.09
C ARG B 392 6.51 -38.06 -23.23
N LEU B 393 6.21 -37.12 -22.34
CA LEU B 393 7.23 -36.43 -21.57
C LEU B 393 6.87 -36.38 -20.10
N ILE B 394 7.88 -36.57 -19.24
CA ILE B 394 7.74 -36.49 -17.80
C ILE B 394 8.65 -35.38 -17.29
N SER B 395 8.11 -34.49 -16.48
CA SER B 395 8.87 -33.35 -15.93
C SER B 395 8.89 -33.47 -14.41
N MET B 396 10.07 -33.69 -13.86
CA MET B 396 10.27 -33.81 -12.42
C MET B 396 11.13 -32.66 -11.92
N LYS B 397 10.86 -32.22 -10.69
CA LYS B 397 11.62 -31.13 -10.09
C LYS B 397 12.88 -31.64 -9.41
N LYS B 402 23.35 -36.42 -3.51
CA LYS B 402 23.99 -37.71 -3.65
C LYS B 402 24.00 -38.17 -5.10
N ASP B 403 24.89 -39.09 -5.44
CA ASP B 403 24.94 -39.67 -6.77
C ASP B 403 23.79 -40.64 -6.96
N THR B 404 23.20 -40.63 -8.16
CA THR B 404 22.07 -41.51 -8.45
C THR B 404 22.04 -41.79 -9.94
N SER B 405 21.70 -43.03 -10.29
CA SER B 405 21.55 -43.44 -11.69
C SER B 405 20.11 -43.25 -12.13
N VAL B 406 19.93 -42.72 -13.33
CA VAL B 406 18.61 -42.42 -13.88
C VAL B 406 18.45 -43.19 -15.18
N SER B 407 17.31 -43.87 -15.35
CA SER B 407 16.99 -44.59 -16.56
C SER B 407 15.91 -43.84 -17.32
N HIS B 408 16.02 -43.85 -18.65
CA HIS B 408 15.09 -43.15 -19.54
C HIS B 408 15.05 -41.65 -19.22
N LEU B 409 16.23 -41.04 -19.25
CA LEU B 409 16.40 -39.61 -18.98
C LEU B 409 16.82 -38.92 -20.27
N LEU B 410 16.05 -37.91 -20.67
CA LEU B 410 16.33 -37.16 -21.89
C LEU B 410 17.01 -35.82 -21.64
N ALA B 411 16.62 -35.11 -20.59
CA ALA B 411 17.16 -33.78 -20.34
C ALA B 411 17.23 -33.52 -18.84
N LEU B 412 18.21 -32.70 -18.45
CA LEU B 412 18.35 -32.22 -17.07
C LEU B 412 18.75 -30.74 -17.16
N LEU B 413 17.75 -29.87 -17.10
CA LEU B 413 18.00 -28.44 -17.29
C LEU B 413 17.87 -27.68 -15.98
N MET B 424 16.88 -28.04 -10.01
CA MET B 424 16.84 -28.29 -11.45
C MET B 424 15.58 -29.06 -11.84
N ARG B 425 15.41 -29.30 -13.14
CA ARG B 425 14.27 -30.04 -13.66
C ARG B 425 14.79 -31.18 -14.54
N ALA B 426 14.24 -32.37 -14.34
CA ALA B 426 14.61 -33.55 -15.10
C ALA B 426 13.48 -33.91 -16.06
N PHE B 427 13.85 -34.33 -17.27
CA PHE B 427 12.91 -34.68 -18.32
C PHE B 427 13.09 -36.14 -18.69
N PHE B 428 12.04 -36.94 -18.52
CA PHE B 428 12.05 -38.35 -18.88
C PHE B 428 11.35 -38.55 -20.22
N HIS B 429 11.85 -39.49 -21.00
CA HIS B 429 11.29 -39.76 -22.33
C HIS B 429 11.58 -41.20 -22.72
N LYS B 430 10.75 -41.72 -23.62
CA LYS B 430 10.97 -43.07 -24.13
C LYS B 430 12.32 -43.19 -24.81
N LYS B 431 12.69 -42.19 -25.61
CA LYS B 431 13.96 -42.18 -26.34
C LYS B 431 15.09 -41.55 -25.52
N GLY B 432 14.97 -41.51 -24.20
CA GLY B 432 16.01 -40.97 -23.36
C GLY B 432 17.18 -41.92 -23.21
N ALA B 433 18.13 -41.52 -22.38
CA ALA B 433 19.30 -42.35 -22.10
C ALA B 433 18.87 -43.60 -21.34
N SER B 434 19.33 -44.77 -21.82
CA SER B 434 18.94 -46.03 -21.19
C SER B 434 19.36 -46.06 -19.72
N ASP B 435 20.56 -45.56 -19.41
CA ASP B 435 21.05 -45.49 -18.05
C ASP B 435 22.22 -44.53 -18.00
N ILE B 436 22.16 -43.54 -17.12
CA ILE B 436 23.21 -42.55 -16.97
C ILE B 436 23.38 -42.23 -15.49
N LYS B 437 24.62 -41.89 -15.11
CA LYS B 437 24.96 -41.61 -13.72
C LYS B 437 25.05 -40.10 -13.54
N ILE B 438 24.20 -39.56 -12.67
CA ILE B 438 24.14 -38.13 -12.39
C ILE B 438 25.00 -37.89 -11.15
N LEU B 439 26.21 -37.37 -11.36
CA LEU B 439 27.12 -37.12 -10.25
C LEU B 439 26.72 -35.84 -9.52
N ALA B 440 26.75 -35.91 -8.18
CA ALA B 440 26.28 -34.78 -7.37
C ALA B 440 27.27 -33.62 -7.43
N ALA B 441 28.57 -33.92 -7.39
CA ALA B 441 29.57 -32.85 -7.42
C ALA B 441 29.59 -32.11 -8.74
N GLU B 442 29.06 -32.70 -9.80
CA GLU B 442 29.02 -32.05 -11.11
C GLU B 442 27.75 -31.23 -11.31
N THR B 443 26.66 -31.60 -10.63
CA THR B 443 25.40 -30.85 -10.74
C THR B 443 25.32 -29.70 -9.77
N GLU B 444 26.09 -29.71 -8.68
CA GLU B 444 26.10 -28.58 -7.77
C GLU B 444 26.97 -27.45 -8.32
N LYS B 445 28.16 -27.76 -8.84
CA LYS B 445 28.98 -26.75 -9.47
C LYS B 445 28.30 -26.18 -10.71
N TYR B 446 27.45 -26.99 -11.37
CA TYR B 446 26.69 -26.49 -12.50
C TYR B 446 25.56 -25.57 -12.04
N MET B 447 24.84 -25.95 -10.99
CA MET B 447 23.71 -25.17 -10.52
C MET B 447 24.16 -23.93 -9.74
N ASP B 448 25.29 -24.01 -9.03
CA ASP B 448 25.80 -22.84 -8.33
C ASP B 448 26.42 -21.84 -9.31
N ASP B 449 26.98 -22.33 -10.42
CA ASP B 449 27.43 -21.42 -11.46
C ASP B 449 26.25 -20.82 -12.21
N PHE B 450 25.12 -21.53 -12.25
CA PHE B 450 23.93 -21.03 -12.94
C PHE B 450 23.41 -19.76 -12.27
N THR B 451 23.46 -19.70 -10.95
CA THR B 451 22.94 -18.53 -10.23
C THR B 451 23.76 -17.28 -10.54
N ALA B 452 25.04 -17.44 -10.88
CA ALA B 452 25.90 -16.28 -11.13
C ALA B 452 25.50 -15.56 -12.41
N MET B 453 24.92 -16.26 -13.38
CA MET B 453 24.55 -15.62 -14.63
C MET B 453 23.35 -14.69 -14.44
N SER B 454 23.19 -13.77 -15.39
CA SER B 454 22.15 -12.75 -15.28
C SER B 454 20.76 -13.36 -15.43
N VAL B 455 19.76 -12.60 -14.99
CA VAL B 455 18.37 -13.03 -15.14
C VAL B 455 18.00 -13.13 -16.61
N SER B 456 18.59 -12.28 -17.45
CA SER B 456 18.38 -12.41 -18.88
C SER B 456 19.00 -13.71 -19.41
N ASP B 457 20.17 -14.08 -18.89
CA ASP B 457 20.80 -15.33 -19.29
C ASP B 457 20.12 -16.55 -18.67
N GLN B 458 19.43 -16.37 -17.55
CA GLN B 458 18.68 -17.48 -16.96
C GLN B 458 17.46 -17.81 -17.80
N ILE B 459 16.70 -16.80 -18.21
CA ILE B 459 15.56 -17.03 -19.08
C ILE B 459 16.03 -17.40 -20.49
N ASN B 460 17.24 -17.00 -20.86
CA ASN B 460 17.78 -17.32 -22.18
C ASN B 460 17.94 -18.82 -22.38
N THR B 461 18.21 -19.55 -21.30
CA THR B 461 18.47 -20.99 -21.39
C THR B 461 17.20 -21.83 -21.50
N GLN B 462 16.06 -21.22 -21.83
CA GLN B 462 14.84 -21.99 -22.05
C GLN B 462 14.79 -22.62 -23.44
N LYS B 463 15.79 -22.37 -24.29
CA LYS B 463 15.82 -22.99 -25.61
C LYS B 463 16.10 -24.48 -25.51
N PHE B 464 16.80 -24.91 -24.47
CA PHE B 464 17.02 -26.34 -24.26
C PHE B 464 15.71 -27.07 -24.00
N MET B 465 14.76 -26.39 -23.35
CA MET B 465 13.46 -27.02 -23.08
C MET B 465 12.66 -27.17 -24.37
N HIS B 466 12.58 -26.10 -25.16
CA HIS B 466 11.82 -26.13 -26.42
C HIS B 466 12.46 -27.02 -27.48
N CYS B 467 13.63 -27.58 -27.22
CA CYS B 467 14.25 -28.49 -28.19
C CYS B 467 13.43 -29.75 -28.39
N MET B 468 12.68 -30.16 -27.36
CA MET B 468 11.89 -31.38 -27.44
C MET B 468 10.63 -31.24 -28.27
N ILE B 469 10.29 -30.02 -28.71
CA ILE B 469 9.16 -29.82 -29.62
C ILE B 469 9.66 -29.06 -30.84
N THR B 470 10.88 -29.39 -31.28
CA THR B 470 11.51 -28.72 -32.41
C THR B 470 12.01 -29.76 -33.40
N THR B 471 11.62 -29.61 -34.67
CA THR B 471 12.07 -30.47 -35.74
C THR B 471 13.18 -29.77 -36.52
N VAL B 472 14.27 -30.49 -36.75
CA VAL B 472 15.42 -29.95 -37.46
C VAL B 472 15.28 -30.26 -38.95
N GLY B 473 15.60 -29.28 -39.78
CA GLY B 473 15.50 -29.44 -41.22
C GLY B 473 15.18 -28.10 -41.87
N ASP B 474 14.93 -28.16 -43.17
CA ASP B 474 14.61 -26.97 -43.95
C ASP B 474 13.10 -26.80 -44.03
N ALA B 475 12.62 -25.61 -43.66
CA ALA B 475 11.19 -25.35 -43.70
C ALA B 475 10.66 -25.23 -45.12
N LEU B 476 11.53 -24.97 -46.10
CA LEU B 476 11.10 -24.83 -47.48
C LEU B 476 10.76 -26.17 -48.13
N LYS B 477 11.12 -27.29 -47.50
CA LYS B 477 10.85 -28.62 -48.04
C LYS B 477 9.86 -29.40 -47.18
N MET B 478 9.12 -28.71 -46.30
CA MET B 478 8.19 -29.39 -45.43
C MET B 478 6.95 -29.85 -46.21
N ASP B 479 6.14 -30.68 -45.56
CA ASP B 479 4.92 -31.20 -46.15
C ASP B 479 3.77 -30.24 -45.86
N LEU B 480 3.11 -29.78 -46.92
CA LEU B 480 2.03 -28.80 -46.77
C LEU B 480 0.67 -29.46 -47.04
N ASP B 481 0.31 -30.46 -46.26
CA ASP B 481 -0.91 -31.22 -46.47
C ASP B 481 -2.08 -30.64 -45.67
N GLY B 482 -3.26 -30.68 -46.26
CA GLY B 482 -4.51 -30.37 -45.58
C GLY B 482 -4.56 -29.07 -44.83
N GLY B 483 -4.15 -27.97 -45.46
CA GLY B 483 -4.21 -26.67 -44.84
C GLY B 483 -3.40 -26.56 -43.57
N ARG B 484 -2.10 -26.83 -43.67
CA ARG B 484 -1.21 -26.80 -42.51
C ARG B 484 -0.85 -25.35 -42.19
N ALA B 485 -1.10 -24.95 -40.94
CA ALA B 485 -0.80 -23.60 -40.50
C ALA B 485 0.69 -23.49 -40.20
N VAL B 486 1.35 -22.52 -40.85
CA VAL B 486 2.79 -22.31 -40.69
C VAL B 486 3.01 -20.80 -40.53
N ILE B 487 3.40 -20.39 -39.32
CA ILE B 487 3.73 -18.99 -39.04
C ILE B 487 5.23 -18.82 -39.18
N ALA B 488 5.66 -17.96 -40.10
CA ALA B 488 7.06 -17.64 -40.30
C ALA B 488 7.24 -16.15 -40.05
N SER B 489 7.13 -15.75 -38.78
CA SER B 489 7.25 -14.36 -38.38
C SER B 489 8.57 -13.76 -38.87
N TYR B 490 9.68 -14.18 -38.27
CA TYR B 490 10.97 -13.80 -38.80
C TYR B 490 11.14 -14.42 -40.19
N SER B 491 11.73 -13.64 -41.09
CA SER B 491 11.67 -13.94 -42.53
C SER B 491 12.19 -15.34 -42.84
N LEU B 492 11.32 -16.17 -43.42
CA LEU B 492 11.78 -17.36 -44.12
C LEU B 492 12.87 -17.01 -45.12
N SER B 493 12.77 -15.84 -45.73
CA SER B 493 13.76 -15.35 -46.69
C SER B 493 14.88 -14.61 -45.98
N ASN B 494 15.55 -15.32 -45.08
CA ASN B 494 16.78 -14.80 -44.48
C ASN B 494 17.86 -14.73 -45.55
N SER B 495 19.06 -14.31 -45.14
CA SER B 495 20.17 -14.22 -46.08
C SER B 495 20.53 -15.56 -46.69
N SER B 496 20.12 -16.67 -46.06
CA SER B 496 20.41 -17.99 -46.58
C SER B 496 19.49 -18.36 -47.73
N ASN B 497 18.19 -18.12 -47.58
CA ASN B 497 17.20 -18.54 -48.56
C ASN B 497 17.08 -17.50 -49.67
N SER B 498 17.13 -17.96 -50.91
CA SER B 498 17.06 -17.08 -52.06
C SER B 498 15.62 -16.68 -52.36
N LYS B 499 15.46 -15.51 -53.00
CA LYS B 499 14.12 -15.05 -53.37
C LYS B 499 13.47 -15.95 -54.41
N GLU B 500 14.29 -16.64 -55.21
CA GLU B 500 13.74 -17.54 -56.21
C GLU B 500 13.13 -18.79 -55.57
N ARG B 501 13.70 -19.25 -54.46
CA ARG B 501 13.21 -20.45 -53.78
C ARG B 501 12.06 -20.15 -52.82
N VAL B 502 12.10 -18.99 -52.16
CA VAL B 502 11.03 -18.65 -51.22
C VAL B 502 9.73 -18.37 -51.96
N LEU B 503 9.81 -17.64 -53.08
CA LEU B 503 8.61 -17.39 -53.88
C LEU B 503 8.05 -18.69 -54.45
N LYS B 504 8.91 -19.67 -54.73
CA LYS B 504 8.42 -20.96 -55.19
C LYS B 504 7.70 -21.72 -54.09
N PHE B 505 8.21 -21.63 -52.86
CA PHE B 505 7.56 -22.30 -51.74
C PHE B 505 6.19 -21.70 -51.44
N LEU B 506 6.10 -20.37 -51.43
CA LEU B 506 4.83 -19.71 -51.14
C LEU B 506 3.82 -19.94 -52.25
N SER B 507 4.29 -19.96 -53.51
CA SER B 507 3.38 -20.22 -54.62
C SER B 507 2.82 -21.64 -54.54
N ASP B 508 3.67 -22.61 -54.21
CA ASP B 508 3.20 -23.98 -54.04
C ASP B 508 2.30 -24.12 -52.83
N ALA B 509 2.55 -23.33 -51.78
CA ALA B 509 1.70 -23.39 -50.59
C ALA B 509 0.29 -22.89 -50.88
N ASN B 510 0.17 -21.84 -51.70
CA ASN B 510 -1.15 -21.34 -52.07
C ASN B 510 -1.86 -22.31 -53.02
N LYS B 511 -1.10 -22.97 -53.90
CA LYS B 511 -1.71 -23.97 -54.77
C LYS B 511 -2.23 -25.16 -53.96
N ALA B 512 -1.53 -25.52 -52.88
CA ALA B 512 -1.93 -26.62 -52.02
C ALA B 512 -2.98 -26.23 -51.00
N LYS B 513 -3.51 -25.00 -51.09
CA LYS B 513 -4.52 -24.50 -50.16
C LYS B 513 -4.00 -24.53 -48.72
N ALA B 514 -2.72 -24.22 -48.56
CA ALA B 514 -2.09 -24.19 -47.25
C ALA B 514 -2.11 -22.77 -46.67
N MET B 515 -2.03 -22.70 -45.35
CA MET B 515 -2.05 -21.43 -44.62
C MET B 515 -0.64 -21.19 -44.07
N VAL B 516 0.18 -20.51 -44.86
CA VAL B 516 1.55 -20.17 -44.47
C VAL B 516 1.61 -18.66 -44.36
N VAL B 517 1.48 -18.15 -43.13
CA VAL B 517 1.54 -16.71 -42.90
C VAL B 517 2.99 -16.26 -43.02
N PHE B 518 3.27 -15.42 -44.02
CA PHE B 518 4.62 -15.03 -44.39
C PHE B 518 4.81 -13.53 -44.19
N GLY B 519 5.96 -13.16 -43.65
CA GLY B 519 6.31 -11.77 -43.46
C GLY B 519 7.73 -11.50 -43.88
N ALA B 520 7.96 -10.28 -44.36
CA ALA B 520 9.26 -9.90 -44.88
C ALA B 520 9.35 -8.38 -44.88
N PRO B 521 10.55 -7.81 -44.86
CA PRO B 521 10.69 -6.35 -44.95
C PRO B 521 10.23 -5.84 -46.31
N ASN B 522 9.44 -4.78 -46.31
CA ASN B 522 9.02 -4.15 -47.55
C ASN B 522 10.21 -3.44 -48.17
N THR B 523 10.61 -3.88 -49.37
CA THR B 523 11.83 -3.37 -49.99
C THR B 523 11.75 -1.88 -50.23
N HIS B 524 10.68 -1.42 -50.88
CA HIS B 524 10.60 -0.03 -51.30
C HIS B 524 10.16 0.91 -50.19
N ARG B 525 9.53 0.38 -49.14
CA ARG B 525 9.20 1.23 -48.00
C ARG B 525 10.44 1.57 -47.18
N LEU B 526 11.35 0.60 -47.02
CA LEU B 526 12.59 0.87 -46.31
C LEU B 526 13.52 1.75 -47.14
N ALA B 527 13.54 1.54 -48.46
CA ALA B 527 14.34 2.39 -49.33
C ALA B 527 13.86 3.83 -49.28
N TYR B 528 12.54 4.03 -49.25
CA TYR B 528 12.00 5.38 -49.11
C TYR B 528 12.31 5.96 -47.73
N ALA B 529 12.41 5.12 -46.70
CA ALA B 529 12.76 5.61 -45.37
C ALA B 529 14.22 6.06 -45.32
N LYS B 530 15.12 5.31 -45.96
CA LYS B 530 16.52 5.71 -46.01
C LYS B 530 16.75 6.85 -46.99
N LYS B 531 15.92 6.97 -48.02
CA LYS B 531 16.05 8.07 -48.98
C LYS B 531 15.81 9.41 -48.30
N VAL B 532 14.72 9.52 -47.52
CA VAL B 532 14.43 10.77 -46.82
C VAL B 532 15.28 10.95 -45.57
N GLY B 533 16.07 9.94 -45.20
CA GLY B 533 16.93 10.06 -44.04
C GLY B 533 16.23 9.91 -42.72
N LEU B 534 15.39 8.87 -42.61
CA LEU B 534 14.68 8.60 -41.36
C LEU B 534 15.53 7.74 -40.45
N VAL B 535 15.47 6.43 -40.62
CA VAL B 535 16.36 5.52 -39.92
C VAL B 535 17.73 5.59 -40.58
N LEU B 536 18.73 6.02 -39.81
CA LEU B 536 20.04 6.33 -40.37
C LEU B 536 20.75 5.07 -40.84
N ASP B 537 21.92 5.26 -41.46
CA ASP B 537 22.66 4.16 -42.04
C ASP B 537 23.29 3.25 -40.97
N SER B 538 23.51 3.77 -39.76
CA SER B 538 24.17 2.99 -38.72
C SER B 538 23.30 1.83 -38.24
N ALA B 539 21.98 1.98 -38.34
CA ALA B 539 21.06 0.94 -37.88
C ALA B 539 20.78 -0.09 -38.95
N ILE B 540 20.38 0.35 -40.15
CA ILE B 540 20.00 -0.54 -41.23
C ILE B 540 20.72 -0.09 -42.50
N LYS B 541 21.40 -1.04 -43.15
CA LYS B 541 22.05 -0.80 -44.44
C LYS B 541 21.43 -1.71 -45.49
N MET B 542 21.20 -1.16 -46.67
CA MET B 542 20.54 -1.88 -47.75
C MET B 542 21.39 -1.84 -49.01
N SER B 543 21.41 -2.95 -49.73
CA SER B 543 22.10 -3.06 -51.02
C SER B 543 21.17 -3.80 -51.97
N LYS B 544 20.70 -3.10 -53.00
CA LYS B 544 19.71 -3.64 -53.93
C LYS B 544 18.48 -4.10 -53.17
N ASP B 545 18.28 -5.42 -53.07
CA ASP B 545 17.21 -5.99 -52.26
C ASP B 545 17.75 -6.82 -51.10
N LEU B 546 19.01 -6.61 -50.73
CA LEU B 546 19.65 -7.29 -49.61
C LEU B 546 19.80 -6.30 -48.47
N ILE B 547 19.18 -6.61 -47.33
CA ILE B 547 19.13 -5.71 -46.18
C ILE B 547 19.98 -6.30 -45.06
N THR B 548 20.68 -5.42 -44.35
CA THR B 548 21.52 -5.81 -43.23
C THR B 548 21.10 -5.02 -41.99
N PHE B 549 20.78 -5.74 -40.91
CA PHE B 549 20.37 -5.14 -39.66
C PHE B 549 21.49 -5.26 -38.62
N SER B 550 21.60 -4.24 -37.77
CA SER B 550 22.60 -4.20 -36.72
C SER B 550 21.93 -4.05 -35.36
N ASN B 551 22.71 -4.24 -34.31
CA ASN B 551 22.20 -4.14 -32.95
C ASN B 551 22.25 -2.70 -32.45
N TRP B 557 22.44 -9.13 -38.67
CA TRP B 557 22.13 -10.21 -39.60
C TRP B 557 21.53 -9.66 -40.89
N ARG B 558 21.80 -10.34 -42.00
CA ARG B 558 21.32 -9.91 -43.30
C ARG B 558 19.96 -10.53 -43.59
N ASP B 559 19.21 -9.88 -44.50
CA ASP B 559 17.86 -10.32 -44.81
C ASP B 559 17.50 -9.85 -46.21
N TYR B 560 16.63 -10.62 -46.87
CA TYR B 560 16.14 -10.27 -48.19
C TYR B 560 14.89 -9.41 -48.10
N GLY B 561 14.71 -8.54 -49.08
CA GLY B 561 13.56 -7.65 -49.15
C GLY B 561 12.59 -8.12 -50.23
N TYR B 562 11.30 -7.94 -49.96
CA TYR B 562 10.24 -8.37 -50.87
C TYR B 562 9.24 -7.24 -51.09
N SER B 563 8.78 -7.10 -52.32
CA SER B 563 7.77 -6.11 -52.67
C SER B 563 6.39 -6.77 -52.71
N GLN B 564 5.36 -5.91 -52.78
CA GLN B 564 3.99 -6.41 -52.75
C GLN B 564 3.57 -7.05 -54.07
N SER B 565 4.29 -6.77 -55.15
CA SER B 565 3.89 -7.30 -56.46
C SER B 565 4.37 -8.73 -56.67
N GLU B 566 5.66 -8.98 -56.42
CA GLU B 566 6.22 -10.30 -56.66
C GLU B 566 5.62 -11.36 -55.73
N LEU B 567 5.02 -10.95 -54.60
CA LEU B 567 4.36 -11.90 -53.73
C LEU B 567 2.94 -12.21 -54.19
N TYR B 568 2.29 -11.28 -54.90
CA TYR B 568 1.03 -11.61 -55.55
C TYR B 568 1.28 -12.50 -56.77
N ASP B 569 2.44 -12.34 -57.42
CA ASP B 569 2.82 -13.28 -58.47
C ASP B 569 2.98 -14.68 -57.92
N ALA B 570 3.36 -14.81 -56.65
CA ALA B 570 3.38 -16.09 -55.95
C ALA B 570 2.05 -16.40 -55.29
N GLY B 571 1.00 -15.62 -55.58
CA GLY B 571 -0.32 -15.88 -55.04
C GLY B 571 -0.43 -15.59 -53.55
N TYR B 572 0.00 -14.41 -53.13
CA TYR B 572 -0.08 -14.01 -51.73
C TYR B 572 -0.54 -12.57 -51.63
N VAL B 573 -1.53 -12.33 -50.76
CA VAL B 573 -2.14 -11.02 -50.57
C VAL B 573 -1.64 -10.45 -49.26
N GLU B 574 -1.17 -9.20 -49.29
CA GLU B 574 -0.70 -8.55 -48.08
C GLU B 574 -1.88 -8.15 -47.21
N ILE B 575 -1.79 -8.48 -45.93
CA ILE B 575 -2.78 -8.06 -44.95
C ILE B 575 -2.06 -7.32 -43.83
N THR B 576 -2.76 -6.38 -43.21
CA THR B 576 -2.18 -5.58 -42.14
C THR B 576 -2.43 -6.24 -40.79
N ILE B 577 -1.56 -5.91 -39.83
CA ILE B 577 -1.74 -6.40 -38.46
C ILE B 577 -3.05 -5.87 -37.88
N ASP B 578 -3.47 -4.68 -38.32
CA ASP B 578 -4.76 -4.14 -37.89
C ASP B 578 -5.91 -5.04 -38.35
N GLN B 579 -5.86 -5.47 -39.61
CA GLN B 579 -6.94 -6.27 -40.14
C GLN B 579 -6.93 -7.70 -39.58
N MET B 580 -5.75 -8.22 -39.23
CA MET B 580 -5.68 -9.57 -38.70
C MET B 580 -6.29 -9.65 -37.30
N VAL B 581 -5.96 -8.69 -36.43
CA VAL B 581 -6.51 -8.72 -35.08
C VAL B 581 -7.99 -8.37 -35.09
N ALA B 582 -8.43 -7.55 -36.04
CA ALA B 582 -9.85 -7.24 -36.15
C ALA B 582 -10.63 -8.44 -36.68
N TYR B 583 -10.08 -9.13 -37.68
CA TYR B 583 -10.72 -10.33 -38.22
C TYR B 583 -10.70 -11.47 -37.21
N SER B 584 -9.78 -11.45 -36.24
CA SER B 584 -9.66 -12.48 -35.24
C SER B 584 -10.08 -11.99 -33.85
N SER B 585 -10.99 -11.01 -33.81
CA SER B 585 -11.36 -10.39 -32.54
C SER B 585 -12.13 -11.36 -31.66
N ASP B 586 -13.05 -12.12 -32.23
CA ASP B 586 -13.89 -13.02 -31.44
C ASP B 586 -13.14 -14.26 -30.95
N VAL B 587 -11.89 -14.45 -31.36
CA VAL B 587 -11.06 -15.55 -30.89
C VAL B 587 -9.76 -15.08 -30.27
N TYR B 588 -9.54 -13.77 -30.16
CA TYR B 588 -8.27 -13.25 -29.70
C TYR B 588 -8.18 -13.31 -28.17
N ASN B 589 -7.03 -13.75 -27.68
CA ASN B 589 -6.79 -13.85 -26.24
C ASN B 589 -5.39 -13.39 -25.87
N GLY B 590 -4.66 -12.76 -26.77
CA GLY B 590 -3.29 -12.36 -26.53
C GLY B 590 -3.15 -10.98 -25.92
N VAL B 591 -2.06 -10.31 -26.28
CA VAL B 591 -1.71 -9.02 -25.71
C VAL B 591 -1.98 -7.92 -26.73
N GLY B 592 -2.08 -6.70 -26.23
CA GLY B 592 -2.24 -5.52 -27.06
C GLY B 592 -0.97 -4.72 -27.18
N TYR B 593 -1.13 -3.44 -27.52
CA TYR B 593 0.00 -2.54 -27.65
C TYR B 593 -0.45 -1.13 -27.31
N PHE B 594 0.52 -0.28 -27.00
CA PHE B 594 0.26 1.12 -26.65
C PHE B 594 0.70 2.09 -27.72
N ALA B 595 1.91 1.93 -28.25
CA ALA B 595 2.44 2.80 -29.29
C ALA B 595 2.88 1.98 -30.49
N ASN B 596 2.83 2.61 -31.66
CA ASN B 596 3.35 1.98 -32.87
C ASN B 596 4.86 2.20 -32.95
N SER B 597 5.50 1.39 -33.79
CA SER B 597 6.95 1.42 -33.96
C SER B 597 7.27 1.63 -35.44
N THR B 598 8.21 2.54 -35.70
CA THR B 598 8.66 2.75 -37.07
C THR B 598 9.41 1.53 -37.60
N TYR B 599 10.12 0.82 -36.72
CA TYR B 599 10.86 -0.37 -37.14
C TYR B 599 9.90 -1.47 -37.61
N ASN B 600 8.82 -1.70 -36.87
CA ASN B 600 7.87 -2.74 -37.25
C ASN B 600 7.07 -2.35 -38.49
N ASP B 601 6.85 -1.05 -38.71
CA ASP B 601 6.14 -0.61 -39.90
C ASP B 601 6.93 -0.85 -41.18
N LEU B 602 8.23 -1.15 -41.08
CA LEU B 602 9.03 -1.45 -42.25
C LEU B 602 8.73 -2.83 -42.84
N PHE B 603 8.01 -3.67 -42.11
CA PHE B 603 7.70 -5.03 -42.54
C PHE B 603 6.26 -5.13 -43.01
N SER B 604 6.00 -6.11 -43.87
CA SER B 604 4.67 -6.40 -44.38
C SER B 604 4.34 -7.86 -44.12
N TRP B 605 3.04 -8.16 -44.02
CA TRP B 605 2.55 -9.49 -43.72
C TRP B 605 1.61 -9.95 -44.82
N TYR B 606 1.79 -11.18 -45.27
CA TYR B 606 1.07 -11.71 -46.43
C TYR B 606 0.42 -13.04 -46.06
N ILE B 607 -0.80 -13.24 -46.57
CA ILE B 607 -1.53 -14.49 -46.37
C ILE B 607 -1.83 -15.08 -47.75
N PRO B 608 -2.01 -16.40 -47.86
CA PRO B 608 -2.20 -17.00 -49.19
C PRO B 608 -3.45 -16.49 -49.88
N LYS B 609 -3.40 -16.46 -51.21
CA LYS B 609 -4.46 -15.84 -52.00
C LYS B 609 -5.76 -16.65 -51.95
N TRP B 610 -5.67 -17.97 -51.75
CA TRP B 610 -6.87 -18.79 -51.77
C TRP B 610 -7.80 -18.46 -50.61
N TYR B 611 -7.23 -18.15 -49.44
CA TYR B 611 -8.06 -17.83 -48.28
C TYR B 611 -8.66 -16.43 -48.39
N VAL B 612 -7.99 -15.53 -49.09
CA VAL B 612 -8.56 -14.20 -49.33
C VAL B 612 -9.79 -14.31 -50.21
N HIS B 613 -9.70 -15.09 -51.28
CA HIS B 613 -10.84 -15.26 -52.18
C HIS B 613 -12.01 -15.95 -51.48
N LYS B 614 -11.72 -16.88 -50.57
CA LYS B 614 -12.76 -17.72 -50.00
C LYS B 614 -13.61 -16.95 -49.00
N ARG B 615 -12.97 -16.22 -48.07
CA ARG B 615 -13.69 -15.60 -46.97
C ARG B 615 -13.45 -14.11 -46.79
N MET B 616 -12.56 -13.50 -47.59
CA MET B 616 -12.18 -12.10 -47.38
C MET B 616 -12.58 -11.20 -48.54
N LEU B 617 -13.41 -11.66 -49.47
CA LEU B 617 -13.85 -10.79 -50.55
C LEU B 617 -14.98 -9.87 -50.12
N MET B 618 -15.74 -10.22 -49.09
CA MET B 618 -16.79 -9.36 -48.55
C MET B 618 -16.15 -8.43 -47.52
N GLN B 619 -15.96 -7.16 -47.91
CA GLN B 619 -15.26 -6.19 -47.08
C GLN B 619 -16.17 -5.71 -45.97
N ASP B 620 -16.07 -6.34 -44.80
CA ASP B 620 -16.66 -5.82 -43.59
C ASP B 620 -15.70 -4.80 -42.97
N ILE B 621 -16.01 -4.32 -41.77
CA ILE B 621 -15.15 -3.31 -41.16
C ILE B 621 -13.81 -3.91 -40.73
N ARG B 622 -13.79 -5.21 -40.41
CA ARG B 622 -12.56 -5.84 -39.97
C ARG B 622 -11.58 -6.01 -41.13
N LEU B 623 -12.09 -6.16 -42.35
CA LEU B 623 -11.26 -6.34 -43.54
C LEU B 623 -11.19 -5.09 -44.40
N SER B 624 -11.63 -3.92 -43.88
CA SER B 624 -11.65 -2.71 -44.65
C SER B 624 -10.42 -1.85 -44.36
N PRO B 625 -9.98 -1.03 -45.32
CA PRO B 625 -8.88 -0.11 -45.07
C PRO B 625 -9.35 1.20 -44.48
N ALA B 626 -10.43 1.17 -43.69
CA ALA B 626 -11.03 2.39 -43.17
C ALA B 626 -10.07 3.14 -42.26
N ALA B 627 -9.20 2.43 -41.54
CA ALA B 627 -8.27 3.06 -40.61
C ALA B 627 -7.07 3.70 -41.30
N LEU B 628 -7.05 3.74 -42.64
CA LEU B 628 -5.90 4.28 -43.35
C LEU B 628 -6.24 5.09 -44.60
N VAL B 629 -7.43 4.92 -45.19
CA VAL B 629 -7.72 5.60 -46.45
C VAL B 629 -7.93 7.10 -46.29
N LYS B 630 -8.31 7.55 -45.09
CA LYS B 630 -8.64 8.95 -44.89
C LYS B 630 -7.64 9.71 -44.02
N CYS B 631 -6.98 9.03 -43.08
CA CYS B 631 -6.14 9.74 -42.12
C CYS B 631 -4.94 10.40 -42.78
N PHE B 632 -4.38 9.78 -43.83
CA PHE B 632 -3.22 10.38 -44.48
C PHE B 632 -3.62 11.52 -45.41
N THR B 633 -4.72 11.36 -46.15
CA THR B 633 -5.17 12.42 -47.05
C THR B 633 -5.59 13.66 -46.27
N THR B 634 -6.31 13.47 -45.15
CA THR B 634 -6.73 14.61 -44.35
C THR B 634 -5.54 15.34 -43.73
N LEU B 635 -4.53 14.60 -43.28
CA LEU B 635 -3.34 15.23 -42.71
C LEU B 635 -2.63 16.10 -43.73
N ILE B 636 -2.54 15.64 -44.99
CA ILE B 636 -1.86 16.42 -46.01
C ILE B 636 -2.71 17.62 -46.43
N ARG B 637 -4.03 17.45 -46.50
CA ARG B 637 -4.89 18.56 -46.84
C ARG B 637 -4.84 19.66 -45.78
N ASN B 638 -4.66 19.28 -44.52
CA ASN B 638 -4.53 20.28 -43.46
C ASN B 638 -3.20 21.02 -43.54
N ILE B 639 -2.14 20.31 -43.92
CA ILE B 639 -0.82 20.92 -43.98
C ILE B 639 -0.69 21.81 -45.20
N CYS B 640 -1.26 21.39 -46.34
CA CYS B 640 -1.06 22.06 -47.61
C CYS B 640 -2.21 22.98 -47.99
N TYR B 641 -3.14 23.25 -47.08
CA TYR B 641 -4.29 24.10 -47.34
C TYR B 641 -5.07 23.62 -48.56
N VAL B 642 -5.51 22.37 -48.49
CA VAL B 642 -6.29 21.78 -49.59
C VAL B 642 -7.75 21.72 -49.19
N PRO B 643 -8.60 22.60 -49.74
CA PRO B 643 -10.04 22.51 -49.44
C PRO B 643 -10.62 21.19 -49.92
N HIS B 644 -11.83 20.89 -49.42
CA HIS B 644 -12.46 19.61 -49.71
C HIS B 644 -12.77 19.46 -51.18
N GLU B 645 -13.54 20.41 -51.74
CA GLU B 645 -13.90 20.33 -53.16
C GLU B 645 -12.69 20.58 -54.05
N THR B 646 -11.69 21.31 -53.55
CA THR B 646 -10.47 21.51 -54.34
C THR B 646 -9.70 20.21 -54.50
N TYR B 647 -9.79 19.30 -53.53
CA TYR B 647 -9.12 18.01 -53.64
C TYR B 647 -9.65 17.22 -54.83
N TYR B 648 -10.98 17.22 -55.02
CA TYR B 648 -11.55 16.51 -56.16
C TYR B 648 -11.31 17.24 -57.48
N ARG B 649 -11.05 18.55 -57.44
CA ARG B 649 -10.66 19.26 -58.65
C ARG B 649 -9.27 18.82 -59.11
N PHE B 650 -8.32 18.68 -58.18
CA PHE B 650 -7.00 18.16 -58.53
C PHE B 650 -7.09 16.75 -59.06
N ARG B 651 -8.09 15.99 -58.63
CA ARG B 651 -8.28 14.64 -59.16
C ARG B 651 -8.61 14.67 -60.64
N GLY B 652 -9.55 15.54 -61.04
CA GLY B 652 -9.89 15.65 -62.44
C GLY B 652 -8.78 16.23 -63.28
N ILE B 653 -8.01 17.16 -62.72
CA ILE B 653 -6.89 17.73 -63.46
C ILE B 653 -5.82 16.68 -63.73
N LEU B 654 -5.57 15.81 -62.74
CA LEU B 654 -4.62 14.72 -62.96
C LEU B 654 -5.12 13.73 -64.00
N VAL B 655 -6.44 13.50 -64.04
CA VAL B 655 -7.02 12.68 -65.09
C VAL B 655 -6.98 13.42 -66.42
N ASP B 656 -7.20 14.74 -66.39
CA ASP B 656 -7.11 15.53 -67.62
C ASP B 656 -5.69 15.56 -68.16
N LYS B 657 -4.69 15.54 -67.28
CA LYS B 657 -3.31 15.49 -67.74
C LYS B 657 -2.94 14.12 -68.30
N TYR B 658 -3.62 13.07 -67.84
CA TYR B 658 -3.33 11.72 -68.31
C TYR B 658 -4.05 11.38 -69.61
N LEU B 659 -5.33 11.74 -69.71
CA LEU B 659 -6.09 11.44 -70.92
C LEU B 659 -5.49 12.15 -72.14
N ARG B 660 -5.07 13.41 -71.97
CA ARG B 660 -4.44 14.11 -73.07
C ARG B 660 -3.02 13.61 -73.33
N SER B 661 -2.38 13.00 -72.34
CA SER B 661 -1.06 12.40 -72.55
C SER B 661 -1.13 11.11 -73.36
N LYS B 662 -2.32 10.53 -73.52
CA LYS B 662 -2.51 9.35 -74.34
C LYS B 662 -3.24 9.67 -75.65
N ASN B 663 -3.22 10.94 -76.06
CA ASN B 663 -3.77 11.38 -77.34
C ASN B 663 -5.28 11.10 -77.44
N VAL B 664 -6.00 11.37 -76.35
CA VAL B 664 -7.45 11.35 -76.37
C VAL B 664 -7.94 12.75 -76.65
N ASP B 665 -8.87 12.88 -77.59
CA ASP B 665 -9.36 14.20 -77.99
C ASP B 665 -10.09 14.85 -76.83
N PRO B 666 -9.77 16.10 -76.49
CA PRO B 666 -10.42 16.75 -75.34
C PRO B 666 -11.93 16.90 -75.49
N SER B 667 -12.45 16.92 -76.71
CA SER B 667 -13.89 17.06 -76.93
C SER B 667 -14.66 15.78 -76.66
N GLN B 668 -13.96 14.66 -76.44
CA GLN B 668 -14.65 13.40 -76.16
C GLN B 668 -15.09 13.28 -74.71
N TYR B 669 -14.55 14.11 -73.82
CA TYR B 669 -14.91 14.08 -72.41
C TYR B 669 -15.07 15.50 -71.91
N SER B 670 -15.53 15.62 -70.66
CA SER B 670 -15.72 16.91 -70.00
C SER B 670 -15.29 16.76 -68.55
N ILE B 671 -14.23 17.47 -68.17
CA ILE B 671 -13.66 17.35 -66.84
C ILE B 671 -14.62 18.02 -65.84
N VAL B 672 -15.24 17.22 -64.99
CA VAL B 672 -16.08 17.75 -63.92
C VAL B 672 -15.26 17.96 -62.65
N GLY B 673 -14.57 16.92 -62.19
CA GLY B 673 -13.68 17.04 -61.05
C GLY B 673 -14.39 17.28 -59.74
N SER B 674 -15.45 16.54 -59.46
CA SER B 674 -16.20 16.63 -58.22
C SER B 674 -16.10 15.33 -57.45
N GLY B 675 -16.78 15.27 -56.31
CA GLY B 675 -16.75 14.07 -55.49
C GLY B 675 -17.53 12.92 -56.09
N SER B 676 -18.53 13.23 -56.92
CA SER B 676 -19.37 12.20 -57.54
C SER B 676 -19.07 11.98 -59.01
N LYS B 677 -18.50 12.96 -59.71
CA LYS B 677 -18.21 12.85 -61.13
C LYS B 677 -16.80 13.35 -61.38
N THR B 678 -15.90 12.44 -61.75
CA THR B 678 -14.56 12.85 -62.16
C THR B 678 -14.58 13.53 -63.53
N PHE B 679 -15.17 12.87 -64.51
CA PHE B 679 -15.36 13.45 -65.84
C PHE B 679 -16.44 12.68 -66.57
N THR B 680 -17.17 13.39 -67.44
CA THR B 680 -18.26 12.82 -68.20
C THR B 680 -17.82 12.51 -69.62
N VAL B 681 -18.21 11.33 -70.11
CA VAL B 681 -17.87 10.90 -71.46
C VAL B 681 -18.90 11.47 -72.43
N LEU B 682 -18.41 11.99 -73.55
CA LEU B 682 -19.27 12.52 -74.60
C LEU B 682 -19.33 11.64 -75.84
N SER B 683 -18.21 11.03 -76.23
CA SER B 683 -18.18 10.13 -77.37
C SER B 683 -17.31 8.93 -77.02
N HIS B 684 -17.62 7.79 -77.64
CA HIS B 684 -16.93 6.54 -77.34
C HIS B 684 -15.46 6.63 -77.71
N PHE B 685 -14.59 6.33 -76.75
CA PHE B 685 -13.16 6.31 -77.00
C PHE B 685 -12.53 5.23 -76.12
N GLU B 686 -11.37 4.74 -76.55
CA GLU B 686 -10.65 3.69 -75.86
C GLU B 686 -9.24 4.14 -75.52
N VAL B 687 -8.73 3.63 -74.40
CA VAL B 687 -7.39 3.93 -73.91
C VAL B 687 -6.61 2.62 -73.89
N PRO B 688 -5.43 2.55 -74.53
CA PRO B 688 -4.67 1.29 -74.52
C PRO B 688 -4.13 0.99 -73.13
N HIS B 689 -4.49 -0.18 -72.61
CA HIS B 689 -4.08 -0.62 -71.29
C HIS B 689 -3.83 -2.12 -71.32
N GLU B 690 -2.81 -2.57 -70.58
CA GLU B 690 -2.44 -3.98 -70.61
C GLU B 690 -3.53 -4.88 -70.03
N CYS B 691 -4.39 -4.36 -69.17
CA CYS B 691 -5.50 -5.13 -68.61
C CYS B 691 -6.78 -4.90 -69.41
N GLY B 692 -6.68 -5.04 -70.73
CA GLY B 692 -7.79 -4.79 -71.60
C GLY B 692 -7.97 -3.31 -71.88
N PRO B 693 -8.29 -2.98 -73.13
CA PRO B 693 -8.52 -1.56 -73.47
C PRO B 693 -9.68 -1.00 -72.68
N LEU B 694 -9.44 0.16 -72.06
CA LEU B 694 -10.47 0.80 -71.24
C LEU B 694 -11.60 1.30 -72.12
N VAL B 695 -12.80 0.75 -71.90
CA VAL B 695 -13.97 1.08 -72.71
C VAL B 695 -14.76 2.16 -71.98
N PHE B 696 -14.99 3.28 -72.66
CA PHE B 696 -15.76 4.40 -72.11
C PHE B 696 -16.98 4.62 -73.00
N GLU B 697 -18.16 4.29 -72.47
CA GLU B 697 -19.40 4.47 -73.19
C GLU B 697 -19.83 5.93 -73.17
N ALA B 698 -20.43 6.37 -74.28
CA ALA B 698 -20.85 7.76 -74.40
C ALA B 698 -22.02 8.06 -73.47
N SER B 699 -22.11 9.31 -73.04
CA SER B 699 -23.16 9.78 -72.14
C SER B 699 -23.15 9.02 -70.82
N THR B 700 -21.96 8.78 -70.29
CA THR B 700 -21.79 8.11 -69.01
C THR B 700 -20.82 8.91 -68.15
N ASP B 701 -20.98 8.75 -66.83
CA ASP B 701 -20.15 9.46 -65.85
C ASP B 701 -19.08 8.52 -65.30
N VAL B 702 -17.85 9.01 -65.22
CA VAL B 702 -16.73 8.26 -64.68
C VAL B 702 -16.38 8.80 -63.31
N ASN B 703 -16.26 7.91 -62.33
CA ASN B 703 -15.88 8.27 -60.96
C ASN B 703 -14.76 7.32 -60.55
N ILE B 704 -13.52 7.75 -60.75
CA ILE B 704 -12.38 6.88 -60.45
C ILE B 704 -12.33 6.60 -58.96
N SER B 705 -11.76 5.45 -58.60
CA SER B 705 -11.66 5.03 -57.21
C SER B 705 -10.62 5.89 -56.50
N GLY B 706 -11.06 6.72 -55.57
CA GLY B 706 -10.14 7.56 -54.82
C GLY B 706 -9.36 6.83 -53.75
N HIS B 707 -9.86 5.69 -53.28
CA HIS B 707 -9.17 4.95 -52.23
C HIS B 707 -7.85 4.38 -52.73
N LEU B 708 -7.74 4.12 -54.04
CA LEU B 708 -6.47 3.65 -54.60
C LEU B 708 -5.40 4.73 -54.51
N LEU B 709 -5.79 6.00 -54.67
CA LEU B 709 -4.82 7.09 -54.62
C LEU B 709 -4.32 7.31 -53.19
N SER B 710 -5.21 7.22 -52.20
CA SER B 710 -4.81 7.45 -50.82
C SER B 710 -4.07 6.26 -50.23
N LEU B 711 -4.43 5.03 -50.61
CA LEU B 711 -3.73 3.86 -50.10
C LEU B 711 -2.30 3.80 -50.60
N ALA B 712 -2.04 4.33 -51.80
CA ALA B 712 -0.66 4.40 -52.29
C ALA B 712 0.18 5.38 -51.48
N ILE B 713 -0.44 6.46 -50.99
CA ILE B 713 0.29 7.38 -50.13
C ILE B 713 0.57 6.75 -48.77
N ALA B 714 -0.44 6.08 -48.20
CA ALA B 714 -0.26 5.39 -46.93
C ALA B 714 0.74 4.24 -47.03
N ALA B 715 0.99 3.72 -48.24
CA ALA B 715 1.97 2.66 -48.41
C ALA B 715 3.40 3.18 -48.26
N HIS B 716 3.60 4.50 -48.31
CA HIS B 716 4.93 5.07 -48.14
C HIS B 716 5.39 5.05 -46.69
N PHE B 717 4.50 4.81 -45.74
CA PHE B 717 4.85 4.95 -44.33
C PHE B 717 4.54 3.71 -43.50
N VAL B 718 3.39 3.08 -43.72
CA VAL B 718 2.99 1.91 -42.94
C VAL B 718 2.55 0.82 -43.91
N ALA B 719 2.28 -0.36 -43.35
CA ALA B 719 1.79 -1.48 -44.15
C ALA B 719 0.41 -1.15 -44.70
N SER B 720 0.27 -1.21 -46.02
CA SER B 720 -0.96 -0.79 -46.68
C SER B 720 -1.73 -1.99 -47.19
N PRO B 721 -3.05 -2.06 -46.92
CA PRO B 721 -3.85 -3.17 -47.43
C PRO B 721 -4.39 -2.90 -48.83
N MET B 722 -3.55 -2.33 -49.70
CA MET B 722 -4.00 -2.00 -51.05
C MET B 722 -4.37 -3.24 -51.84
N ILE B 723 -3.55 -4.29 -51.76
CA ILE B 723 -3.78 -5.47 -52.58
C ILE B 723 -5.02 -6.22 -52.12
N LEU B 724 -5.26 -6.28 -50.81
CA LEU B 724 -6.48 -6.89 -50.30
C LEU B 724 -7.70 -6.06 -50.68
N TRP B 725 -7.57 -4.73 -50.66
CA TRP B 725 -8.65 -3.86 -51.08
C TRP B 725 -8.95 -4.00 -52.56
N ALA B 726 -7.92 -4.25 -53.38
CA ALA B 726 -8.12 -4.41 -54.82
C ALA B 726 -8.88 -5.70 -55.12
N GLU B 727 -8.56 -6.78 -54.39
CA GLU B 727 -9.29 -8.04 -54.58
C GLU B 727 -10.76 -7.87 -54.22
N GLN B 728 -11.04 -7.09 -53.18
CA GLN B 728 -12.43 -6.81 -52.83
C GLN B 728 -13.08 -5.86 -53.83
N MET B 729 -12.30 -4.93 -54.38
CA MET B 729 -12.86 -3.97 -55.34
C MET B 729 -13.27 -4.66 -56.64
N LYS B 730 -12.49 -5.65 -57.10
CA LYS B 730 -12.85 -6.37 -58.30
C LYS B 730 -14.12 -7.19 -58.10
N TYR B 731 -14.27 -7.78 -56.91
CA TYR B 731 -15.47 -8.55 -56.60
C TYR B 731 -16.71 -7.67 -56.47
N MET B 732 -16.53 -6.38 -56.19
CA MET B 732 -17.64 -5.45 -56.04
C MET B 732 -17.97 -4.73 -57.34
N ALA B 733 -17.76 -5.37 -58.49
CA ALA B 733 -18.18 -4.77 -59.76
C ALA B 733 -19.69 -4.68 -59.86
N VAL B 734 -20.40 -5.60 -59.21
CA VAL B 734 -21.85 -5.59 -59.14
C VAL B 734 -22.27 -5.75 -57.69
N ASP B 735 -23.58 -5.74 -57.45
CA ASP B 735 -24.09 -5.95 -56.10
C ASP B 735 -23.83 -7.38 -55.65
N ARG B 736 -23.45 -7.53 -54.38
CA ARG B 736 -23.12 -8.81 -53.80
C ARG B 736 -23.86 -8.97 -52.49
N MET B 737 -24.48 -10.13 -52.30
CA MET B 737 -25.27 -10.38 -51.09
C MET B 737 -24.37 -10.43 -49.86
N LEU B 738 -24.93 -9.99 -48.74
CA LEU B 738 -24.18 -10.03 -47.48
C LEU B 738 -24.12 -11.46 -46.95
N PRO B 739 -23.03 -11.81 -46.27
CA PRO B 739 -22.93 -13.15 -45.66
C PRO B 739 -24.03 -13.36 -44.64
N PRO B 740 -24.59 -14.57 -44.57
CA PRO B 740 -25.74 -14.80 -43.69
C PRO B 740 -25.38 -14.89 -42.22
N ASN B 741 -24.16 -15.36 -41.92
CA ASN B 741 -23.76 -15.58 -40.53
C ASN B 741 -23.18 -14.35 -39.87
N LEU B 742 -22.55 -13.46 -40.63
CA LEU B 742 -21.93 -12.28 -40.05
C LEU B 742 -22.98 -11.25 -39.65
N ASP B 743 -22.72 -10.58 -38.52
CA ASP B 743 -23.62 -9.52 -38.06
C ASP B 743 -23.62 -8.38 -39.07
N LYS B 744 -24.81 -8.02 -39.54
CA LYS B 744 -24.94 -6.96 -40.54
C LYS B 744 -24.52 -5.58 -40.03
N SER B 745 -24.24 -5.45 -38.73
CA SER B 745 -23.75 -4.18 -38.21
C SER B 745 -22.31 -3.93 -38.66
N LEU B 746 -21.56 -4.98 -38.97
CA LEU B 746 -20.17 -4.84 -39.39
C LEU B 746 -20.02 -4.19 -40.75
N PHE B 747 -21.11 -4.06 -41.52
CA PHE B 747 -21.07 -3.44 -42.84
C PHE B 747 -21.56 -2.00 -42.83
N PHE B 748 -21.32 -1.28 -41.73
CA PHE B 748 -21.83 0.09 -41.62
C PHE B 748 -21.04 1.05 -42.50
N ASP B 749 -19.78 0.73 -42.81
CA ASP B 749 -18.93 1.64 -43.55
C ASP B 749 -19.26 1.70 -45.05
N ASN B 750 -20.10 0.78 -45.55
CA ASN B 750 -20.40 0.73 -46.97
C ASN B 750 -21.92 0.75 -47.17
N LYS B 751 -22.31 1.07 -48.40
CA LYS B 751 -23.73 1.16 -48.73
C LYS B 751 -24.35 -0.22 -48.85
N VAL B 752 -25.59 -0.34 -48.36
CA VAL B 752 -26.37 -1.57 -48.42
C VAL B 752 -27.67 -1.27 -49.14
N THR B 753 -27.95 -2.02 -50.21
CA THR B 753 -29.19 -1.85 -50.94
C THR B 753 -30.38 -2.33 -50.11
N PRO B 754 -31.60 -1.88 -50.44
CA PRO B 754 -32.78 -2.37 -49.72
C PRO B 754 -32.96 -3.88 -49.78
N SER B 755 -32.36 -4.55 -50.77
CA SER B 755 -32.44 -6.00 -50.83
C SER B 755 -31.64 -6.68 -49.72
N GLY B 756 -30.72 -5.97 -49.09
CA GLY B 756 -29.84 -6.54 -48.11
C GLY B 756 -28.49 -6.97 -48.64
N ALA B 757 -27.98 -6.33 -49.68
CA ALA B 757 -26.73 -6.70 -50.32
C ALA B 757 -25.80 -5.49 -50.40
N LEU B 758 -24.51 -5.77 -50.42
CA LEU B 758 -23.51 -4.72 -50.52
C LEU B 758 -23.57 -4.10 -51.91
N GLN B 759 -23.82 -2.79 -51.97
CA GLN B 759 -23.95 -2.11 -53.25
C GLN B 759 -22.61 -2.06 -53.97
N ARG B 760 -22.67 -2.05 -55.30
CA ARG B 760 -21.46 -2.04 -56.12
C ARG B 760 -20.63 -0.79 -55.85
N TRP B 761 -19.35 -0.87 -56.20
CA TRP B 761 -18.42 0.22 -55.94
C TRP B 761 -18.07 0.87 -57.26
N HIS B 762 -17.01 0.45 -57.94
CA HIS B 762 -16.57 1.09 -59.17
C HIS B 762 -16.40 0.04 -60.26
N SER B 763 -16.42 0.51 -61.51
CA SER B 763 -16.14 -0.36 -62.64
C SER B 763 -14.64 -0.58 -62.78
N ARG B 764 -14.27 -1.60 -63.55
CA ARG B 764 -12.86 -1.89 -63.76
C ARG B 764 -12.15 -0.79 -64.53
N GLU B 765 -12.87 0.01 -65.31
CA GLU B 765 -12.26 1.15 -65.98
C GLU B 765 -11.94 2.27 -64.99
N GLU B 766 -12.84 2.50 -64.02
CA GLU B 766 -12.61 3.54 -63.03
C GLU B 766 -11.46 3.18 -62.11
N VAL B 767 -11.24 1.90 -61.85
CA VAL B 767 -10.17 1.47 -60.95
C VAL B 767 -8.83 1.50 -61.67
N LEU B 768 -8.78 0.96 -62.90
CA LEU B 768 -7.53 0.95 -63.64
C LEU B 768 -7.10 2.35 -64.06
N LEU B 769 -8.07 3.28 -64.21
CA LEU B 769 -7.72 4.65 -64.55
C LEU B 769 -7.03 5.34 -63.38
N ALA B 770 -7.50 5.09 -62.15
CA ALA B 770 -6.86 5.68 -60.98
C ALA B 770 -5.45 5.14 -60.79
N ALA B 771 -5.22 3.87 -61.16
CA ALA B 771 -3.88 3.30 -61.02
C ALA B 771 -2.90 3.97 -61.98
N GLU B 772 -3.37 4.46 -63.12
CA GLU B 772 -2.47 5.12 -64.07
C GLU B 772 -2.09 6.52 -63.60
N ILE B 773 -3.06 7.30 -63.13
CA ILE B 773 -2.76 8.63 -62.59
C ILE B 773 -2.16 8.56 -61.19
N CYS B 774 -1.96 7.37 -60.65
CA CYS B 774 -1.44 7.23 -59.29
C CYS B 774 -0.02 7.76 -59.17
N GLU B 775 0.79 7.62 -60.22
CA GLU B 775 2.16 8.13 -60.19
C GLU B 775 2.17 9.66 -60.09
N SER B 776 1.41 10.33 -60.96
CA SER B 776 1.32 11.78 -60.90
C SER B 776 0.57 12.26 -59.66
N TYR B 777 -0.25 11.40 -59.04
CA TYR B 777 -0.94 11.79 -57.82
C TYR B 777 0.02 11.87 -56.65
N ALA B 778 0.91 10.87 -56.52
CA ALA B 778 1.89 10.90 -55.44
C ALA B 778 2.91 12.02 -55.63
N ALA B 779 3.14 12.43 -56.88
CA ALA B 779 4.05 13.55 -57.12
C ALA B 779 3.44 14.87 -56.68
N MET B 780 2.11 14.99 -56.76
CA MET B 780 1.45 16.22 -56.34
C MET B 780 1.34 16.31 -54.83
N MET B 781 0.92 15.21 -54.19
CA MET B 781 0.65 15.26 -52.75
C MET B 781 1.94 15.37 -51.93
N LEU B 782 3.03 14.77 -52.39
CA LEU B 782 4.27 14.76 -51.64
C LEU B 782 5.36 15.62 -52.28
N ASN B 783 4.97 16.53 -53.19
CA ASN B 783 5.89 17.48 -53.79
C ASN B 783 7.05 16.78 -54.49
N ASN B 784 6.71 15.78 -55.30
CA ASN B 784 7.66 14.97 -56.07
C ASN B 784 8.69 14.27 -55.19
N LYS B 785 8.51 14.30 -53.87
CA LYS B 785 9.38 13.60 -52.93
C LYS B 785 8.80 12.24 -52.53
N HIS B 786 8.09 11.59 -53.44
CA HIS B 786 7.52 10.28 -53.21
C HIS B 786 8.50 9.21 -53.69
N SER B 787 8.08 7.96 -53.69
CA SER B 787 8.91 6.86 -54.20
C SER B 787 8.23 6.24 -55.41
N PRO B 788 8.72 6.48 -56.63
CA PRO B 788 8.12 5.83 -57.80
C PRO B 788 8.18 4.33 -57.75
N ASP B 789 9.10 3.76 -56.97
CA ASP B 789 9.17 2.31 -56.82
C ASP B 789 8.00 1.79 -55.99
N ILE B 790 7.60 2.54 -54.95
CA ILE B 790 6.44 2.15 -54.16
C ILE B 790 5.19 2.21 -55.02
N ILE B 791 5.02 3.27 -55.80
CA ILE B 791 3.88 3.38 -56.70
C ILE B 791 3.97 2.30 -57.78
N GLY B 792 5.18 1.98 -58.22
CA GLY B 792 5.34 1.00 -59.29
C GLY B 792 4.96 -0.41 -58.85
N THR B 793 5.48 -0.85 -57.70
CA THR B 793 5.17 -2.19 -57.23
C THR B 793 3.70 -2.35 -56.88
N LEU B 794 3.03 -1.26 -56.49
CA LEU B 794 1.59 -1.32 -56.27
C LEU B 794 0.83 -1.31 -57.59
N LYS B 795 1.23 -0.43 -58.52
CA LYS B 795 0.61 -0.40 -59.83
C LYS B 795 0.75 -1.74 -60.54
N SER B 796 1.89 -2.41 -60.36
CA SER B 796 2.08 -3.73 -60.95
C SER B 796 1.17 -4.76 -60.30
N ALA B 797 0.96 -4.66 -58.99
CA ALA B 797 0.09 -5.61 -58.30
C ALA B 797 -1.37 -5.40 -58.67
N ILE B 798 -1.78 -4.14 -58.87
CA ILE B 798 -3.16 -3.87 -59.28
C ILE B 798 -3.45 -4.49 -60.64
N ASN B 799 -2.46 -4.49 -61.53
CA ASN B 799 -2.67 -5.03 -62.87
C ASN B 799 -2.83 -6.55 -62.84
N LEU B 800 -2.10 -7.22 -61.94
CA LEU B 800 -2.21 -8.68 -61.87
C LEU B 800 -3.54 -9.12 -61.28
N VAL B 801 -4.12 -8.31 -60.39
CA VAL B 801 -5.44 -8.64 -59.87
C VAL B 801 -6.50 -8.49 -60.96
N PHE B 802 -6.35 -7.47 -61.81
CA PHE B 802 -7.28 -7.20 -62.90
C PHE B 802 -6.78 -7.74 -64.24
N LYS B 803 -6.09 -8.88 -64.22
CA LYS B 803 -5.53 -9.44 -65.45
C LYS B 803 -6.64 -10.02 -66.31
N ILE B 804 -6.55 -9.79 -67.62
CA ILE B 804 -7.57 -10.23 -68.55
C ILE B 804 -7.42 -11.72 -68.85
N ASP C 8 16.92 7.46 -24.33
CA ASP C 8 16.16 7.07 -23.15
C ASP C 8 14.83 6.45 -23.55
N TYR C 9 14.52 5.29 -22.97
CA TYR C 9 13.27 4.58 -23.28
C TYR C 9 12.26 4.76 -22.15
N CYS C 10 11.82 5.99 -21.92
CA CYS C 10 10.88 6.28 -20.84
C CYS C 10 9.94 7.40 -21.27
N ILE C 11 8.68 7.31 -20.83
CA ILE C 11 7.71 8.39 -21.03
C ILE C 11 7.37 9.01 -19.67
N PRO C 12 7.11 10.32 -19.60
CA PRO C 12 7.17 11.27 -20.72
C PRO C 12 8.60 11.56 -21.16
N ASN C 13 8.80 11.61 -22.48
CA ASN C 13 10.12 11.79 -23.06
C ASN C 13 10.23 13.18 -23.67
N PHE C 14 11.24 13.93 -23.25
CA PHE C 14 11.54 15.23 -23.83
C PHE C 14 12.82 15.26 -24.65
N SER C 15 13.70 14.26 -24.48
CA SER C 15 14.98 14.28 -25.18
C SER C 15 14.82 13.93 -26.65
N GLN C 16 14.22 12.77 -26.93
CA GLN C 16 14.07 12.33 -28.31
C GLN C 16 12.98 13.08 -29.07
N THR C 17 12.04 13.70 -28.37
CA THR C 17 10.89 14.32 -29.01
C THR C 17 11.10 15.81 -29.30
N VAL C 18 11.72 16.54 -28.38
CA VAL C 18 11.86 17.98 -28.53
C VAL C 18 13.30 18.35 -28.88
N ASN C 19 13.60 18.38 -30.17
CA ASN C 19 14.89 18.83 -30.67
C ASN C 19 14.71 20.19 -31.36
N GLU C 20 15.77 20.66 -32.01
CA GLU C 20 15.71 21.97 -32.67
C GLU C 20 14.71 21.96 -33.82
N ARG C 21 14.53 20.82 -34.49
CA ARG C 21 13.53 20.73 -35.56
C ARG C 21 12.13 20.77 -34.99
N THR C 22 11.92 20.24 -33.79
CA THR C 22 10.60 20.28 -33.17
C THR C 22 10.17 21.71 -32.88
N ILE C 23 11.11 22.55 -32.43
CA ILE C 23 10.80 23.96 -32.20
C ILE C 23 10.45 24.65 -33.51
N ILE C 24 11.09 24.25 -34.61
CA ILE C 24 10.75 24.81 -35.91
C ILE C 24 9.31 24.46 -36.29
N ASP C 25 8.91 23.21 -36.06
CA ASP C 25 7.56 22.79 -36.42
C ASP C 25 6.51 23.49 -35.57
N ILE C 26 6.81 23.79 -34.31
CA ILE C 26 5.88 24.53 -33.48
C ILE C 26 5.64 25.91 -34.06
N PHE C 27 6.71 26.56 -34.54
CA PHE C 27 6.56 27.84 -35.22
C PHE C 27 5.68 27.70 -36.46
N THR C 28 5.86 26.61 -37.20
CA THR C 28 5.05 26.38 -38.40
C THR C 28 3.58 26.17 -38.03
N ILE C 29 3.32 25.44 -36.95
CA ILE C 29 1.95 25.19 -36.52
C ILE C 29 1.26 26.49 -36.15
N CYS C 30 2.00 27.46 -35.60
CA CYS C 30 1.41 28.73 -35.23
C CYS C 30 0.82 29.48 -36.41
N ARG C 31 1.18 29.10 -37.65
CA ARG C 31 0.50 29.64 -38.81
C ARG C 31 -0.92 29.10 -38.98
N TYR C 32 -1.26 28.02 -38.26
CA TYR C 32 -2.57 27.40 -38.35
C TYR C 32 -3.40 27.60 -37.09
N ARG C 33 -2.96 28.45 -36.17
CA ARG C 33 -3.56 28.55 -34.85
C ARG C 33 -4.92 29.26 -34.84
N SER C 34 -5.58 29.40 -35.98
CA SER C 34 -6.92 30.01 -36.06
C SER C 34 -7.82 29.08 -36.85
N PRO C 35 -8.35 28.03 -36.23
CA PRO C 35 -9.20 27.09 -36.97
C PRO C 35 -10.69 27.25 -36.69
N LEU C 36 -11.04 28.11 -35.74
CA LEU C 36 -12.41 28.20 -35.27
C LEU C 36 -13.31 28.92 -36.27
N VAL C 37 -14.56 28.45 -36.37
CA VAL C 37 -15.61 29.10 -37.14
C VAL C 37 -16.89 29.02 -36.32
N VAL C 38 -17.45 30.17 -35.97
CA VAL C 38 -18.66 30.24 -35.16
C VAL C 38 -19.83 30.57 -36.08
N PHE C 39 -20.76 29.62 -36.20
CA PHE C 39 -21.92 29.76 -37.08
C PHE C 39 -23.18 29.86 -36.24
N CYS C 40 -23.97 30.90 -36.47
CA CYS C 40 -25.19 31.17 -35.71
C CYS C 40 -26.38 31.05 -36.64
N LEU C 41 -27.20 30.02 -36.43
CA LEU C 41 -28.43 29.81 -37.20
C LEU C 41 -29.51 29.31 -36.25
N SER C 42 -30.74 29.72 -36.51
CA SER C 42 -31.87 29.42 -35.64
C SER C 42 -32.54 28.09 -35.92
N HIS C 43 -32.01 27.30 -36.84
CA HIS C 43 -32.60 26.02 -37.23
C HIS C 43 -31.67 24.91 -36.75
N ASN C 44 -32.07 24.23 -35.68
CA ASN C 44 -31.18 23.30 -35.00
C ASN C 44 -30.97 22.02 -35.80
N GLU C 45 -32.06 21.46 -36.34
CA GLU C 45 -31.94 20.20 -37.08
C GLU C 45 -31.13 20.39 -38.37
N LEU C 46 -31.26 21.55 -39.01
CA LEU C 46 -30.43 21.83 -40.18
C LEU C 46 -28.96 21.94 -39.79
N ALA C 47 -28.68 22.47 -38.61
CA ALA C 47 -27.30 22.55 -38.14
C ALA C 47 -26.71 21.18 -37.88
N LYS C 48 -27.53 20.25 -37.36
CA LYS C 48 -27.04 18.90 -37.09
C LYS C 48 -26.61 18.21 -38.38
N LYS C 49 -27.31 18.47 -39.48
CA LYS C 49 -26.95 17.85 -40.75
C LYS C 49 -25.59 18.34 -41.25
N TYR C 50 -25.45 19.65 -41.39
CA TYR C 50 -24.18 20.20 -41.86
C TYR C 50 -23.05 19.99 -40.86
N ALA C 51 -23.37 19.80 -39.58
CA ALA C 51 -22.33 19.41 -38.63
C ALA C 51 -21.84 18.00 -38.92
N GLN C 52 -22.74 17.09 -39.29
CA GLN C 52 -22.32 15.74 -39.64
C GLN C 52 -21.65 15.69 -41.00
N ASP C 53 -22.07 16.54 -41.94
CA ASP C 53 -21.49 16.52 -43.28
C ASP C 53 -20.02 16.97 -43.24
N VAL C 54 -19.74 18.08 -42.58
CA VAL C 54 -18.37 18.57 -42.49
C VAL C 54 -17.52 17.69 -41.58
N SER C 55 -18.15 17.00 -40.62
CA SER C 55 -17.39 16.14 -39.73
C SER C 55 -16.95 14.87 -40.43
N MET C 56 -17.83 14.29 -41.26
CA MET C 56 -17.48 13.04 -41.95
C MET C 56 -16.59 13.29 -43.16
N SER C 57 -16.67 14.47 -43.77
CA SER C 57 -15.93 14.71 -45.01
C SER C 57 -14.49 15.11 -44.74
N SER C 58 -14.27 16.02 -43.80
CA SER C 58 -12.94 16.55 -43.56
C SER C 58 -12.48 16.42 -42.11
N GLY C 59 -13.27 15.80 -41.24
CA GLY C 59 -12.86 15.61 -39.87
C GLY C 59 -12.96 16.85 -39.00
N THR C 60 -13.76 17.83 -39.40
CA THR C 60 -13.93 19.04 -38.61
C THR C 60 -14.67 18.72 -37.31
N HIS C 61 -14.08 19.10 -36.18
CA HIS C 61 -14.73 18.93 -34.89
C HIS C 61 -15.88 19.93 -34.77
N VAL C 62 -17.07 19.42 -34.44
CA VAL C 62 -18.29 20.23 -34.43
C VAL C 62 -18.86 20.28 -33.02
N HIS C 63 -19.42 21.43 -32.66
CA HIS C 63 -20.14 21.62 -31.42
C HIS C 63 -21.47 22.30 -31.74
N ILE C 64 -22.53 21.85 -31.07
CA ILE C 64 -23.88 22.37 -31.28
C ILE C 64 -24.40 22.85 -29.93
N ILE C 65 -24.35 24.16 -29.69
CA ILE C 65 -24.94 24.76 -28.50
C ILE C 65 -26.43 24.95 -28.79
N ASP C 66 -27.25 24.02 -28.32
CA ASP C 66 -28.67 23.99 -28.65
C ASP C 66 -29.57 24.52 -27.54
N GLY C 67 -29.03 24.75 -26.35
CA GLY C 67 -29.82 25.21 -25.23
C GLY C 67 -30.29 24.13 -24.29
N SER C 68 -30.00 22.85 -24.59
CA SER C 68 -30.34 21.78 -23.66
C SER C 68 -29.60 21.92 -22.34
N VAL C 69 -28.47 22.64 -22.34
CA VAL C 69 -27.73 22.95 -21.13
C VAL C 69 -27.69 24.47 -20.99
N GLU C 70 -27.52 24.92 -19.74
CA GLU C 70 -27.52 26.35 -19.46
C GLU C 70 -26.39 27.05 -20.23
N ILE C 71 -26.67 28.26 -20.69
CA ILE C 71 -25.80 28.92 -21.66
C ILE C 71 -24.42 29.19 -21.06
N THR C 72 -24.36 29.54 -19.78
CA THR C 72 -23.08 29.86 -19.16
C THR C 72 -22.18 28.64 -19.09
N VAL C 73 -22.71 27.53 -18.57
CA VAL C 73 -21.92 26.31 -18.50
C VAL C 73 -21.77 25.67 -19.89
N SER C 74 -22.67 25.99 -20.82
CA SER C 74 -22.52 25.49 -22.19
C SER C 74 -21.30 26.12 -22.85
N LEU C 75 -21.14 27.44 -22.70
CA LEU C 75 -19.94 28.09 -23.22
C LEU C 75 -18.69 27.65 -22.46
N TYR C 76 -18.84 27.36 -21.17
CA TYR C 76 -17.69 26.92 -20.37
C TYR C 76 -17.17 25.58 -20.84
N ARG C 77 -18.06 24.66 -21.22
CA ARG C 77 -17.63 23.34 -21.69
C ARG C 77 -17.15 23.38 -23.12
N THR C 78 -17.68 24.28 -23.95
CA THR C 78 -17.32 24.29 -25.36
C THR C 78 -15.92 24.87 -25.57
N PHE C 79 -15.63 26.00 -24.94
CA PHE C 79 -14.40 26.72 -25.24
C PHE C 79 -13.24 26.36 -24.31
N ARG C 80 -13.51 25.72 -23.17
CA ARG C 80 -12.41 25.13 -22.40
C ARG C 80 -11.80 23.97 -23.16
N THR C 81 -12.60 23.28 -23.99
CA THR C 81 -12.09 22.22 -24.85
C THR C 81 -11.38 22.79 -26.07
N ILE C 82 -11.96 23.81 -26.70
CA ILE C 82 -11.38 24.41 -27.89
C ILE C 82 -10.05 25.06 -27.58
N ALA C 83 -9.90 25.65 -26.39
CA ALA C 83 -8.66 26.32 -26.02
C ALA C 83 -7.47 25.37 -26.04
N THR C 84 -7.70 24.07 -25.87
CA THR C 84 -6.62 23.09 -25.91
C THR C 84 -6.36 22.54 -27.31
N GLN C 85 -7.30 22.71 -28.23
CA GLN C 85 -7.21 22.13 -29.56
C GLN C 85 -6.84 23.15 -30.63
N LEU C 86 -6.51 24.38 -30.24
CA LEU C 86 -6.25 25.43 -31.22
C LEU C 86 -4.99 25.17 -32.04
N LEU C 87 -4.10 24.29 -31.59
CA LEU C 87 -2.89 23.95 -32.32
C LEU C 87 -2.95 22.57 -32.95
N GLY C 88 -4.16 22.02 -33.12
CA GLY C 88 -4.33 20.69 -33.66
C GLY C 88 -4.40 20.60 -35.18
N ARG C 89 -4.28 21.72 -35.88
CA ARG C 89 -4.34 21.77 -37.34
C ARG C 89 -5.65 21.25 -37.90
N MET C 90 -6.72 21.26 -37.10
CA MET C 90 -8.01 20.77 -37.54
C MET C 90 -9.07 21.85 -37.32
N GLN C 91 -9.93 22.02 -38.33
CA GLN C 91 -10.99 23.02 -38.27
C GLN C 91 -11.98 22.68 -37.16
N ILE C 92 -12.51 23.72 -36.53
CA ILE C 92 -13.49 23.59 -35.45
C ILE C 92 -14.65 24.52 -35.75
N VAL C 93 -15.86 23.99 -35.79
CA VAL C 93 -17.07 24.75 -36.05
C VAL C 93 -17.99 24.65 -34.85
N VAL C 94 -18.47 25.78 -34.37
CA VAL C 94 -19.38 25.85 -33.23
C VAL C 94 -20.71 26.39 -33.76
N PHE C 95 -21.73 25.54 -33.75
CA PHE C 95 -23.07 25.94 -34.18
C PHE C 95 -23.85 26.46 -32.98
N VAL C 96 -24.28 27.72 -33.07
CA VAL C 96 -25.07 28.37 -32.03
C VAL C 96 -26.50 28.48 -32.54
N THR C 97 -27.42 27.75 -31.92
CA THR C 97 -28.81 27.73 -32.35
C THR C 97 -29.75 28.43 -31.40
N VAL C 98 -29.30 28.79 -30.19
CA VAL C 98 -30.17 29.49 -29.25
C VAL C 98 -30.45 30.90 -29.75
N ASP C 99 -31.53 31.48 -29.24
CA ASP C 99 -31.96 32.81 -29.67
C ASP C 99 -30.98 33.87 -29.21
N LYS C 100 -31.13 35.07 -29.78
CA LYS C 100 -30.28 36.20 -29.40
C LYS C 100 -30.52 36.67 -27.97
N SER C 101 -31.62 36.26 -27.34
CA SER C 101 -31.83 36.57 -25.93
C SER C 101 -30.97 35.70 -25.02
N VAL C 102 -30.66 34.48 -25.45
CA VAL C 102 -29.78 33.61 -24.66
C VAL C 102 -28.34 34.07 -24.78
N VAL C 103 -27.92 34.46 -25.98
CA VAL C 103 -26.61 35.07 -26.20
C VAL C 103 -26.73 36.04 -27.37
N SER C 104 -26.39 37.30 -27.14
CA SER C 104 -26.57 38.32 -28.15
C SER C 104 -25.54 38.17 -29.26
N THR C 105 -25.77 38.88 -30.36
CA THR C 105 -24.86 38.83 -31.49
C THR C 105 -23.48 39.38 -31.11
N GLN C 106 -23.45 40.47 -30.34
CA GLN C 106 -22.18 41.08 -29.97
C GLN C 106 -21.43 40.25 -28.95
N VAL C 107 -22.14 39.51 -28.10
CA VAL C 107 -21.48 38.66 -27.12
C VAL C 107 -20.85 37.45 -27.81
N MET C 108 -21.61 36.80 -28.71
CA MET C 108 -21.08 35.64 -29.41
C MET C 108 -19.95 36.03 -30.37
N LYS C 109 -20.04 37.22 -30.98
CA LYS C 109 -18.96 37.66 -31.86
C LYS C 109 -17.68 37.95 -31.09
N SER C 110 -17.82 38.47 -29.86
CA SER C 110 -16.65 38.70 -29.03
C SER C 110 -15.98 37.39 -28.64
N ILE C 111 -16.77 36.41 -28.21
CA ILE C 111 -16.22 35.11 -27.84
C ILE C 111 -15.57 34.45 -29.06
N ALA C 112 -16.18 34.63 -30.23
CA ALA C 112 -15.62 34.05 -31.46
C ALA C 112 -14.25 34.65 -31.76
N TRP C 113 -14.19 35.99 -31.83
CA TRP C 113 -12.93 36.66 -32.14
C TRP C 113 -11.90 36.52 -31.03
N ALA C 114 -12.35 36.31 -29.79
CA ALA C 114 -11.40 36.10 -28.70
C ALA C 114 -10.62 34.80 -28.89
N PHE C 115 -11.20 33.83 -29.60
CA PHE C 115 -10.54 32.57 -29.91
C PHE C 115 -10.06 32.49 -31.35
N ARG C 116 -9.94 33.64 -32.02
CA ARG C 116 -9.49 33.72 -33.41
C ARG C 116 -10.35 32.83 -34.32
N GLY C 117 -11.60 33.27 -34.49
CA GLY C 117 -12.57 32.49 -35.25
C GLY C 117 -13.38 33.38 -36.18
N SER C 118 -13.89 32.75 -37.23
CA SER C 118 -14.81 33.42 -38.15
C SER C 118 -16.21 33.41 -37.54
N PHE C 119 -16.86 34.57 -37.52
CA PHE C 119 -18.18 34.72 -36.95
C PHE C 119 -19.20 34.91 -38.07
N VAL C 120 -20.28 34.13 -38.01
CA VAL C 120 -21.37 34.19 -38.97
C VAL C 120 -22.67 34.26 -38.18
N GLU C 121 -23.44 35.32 -38.39
CA GLU C 121 -24.73 35.52 -37.71
C GLU C 121 -25.82 35.48 -38.75
N LEU C 122 -26.62 34.40 -38.73
CA LEU C 122 -27.72 34.22 -39.66
C LEU C 122 -28.92 33.59 -38.95
N ARG C 123 -29.22 34.06 -37.74
CA ARG C 123 -30.33 33.52 -36.96
C ARG C 123 -31.69 34.08 -37.37
N ASN C 124 -31.71 35.16 -38.14
CA ASN C 124 -32.97 35.72 -38.63
C ASN C 124 -33.44 35.04 -39.93
N GLN C 125 -32.62 34.20 -40.54
CA GLN C 125 -32.95 33.60 -41.82
C GLN C 125 -33.91 32.43 -41.65
N SER C 126 -34.72 32.20 -42.68
CA SER C 126 -35.62 31.06 -42.70
C SER C 126 -34.86 29.78 -43.04
N VAL C 127 -35.51 28.65 -42.83
CA VAL C 127 -34.84 27.35 -42.96
C VAL C 127 -34.46 27.05 -44.41
N ASP C 128 -35.14 27.63 -45.38
CA ASP C 128 -34.84 27.40 -46.79
C ASP C 128 -34.25 28.65 -47.45
N SER C 129 -33.49 29.43 -46.70
CA SER C 129 -32.86 30.63 -47.24
C SER C 129 -31.71 30.24 -48.17
N SER C 130 -31.67 30.87 -49.35
CA SER C 130 -30.59 30.58 -50.29
C SER C 130 -29.25 31.07 -49.76
N THR C 131 -29.26 32.09 -48.90
CA THR C 131 -28.01 32.58 -48.33
C THR C 131 -27.53 31.70 -47.18
N LEU C 132 -28.45 31.25 -46.32
CA LEU C 132 -28.07 30.39 -45.21
C LEU C 132 -27.53 29.06 -45.70
N VAL C 133 -28.23 28.43 -46.66
CA VAL C 133 -27.80 27.14 -47.18
C VAL C 133 -26.46 27.28 -47.91
N SER C 134 -26.26 28.40 -48.61
CA SER C 134 -25.01 28.60 -49.34
C SER C 134 -23.82 28.68 -48.38
N LYS C 135 -23.94 29.48 -47.33
CA LYS C 135 -22.83 29.60 -46.37
C LYS C 135 -22.67 28.34 -45.53
N LEU C 136 -23.71 27.51 -45.42
CA LEU C 136 -23.55 26.21 -44.78
C LEU C 136 -22.86 25.22 -45.71
N GLU C 137 -23.17 25.29 -47.01
CA GLU C 137 -22.48 24.44 -47.98
C GLU C 137 -21.00 24.84 -48.10
N ASN C 138 -20.69 26.11 -47.84
CA ASN C 138 -19.29 26.55 -47.89
C ASN C 138 -18.44 25.87 -46.82
N LEU C 139 -19.05 25.50 -45.70
CA LEU C 139 -18.31 24.78 -44.67
C LEU C 139 -17.83 23.43 -45.20
N VAL C 140 -18.70 22.69 -45.86
CA VAL C 140 -18.33 21.36 -46.36
C VAL C 140 -17.45 21.47 -47.59
N SER C 141 -17.61 22.53 -48.39
CA SER C 141 -16.87 22.65 -49.63
C SER C 141 -15.45 23.19 -49.42
N PHE C 142 -15.27 24.07 -48.44
CA PHE C 142 -13.98 24.73 -48.23
C PHE C 142 -13.16 24.13 -47.09
N ALA C 143 -13.72 23.18 -46.34
CA ALA C 143 -13.01 22.61 -45.20
C ALA C 143 -11.67 22.02 -45.66
N PRO C 144 -10.61 22.13 -44.84
CA PRO C 144 -10.61 22.72 -43.49
C PRO C 144 -10.56 24.25 -43.46
N LEU C 145 -10.53 24.87 -44.63
CA LEU C 145 -10.54 26.33 -44.72
C LEU C 145 -11.98 26.83 -44.72
N TYR C 146 -12.13 28.16 -44.84
CA TYR C 146 -13.45 28.77 -44.89
C TYR C 146 -13.31 30.16 -45.50
N ASN C 147 -14.28 30.53 -46.34
CA ASN C 147 -14.23 31.80 -47.05
C ASN C 147 -14.52 33.00 -46.16
N VAL C 148 -15.16 32.81 -45.02
CA VAL C 148 -15.42 33.92 -44.10
C VAL C 148 -14.14 34.22 -43.33
N PRO C 149 -13.70 35.49 -43.30
CA PRO C 149 -12.43 35.80 -42.63
C PRO C 149 -12.53 35.72 -41.12
N LYS C 150 -11.41 35.38 -40.50
CA LYS C 150 -11.34 35.29 -39.05
C LYS C 150 -11.09 36.66 -38.44
N CYS C 151 -11.82 36.97 -37.36
CA CYS C 151 -11.65 38.22 -36.61
C CYS C 151 -11.89 39.44 -37.50
N GLY C 152 -12.92 39.37 -38.33
CA GLY C 152 -13.24 40.47 -39.21
C GLY C 152 -14.50 40.23 -40.01
N PRO C 153 -15.22 41.30 -40.35
CA PRO C 153 -16.47 41.14 -41.10
C PRO C 153 -16.24 40.77 -42.56
N ASP C 154 -15.35 41.50 -43.25
CA ASP C 154 -15.14 41.32 -44.67
C ASP C 154 -13.65 41.32 -44.97
N TYR C 155 -13.33 41.07 -46.24
CA TYR C 155 -11.96 40.87 -46.70
C TYR C 155 -11.79 41.58 -48.04
N TYR C 156 -10.61 42.18 -48.25
CA TYR C 156 -10.32 42.92 -49.47
C TYR C 156 -8.90 42.65 -49.94
N GLY C 157 -8.44 41.40 -49.77
CA GLY C 157 -7.12 41.02 -50.20
C GLY C 157 -7.17 40.18 -51.47
N PRO C 158 -6.00 39.74 -51.95
CA PRO C 158 -5.96 38.99 -53.21
C PRO C 158 -6.51 37.58 -53.13
N THR C 159 -6.72 37.04 -51.93
CA THR C 159 -7.19 35.67 -51.79
C THR C 159 -8.66 35.59 -52.16
N VAL C 160 -8.97 34.90 -53.26
CA VAL C 160 -10.34 34.70 -53.73
C VAL C 160 -10.68 33.24 -53.54
N TYR C 161 -11.63 32.96 -52.63
CA TYR C 161 -11.94 31.58 -52.30
C TYR C 161 -12.72 30.89 -53.41
N SER C 162 -13.49 31.63 -54.20
CA SER C 162 -14.22 31.02 -55.30
C SER C 162 -13.30 30.49 -56.38
N GLU C 163 -12.06 30.99 -56.46
CA GLU C 163 -11.12 30.49 -57.45
C GLU C 163 -10.59 29.10 -57.09
N LEU C 164 -10.71 28.69 -55.82
CA LEU C 164 -10.30 27.35 -55.42
C LEU C 164 -11.20 26.27 -56.01
N LEU C 165 -12.42 26.63 -56.41
CA LEU C 165 -13.36 25.69 -57.00
C LEU C 165 -13.43 25.79 -58.52
N SER C 166 -12.74 26.75 -59.12
CA SER C 166 -12.79 26.97 -60.56
C SER C 166 -11.72 26.13 -61.25
N LEU C 167 -12.15 25.33 -62.24
CA LEU C 167 -11.21 24.55 -63.03
C LEU C 167 -10.39 25.41 -63.97
N ALA C 168 -10.85 26.62 -64.28
CA ALA C 168 -10.10 27.49 -65.18
C ALA C 168 -8.82 28.00 -64.52
N THR C 169 -8.88 28.30 -63.23
CA THR C 169 -7.72 28.79 -62.49
C THR C 169 -6.90 27.66 -61.88
N ASN C 170 -7.07 26.43 -62.38
CA ASN C 170 -6.37 25.24 -61.86
C ASN C 170 -6.66 25.03 -60.39
N ALA C 171 -7.82 25.49 -59.92
CA ALA C 171 -8.25 25.32 -58.53
C ALA C 171 -7.22 25.86 -57.54
N ARG C 172 -6.77 27.09 -57.80
CA ARG C 172 -5.77 27.74 -56.96
C ARG C 172 -6.12 29.21 -56.79
N THR C 173 -5.54 29.83 -55.77
CA THR C 173 -5.69 31.25 -55.52
C THR C 173 -4.47 31.75 -54.77
N HIS C 174 -4.35 33.07 -54.67
CA HIS C 174 -3.18 33.67 -54.05
C HIS C 174 -3.28 33.61 -52.52
N TRP C 175 -2.12 33.77 -51.88
CA TRP C 175 -2.03 33.56 -50.43
C TRP C 175 -0.84 34.37 -49.91
N TYR C 176 -1.09 35.61 -49.54
CA TYR C 176 -0.08 36.50 -48.97
C TYR C 176 -0.39 36.65 -47.49
N ALA C 177 0.15 35.73 -46.68
CA ALA C 177 -0.18 35.69 -45.26
C ALA C 177 0.37 36.91 -44.52
N THR C 178 1.59 37.32 -44.85
CA THR C 178 2.20 38.45 -44.15
C THR C 178 1.51 39.77 -44.50
N ILE C 179 1.19 39.97 -45.79
CA ILE C 179 0.56 41.21 -46.22
C ILE C 179 -0.83 41.35 -45.62
N ASP C 180 -1.61 40.26 -45.63
CA ASP C 180 -2.99 40.34 -45.16
C ASP C 180 -3.06 40.50 -43.65
N TYR C 181 -2.14 39.88 -42.92
CA TYR C 181 -2.15 40.04 -41.47
C TYR C 181 -1.70 41.44 -41.06
N SER C 182 -0.86 42.08 -41.89
CA SER C 182 -0.47 43.46 -41.62
C SER C 182 -1.66 44.40 -41.81
N MET C 183 -2.41 44.23 -42.90
CA MET C 183 -3.64 44.99 -43.08
C MET C 183 -4.65 44.65 -42.00
N PHE C 184 -4.64 43.40 -41.51
CA PHE C 184 -5.48 43.05 -40.37
C PHE C 184 -5.00 43.74 -39.10
N THR C 185 -3.68 43.92 -38.96
CA THR C 185 -3.13 44.58 -37.78
C THR C 185 -3.47 46.08 -37.79
N ARG C 186 -3.25 46.75 -38.93
CA ARG C 186 -3.62 48.15 -39.05
C ARG C 186 -5.11 48.36 -38.77
N SER C 187 -5.94 47.39 -39.17
CA SER C 187 -7.38 47.49 -38.94
C SER C 187 -7.73 47.26 -37.46
N VAL C 188 -6.98 46.38 -36.79
CA VAL C 188 -7.28 46.11 -35.38
C VAL C 188 -6.83 47.28 -34.52
N LEU C 189 -5.68 47.88 -34.83
CA LEU C 189 -5.21 49.04 -34.07
C LEU C 189 -6.21 50.19 -34.17
N THR C 190 -6.75 50.43 -35.37
CA THR C 190 -7.76 51.48 -35.54
C THR C 190 -9.01 51.17 -34.72
N GLY C 191 -9.48 49.92 -34.76
CA GLY C 191 -10.66 49.56 -33.99
C GLY C 191 -10.45 49.70 -32.49
N PHE C 192 -9.24 49.44 -32.01
CA PHE C 192 -8.95 49.63 -30.59
C PHE C 192 -9.03 51.11 -30.21
N VAL C 193 -8.48 51.98 -31.05
CA VAL C 193 -8.59 53.41 -30.82
C VAL C 193 -10.05 53.85 -30.88
N ALA C 194 -10.82 53.26 -31.82
CA ALA C 194 -12.25 53.53 -31.87
C ALA C 194 -12.94 53.06 -30.60
N LYS C 195 -12.56 51.89 -30.09
CA LYS C 195 -13.11 51.43 -28.82
C LYS C 195 -12.64 52.30 -27.66
N TYR C 196 -11.42 52.83 -27.75
CA TYR C 196 -10.92 53.72 -26.71
C TYR C 196 -11.74 55.02 -26.67
N PHE C 197 -12.09 55.56 -27.84
CA PHE C 197 -12.89 56.78 -27.88
C PHE C 197 -14.29 56.54 -27.33
N ASN C 198 -14.86 55.36 -27.57
CA ASN C 198 -16.20 55.08 -27.08
C ASN C 198 -16.21 54.86 -25.57
N GLU C 199 -15.14 54.25 -25.04
CA GLU C 199 -15.08 54.00 -23.61
C GLU C 199 -14.84 55.29 -22.82
N GLU C 200 -13.95 56.15 -23.33
CA GLU C 200 -13.66 57.42 -22.67
C GLU C 200 -14.70 58.49 -22.95
N ALA C 201 -15.73 58.18 -23.74
CA ALA C 201 -16.79 59.12 -24.09
C ALA C 201 -16.21 60.40 -24.71
N VAL C 202 -15.19 60.23 -25.55
CA VAL C 202 -14.56 61.38 -26.21
C VAL C 202 -15.57 62.02 -27.15
N PRO C 203 -15.67 63.35 -27.21
CA PRO C 203 -16.60 63.98 -28.14
C PRO C 203 -16.33 63.56 -29.58
N ILE C 204 -17.37 63.64 -30.41
CA ILE C 204 -17.31 63.10 -31.76
C ILE C 204 -16.25 63.84 -32.59
N ASP C 205 -16.25 65.17 -32.51
CA ASP C 205 -15.30 65.96 -33.29
C ASP C 205 -13.88 65.86 -32.75
N LYS C 206 -13.71 65.38 -31.52
CA LYS C 206 -12.39 65.21 -30.93
C LYS C 206 -11.74 63.89 -31.28
N ARG C 207 -12.46 62.99 -31.97
CA ARG C 207 -11.94 61.66 -32.29
C ARG C 207 -10.97 61.76 -33.46
N ILE C 208 -9.73 62.11 -33.14
CA ILE C 208 -8.65 62.21 -34.12
C ILE C 208 -7.48 61.40 -33.59
N VAL C 209 -6.83 60.64 -34.48
CA VAL C 209 -5.70 59.79 -34.13
C VAL C 209 -4.52 60.16 -35.01
N SER C 210 -3.33 60.23 -34.40
CA SER C 210 -2.10 60.56 -35.09
C SER C 210 -1.37 59.27 -35.45
N ILE C 211 -1.12 59.07 -36.73
CA ILE C 211 -0.44 57.88 -37.23
C ILE C 211 1.03 58.24 -37.42
N VAL C 212 1.88 57.78 -36.50
CA VAL C 212 3.30 58.08 -36.58
C VAL C 212 3.90 57.39 -37.81
N GLY C 213 4.63 58.15 -38.62
CA GLY C 213 5.17 57.63 -39.86
C GLY C 213 4.11 57.48 -40.92
N TYR C 214 4.50 57.57 -42.19
CA TYR C 214 3.52 57.47 -43.26
C TYR C 214 3.04 56.03 -43.42
N ASN C 215 1.72 55.87 -43.56
CA ASN C 215 1.09 54.57 -43.70
C ASN C 215 -0.23 54.75 -44.43
N PRO C 216 -0.25 54.53 -45.74
CA PRO C 216 -1.43 54.89 -46.56
C PRO C 216 -2.72 54.25 -46.07
N PRO C 217 -2.77 52.93 -45.82
CA PRO C 217 -4.08 52.30 -45.55
C PRO C 217 -4.79 52.81 -44.31
N TYR C 218 -4.11 53.56 -43.44
CA TYR C 218 -4.76 54.02 -42.22
C TYR C 218 -5.84 55.06 -42.51
N VAL C 219 -5.72 55.79 -43.62
CA VAL C 219 -6.78 56.72 -44.00
C VAL C 219 -8.10 55.98 -44.19
N TRP C 220 -8.06 54.81 -44.83
CA TRP C 220 -9.27 54.02 -45.02
C TRP C 220 -9.75 53.42 -43.70
N THR C 221 -8.84 52.84 -42.94
CA THR C 221 -9.23 52.17 -41.69
C THR C 221 -9.78 53.16 -40.67
N CYS C 222 -9.15 54.33 -40.55
CA CYS C 222 -9.65 55.33 -39.61
C CYS C 222 -11.04 55.81 -40.00
N LEU C 223 -11.28 56.01 -41.30
CA LEU C 223 -12.60 56.39 -41.76
C LEU C 223 -13.61 55.27 -41.56
N ARG C 224 -13.16 54.01 -41.56
CA ARG C 224 -14.06 52.89 -41.35
C ARG C 224 -14.59 52.83 -39.92
N HIS C 225 -13.89 53.44 -38.96
CA HIS C 225 -14.29 53.40 -37.56
C HIS C 225 -14.75 54.77 -37.04
N GLY C 226 -15.06 55.70 -37.95
CA GLY C 226 -15.60 56.97 -37.53
C GLY C 226 -14.64 57.90 -36.84
N ILE C 227 -13.35 57.79 -37.15
CA ILE C 227 -12.33 58.67 -36.58
C ILE C 227 -11.55 59.30 -37.72
N ARG C 228 -11.02 60.50 -37.46
CA ARG C 228 -10.28 61.21 -38.51
C ARG C 228 -8.79 60.99 -38.33
N PRO C 229 -8.08 60.59 -39.38
CA PRO C 229 -6.63 60.34 -39.26
C PRO C 229 -5.81 61.58 -39.54
N THR C 230 -4.56 61.53 -39.07
CA THR C 230 -3.58 62.55 -39.37
C THR C 230 -2.19 61.94 -39.23
N TYR C 231 -1.29 62.31 -40.14
CA TYR C 231 0.05 61.74 -40.18
C TYR C 231 1.05 62.71 -39.58
N ILE C 232 2.12 62.15 -39.01
CA ILE C 232 3.24 62.91 -38.47
C ILE C 232 4.51 62.14 -38.83
N GLU C 233 5.25 62.64 -39.82
CA GLU C 233 6.44 61.96 -40.32
C GLU C 233 7.71 62.69 -39.89
N LYS C 234 8.77 61.90 -39.71
CA LYS C 234 10.06 62.46 -39.29
C LYS C 234 10.61 63.42 -40.34
N SER C 235 10.70 62.98 -41.58
CA SER C 235 11.24 63.79 -42.67
C SER C 235 10.36 63.59 -43.90
N LEU C 236 9.66 64.65 -44.31
CA LEU C 236 8.86 64.61 -45.52
C LEU C 236 9.64 65.26 -46.65
N PRO C 237 10.05 64.52 -47.67
CA PRO C 237 10.88 65.12 -48.74
C PRO C 237 10.10 66.14 -49.56
N ASN C 238 10.84 67.01 -50.21
CA ASN C 238 10.23 68.03 -51.05
C ASN C 238 9.55 67.37 -52.23
N PRO C 239 8.28 67.69 -52.51
CA PRO C 239 7.58 67.01 -53.61
C PRO C 239 8.19 67.30 -54.98
N GLY C 240 8.72 68.49 -55.19
CA GLY C 240 9.37 68.83 -56.44
C GLY C 240 8.54 69.65 -57.41
N GLY C 241 7.45 70.25 -56.96
CA GLY C 241 6.60 71.06 -57.81
C GLY C 241 6.78 72.54 -57.53
N LYS C 242 5.76 73.31 -57.93
CA LYS C 242 5.75 74.76 -57.72
C LYS C 242 4.66 75.13 -56.73
N GLY C 243 4.71 76.39 -56.30
CA GLY C 243 3.79 76.87 -55.29
C GLY C 243 4.44 76.95 -53.93
N PRO C 244 3.73 77.50 -52.94
CA PRO C 244 4.29 77.59 -51.59
C PRO C 244 4.67 76.24 -51.01
N PHE C 245 3.89 75.20 -51.28
CA PHE C 245 4.18 73.86 -50.81
C PHE C 245 4.72 72.95 -51.91
N GLY C 246 4.86 73.46 -53.14
CA GLY C 246 5.39 72.68 -54.24
C GLY C 246 4.61 71.44 -54.55
N LEU C 247 3.30 71.57 -54.73
CA LEU C 247 2.42 70.43 -54.90
C LEU C 247 1.83 70.29 -56.30
N ILE C 248 1.97 71.30 -57.16
CA ILE C 248 1.51 71.18 -58.54
C ILE C 248 2.63 70.55 -59.36
N LEU C 249 2.28 69.47 -60.08
CA LEU C 249 3.21 68.70 -60.90
C LEU C 249 4.40 68.21 -60.07
N PRO C 250 4.20 67.27 -59.15
CA PRO C 250 5.32 66.76 -58.36
C PRO C 250 6.14 65.74 -59.12
N VAL C 251 7.38 65.55 -58.66
CA VAL C 251 8.28 64.59 -59.27
C VAL C 251 7.89 63.18 -58.88
N CYS C 274 -11.33 56.03 -51.74
CA CYS C 274 -9.94 56.45 -51.89
C CYS C 274 -9.81 57.97 -51.72
N LEU C 275 -10.35 58.70 -52.69
CA LEU C 275 -10.30 60.17 -52.63
C LEU C 275 -11.24 60.70 -51.55
N ASP C 276 -12.42 60.10 -51.41
CA ASP C 276 -13.42 60.63 -50.49
C ASP C 276 -12.98 60.45 -49.04
N THR C 277 -12.33 59.33 -48.72
CA THR C 277 -11.87 59.11 -47.35
C THR C 277 -10.85 60.17 -46.93
N PHE C 278 -10.00 60.60 -47.86
CA PHE C 278 -9.05 61.66 -47.54
C PHE C 278 -9.76 62.99 -47.32
N MET C 279 -10.78 63.28 -48.12
CA MET C 279 -11.53 64.52 -47.94
C MET C 279 -12.46 64.46 -46.73
N LEU C 280 -12.83 63.26 -46.28
CA LEU C 280 -13.62 63.13 -45.07
C LEU C 280 -12.80 63.44 -43.82
N SER C 281 -11.48 63.39 -43.91
CA SER C 281 -10.61 63.69 -42.78
C SER C 281 -10.32 65.18 -42.63
N THR C 282 -10.42 65.96 -43.70
CA THR C 282 -10.12 67.38 -43.64
C THR C 282 -11.21 68.18 -42.95
N SER C 283 -12.44 67.67 -42.90
CA SER C 283 -13.55 68.40 -42.31
C SER C 283 -14.63 67.43 -41.86
N MET C 284 -15.37 67.84 -40.83
CA MET C 284 -16.54 67.10 -40.37
C MET C 284 -17.80 67.49 -41.11
N ASN C 285 -17.70 68.38 -42.10
CA ASN C 285 -18.81 68.77 -42.95
C ASN C 285 -18.32 68.78 -44.39
N ILE C 286 -19.12 68.24 -45.30
CA ILE C 286 -18.70 68.01 -46.68
C ILE C 286 -19.78 68.45 -47.64
N LEU C 287 -19.40 69.24 -48.64
CA LEU C 287 -20.25 69.54 -49.79
C LEU C 287 -19.85 68.60 -50.92
N TYR C 288 -20.68 67.59 -51.17
CA TYR C 288 -20.36 66.52 -52.12
C TYR C 288 -21.15 66.75 -53.39
N ILE C 289 -20.52 67.39 -54.37
CA ILE C 289 -21.12 67.65 -55.67
C ILE C 289 -20.58 66.65 -56.69
N GLY C 290 -21.46 66.16 -57.55
CA GLY C 290 -21.08 65.20 -58.56
C GLY C 290 -21.10 63.75 -58.14
N ALA C 291 -21.61 63.46 -56.94
CA ALA C 291 -21.69 62.10 -56.43
C ALA C 291 -23.01 61.49 -56.89
N TYR C 292 -23.04 61.09 -58.16
CA TYR C 292 -24.22 60.43 -58.70
C TYR C 292 -24.53 59.12 -57.98
N PRO C 293 -23.58 58.21 -57.77
CA PRO C 293 -23.90 56.99 -57.00
C PRO C 293 -23.62 57.17 -55.52
N ALA C 294 -24.46 56.53 -54.71
CA ALA C 294 -24.29 56.58 -53.26
C ALA C 294 -23.23 55.62 -52.75
N THR C 295 -22.82 54.66 -53.58
CA THR C 295 -22.10 53.49 -53.07
C THR C 295 -20.60 53.70 -52.92
N HIS C 296 -20.03 54.77 -53.50
CA HIS C 296 -18.60 54.97 -53.33
C HIS C 296 -18.24 55.22 -51.87
N LEU C 297 -19.18 55.74 -51.09
CA LEU C 297 -19.01 55.81 -49.65
C LEU C 297 -19.41 54.51 -48.98
N LEU C 298 -20.46 53.87 -49.48
CA LEU C 298 -20.95 52.57 -49.02
C LEU C 298 -21.27 52.69 -47.52
N SER C 299 -20.95 51.68 -46.72
CA SER C 299 -21.10 51.76 -45.27
C SER C 299 -19.74 52.07 -44.67
N LEU C 300 -19.63 53.24 -44.03
CA LEU C 300 -18.35 53.71 -43.52
C LEU C 300 -18.36 54.09 -42.05
N GLN C 301 -19.51 54.00 -41.37
CA GLN C 301 -19.62 54.31 -39.94
C GLN C 301 -19.20 55.76 -39.67
N LEU C 302 -20.00 56.68 -40.18
CA LEU C 302 -19.80 58.12 -39.99
C LEU C 302 -20.93 58.65 -39.11
N ASN C 303 -20.60 59.03 -37.88
CA ASN C 303 -21.59 59.52 -36.94
C ASN C 303 -21.39 60.99 -36.56
N GLY C 304 -20.31 61.61 -37.01
CA GLY C 304 -20.06 63.01 -36.70
C GLY C 304 -19.94 63.89 -37.92
N TRP C 305 -20.33 63.36 -39.07
CA TRP C 305 -20.22 64.06 -40.34
C TRP C 305 -21.56 64.64 -40.76
N THR C 306 -21.50 65.67 -41.61
CA THR C 306 -22.68 66.31 -42.18
C THR C 306 -22.45 66.44 -43.67
N ILE C 307 -23.12 65.59 -44.46
CA ILE C 307 -22.89 65.49 -45.89
C ILE C 307 -24.00 66.23 -46.62
N LEU C 308 -23.61 67.13 -47.53
CA LEU C 308 -24.53 67.82 -48.43
C LEU C 308 -24.25 67.31 -49.84
N ALA C 309 -25.12 66.44 -50.34
CA ALA C 309 -24.92 65.78 -51.63
C ALA C 309 -25.72 66.49 -52.71
N PHE C 310 -25.06 66.75 -53.84
CA PHE C 310 -25.68 67.39 -55.00
C PHE C 310 -25.70 66.40 -56.16
N ASP C 311 -26.89 66.01 -56.59
CA ASP C 311 -27.06 65.05 -57.67
C ASP C 311 -28.53 65.03 -58.12
N PRO C 312 -28.79 65.04 -59.43
CA PRO C 312 -30.19 64.96 -59.88
C PRO C 312 -30.89 63.67 -59.52
N LYS C 313 -30.15 62.57 -59.38
CA LYS C 313 -30.74 61.25 -59.17
C LYS C 313 -31.08 60.97 -57.72
N ILE C 314 -31.08 61.97 -56.84
CA ILE C 314 -31.37 61.76 -55.44
C ILE C 314 -32.88 61.57 -55.26
N THR C 315 -33.26 60.51 -54.55
CA THR C 315 -34.66 60.20 -54.28
C THR C 315 -34.90 60.17 -52.77
N SER C 316 -36.13 59.86 -52.38
CA SER C 316 -36.50 59.84 -50.97
C SER C 316 -35.94 58.61 -50.25
N ASP C 317 -36.02 57.44 -50.89
CA ASP C 317 -35.44 56.24 -50.31
C ASP C 317 -33.93 56.36 -50.17
N TRP C 318 -33.31 57.20 -51.01
CA TRP C 318 -31.86 57.41 -50.94
C TRP C 318 -31.47 58.06 -49.63
N THR C 319 -32.27 59.01 -49.16
CA THR C 319 -31.89 59.79 -47.97
C THR C 319 -31.95 58.93 -46.70
N ASP C 320 -33.01 58.13 -46.55
CA ASP C 320 -33.16 57.33 -45.35
C ASP C 320 -32.16 56.17 -45.31
N ALA C 321 -31.83 55.60 -46.48
CA ALA C 321 -30.92 54.47 -46.51
C ALA C 321 -29.49 54.88 -46.17
N MET C 322 -29.05 56.04 -46.67
CA MET C 322 -27.69 56.50 -46.40
C MET C 322 -27.51 56.80 -44.92
N ALA C 323 -28.53 57.37 -44.28
CA ALA C 323 -28.42 57.71 -42.86
C ALA C 323 -28.32 56.45 -41.99
N LYS C 324 -28.94 55.35 -42.41
CA LYS C 324 -28.90 54.12 -41.63
C LYS C 324 -27.58 53.38 -41.83
N ALA C 325 -27.14 53.25 -43.09
CA ALA C 325 -25.92 52.52 -43.37
C ALA C 325 -24.66 53.27 -42.95
N THR C 326 -24.75 54.58 -42.80
CA THR C 326 -23.60 55.41 -42.44
C THR C 326 -23.67 55.95 -41.02
N GLY C 327 -24.82 56.50 -40.63
CA GLY C 327 -25.02 57.01 -39.28
C GLY C 327 -25.09 58.51 -39.18
N ALA C 328 -24.79 59.24 -40.25
CA ALA C 328 -24.80 60.69 -40.23
C ALA C 328 -26.18 61.24 -40.59
N LYS C 329 -26.33 62.54 -40.44
CA LYS C 329 -27.56 63.25 -40.83
C LYS C 329 -27.28 63.92 -42.17
N VAL C 330 -27.69 63.26 -43.25
CA VAL C 330 -27.37 63.68 -44.61
C VAL C 330 -28.59 64.36 -45.22
N ILE C 331 -28.36 65.52 -45.84
CA ILE C 331 -29.39 66.22 -46.60
C ILE C 331 -28.99 66.14 -48.07
N GLY C 332 -29.78 65.41 -48.85
CA GLY C 332 -29.50 65.23 -50.27
C GLY C 332 -30.45 66.00 -51.16
N VAL C 333 -29.91 66.91 -51.96
CA VAL C 333 -30.73 67.72 -52.86
C VAL C 333 -30.85 66.97 -54.19
N SER C 334 -31.99 67.18 -54.86
CA SER C 334 -32.34 66.42 -56.06
C SER C 334 -32.31 67.30 -57.31
N LYS C 335 -31.35 68.22 -57.39
CA LYS C 335 -31.20 69.09 -58.55
C LYS C 335 -29.73 69.35 -58.78
N GLU C 336 -29.44 70.17 -59.79
CA GLU C 336 -28.07 70.53 -60.12
C GLU C 336 -27.52 71.48 -59.06
N PHE C 337 -26.34 72.04 -59.34
CA PHE C 337 -25.61 72.77 -58.31
C PHE C 337 -25.75 74.29 -58.41
N ASP C 338 -24.99 74.90 -59.32
CA ASP C 338 -24.81 76.35 -59.31
C ASP C 338 -26.05 77.05 -59.82
N PHE C 339 -26.78 77.71 -58.92
CA PHE C 339 -27.78 78.69 -59.29
C PHE C 339 -27.35 80.12 -58.99
N LYS C 340 -26.58 80.32 -57.92
CA LYS C 340 -25.99 81.60 -57.57
C LYS C 340 -24.48 81.46 -57.47
N SER C 341 -23.78 82.60 -57.50
CA SER C 341 -22.32 82.63 -57.52
C SER C 341 -21.80 83.27 -56.25
N PHE C 342 -21.00 82.52 -55.50
CA PHE C 342 -20.33 82.99 -54.28
C PHE C 342 -21.28 83.74 -53.36
N SER C 343 -22.20 83.04 -52.72
CA SER C 343 -23.15 83.65 -51.80
C SER C 343 -23.56 82.63 -50.75
N VAL C 344 -23.64 83.08 -49.50
CA VAL C 344 -24.12 82.23 -48.42
C VAL C 344 -25.58 81.85 -48.58
N GLN C 345 -26.31 82.51 -49.46
CA GLN C 345 -27.71 82.21 -49.72
C GLN C 345 -27.89 81.33 -50.96
N ALA C 346 -26.83 80.65 -51.39
CA ALA C 346 -26.92 79.69 -52.48
C ALA C 346 -27.36 78.34 -51.91
N ASN C 347 -28.39 77.77 -52.52
CA ASN C 347 -29.00 76.50 -52.06
C ASN C 347 -29.51 76.74 -50.64
N GLN C 348 -29.28 75.82 -49.71
CA GLN C 348 -29.73 75.94 -48.33
C GLN C 348 -28.55 75.86 -47.36
N LEU C 349 -27.43 76.49 -47.74
CA LEU C 349 -26.22 76.43 -46.93
C LEU C 349 -26.33 77.24 -45.63
N ASN C 350 -27.42 77.98 -45.43
CA ASN C 350 -27.58 78.76 -44.21
C ASN C 350 -27.80 77.89 -42.98
N MET C 351 -27.98 76.58 -43.14
CA MET C 351 -28.04 75.69 -41.99
C MET C 351 -26.65 75.44 -41.40
N PHE C 352 -25.62 75.44 -42.25
CA PHE C 352 -24.24 75.25 -41.82
C PHE C 352 -23.69 76.63 -41.49
N GLN C 353 -23.88 77.07 -40.25
CA GLN C 353 -23.66 78.47 -39.92
C GLN C 353 -22.19 78.80 -39.74
N ASN C 354 -21.51 78.11 -38.82
CA ASN C 354 -20.12 78.48 -38.49
C ASN C 354 -19.34 77.21 -38.15
N SER C 355 -18.79 76.56 -39.17
CA SER C 355 -17.92 75.40 -38.99
C SER C 355 -17.13 75.20 -40.27
N LYS C 356 -16.14 74.31 -40.19
CA LYS C 356 -15.31 74.02 -41.35
C LYS C 356 -16.10 73.25 -42.41
N LEU C 357 -15.63 73.35 -43.65
CA LEU C 357 -16.31 72.75 -44.78
C LEU C 357 -15.29 72.38 -45.84
N SER C 358 -15.53 71.25 -46.52
CA SER C 358 -14.70 70.80 -47.62
C SER C 358 -15.58 70.40 -48.78
N VAL C 359 -15.09 70.66 -49.99
CA VAL C 359 -15.84 70.45 -51.22
C VAL C 359 -15.13 69.42 -52.09
N ILE C 360 -15.88 68.44 -52.57
CA ILE C 360 -15.38 67.43 -53.51
C ILE C 360 -16.12 67.67 -54.83
N ASP C 361 -15.46 68.34 -55.77
CA ASP C 361 -16.08 68.76 -57.01
C ASP C 361 -15.71 67.83 -58.15
N ASP C 362 -16.12 68.19 -59.36
CA ASP C 362 -15.83 67.38 -60.55
C ASP C 362 -14.69 67.99 -61.35
N GLU C 375 -10.29 72.55 -72.06
CA GLU C 375 -11.00 73.43 -71.15
C GLU C 375 -12.40 73.77 -71.68
N LYS C 376 -13.26 72.76 -71.74
CA LYS C 376 -14.63 72.93 -72.23
C LYS C 376 -15.54 73.20 -71.04
N GLN C 377 -15.94 74.47 -70.89
CA GLN C 377 -16.82 74.89 -69.80
C GLN C 377 -16.22 74.57 -68.42
N ALA C 378 -14.92 74.83 -68.26
CA ALA C 378 -14.29 74.76 -66.94
C ALA C 378 -14.40 76.12 -66.28
N TYR C 379 -15.62 76.45 -65.86
CA TYR C 379 -15.94 77.78 -65.38
C TYR C 379 -16.15 77.83 -63.87
N PHE C 380 -15.89 76.75 -63.17
CA PHE C 380 -16.10 76.68 -61.74
C PHE C 380 -14.82 77.05 -61.01
N GLU C 381 -14.85 78.19 -60.30
CA GLU C 381 -13.75 78.60 -59.42
C GLU C 381 -14.17 79.78 -58.56
N TRP C 382 -14.67 79.54 -57.33
CA TRP C 382 -15.19 80.69 -56.61
C TRP C 382 -15.32 80.66 -55.09
N LEU C 383 -14.84 79.64 -54.38
CA LEU C 383 -14.96 79.64 -52.92
C LEU C 383 -13.61 79.67 -52.21
N ILE C 384 -12.63 80.37 -52.80
CA ILE C 384 -11.37 80.59 -52.11
C ILE C 384 -11.60 81.41 -50.85
N ASP C 385 -12.32 82.51 -50.98
CA ASP C 385 -12.46 83.47 -49.89
C ASP C 385 -13.53 83.03 -48.89
N ARG C 386 -13.53 83.69 -47.75
CA ARG C 386 -14.29 83.26 -46.58
C ARG C 386 -15.42 84.21 -46.24
N THR C 387 -16.61 83.66 -46.10
CA THR C 387 -17.75 84.32 -45.49
C THR C 387 -18.19 83.44 -44.32
N SER C 388 -17.29 83.30 -43.34
CA SER C 388 -17.50 82.48 -42.15
C SER C 388 -17.78 81.02 -42.52
N ILE C 389 -16.87 80.44 -43.28
CA ILE C 389 -17.08 79.09 -43.79
C ILE C 389 -15.90 78.16 -43.51
N ASP C 390 -14.70 78.73 -43.40
CA ASP C 390 -13.51 77.98 -43.02
C ASP C 390 -13.20 76.84 -43.99
N VAL C 391 -13.33 77.15 -45.30
CA VAL C 391 -12.99 76.18 -46.34
C VAL C 391 -11.48 75.99 -46.36
N ARG C 392 -11.01 74.75 -46.37
CA ARG C 392 -9.58 74.64 -46.65
C ARG C 392 -9.22 73.74 -47.83
N LEU C 393 -10.14 72.92 -48.34
CA LEU C 393 -9.82 72.03 -49.45
C LEU C 393 -10.97 71.96 -50.44
N ILE C 394 -10.68 72.21 -51.72
CA ILE C 394 -11.62 72.06 -52.82
C ILE C 394 -10.95 71.18 -53.88
N SER C 395 -11.50 69.99 -54.08
CA SER C 395 -10.92 69.01 -54.99
C SER C 395 -11.73 68.98 -56.29
N MET C 396 -11.09 69.35 -57.40
CA MET C 396 -11.70 69.29 -58.71
C MET C 396 -10.99 68.25 -59.57
N LYS C 397 -11.76 67.58 -60.42
CA LYS C 397 -11.21 66.54 -61.29
C LYS C 397 -10.66 67.15 -62.58
N LYS C 402 -5.57 74.69 -73.34
CA LYS C 402 -5.29 73.72 -72.29
C LYS C 402 -4.46 74.33 -71.17
N ASP C 403 -3.94 75.53 -71.42
CA ASP C 403 -3.18 76.27 -70.42
C ASP C 403 -4.13 77.23 -69.72
N THR C 404 -4.61 76.83 -68.54
CA THR C 404 -5.59 77.60 -67.78
C THR C 404 -4.93 78.23 -66.57
N SER C 405 -5.32 79.47 -66.29
CA SER C 405 -4.83 80.19 -65.12
C SER C 405 -5.69 79.86 -63.91
N VAL C 406 -5.05 79.74 -62.75
CA VAL C 406 -5.73 79.40 -61.51
C VAL C 406 -5.82 80.58 -60.56
N SER C 407 -4.79 81.44 -60.55
CA SER C 407 -4.74 82.62 -59.68
C SER C 407 -4.95 82.26 -58.22
N LEU C 410 -2.92 75.83 -53.74
CA LEU C 410 -2.91 75.14 -55.02
C LEU C 410 -2.20 73.79 -54.91
N ALA C 411 -2.69 72.82 -55.68
CA ALA C 411 -2.10 71.48 -55.72
C ALA C 411 -2.67 70.70 -56.90
N LEU C 412 -1.80 70.20 -57.76
CA LEU C 412 -2.21 69.44 -58.95
C LEU C 412 -1.52 68.08 -58.92
N LEU C 413 -2.32 67.02 -58.80
CA LEU C 413 -1.78 65.66 -58.71
C LEU C 413 -2.33 64.79 -59.83
N ARG C 425 -6.31 65.69 -60.79
CA ARG C 425 -7.05 66.28 -59.69
C ARG C 425 -6.37 67.56 -59.20
N ALA C 426 -7.18 68.60 -58.99
CA ALA C 426 -6.69 69.90 -58.55
C ALA C 426 -7.23 70.20 -57.16
N PHE C 427 -6.35 70.66 -56.27
CA PHE C 427 -6.72 71.04 -54.92
C PHE C 427 -6.43 72.52 -54.69
N PHE C 428 -7.34 73.20 -54.02
CA PHE C 428 -7.24 74.64 -53.82
C PHE C 428 -7.10 74.96 -52.33
N HIS C 429 -6.44 76.08 -52.04
CA HIS C 429 -6.24 76.54 -50.67
C HIS C 429 -6.35 78.05 -50.58
N ALA C 441 -0.73 81.09 -60.68
CA ALA C 441 0.10 80.07 -61.30
C ALA C 441 -0.42 79.71 -62.68
N GLU C 442 0.46 79.10 -63.49
CA GLU C 442 0.12 78.72 -64.85
C GLU C 442 0.00 77.21 -64.96
N THR C 443 -0.85 76.76 -65.87
CA THR C 443 -1.00 75.35 -66.19
C THR C 443 -0.15 75.07 -67.42
N GLU C 444 1.04 74.54 -67.21
CA GLU C 444 1.94 74.24 -68.31
C GLU C 444 1.43 73.02 -69.08
N LYS C 445 2.27 72.51 -69.98
CA LYS C 445 1.94 71.30 -70.72
C LYS C 445 1.90 70.12 -69.75
N TYR C 446 0.71 69.56 -69.54
CA TYR C 446 0.52 68.45 -68.61
C TYR C 446 0.24 67.14 -69.33
N MET C 447 0.22 67.13 -70.66
CA MET C 447 -0.11 65.89 -71.38
C MET C 447 1.04 64.89 -71.30
N ASP C 448 2.28 65.36 -71.46
CA ASP C 448 3.43 64.45 -71.37
C ASP C 448 3.63 63.89 -69.97
N ASP C 449 2.80 64.27 -69.01
CA ASP C 449 2.79 63.66 -67.69
C ASP C 449 1.79 62.51 -67.58
N PHE C 450 1.21 62.09 -68.69
CA PHE C 450 0.31 60.94 -68.75
C PHE C 450 1.04 59.61 -68.67
N THR C 451 2.33 59.64 -68.38
CA THR C 451 3.13 58.42 -68.31
C THR C 451 2.54 57.45 -67.30
N ALA C 452 2.17 56.26 -67.78
CA ALA C 452 1.50 55.28 -66.92
C ALA C 452 2.46 54.69 -65.89
N MET C 453 3.72 54.48 -66.29
CA MET C 453 4.73 53.82 -65.45
C MET C 453 4.18 52.45 -65.08
N SER C 454 4.11 52.09 -63.81
CA SER C 454 3.48 50.85 -63.36
C SER C 454 2.24 51.17 -62.55
N VAL C 455 1.34 50.18 -62.45
CA VAL C 455 0.16 50.34 -61.63
C VAL C 455 0.54 50.47 -60.16
N SER C 456 1.66 49.85 -59.76
CA SER C 456 2.16 50.02 -58.40
C SER C 456 2.61 51.46 -58.16
N ASP C 457 3.29 52.06 -59.14
CA ASP C 457 3.72 53.45 -59.00
C ASP C 457 2.56 54.44 -59.13
N GLN C 458 1.47 54.03 -59.79
CA GLN C 458 0.30 54.90 -59.88
C GLN C 458 -0.36 55.08 -58.53
N ILE C 459 -0.62 53.97 -57.83
CA ILE C 459 -1.19 54.05 -56.50
C ILE C 459 -0.17 54.61 -55.52
N ASN C 460 1.13 54.42 -55.80
CA ASN C 460 2.16 54.90 -54.90
C ASN C 460 2.18 56.41 -54.79
N THR C 461 1.73 57.12 -55.83
CA THR C 461 1.76 58.57 -55.86
C THR C 461 0.59 59.22 -55.10
N GLN C 462 -0.12 58.45 -54.26
CA GLN C 462 -1.14 59.05 -53.42
C GLN C 462 -0.56 59.72 -52.18
N LYS C 463 0.75 59.58 -51.96
CA LYS C 463 1.39 60.25 -50.83
C LYS C 463 1.27 61.77 -50.96
N PHE C 464 1.32 62.28 -52.18
CA PHE C 464 1.16 63.72 -52.39
C PHE C 464 -0.21 64.20 -51.92
N MET C 465 -1.23 63.35 -52.04
CA MET C 465 -2.57 63.73 -51.57
C MET C 465 -2.61 63.78 -50.05
N HIS C 466 -2.09 62.76 -49.39
CA HIS C 466 -2.08 62.71 -47.93
C HIS C 466 -1.13 63.73 -47.30
N CYS C 467 -0.36 64.47 -48.11
CA CYS C 467 0.51 65.49 -47.54
C CYS C 467 -0.28 66.62 -46.89
N MET C 468 -1.50 66.86 -47.36
CA MET C 468 -2.33 67.94 -46.83
C MET C 468 -2.93 67.63 -45.47
N ILE C 469 -2.81 66.38 -44.99
CA ILE C 469 -3.25 66.03 -43.65
C ILE C 469 -2.07 65.43 -42.90
N THR C 470 -0.87 65.96 -43.14
CA THR C 470 0.36 65.45 -42.53
C THR C 470 1.12 66.60 -41.90
N THR C 471 1.48 66.45 -40.64
CA THR C 471 2.29 67.42 -39.91
C THR C 471 3.73 66.95 -39.88
N VAL C 472 4.65 67.85 -40.23
CA VAL C 472 6.07 67.52 -40.25
C VAL C 472 6.69 67.86 -38.91
N GLY C 473 7.55 66.98 -38.43
CA GLY C 473 8.19 67.16 -37.14
C GLY C 473 8.48 65.82 -36.49
N ASP C 474 9.00 65.89 -35.28
CA ASP C 474 9.34 64.69 -34.51
C ASP C 474 8.15 64.29 -33.64
N ALA C 475 7.75 63.03 -33.75
CA ALA C 475 6.62 62.53 -32.97
C ALA C 475 6.95 62.40 -31.49
N LEU C 476 8.24 62.30 -31.14
CA LEU C 476 8.63 62.17 -29.75
C LEU C 476 8.50 63.48 -28.97
N LYS C 477 8.27 64.60 -29.64
CA LYS C 477 8.13 65.89 -28.99
C LYS C 477 6.73 66.47 -29.18
N MET C 478 5.76 65.64 -29.53
CA MET C 478 4.40 66.12 -29.74
C MET C 478 3.71 66.42 -28.41
N ASP C 479 2.59 67.11 -28.50
CA ASP C 479 1.79 67.46 -27.31
C ASP C 479 0.82 66.33 -27.01
N LEU C 480 0.88 65.81 -25.79
CA LEU C 480 0.05 64.67 -25.40
C LEU C 480 -1.04 65.12 -24.44
N ASP C 481 -1.93 66.00 -24.89
CA ASP C 481 -2.95 66.58 -24.03
C ASP C 481 -4.25 65.80 -24.11
N GLY C 482 -4.91 65.65 -22.97
CA GLY C 482 -6.26 65.12 -22.88
C GLY C 482 -6.51 63.79 -23.57
N GLY C 483 -5.69 62.79 -23.27
CA GLY C 483 -5.87 61.46 -23.83
C GLY C 483 -5.83 61.43 -25.34
N ARG C 484 -4.75 61.95 -25.92
CA ARG C 484 -4.61 62.00 -27.37
C ARG C 484 -4.26 60.62 -27.91
N ALA C 485 -5.06 60.13 -28.85
CA ALA C 485 -4.82 58.82 -29.45
C ALA C 485 -3.72 58.93 -30.50
N VAL C 486 -2.69 58.10 -30.36
CA VAL C 486 -1.54 58.09 -31.26
C VAL C 486 -1.21 56.65 -31.60
N ILE C 487 -1.39 56.28 -32.86
CA ILE C 487 -1.00 54.96 -33.35
C ILE C 487 0.39 55.08 -33.96
N ALA C 488 1.36 54.38 -33.38
CA ALA C 488 2.74 54.48 -33.81
C ALA C 488 3.18 53.35 -34.74
N SER C 489 2.35 52.32 -34.93
CA SER C 489 2.69 51.14 -35.72
C SER C 489 4.01 50.58 -35.14
N TYR C 490 5.03 50.32 -35.95
CA TYR C 490 6.36 50.03 -35.46
C TYR C 490 7.36 51.10 -35.86
N SER C 491 6.87 52.29 -36.23
CA SER C 491 7.74 53.34 -36.74
C SER C 491 8.70 53.85 -35.67
N LEU C 492 8.18 54.11 -34.47
CA LEU C 492 9.03 54.66 -33.40
C LEU C 492 10.13 53.68 -32.99
N SER C 493 9.95 52.39 -33.26
CA SER C 493 10.94 51.39 -32.86
C SER C 493 12.14 51.34 -33.79
N ASN C 494 12.12 52.05 -34.91
CA ASN C 494 13.23 51.98 -35.84
C ASN C 494 14.46 52.68 -35.26
N SER C 495 15.61 52.44 -35.90
CA SER C 495 16.90 52.82 -35.34
C SER C 495 17.12 54.32 -35.25
N SER C 496 16.26 55.14 -35.87
CA SER C 496 16.45 56.58 -35.81
C SER C 496 16.29 57.09 -34.39
N ASN C 497 15.29 56.58 -33.67
CA ASN C 497 15.03 56.99 -32.29
C ASN C 497 15.72 56.03 -31.33
N SER C 498 16.47 56.60 -30.38
CA SER C 498 17.19 55.77 -29.42
C SER C 498 16.24 55.14 -28.42
N LYS C 499 16.62 53.95 -27.94
CA LYS C 499 15.80 53.27 -26.94
C LYS C 499 15.66 54.09 -25.66
N GLU C 500 16.66 54.91 -25.34
CA GLU C 500 16.59 55.75 -24.16
C GLU C 500 15.56 56.86 -24.33
N ARG C 501 15.38 57.36 -25.55
CA ARG C 501 14.43 58.44 -25.79
C ARG C 501 13.01 57.92 -25.98
N VAL C 502 12.85 56.75 -26.60
CA VAL C 502 11.51 56.21 -26.81
C VAL C 502 10.87 55.80 -25.49
N LEU C 503 11.64 55.15 -24.61
CA LEU C 503 11.11 54.78 -23.31
C LEU C 503 10.73 56.01 -22.48
N LYS C 504 11.44 57.12 -22.70
CA LYS C 504 11.08 58.35 -22.00
C LYS C 504 9.77 58.92 -22.53
N PHE C 505 9.57 58.86 -23.85
CA PHE C 505 8.33 59.37 -24.43
C PHE C 505 7.13 58.55 -24.00
N LEU C 506 7.27 57.21 -24.00
CA LEU C 506 6.15 56.36 -23.60
C LEU C 506 5.87 56.47 -22.12
N SER C 507 6.91 56.62 -21.29
CA SER C 507 6.71 56.78 -19.86
C SER C 507 5.98 58.08 -19.56
N ASP C 508 6.35 59.17 -20.26
CA ASP C 508 5.64 60.42 -20.08
C ASP C 508 4.22 60.37 -20.63
N ALA C 509 4.01 59.57 -21.68
CA ALA C 509 2.67 59.45 -22.26
C ALA C 509 1.71 58.76 -21.28
N ASN C 510 2.20 57.74 -20.58
CA ASN C 510 1.36 57.07 -19.58
C ASN C 510 1.12 57.95 -18.36
N LYS C 511 2.11 58.77 -17.99
CA LYS C 511 1.91 59.72 -16.90
C LYS C 511 0.85 60.76 -17.27
N ALA C 512 0.84 61.19 -18.53
CA ALA C 512 -0.12 62.18 -19.01
C ALA C 512 -1.48 61.57 -19.34
N LYS C 513 -1.69 60.28 -19.03
CA LYS C 513 -2.95 59.60 -19.30
C LYS C 513 -3.30 59.64 -20.79
N ALA C 514 -2.28 59.51 -21.63
CA ALA C 514 -2.44 59.52 -23.07
C ALA C 514 -2.52 58.09 -23.60
N MET C 515 -3.12 57.96 -24.79
CA MET C 515 -3.31 56.66 -25.44
C MET C 515 -2.41 56.60 -26.66
N VAL C 516 -1.18 56.12 -26.46
CA VAL C 516 -0.20 56.00 -27.53
C VAL C 516 0.05 54.50 -27.72
N VAL C 517 -0.63 53.90 -28.70
CA VAL C 517 -0.45 52.49 -28.99
C VAL C 517 0.91 52.29 -29.66
N PHE C 518 1.78 51.52 -29.01
CA PHE C 518 3.16 51.37 -29.44
C PHE C 518 3.44 49.91 -29.79
N GLY C 519 4.13 49.71 -30.91
CA GLY C 519 4.53 48.38 -31.33
C GLY C 519 6.00 48.35 -31.68
N ALA C 520 6.60 47.17 -31.49
CA ALA C 520 8.03 47.01 -31.68
C ALA C 520 8.33 45.53 -31.85
N PRO C 521 9.44 45.19 -32.51
CA PRO C 521 9.84 43.77 -32.59
C PRO C 521 10.28 43.27 -31.23
N ASN C 522 9.74 42.12 -30.83
CA ASN C 522 10.15 41.49 -29.58
C ASN C 522 11.59 41.01 -29.71
N THR C 523 12.49 41.58 -28.91
CA THR C 523 13.91 41.32 -29.07
C THR C 523 14.23 39.84 -28.87
N HIS C 524 13.78 39.27 -27.75
CA HIS C 524 14.16 37.91 -27.41
C HIS C 524 13.36 36.86 -28.16
N ARG C 525 12.21 37.22 -28.72
CA ARG C 525 11.47 36.27 -29.55
C ARG C 525 12.14 36.07 -30.90
N LEU C 526 12.64 37.16 -31.50
CA LEU C 526 13.35 37.04 -32.76
C LEU C 526 14.70 36.37 -32.57
N ALA C 527 15.38 36.65 -31.45
CA ALA C 527 16.65 35.98 -31.16
C ALA C 527 16.45 34.48 -31.00
N TYR C 528 15.36 34.07 -30.35
CA TYR C 528 15.05 32.65 -30.23
C TYR C 528 14.69 32.04 -31.59
N ALA C 529 14.09 32.84 -32.48
CA ALA C 529 13.77 32.34 -33.81
C ALA C 529 15.03 32.13 -34.64
N LYS C 530 15.99 33.07 -34.54
CA LYS C 530 17.24 32.91 -35.27
C LYS C 530 18.14 31.86 -34.63
N LYS C 531 18.00 31.65 -33.32
CA LYS C 531 18.79 30.62 -32.65
C LYS C 531 18.46 29.23 -33.17
N VAL C 532 17.15 28.92 -33.26
CA VAL C 532 16.73 27.61 -33.76
C VAL C 532 16.78 27.51 -35.28
N GLY C 533 17.10 28.61 -35.97
CA GLY C 533 17.22 28.58 -37.40
C GLY C 533 15.89 28.55 -38.12
N LEU C 534 14.98 29.46 -37.77
CA LEU C 534 13.69 29.55 -38.43
C LEU C 534 13.78 30.49 -39.62
N VAL C 535 13.64 31.79 -39.38
CA VAL C 535 13.88 32.79 -40.42
C VAL C 535 15.40 32.94 -40.56
N LEU C 536 15.90 32.64 -41.75
CA LEU C 536 17.34 32.55 -41.96
C LEU C 536 18.00 33.93 -41.86
N ASP C 537 19.33 33.92 -41.92
CA ASP C 537 20.11 35.14 -41.79
C ASP C 537 19.95 36.05 -43.01
N SER C 538 19.57 35.51 -44.16
CA SER C 538 19.46 36.32 -45.37
C SER C 538 18.30 37.30 -45.28
N ALA C 539 17.26 36.98 -44.51
CA ALA C 539 16.08 37.84 -44.40
C ALA C 539 16.24 38.87 -43.30
N ILE C 540 16.59 38.43 -42.09
CA ILE C 540 16.69 39.31 -40.93
C ILE C 540 18.02 39.04 -40.23
N LYS C 541 18.78 40.12 -40.00
CA LYS C 541 20.03 40.04 -39.25
C LYS C 541 19.91 40.88 -37.99
N MET C 542 20.43 40.37 -36.88
CA MET C 542 20.33 41.03 -35.59
C MET C 542 21.72 41.21 -34.98
N SER C 543 21.92 42.35 -34.33
CA SER C 543 23.15 42.65 -33.60
C SER C 543 22.76 43.32 -32.29
N LYS C 544 23.06 42.65 -31.17
CA LYS C 544 22.60 43.08 -29.85
C LYS C 544 21.09 43.22 -29.86
N ASP C 545 20.59 44.45 -29.75
CA ASP C 545 19.17 44.73 -29.89
C ASP C 545 18.88 45.58 -31.12
N LEU C 546 19.81 45.60 -32.08
CA LEU C 546 19.64 46.33 -33.33
C LEU C 546 19.30 45.31 -34.43
N ILE C 547 18.13 45.46 -35.04
CA ILE C 547 17.62 44.52 -36.03
C ILE C 547 17.65 45.18 -37.40
N THR C 548 18.04 44.41 -38.42
CA THR C 548 18.10 44.90 -39.79
C THR C 548 17.30 43.96 -40.69
N PHE C 549 16.36 44.53 -41.45
CA PHE C 549 15.55 43.78 -42.39
C PHE C 549 16.04 44.05 -43.80
N SER C 550 16.25 42.99 -44.58
CA SER C 550 16.78 43.10 -45.93
C SER C 550 15.66 43.10 -46.95
N ASN C 551 15.97 43.59 -48.15
CA ASN C 551 15.00 43.67 -49.24
C ASN C 551 15.50 42.93 -50.47
N TRP C 557 15.99 48.14 -43.98
CA TRP C 557 16.06 49.20 -42.97
C TRP C 557 16.35 48.62 -41.60
N ARG C 558 17.02 49.40 -40.75
CA ARG C 558 17.36 48.97 -39.41
C ARG C 558 16.25 49.34 -38.43
N ASP C 559 16.22 48.61 -37.31
CA ASP C 559 15.13 48.73 -36.35
C ASP C 559 15.62 48.30 -34.98
N TYR C 560 15.23 49.04 -33.95
CA TYR C 560 15.57 48.69 -32.58
C TYR C 560 14.59 47.66 -32.05
N GLY C 561 15.07 46.85 -31.10
CA GLY C 561 14.25 45.84 -30.45
C GLY C 561 13.90 46.27 -29.04
N TYR C 562 12.72 45.84 -28.58
CA TYR C 562 12.24 46.14 -27.24
C TYR C 562 11.67 44.88 -26.61
N SER C 563 12.00 44.66 -25.35
CA SER C 563 11.50 43.53 -24.59
C SER C 563 10.27 43.93 -23.78
N GLN C 564 9.61 42.92 -23.21
CA GLN C 564 8.38 43.16 -22.46
C GLN C 564 8.63 43.78 -21.09
N SER C 565 9.85 43.67 -20.55
CA SER C 565 10.12 44.16 -19.21
C SER C 565 10.42 45.65 -19.22
N GLU C 566 11.32 46.11 -20.09
CA GLU C 566 11.69 47.51 -20.11
C GLU C 566 10.53 48.42 -20.52
N LEU C 567 9.53 47.88 -21.21
CA LEU C 567 8.36 48.66 -21.56
C LEU C 567 7.38 48.77 -20.40
N TYR C 568 7.35 47.77 -19.51
CA TYR C 568 6.58 47.91 -18.29
C TYR C 568 7.27 48.87 -17.33
N ASP C 569 8.61 48.94 -17.39
CA ASP C 569 9.33 49.97 -16.64
C ASP C 569 8.95 51.36 -17.10
N ALA C 570 8.59 51.51 -18.37
CA ALA C 570 8.04 52.75 -18.90
C ALA C 570 6.54 52.84 -18.75
N GLY C 571 5.93 51.91 -18.01
CA GLY C 571 4.49 51.94 -17.77
C GLY C 571 3.66 51.56 -18.98
N TYR C 572 4.00 50.44 -19.61
CA TYR C 572 3.26 49.96 -20.78
C TYR C 572 3.06 48.46 -20.68
N VAL C 573 1.83 48.02 -20.87
CA VAL C 573 1.44 46.61 -20.77
C VAL C 573 1.23 46.08 -22.18
N GLU C 574 1.80 44.91 -22.46
CA GLU C 574 1.66 44.30 -23.77
C GLU C 574 0.27 43.69 -23.91
N ILE C 575 -0.37 43.95 -25.04
CA ILE C 575 -1.66 43.35 -25.38
C ILE C 575 -1.53 42.69 -26.74
N THR C 576 -2.29 41.63 -26.95
CA THR C 576 -2.24 40.88 -28.19
C THR C 576 -3.27 41.42 -29.18
N ILE C 577 -2.99 41.21 -30.47
CA ILE C 577 -3.93 41.60 -31.50
C ILE C 577 -5.24 40.83 -31.36
N ASP C 578 -5.17 39.62 -30.81
CA ASP C 578 -6.39 38.88 -30.50
C ASP C 578 -7.24 39.62 -29.48
N GLN C 579 -6.62 40.08 -28.39
CA GLN C 579 -7.37 40.74 -27.33
C GLN C 579 -7.88 42.11 -27.76
N MET C 580 -7.16 42.79 -28.64
CA MET C 580 -7.59 44.12 -29.07
C MET C 580 -8.84 44.05 -29.93
N VAL C 581 -8.88 43.12 -30.88
CA VAL C 581 -10.05 43.00 -31.74
C VAL C 581 -11.23 42.43 -30.97
N ALA C 582 -10.97 41.58 -29.97
CA ALA C 582 -12.06 41.07 -29.15
C ALA C 582 -12.62 42.16 -28.23
N TYR C 583 -11.73 42.96 -27.63
CA TYR C 583 -12.16 44.08 -26.80
C TYR C 583 -12.86 45.16 -27.60
N SER C 584 -12.60 45.24 -28.91
CA SER C 584 -13.19 46.24 -29.78
C SER C 584 -14.19 45.62 -30.76
N SER C 585 -14.83 44.52 -30.36
CA SER C 585 -15.71 43.81 -31.28
C SER C 585 -16.97 44.59 -31.58
N ASP C 586 -17.56 45.24 -30.57
CA ASP C 586 -18.82 45.95 -30.76
C ASP C 586 -18.66 47.24 -31.54
N VAL C 587 -17.43 47.66 -31.84
CA VAL C 587 -17.16 48.86 -32.63
C VAL C 587 -16.34 48.57 -33.87
N TYR C 588 -15.99 47.31 -34.12
CA TYR C 588 -15.10 46.97 -35.22
C TYR C 588 -15.84 46.98 -36.55
N ASN C 589 -15.20 47.57 -37.56
CA ASN C 589 -15.77 47.62 -38.90
C ASN C 589 -14.71 47.39 -39.97
N GLY C 590 -13.52 46.94 -39.60
CA GLY C 590 -12.44 46.77 -40.56
C GLY C 590 -12.43 45.45 -41.30
N VAL C 591 -11.26 44.85 -41.42
CA VAL C 591 -11.08 43.61 -42.18
C VAL C 591 -10.59 42.52 -41.25
N GLY C 592 -10.68 41.27 -41.73
CA GLY C 592 -10.20 40.12 -41.02
C GLY C 592 -8.96 39.53 -41.65
N TYR C 593 -8.68 38.28 -41.27
CA TYR C 593 -7.53 37.57 -41.81
C TYR C 593 -7.88 36.09 -41.93
N PHE C 594 -7.09 35.38 -42.74
CA PHE C 594 -7.29 33.96 -42.95
C PHE C 594 -6.19 33.09 -42.35
N ALA C 595 -4.92 33.48 -42.51
CA ALA C 595 -3.81 32.74 -41.94
C ALA C 595 -2.93 33.67 -41.13
N ASN C 596 -2.28 33.10 -40.13
CA ASN C 596 -1.30 33.85 -39.35
C ASN C 596 0.05 33.85 -40.07
N SER C 597 0.88 34.82 -39.71
CA SER C 597 2.19 35.00 -40.32
C SER C 597 3.27 34.95 -39.24
N THR C 598 4.34 34.21 -39.54
CA THR C 598 5.46 34.14 -38.60
C THR C 598 6.17 35.49 -38.49
N TYR C 599 6.21 36.26 -39.58
CA TYR C 599 6.85 37.57 -39.54
C TYR C 599 6.12 38.52 -38.61
N ASN C 600 4.79 38.54 -38.67
CA ASN C 600 4.02 39.44 -37.81
C ASN C 600 4.06 39.01 -36.36
N ASP C 601 4.22 37.70 -36.09
CA ASP C 601 4.31 37.22 -34.72
C ASP C 601 5.60 37.66 -34.03
N LEU C 602 6.59 38.14 -34.78
CA LEU C 602 7.83 38.63 -34.18
C LEU C 602 7.65 39.96 -33.47
N PHE C 603 6.53 40.65 -33.69
CA PHE C 603 6.29 41.96 -33.10
C PHE C 603 5.32 41.85 -31.93
N SER C 604 5.42 42.79 -31.01
CA SER C 604 4.54 42.89 -29.86
C SER C 604 3.90 44.28 -29.83
N TRP C 605 2.71 44.35 -29.26
CA TRP C 605 1.93 45.59 -29.20
C TRP C 605 1.63 45.94 -27.74
N TYR C 606 1.85 47.20 -27.38
CA TYR C 606 1.77 47.65 -26.00
C TYR C 606 0.82 48.83 -25.90
N ILE C 607 0.03 48.85 -24.82
CA ILE C 607 -0.87 49.97 -24.53
C ILE C 607 -0.48 50.56 -23.18
N PRO C 608 -0.77 51.84 -22.92
CA PRO C 608 -0.31 52.45 -21.67
C PRO C 608 -0.91 51.77 -20.44
N LYS C 609 -0.16 51.82 -19.34
CA LYS C 609 -0.54 51.09 -18.14
C LYS C 609 -1.77 51.68 -17.47
N TRP C 610 -2.01 52.99 -17.64
CA TRP C 610 -3.13 53.63 -16.96
C TRP C 610 -4.46 53.09 -17.48
N TYR C 611 -4.57 52.83 -18.78
CA TYR C 611 -5.82 52.32 -19.33
C TYR C 611 -6.05 50.86 -18.97
N VAL C 612 -4.98 50.11 -18.74
CA VAL C 612 -5.11 48.73 -18.29
C VAL C 612 -5.71 48.68 -16.89
N HIS C 613 -5.18 49.51 -15.97
CA HIS C 613 -5.68 49.54 -14.62
C HIS C 613 -7.13 50.02 -14.56
N LYS C 614 -7.51 50.93 -15.47
CA LYS C 614 -8.82 51.56 -15.36
C LYS C 614 -9.94 50.64 -15.83
N ARG C 615 -9.76 49.95 -16.97
CA ARG C 615 -10.85 49.20 -17.57
C ARG C 615 -10.51 47.75 -17.93
N MET C 616 -9.26 47.32 -17.72
CA MET C 616 -8.85 45.98 -18.15
C MET C 616 -8.43 45.07 -17.01
N LEU C 617 -8.66 45.48 -15.76
CA LEU C 617 -8.33 44.59 -14.64
C LEU C 617 -9.37 43.50 -14.45
N MET C 618 -10.58 43.68 -14.95
CA MET C 618 -11.62 42.66 -14.88
C MET C 618 -11.51 41.79 -16.13
N GLN C 619 -10.92 40.60 -15.97
CA GLN C 619 -10.63 39.73 -17.10
C GLN C 619 -11.91 39.06 -17.57
N ASP C 620 -12.52 39.62 -18.62
CA ASP C 620 -13.58 38.94 -19.33
C ASP C 620 -12.94 38.05 -20.40
N ILE C 621 -13.76 37.46 -21.27
CA ILE C 621 -13.20 36.56 -22.28
C ILE C 621 -12.42 37.33 -23.34
N ARG C 622 -12.76 38.60 -23.56
CA ARG C 622 -12.07 39.39 -24.57
C ARG C 622 -10.66 39.77 -24.12
N LEU C 623 -10.44 39.89 -22.82
CA LEU C 623 -9.14 40.27 -22.27
C LEU C 623 -8.43 39.10 -21.60
N SER C 624 -8.89 37.87 -21.83
CA SER C 624 -8.29 36.70 -21.21
C SER C 624 -7.28 36.03 -22.13
N PRO C 625 -6.29 35.34 -21.57
CA PRO C 625 -5.35 34.60 -22.42
C PRO C 625 -5.85 33.19 -22.74
N ALA C 626 -7.16 33.03 -22.82
CA ALA C 626 -7.75 31.71 -23.02
C ALA C 626 -7.30 31.09 -24.33
N ALA C 627 -7.14 31.90 -25.37
CA ALA C 627 -6.74 31.40 -26.67
C ALA C 627 -5.27 31.00 -26.74
N LEU C 628 -4.52 31.02 -25.63
CA LEU C 628 -3.09 30.69 -25.68
C LEU C 628 -2.59 29.90 -24.49
N VAL C 629 -3.29 29.89 -23.34
CA VAL C 629 -2.75 29.25 -22.15
C VAL C 629 -2.80 27.72 -22.24
N LYS C 630 -3.66 27.17 -23.08
CA LYS C 630 -3.87 25.73 -23.13
C LYS C 630 -3.36 25.07 -24.41
N CYS C 631 -3.39 25.77 -25.53
CA CYS C 631 -3.08 25.14 -26.81
C CYS C 631 -1.63 24.70 -26.91
N PHE C 632 -0.71 25.44 -26.31
CA PHE C 632 0.70 25.07 -26.39
C PHE C 632 1.05 23.92 -25.46
N THR C 633 0.51 23.95 -24.23
CA THR C 633 0.79 22.86 -23.28
C THR C 633 0.21 21.55 -23.79
N THR C 634 -0.99 21.59 -24.36
CA THR C 634 -1.61 20.36 -24.87
C THR C 634 -0.83 19.80 -26.05
N LEU C 635 -0.33 20.68 -26.92
CA LEU C 635 0.46 20.22 -28.07
C LEU C 635 1.72 19.51 -27.62
N ILE C 636 2.38 20.03 -26.58
CA ILE C 636 3.62 19.41 -26.11
C ILE C 636 3.31 18.13 -25.36
N ARG C 637 2.23 18.11 -24.57
CA ARG C 637 1.86 16.88 -23.86
C ARG C 637 1.52 15.76 -24.82
N ASN C 638 0.92 16.08 -25.97
CA ASN C 638 0.62 15.05 -26.96
C ASN C 638 1.89 14.54 -27.62
N ILE C 639 2.86 15.43 -27.87
CA ILE C 639 4.08 15.03 -28.55
C ILE C 639 4.98 14.24 -27.62
N CYS C 640 5.04 14.63 -26.35
CA CYS C 640 6.01 14.06 -25.40
C CYS C 640 5.41 12.98 -24.50
N TYR C 641 4.20 12.51 -24.81
CA TYR C 641 3.53 11.49 -24.01
C TYR C 641 3.44 11.90 -22.54
N VAL C 642 2.84 13.07 -22.31
CA VAL C 642 2.69 13.59 -20.95
C VAL C 642 1.24 13.39 -20.51
N PRO C 643 0.96 12.42 -19.64
CA PRO C 643 -0.41 12.26 -19.13
C PRO C 643 -0.87 13.49 -18.37
N HIS C 644 -2.18 13.57 -18.17
CA HIS C 644 -2.78 14.76 -17.56
C HIS C 644 -2.30 14.94 -16.12
N GLU C 645 -2.49 13.92 -15.29
CA GLU C 645 -2.07 14.02 -13.89
C GLU C 645 -0.55 13.99 -13.76
N THR C 646 0.15 13.39 -14.72
CA THR C 646 1.60 13.40 -14.70
C THR C 646 2.14 14.81 -14.91
N TYR C 647 1.41 15.64 -15.67
CA TYR C 647 1.83 17.03 -15.87
C TYR C 647 1.88 17.78 -14.55
N TYR C 648 0.88 17.59 -13.69
CA TYR C 648 0.87 18.24 -12.38
C TYR C 648 1.88 17.62 -11.43
N ARG C 649 2.30 16.37 -11.66
CA ARG C 649 3.38 15.79 -10.87
C ARG C 649 4.71 16.47 -11.18
N PHE C 650 4.99 16.70 -12.46
CA PHE C 650 6.20 17.44 -12.82
C PHE C 650 6.19 18.84 -12.26
N ARG C 651 5.00 19.43 -12.08
CA ARG C 651 4.89 20.75 -11.48
C ARG C 651 5.39 20.74 -10.04
N GLY C 652 4.97 19.74 -9.27
CA GLY C 652 5.42 19.64 -7.89
C GLY C 652 6.90 19.29 -7.79
N ILE C 653 7.39 18.46 -8.71
CA ILE C 653 8.81 18.10 -8.69
C ILE C 653 9.68 19.33 -8.97
N LEU C 654 9.23 20.18 -9.89
CA LEU C 654 9.97 21.42 -10.16
C LEU C 654 9.92 22.36 -8.97
N VAL C 655 8.80 22.37 -8.23
CA VAL C 655 8.74 23.15 -7.00
C VAL C 655 9.60 22.52 -5.93
N ASP C 656 9.62 21.18 -5.87
CA ASP C 656 10.47 20.48 -4.90
C ASP C 656 11.95 20.70 -5.21
N LYS C 657 12.30 20.82 -6.49
CA LYS C 657 13.70 21.10 -6.84
C LYS C 657 14.08 22.53 -6.49
N TYR C 658 13.10 23.44 -6.45
CA TYR C 658 13.39 24.84 -6.14
C TYR C 658 13.41 25.11 -4.64
N LEU C 659 12.45 24.56 -3.89
CA LEU C 659 12.41 24.80 -2.46
C LEU C 659 13.66 24.25 -1.78
N ARG C 660 14.11 23.07 -2.19
CA ARG C 660 15.34 22.51 -1.63
C ARG C 660 16.59 23.22 -2.13
N SER C 661 16.50 23.89 -3.30
CA SER C 661 17.65 24.66 -3.78
C SER C 661 17.86 25.94 -2.99
N LYS C 662 16.86 26.38 -2.23
CA LYS C 662 16.97 27.56 -1.38
C LYS C 662 17.03 27.20 0.10
N ASN C 663 17.44 25.97 0.41
CA ASN C 663 17.70 25.53 1.79
C ASN C 663 16.44 25.59 2.66
N VAL C 664 15.33 25.13 2.10
CA VAL C 664 14.09 24.92 2.87
C VAL C 664 14.05 23.46 3.31
N ASP C 665 13.78 23.24 4.59
CA ASP C 665 13.80 21.88 5.12
C ASP C 665 12.67 21.06 4.48
N PRO C 666 12.96 19.86 3.98
CA PRO C 666 11.91 19.07 3.32
C PRO C 666 10.77 18.68 4.23
N SER C 667 10.98 18.66 5.55
CA SER C 667 9.92 18.30 6.49
C SER C 667 8.93 19.45 6.73
N GLN C 668 9.20 20.64 6.22
CA GLN C 668 8.30 21.76 6.39
C GLN C 668 7.14 21.75 5.40
N TYR C 669 7.25 20.97 4.33
CA TYR C 669 6.19 20.88 3.33
C TYR C 669 6.02 19.42 2.92
N SER C 670 5.00 19.17 2.11
CA SER C 670 4.71 17.84 1.59
C SER C 670 4.29 17.98 0.13
N ILE C 671 5.09 17.42 -0.78
CA ILE C 671 4.84 17.56 -2.21
C ILE C 671 3.63 16.71 -2.58
N VAL C 672 2.53 17.38 -2.95
CA VAL C 672 1.35 16.68 -3.46
C VAL C 672 1.40 16.54 -4.97
N GLY C 673 1.57 17.65 -5.68
CA GLY C 673 1.74 17.62 -7.11
C GLY C 673 0.50 17.22 -7.89
N SER C 674 -0.64 17.78 -7.53
CA SER C 674 -1.90 17.51 -8.21
C SER C 674 -2.41 18.80 -8.87
N GLY C 675 -3.59 18.71 -9.48
CA GLY C 675 -4.17 19.86 -10.13
C GLY C 675 -4.69 20.91 -9.17
N SER C 676 -5.06 20.50 -7.96
CA SER C 676 -5.60 21.40 -6.97
C SER C 676 -4.64 21.74 -5.83
N LYS C 677 -3.64 20.89 -5.58
CA LYS C 677 -2.68 21.10 -4.50
C LYS C 677 -1.28 20.83 -5.03
N THR C 678 -0.47 21.87 -5.15
CA THR C 678 0.93 21.69 -5.52
C THR C 678 1.72 21.08 -4.37
N PHE C 679 1.63 21.68 -3.19
CA PHE C 679 2.27 21.14 -2.00
C PHE C 679 1.63 21.77 -0.77
N THR C 680 1.58 21.00 0.31
CA THR C 680 0.97 21.42 1.57
C THR C 680 2.05 21.86 2.55
N VAL C 681 1.80 22.96 3.24
CA VAL C 681 2.73 23.50 4.22
C VAL C 681 2.46 22.84 5.57
N LEU C 682 3.55 22.42 6.23
CA LEU C 682 3.45 21.80 7.55
C LEU C 682 3.92 22.71 8.67
N SER C 683 4.96 23.53 8.44
CA SER C 683 5.44 24.47 9.42
C SER C 683 5.80 25.78 8.72
N HIS C 684 5.70 26.88 9.47
CA HIS C 684 5.91 28.20 8.90
C HIS C 684 7.35 28.37 8.43
N PHE C 685 7.53 28.74 7.17
CA PHE C 685 8.86 29.01 6.62
C PHE C 685 8.74 30.12 5.59
N GLU C 686 9.86 30.82 5.39
CA GLU C 686 9.93 31.94 4.47
C GLU C 686 11.00 31.68 3.40
N VAL C 687 10.76 32.23 2.22
CA VAL C 687 11.69 32.13 1.10
C VAL C 687 12.11 33.55 0.71
N PRO C 688 13.40 33.85 0.64
CA PRO C 688 13.85 35.20 0.28
C PRO C 688 13.50 35.52 -1.17
N HIS C 689 12.74 36.59 -1.37
CA HIS C 689 12.32 37.02 -2.69
C HIS C 689 12.31 38.55 -2.73
N GLU C 690 12.71 39.10 -3.88
CA GLU C 690 12.79 40.56 -3.99
C GLU C 690 11.44 41.24 -3.89
N CYS C 691 10.35 40.53 -4.18
CA CYS C 691 9.00 41.06 -4.02
C CYS C 691 8.41 40.67 -2.67
N GLY C 692 9.18 40.92 -1.61
CA GLY C 692 8.77 40.55 -0.27
C GLY C 692 9.01 39.08 0.00
N PRO C 693 9.44 38.76 1.21
CA PRO C 693 9.65 37.35 1.57
C PRO C 693 8.35 36.57 1.47
N LEU C 694 8.42 35.43 0.79
CA LEU C 694 7.25 34.60 0.58
C LEU C 694 6.82 33.96 1.89
N VAL C 695 5.63 34.32 2.36
CA VAL C 695 5.11 33.83 3.64
C VAL C 695 4.24 32.61 3.38
N PHE C 696 4.56 31.51 4.05
CA PHE C 696 3.81 30.26 3.93
C PHE C 696 3.28 29.88 5.30
N GLU C 697 1.96 30.01 5.48
CA GLU C 697 1.33 29.67 6.75
C GLU C 697 1.20 28.16 6.88
N ALA C 698 1.33 27.69 8.12
CA ALA C 698 1.28 26.26 8.39
C ALA C 698 -0.13 25.72 8.20
N SER C 699 -0.22 24.44 7.82
CA SER C 699 -1.49 23.76 7.58
C SER C 699 -2.29 24.45 6.50
N THR C 700 -1.62 24.88 5.44
CA THR C 700 -2.27 25.51 4.29
C THR C 700 -1.79 24.83 3.01
N ASP C 701 -2.64 24.91 1.98
CA ASP C 701 -2.36 24.30 0.68
C ASP C 701 -1.91 25.37 -0.31
N VAL C 702 -0.83 25.08 -1.02
CA VAL C 702 -0.28 25.99 -2.03
C VAL C 702 -0.63 25.43 -3.40
N ASN C 703 -1.20 26.28 -4.25
CA ASN C 703 -1.55 25.93 -5.63
C ASN C 703 -1.00 27.01 -6.54
N ILE C 704 0.23 26.80 -7.03
CA ILE C 704 0.88 27.81 -7.85
C ILE C 704 0.10 28.03 -9.14
N SER C 705 0.21 29.24 -9.67
CA SER C 705 -0.52 29.60 -10.89
C SER C 705 0.13 28.92 -12.08
N GLY C 706 -0.60 27.97 -12.70
CA GLY C 706 -0.08 27.27 -13.85
C GLY C 706 -0.11 28.06 -15.14
N HIS C 707 -0.98 29.08 -15.22
CA HIS C 707 -1.07 29.87 -16.43
C HIS C 707 0.20 30.68 -16.67
N LEU C 708 0.94 31.00 -15.61
CA LEU C 708 2.21 31.70 -15.77
C LEU C 708 3.23 30.81 -16.48
N LEU C 709 3.21 29.51 -16.19
CA LEU C 709 4.17 28.59 -16.82
C LEU C 709 3.87 28.40 -18.30
N SER C 710 2.59 28.24 -18.66
CA SER C 710 2.24 28.00 -20.05
C SER C 710 2.33 29.28 -20.89
N LEU C 711 2.07 30.45 -20.30
CA LEU C 711 2.19 31.69 -21.06
C LEU C 711 3.64 32.01 -21.40
N ALA C 712 4.58 31.58 -20.54
CA ALA C 712 5.99 31.77 -20.86
C ALA C 712 6.42 30.89 -22.03
N ILE C 713 5.84 29.69 -22.15
CA ILE C 713 6.13 28.85 -23.30
C ILE C 713 5.55 29.46 -24.57
N ALA C 714 4.29 29.91 -24.49
CA ALA C 714 3.66 30.55 -25.64
C ALA C 714 4.38 31.83 -26.05
N ALA C 715 5.08 32.48 -25.12
CA ALA C 715 5.84 33.68 -25.46
C ALA C 715 7.03 33.38 -26.35
N HIS C 716 7.44 32.12 -26.45
CA HIS C 716 8.55 31.76 -27.33
C HIS C 716 8.18 31.79 -28.80
N PHE C 717 6.90 31.89 -29.14
CA PHE C 717 6.48 31.75 -30.53
C PHE C 717 5.59 32.88 -31.01
N VAL C 718 4.62 33.32 -30.22
CA VAL C 718 3.70 34.38 -30.60
C VAL C 718 3.69 35.44 -29.51
N ALA C 719 3.00 36.54 -29.79
CA ALA C 719 2.82 37.59 -28.80
C ALA C 719 2.00 37.07 -27.64
N SER C 720 2.57 37.09 -26.44
CA SER C 720 1.92 36.53 -25.26
C SER C 720 1.37 37.63 -24.37
N PRO C 721 0.12 37.50 -23.89
CA PRO C 721 -0.48 38.49 -23.00
C PRO C 721 -0.13 38.25 -21.52
N MET C 722 1.15 37.94 -21.26
CA MET C 722 1.57 37.65 -19.89
C MET C 722 1.44 38.87 -19.00
N ILE C 723 1.84 40.04 -19.50
CA ILE C 723 1.84 41.23 -18.66
C ILE C 723 0.42 41.65 -18.28
N LEU C 724 -0.50 41.60 -19.25
CA LEU C 724 -1.89 41.91 -18.94
C LEU C 724 -2.50 40.87 -18.01
N TRP C 725 -2.10 39.61 -18.14
CA TRP C 725 -2.61 38.57 -17.25
C TRP C 725 -2.09 38.76 -15.83
N ALA C 726 -0.85 39.23 -15.69
CA ALA C 726 -0.29 39.43 -14.35
C ALA C 726 -0.95 40.60 -13.64
N GLU C 727 -1.25 41.67 -14.38
CA GLU C 727 -1.96 42.81 -13.78
C GLU C 727 -3.34 42.39 -13.31
N GLN C 728 -4.03 41.55 -14.10
CA GLN C 728 -5.32 41.04 -13.68
C GLN C 728 -5.19 40.05 -12.53
N MET C 729 -4.10 39.28 -12.50
CA MET C 729 -3.91 38.30 -11.43
C MET C 729 -3.69 38.97 -10.08
N LYS C 730 -2.94 40.07 -10.06
CA LYS C 730 -2.73 40.78 -8.80
C LYS C 730 -4.03 41.39 -8.29
N TYR C 731 -4.87 41.90 -9.20
CA TYR C 731 -6.15 42.45 -8.80
C TYR C 731 -7.12 41.37 -8.31
N MET C 732 -6.90 40.11 -8.69
CA MET C 732 -7.75 39.01 -8.27
C MET C 732 -7.23 38.29 -7.03
N ALA C 733 -6.54 39.01 -6.13
CA ALA C 733 -6.14 38.41 -4.87
C ALA C 733 -7.34 38.09 -3.99
N VAL C 734 -8.42 38.84 -4.13
CA VAL C 734 -9.67 38.61 -3.43
C VAL C 734 -10.81 38.63 -4.45
N ASP C 735 -12.03 38.44 -3.97
CA ASP C 735 -13.19 38.49 -4.83
C ASP C 735 -13.44 39.93 -5.28
N ARG C 736 -13.82 40.08 -6.55
CA ARG C 736 -14.08 41.39 -7.15
C ARG C 736 -15.42 41.35 -7.86
N MET C 737 -16.23 42.39 -7.63
CA MET C 737 -17.57 42.42 -8.22
C MET C 737 -17.49 42.58 -9.73
N LEU C 738 -18.46 41.97 -10.41
CA LEU C 738 -18.51 42.06 -11.86
C LEU C 738 -18.96 43.46 -12.30
N PRO C 739 -18.45 43.96 -13.42
CA PRO C 739 -18.89 45.26 -13.94
C PRO C 739 -20.38 45.27 -14.20
N PRO C 740 -21.07 46.36 -13.89
CA PRO C 740 -22.53 46.37 -14.03
C PRO C 740 -23.01 46.44 -15.47
N ASN C 741 -22.26 47.06 -16.36
CA ASN C 741 -22.72 47.27 -17.73
C ASN C 741 -22.40 46.10 -18.66
N LEU C 742 -21.35 45.34 -18.36
CA LEU C 742 -20.95 44.24 -19.24
C LEU C 742 -21.88 43.04 -19.06
N ASP C 743 -22.18 42.38 -20.19
CA ASP C 743 -22.97 41.16 -20.15
C ASP C 743 -22.22 40.09 -19.36
N LYS C 744 -22.90 39.50 -18.37
CA LYS C 744 -22.27 38.50 -17.51
C LYS C 744 -21.95 37.21 -18.24
N SER C 745 -22.40 37.06 -19.50
CA SER C 745 -22.03 35.89 -20.28
C SER C 745 -20.55 35.91 -20.67
N LEU C 746 -19.96 37.10 -20.77
CA LEU C 746 -18.56 37.22 -21.14
C LEU C 746 -17.61 36.70 -20.09
N PHE C 747 -18.10 36.43 -18.88
CA PHE C 747 -17.27 35.89 -17.80
C PHE C 747 -17.46 34.39 -17.61
N PHE C 748 -17.76 33.67 -18.69
CA PHE C 748 -18.01 32.24 -18.58
C PHE C 748 -16.75 31.45 -18.29
N ASP C 749 -15.59 31.97 -18.68
CA ASP C 749 -14.34 31.24 -18.54
C ASP C 749 -13.84 31.19 -17.09
N ASN C 750 -14.38 32.02 -16.20
CA ASN C 750 -13.92 32.08 -14.82
C ASN C 750 -15.06 31.83 -13.86
N LYS C 751 -14.70 31.52 -12.62
CA LYS C 751 -15.68 31.22 -11.59
C LYS C 751 -16.39 32.49 -11.11
N VAL C 752 -17.68 32.37 -10.84
CA VAL C 752 -18.50 33.46 -10.32
C VAL C 752 -19.16 32.98 -9.04
N THR C 753 -18.99 33.75 -7.96
CA THR C 753 -19.60 33.41 -6.69
C THR C 753 -21.10 33.67 -6.75
N PRO C 754 -21.87 33.03 -5.85
CA PRO C 754 -23.32 33.29 -5.82
C PRO C 754 -23.68 34.75 -5.61
N SER C 755 -22.77 35.56 -5.05
CA SER C 755 -23.03 36.99 -4.89
C SER C 755 -23.05 37.72 -6.23
N GLY C 756 -22.48 37.14 -7.27
CA GLY C 756 -22.33 37.80 -8.55
C GLY C 756 -21.00 38.46 -8.78
N ALA C 757 -19.92 37.93 -8.20
CA ALA C 757 -18.60 38.53 -8.29
C ALA C 757 -17.59 37.50 -8.78
N LEU C 758 -16.53 37.99 -9.41
CA LEU C 758 -15.45 37.13 -9.89
C LEU C 758 -14.67 36.57 -8.71
N GLN C 759 -14.64 35.25 -8.59
CA GLN C 759 -13.97 34.62 -7.46
C GLN C 759 -12.46 34.82 -7.54
N ARG C 760 -11.81 34.83 -6.37
CA ARG C 760 -10.37 35.03 -6.31
C ARG C 760 -9.63 33.91 -7.03
N TRP C 761 -8.39 34.22 -7.42
CA TRP C 761 -7.59 33.28 -8.19
C TRP C 761 -6.50 32.73 -7.30
N HIS C 762 -5.31 33.33 -7.26
CA HIS C 762 -4.21 32.82 -6.47
C HIS C 762 -3.65 33.93 -5.58
N SER C 763 -2.95 33.52 -4.54
CA SER C 763 -2.26 34.47 -3.68
C SER C 763 -0.97 34.95 -4.36
N ARG C 764 -0.40 36.02 -3.84
CA ARG C 764 0.84 36.55 -4.40
C ARG C 764 2.01 35.61 -4.18
N GLU C 765 1.94 34.73 -3.17
CA GLU C 765 2.99 33.73 -2.98
C GLU C 765 2.91 32.65 -4.05
N GLU C 766 1.69 32.21 -4.40
CA GLU C 766 1.53 31.18 -5.41
C GLU C 766 1.94 31.68 -6.79
N VAL C 767 1.77 32.97 -7.06
CA VAL C 767 2.13 33.52 -8.37
C VAL C 767 3.64 33.75 -8.47
N LEU C 768 4.24 34.32 -7.44
CA LEU C 768 5.67 34.57 -7.47
C LEU C 768 6.47 33.28 -7.39
N LEU C 769 5.90 32.23 -6.80
CA LEU C 769 6.59 30.94 -6.74
C LEU C 769 6.67 30.30 -8.12
N ALA C 770 5.60 30.44 -8.92
CA ALA C 770 5.62 29.91 -10.28
C ALA C 770 6.62 30.67 -11.16
N ALA C 771 6.82 31.96 -10.90
CA ALA C 771 7.79 32.72 -11.67
C ALA C 771 9.21 32.27 -11.41
N GLU C 772 9.48 31.76 -10.20
CA GLU C 772 10.84 31.30 -9.90
C GLU C 772 11.13 29.96 -10.57
N ILE C 773 10.18 29.03 -10.51
CA ILE C 773 10.34 27.74 -11.18
C ILE C 773 10.10 27.82 -12.68
N CYS C 774 9.80 29.01 -13.20
CA CYS C 774 9.49 29.15 -14.62
C CYS C 774 10.70 28.85 -15.49
N GLU C 775 11.90 29.17 -15.02
CA GLU C 775 13.11 28.87 -15.79
C GLU C 775 13.31 27.38 -15.96
N SER C 776 13.24 26.63 -14.86
CA SER C 776 13.36 25.18 -14.94
C SER C 776 12.16 24.53 -15.61
N TYR C 777 11.02 25.22 -15.65
CA TYR C 777 9.85 24.69 -16.33
C TYR C 777 10.04 24.70 -17.84
N ALA C 778 10.57 25.81 -18.38
CA ALA C 778 10.82 25.90 -19.81
C ALA C 778 11.93 24.94 -20.25
N ALA C 779 12.87 24.63 -19.35
CA ALA C 779 13.92 23.69 -19.67
C ALA C 779 13.39 22.26 -19.78
N MET C 780 12.35 21.94 -19.00
CA MET C 780 11.78 20.60 -19.05
C MET C 780 10.89 20.42 -20.28
N MET C 781 10.02 21.39 -20.56
CA MET C 781 9.06 21.24 -21.64
C MET C 781 9.72 21.32 -23.01
N LEU C 782 10.80 22.09 -23.14
CA LEU C 782 11.47 22.28 -24.43
C LEU C 782 12.83 21.63 -24.48
N ASN C 783 13.15 20.74 -23.53
CA ASN C 783 14.40 19.96 -23.53
C ASN C 783 15.62 20.87 -23.56
N ASN C 784 15.63 21.85 -22.64
CA ASN C 784 16.70 22.82 -22.50
C ASN C 784 16.97 23.62 -23.77
N LYS C 785 16.08 23.55 -24.75
CA LYS C 785 16.18 24.33 -25.98
C LYS C 785 15.26 25.54 -25.97
N HIS C 786 15.02 26.10 -24.79
CA HIS C 786 14.21 27.30 -24.63
C HIS C 786 15.11 28.53 -24.71
N SER C 787 14.56 29.70 -24.42
CA SER C 787 15.33 30.94 -24.38
C SER C 787 15.32 31.49 -22.97
N PRO C 788 16.41 31.37 -22.21
CA PRO C 788 16.45 31.97 -20.87
C PRO C 788 16.21 33.47 -20.88
N ASP C 789 16.49 34.14 -22.00
CA ASP C 789 16.23 35.57 -22.10
C ASP C 789 14.73 35.86 -22.15
N ILE C 790 13.97 35.02 -22.87
CA ILE C 790 12.51 35.18 -22.89
C ILE C 790 11.93 34.95 -21.51
N ILE C 791 12.38 33.90 -20.83
CA ILE C 791 11.94 33.67 -19.46
C ILE C 791 12.41 34.79 -18.54
N GLY C 792 13.61 35.31 -18.79
CA GLY C 792 14.14 36.36 -17.93
C GLY C 792 13.38 37.67 -18.06
N THR C 793 13.13 38.10 -19.30
CA THR C 793 12.42 39.35 -19.51
C THR C 793 10.97 39.27 -19.03
N LEU C 794 10.39 38.07 -19.01
CA LEU C 794 9.06 37.90 -18.43
C LEU C 794 9.13 37.85 -16.91
N LYS C 795 10.09 37.09 -16.37
CA LYS C 795 10.25 37.01 -14.92
C LYS C 795 10.53 38.39 -14.32
N SER C 796 11.31 39.20 -15.02
CA SER C 796 11.60 40.55 -14.53
C SER C 796 10.35 41.41 -14.54
N ALA C 797 9.50 41.26 -15.56
CA ALA C 797 8.28 42.06 -15.63
C ALA C 797 7.27 41.63 -14.57
N ILE C 798 7.20 40.32 -14.28
CA ILE C 798 6.30 39.84 -13.23
C ILE C 798 6.67 40.45 -11.89
N ASN C 799 7.97 40.63 -11.65
CA ASN C 799 8.41 41.21 -10.38
C ASN C 799 8.04 42.68 -10.25
N LEU C 800 8.04 43.42 -11.37
CA LEU C 800 7.69 44.83 -11.31
C LEU C 800 6.19 45.03 -11.09
N VAL C 801 5.37 44.10 -11.56
CA VAL C 801 3.93 44.17 -11.29
C VAL C 801 3.66 43.92 -9.82
N PHE C 802 4.38 42.96 -9.23
CA PHE C 802 4.23 42.60 -7.83
C PHE C 802 5.27 43.28 -6.94
N LYS C 803 5.66 44.50 -7.29
CA LYS C 803 6.68 45.22 -6.53
C LYS C 803 6.11 45.67 -5.19
N ILE C 804 6.88 45.48 -4.12
CA ILE C 804 6.45 45.83 -2.77
C ILE C 804 6.58 47.34 -2.56
N PRO D 7 -19.16 -27.20 21.18
CA PRO D 7 -18.06 -26.24 21.19
C PRO D 7 -17.38 -26.09 19.83
N ASP D 8 -16.06 -25.93 19.84
CA ASP D 8 -15.29 -25.82 18.60
C ASP D 8 -13.87 -26.29 18.88
N TYR D 9 -13.39 -27.21 18.05
CA TYR D 9 -12.07 -27.82 18.24
C TYR D 9 -11.10 -27.29 17.20
N CYS D 10 -10.80 -25.99 17.30
CA CYS D 10 -9.90 -25.35 16.35
C CYS D 10 -9.08 -24.28 17.05
N ILE D 11 -7.82 -24.16 16.64
CA ILE D 11 -6.96 -23.07 17.10
C ILE D 11 -6.67 -22.14 15.93
N PRO D 12 -6.54 -20.82 16.15
CA PRO D 12 -6.71 -20.14 17.44
C PRO D 12 -8.17 -20.13 17.91
N ASN D 13 -8.38 -20.41 19.20
CA ASN D 13 -9.71 -20.51 19.77
C ASN D 13 -9.96 -19.31 20.67
N PHE D 14 -11.01 -18.54 20.36
CA PHE D 14 -11.43 -17.44 21.20
C PHE D 14 -12.72 -17.70 21.96
N SER D 15 -13.50 -18.71 21.54
CA SER D 15 -14.79 -18.96 22.17
C SER D 15 -14.63 -19.58 23.55
N GLN D 16 -13.94 -20.72 23.62
CA GLN D 16 -13.79 -21.44 24.88
C GLN D 16 -12.78 -20.79 25.82
N THR D 17 -11.87 -19.97 25.30
CA THR D 17 -10.79 -19.41 26.10
C THR D 17 -11.13 -18.08 26.74
N VAL D 18 -11.78 -17.18 25.99
CA VAL D 18 -12.07 -15.83 26.49
C VAL D 18 -13.54 -15.71 26.86
N ASN D 19 -13.86 -15.97 28.12
CA ASN D 19 -15.20 -15.80 28.66
C ASN D 19 -15.21 -14.59 29.60
N GLU D 20 -16.32 -14.40 30.32
CA GLU D 20 -16.43 -13.28 31.24
C GLU D 20 -15.44 -13.38 32.39
N ARG D 21 -15.11 -14.61 32.81
CA ARG D 21 -14.12 -14.78 33.87
C ARG D 21 -12.70 -14.55 33.36
N THR D 22 -12.47 -14.75 32.06
CA THR D 22 -11.17 -14.45 31.48
C THR D 22 -10.87 -12.96 31.52
N ILE D 23 -11.88 -12.14 31.23
CA ILE D 23 -11.71 -10.69 31.32
C ILE D 23 -11.41 -10.26 32.74
N ILE D 24 -12.00 -10.94 33.72
CA ILE D 24 -11.72 -10.64 35.12
C ILE D 24 -10.26 -10.91 35.44
N ASP D 25 -9.76 -12.05 34.98
CA ASP D 25 -8.36 -12.41 35.25
C ASP D 25 -7.39 -11.46 34.56
N ILE D 26 -7.77 -10.91 33.41
CA ILE D 26 -6.91 -9.92 32.76
C ILE D 26 -6.84 -8.66 33.60
N PHE D 27 -7.96 -8.25 34.20
CA PHE D 27 -7.93 -7.13 35.14
C PHE D 27 -7.03 -7.44 36.32
N THR D 28 -7.06 -8.68 36.81
CA THR D 28 -6.23 -9.07 37.94
C THR D 28 -4.75 -9.05 37.56
N ILE D 29 -4.42 -9.47 36.34
CA ILE D 29 -3.03 -9.48 35.89
C ILE D 29 -2.47 -8.07 35.84
N CYS D 30 -3.31 -7.08 35.50
CA CYS D 30 -2.86 -5.69 35.43
C CYS D 30 -2.34 -5.17 36.77
N ARG D 31 -2.66 -5.84 37.87
CA ARG D 31 -2.07 -5.47 39.15
C ARG D 31 -0.59 -5.86 39.23
N TYR D 32 -0.12 -6.74 38.35
CA TYR D 32 1.25 -7.21 38.34
C TYR D 32 2.06 -6.63 37.18
N ARG D 33 1.51 -5.67 36.45
CA ARG D 33 2.09 -5.22 35.19
C ARG D 33 3.35 -4.37 35.35
N SER D 34 4.00 -4.38 36.52
CA SER D 34 5.24 -3.64 36.74
C SER D 34 6.28 -4.58 37.36
N PRO D 35 6.83 -5.50 36.56
CA PRO D 35 7.82 -6.45 37.09
C PRO D 35 9.28 -6.11 36.79
N LEU D 36 9.54 -4.99 36.12
CA LEU D 36 10.90 -4.69 35.67
C LEU D 36 11.75 -4.14 36.81
N VAL D 37 13.03 -4.50 36.80
CA VAL D 37 14.03 -3.93 37.70
C VAL D 37 15.29 -3.69 36.87
N VAL D 38 15.73 -2.43 36.80
CA VAL D 38 16.90 -2.04 36.02
C VAL D 38 18.03 -1.77 37.01
N PHE D 39 19.06 -2.60 36.98
CA PHE D 39 20.18 -2.53 37.91
C PHE D 39 21.43 -2.11 37.16
N CYS D 40 22.12 -1.09 37.67
CA CYS D 40 23.32 -0.55 37.05
C CYS D 40 24.51 -0.81 37.97
N LEU D 41 25.45 -1.64 37.52
CA LEU D 41 26.67 -1.90 38.25
C LEU D 41 27.81 -2.06 37.25
N SER D 42 29.00 -1.64 37.65
CA SER D 42 30.16 -1.60 36.77
C SER D 42 31.00 -2.88 36.81
N HIS D 43 30.48 -3.95 37.40
CA HIS D 43 31.23 -5.21 37.52
C HIS D 43 30.43 -6.29 36.80
N ASN D 44 30.89 -6.65 35.61
CA ASN D 44 30.11 -7.50 34.71
C ASN D 44 30.06 -8.94 35.21
N GLU D 45 31.21 -9.49 35.61
CA GLU D 45 31.23 -10.88 36.07
C GLU D 45 30.41 -11.05 37.34
N LEU D 46 30.43 -10.05 38.22
CA LEU D 46 29.58 -10.09 39.41
C LEU D 46 28.11 -10.04 39.01
N ALA D 47 27.78 -9.28 37.96
CA ALA D 47 26.41 -9.22 37.49
C ALA D 47 25.96 -10.55 36.92
N LYS D 48 26.86 -11.26 36.25
CA LYS D 48 26.51 -12.57 35.67
C LYS D 48 26.16 -13.57 36.76
N LYS D 49 26.83 -13.49 37.91
CA LYS D 49 26.55 -14.42 38.99
C LYS D 49 25.14 -14.21 39.55
N TYR D 50 24.84 -12.98 39.98
CA TYR D 50 23.53 -12.71 40.55
C TYR D 50 22.42 -12.85 39.52
N ALA D 51 22.73 -12.62 38.24
CA ALA D 51 21.75 -12.90 37.19
C ALA D 51 21.42 -14.39 37.14
N GLN D 52 22.43 -15.24 37.29
CA GLN D 52 22.19 -16.68 37.34
C GLN D 52 21.50 -17.08 38.63
N ASP D 53 21.86 -16.44 39.74
CA ASP D 53 21.30 -16.81 41.04
C ASP D 53 19.81 -16.52 41.11
N VAL D 54 19.40 -15.33 40.66
CA VAL D 54 17.98 -15.00 40.69
C VAL D 54 17.21 -15.73 39.61
N SER D 55 17.87 -16.11 38.52
CA SER D 55 17.19 -16.83 37.44
C SER D 55 16.92 -18.28 37.84
N MET D 56 17.88 -18.91 38.51
CA MET D 56 17.69 -20.30 38.92
C MET D 56 16.78 -20.43 40.13
N SER D 57 16.78 -19.44 41.02
CA SER D 57 16.03 -19.58 42.27
C SER D 57 14.55 -19.29 42.07
N SER D 58 14.20 -18.22 41.35
CA SER D 58 12.81 -17.81 41.20
C SER D 58 12.35 -17.71 39.76
N GLY D 59 13.22 -17.96 38.79
CA GLY D 59 12.82 -17.88 37.39
C GLY D 59 12.75 -16.48 36.82
N THR D 60 13.40 -15.51 37.46
CA THR D 60 13.40 -14.16 36.96
C THR D 60 14.17 -14.06 35.65
N HIS D 61 13.54 -13.50 34.63
CA HIS D 61 14.21 -13.33 33.35
C HIS D 61 15.23 -12.19 33.43
N VAL D 62 16.47 -12.49 33.08
CA VAL D 62 17.57 -11.55 33.25
C VAL D 62 18.13 -11.16 31.88
N HIS D 63 18.59 -9.91 31.80
CA HIS D 63 19.29 -9.40 30.63
C HIS D 63 20.54 -8.66 31.10
N ILE D 64 21.63 -8.85 30.37
CA ILE D 64 22.91 -8.25 30.72
C ILE D 64 23.39 -7.44 29.52
N ILE D 65 23.21 -6.13 29.57
CA ILE D 65 23.72 -5.22 28.55
C ILE D 65 25.18 -4.93 28.91
N ASP D 66 26.11 -5.65 28.29
CA ASP D 66 27.51 -5.57 28.64
C ASP D 66 28.34 -4.75 27.67
N GLY D 67 27.77 -4.32 26.56
CA GLY D 67 28.51 -3.57 25.56
C GLY D 67 29.07 -4.40 24.44
N SER D 68 28.92 -5.72 24.48
CA SER D 68 29.32 -6.56 23.35
C SER D 68 28.55 -6.22 22.09
N VAL D 69 27.36 -5.65 22.23
CA VAL D 69 26.57 -5.14 21.11
C VAL D 69 26.42 -3.65 21.30
N GLU D 70 26.21 -2.93 20.19
CA GLU D 70 26.07 -1.48 20.24
C GLU D 70 24.88 -1.09 21.11
N ILE D 71 25.05 0.01 21.86
CA ILE D 71 24.10 0.35 22.92
C ILE D 71 22.70 0.62 22.36
N THR D 72 22.62 1.25 21.19
CA THR D 72 21.31 1.52 20.61
C THR D 72 20.61 0.25 20.18
N VAL D 73 21.33 -0.67 19.54
CA VAL D 73 20.73 -1.95 19.16
C VAL D 73 20.54 -2.83 20.38
N SER D 74 21.38 -2.67 21.41
CA SER D 74 21.24 -3.47 22.62
C SER D 74 19.96 -3.12 23.37
N LEU D 75 19.65 -1.83 23.48
CA LEU D 75 18.39 -1.43 24.11
C LEU D 75 17.19 -1.84 23.25
N TYR D 76 17.34 -1.76 21.93
CA TYR D 76 16.24 -2.11 21.03
C TYR D 76 15.88 -3.58 21.14
N ARG D 77 16.87 -4.45 21.31
CA ARG D 77 16.60 -5.88 21.42
C ARG D 77 16.11 -6.26 22.81
N THR D 78 16.57 -5.56 23.85
CA THR D 78 16.22 -5.94 25.21
C THR D 78 14.78 -5.59 25.55
N PHE D 79 14.36 -4.37 25.20
CA PHE D 79 13.05 -3.88 25.64
C PHE D 79 11.93 -4.17 24.65
N ARG D 80 12.25 -4.48 23.38
CA ARG D 80 11.22 -5.01 22.49
C ARG D 80 10.73 -6.37 22.98
N THR D 81 11.61 -7.13 23.64
CA THR D 81 11.21 -8.40 24.25
C THR D 81 10.45 -8.16 25.56
N ILE D 82 10.92 -7.22 26.39
CA ILE D 82 10.27 -6.95 27.66
C ILE D 82 8.86 -6.40 27.45
N ALA D 83 8.67 -5.62 26.37
CA ALA D 83 7.35 -5.02 26.12
C ALA D 83 6.27 -6.09 25.95
N THR D 84 6.65 -7.29 25.51
CA THR D 84 5.71 -8.38 25.32
C THR D 84 5.47 -9.19 26.59
N GLN D 85 6.36 -9.10 27.57
CA GLN D 85 6.33 -9.93 28.76
C GLN D 85 5.84 -9.19 30.00
N LEU D 86 5.38 -7.94 29.86
CA LEU D 86 5.02 -7.14 31.02
C LEU D 86 3.79 -7.68 31.74
N LEU D 87 3.01 -8.56 31.10
CA LEU D 87 1.84 -9.17 31.72
C LEU D 87 2.06 -10.63 32.05
N GLY D 88 3.32 -11.07 32.12
CA GLY D 88 3.65 -12.47 32.36
C GLY D 88 3.75 -12.88 33.80
N ARG D 89 3.50 -11.97 34.75
CA ARG D 89 3.57 -12.24 36.18
C ARG D 89 4.94 -12.74 36.63
N MET D 90 5.99 -12.43 35.87
CA MET D 90 7.34 -12.84 36.21
C MET D 90 8.27 -11.63 36.25
N GLN D 91 9.12 -11.59 37.27
CA GLN D 91 10.05 -10.49 37.42
C GLN D 91 11.04 -10.45 36.27
N ILE D 92 11.49 -9.25 35.91
CA ILE D 92 12.46 -9.04 34.86
C ILE D 92 13.54 -8.10 35.38
N VAL D 93 14.79 -8.52 35.29
CA VAL D 93 15.93 -7.73 35.72
C VAL D 93 16.83 -7.47 34.51
N VAL D 94 17.27 -6.22 34.37
CA VAL D 94 18.16 -5.82 33.27
C VAL D 94 19.41 -5.23 33.90
N PHE D 95 20.50 -5.99 33.89
CA PHE D 95 21.77 -5.50 34.40
C PHE D 95 22.47 -4.68 33.32
N VAL D 96 22.77 -3.42 33.64
CA VAL D 96 23.47 -2.52 32.74
C VAL D 96 24.87 -2.31 33.29
N THR D 97 25.88 -2.83 32.57
CA THR D 97 27.25 -2.80 33.04
C THR D 97 28.15 -1.84 32.27
N VAL D 98 27.64 -1.21 31.20
CA VAL D 98 28.46 -0.26 30.46
C VAL D 98 28.59 1.03 31.26
N ASP D 99 29.62 1.81 30.92
CA ASP D 99 29.90 3.04 31.63
C ASP D 99 28.78 4.07 31.42
N LYS D 100 28.76 5.08 32.29
CA LYS D 100 27.79 6.16 32.15
C LYS D 100 28.00 6.97 30.87
N SER D 101 29.18 6.87 30.27
CA SER D 101 29.41 7.52 28.99
C SER D 101 28.67 6.82 27.85
N VAL D 102 28.44 5.51 27.99
CA VAL D 102 27.68 4.76 26.99
C VAL D 102 26.19 5.05 27.13
N VAL D 103 25.68 5.04 28.35
CA VAL D 103 24.31 5.42 28.66
C VAL D 103 24.31 6.10 30.03
N SER D 104 23.87 7.35 30.07
CA SER D 104 23.92 8.12 31.30
C SER D 104 22.89 7.60 32.31
N THR D 105 23.02 8.09 33.55
CA THR D 105 22.10 7.66 34.60
C THR D 105 20.69 8.15 34.33
N GLN D 106 20.55 9.37 33.82
CA GLN D 106 19.22 9.91 33.55
C GLN D 106 18.56 9.21 32.37
N VAL D 107 19.34 8.83 31.36
CA VAL D 107 18.76 8.14 30.20
C VAL D 107 18.28 6.75 30.59
N MET D 108 19.11 6.00 31.32
CA MET D 108 18.71 4.66 31.75
C MET D 108 17.56 4.72 32.74
N LYS D 109 17.51 5.74 33.59
CA LYS D 109 16.39 5.89 34.52
C LYS D 109 15.10 6.18 33.77
N SER D 110 15.18 6.95 32.68
CA SER D 110 14.00 7.24 31.88
C SER D 110 13.48 5.97 31.21
N ILE D 111 14.38 5.19 30.61
CA ILE D 111 13.96 3.94 29.97
C ILE D 111 13.37 2.99 30.98
N ALA D 112 13.94 2.95 32.19
CA ALA D 112 13.42 2.07 33.23
C ALA D 112 12.01 2.46 33.62
N TRP D 113 11.80 3.72 34.01
CA TRP D 113 10.49 4.17 34.42
C TRP D 113 9.49 4.19 33.27
N ALA D 114 9.96 4.29 32.03
CA ALA D 114 9.05 4.20 30.89
C ALA D 114 8.39 2.84 30.81
N PHE D 115 9.06 1.80 31.32
CA PHE D 115 8.52 0.45 31.35
C PHE D 115 8.07 0.04 32.75
N ARG D 116 7.88 1.01 33.66
CA ARG D 116 7.43 0.77 35.03
C ARG D 116 8.36 -0.20 35.74
N GLY D 117 9.56 0.29 36.05
CA GLY D 117 10.58 -0.53 36.64
C GLY D 117 11.34 0.20 37.73
N SER D 118 11.93 -0.60 38.63
CA SER D 118 12.80 -0.06 39.66
C SER D 118 14.17 0.22 39.08
N PHE D 119 14.67 1.43 39.30
CA PHE D 119 15.97 1.85 38.79
C PHE D 119 16.98 1.92 39.94
N VAL D 120 18.10 1.22 39.77
CA VAL D 120 19.18 1.21 40.75
C VAL D 120 20.46 1.60 40.03
N GLU D 121 21.13 2.65 40.51
CA GLU D 121 22.37 3.13 39.93
C GLU D 121 23.48 2.96 40.96
N LEU D 122 24.40 2.03 40.70
CA LEU D 122 25.51 1.75 41.60
C LEU D 122 26.77 1.45 40.79
N ARG D 123 26.99 2.19 39.70
CA ARG D 123 28.14 1.94 38.84
C ARG D 123 29.43 2.54 39.37
N ASN D 124 29.36 3.45 40.35
CA ASN D 124 30.55 4.00 40.98
C ASN D 124 31.08 3.13 42.11
N GLN D 125 30.38 2.05 42.45
CA GLN D 125 30.77 1.22 43.58
C GLN D 125 31.85 0.22 43.19
N SER D 126 32.69 -0.12 44.17
CA SER D 126 33.72 -1.13 43.96
C SER D 126 33.10 -2.52 44.00
N VAL D 127 33.88 -3.52 43.56
CA VAL D 127 33.35 -4.87 43.42
C VAL D 127 33.06 -5.51 44.76
N ASP D 128 33.71 -5.07 45.84
CA ASP D 128 33.48 -5.58 47.18
C ASP D 128 32.76 -4.56 48.05
N SER D 129 31.92 -3.72 47.45
CA SER D 129 31.17 -2.75 48.23
C SER D 129 30.06 -3.45 49.00
N SER D 130 29.96 -3.14 50.30
CA SER D 130 28.91 -3.73 51.12
C SER D 130 27.53 -3.30 50.66
N THR D 131 27.42 -2.09 50.10
CA THR D 131 26.14 -1.61 49.60
C THR D 131 25.76 -2.32 48.30
N LEU D 132 26.73 -2.48 47.40
CA LEU D 132 26.45 -3.10 46.11
C LEU D 132 26.04 -4.56 46.27
N VAL D 133 26.79 -5.31 47.10
CA VAL D 133 26.49 -6.73 47.28
C VAL D 133 25.16 -6.91 47.99
N SER D 134 24.85 -6.02 48.94
CA SER D 134 23.59 -6.13 49.67
C SER D 134 22.40 -5.95 48.76
N LYS D 135 22.43 -4.93 47.91
CA LYS D 135 21.33 -4.70 46.98
C LYS D 135 21.29 -5.74 45.87
N LEU D 136 22.39 -6.46 45.63
CA LEU D 136 22.35 -7.58 44.69
C LEU D 136 21.78 -8.83 45.35
N GLU D 137 22.09 -9.04 46.63
CA GLU D 137 21.49 -10.15 47.36
C GLU D 137 20.00 -9.94 47.59
N ASN D 138 19.55 -8.68 47.62
CA ASN D 138 18.13 -8.41 47.77
C ASN D 138 17.34 -8.89 46.56
N LEU D 139 17.95 -8.90 45.38
CA LEU D 139 17.29 -9.43 44.19
C LEU D 139 16.94 -10.91 44.38
N VAL D 140 17.89 -11.68 44.90
CA VAL D 140 17.66 -13.12 45.06
C VAL D 140 16.75 -13.40 46.26
N SER D 141 16.83 -12.56 47.30
CA SER D 141 16.06 -12.83 48.51
C SER D 141 14.59 -12.45 48.35
N PHE D 142 14.31 -11.32 47.68
CA PHE D 142 12.96 -10.79 47.61
C PHE D 142 12.20 -11.18 46.35
N ALA D 143 12.85 -11.86 45.41
CA ALA D 143 12.19 -12.20 44.15
C ALA D 143 10.93 -13.02 44.42
N PRO D 144 9.85 -12.82 43.64
CA PRO D 144 9.76 -11.93 42.48
C PRO D 144 9.55 -10.46 42.82
N LEU D 145 9.50 -10.12 44.11
CA LEU D 145 9.36 -8.74 44.53
C LEU D 145 10.74 -8.09 44.66
N TYR D 146 10.75 -6.80 45.00
CA TYR D 146 12.00 -6.09 45.20
C TYR D 146 11.75 -4.87 46.07
N ASN D 147 12.67 -4.59 46.99
CA ASN D 147 12.47 -3.55 47.97
C ASN D 147 12.66 -2.15 47.39
N VAL D 148 13.33 -2.02 46.26
CA VAL D 148 13.50 -0.71 45.63
C VAL D 148 12.20 -0.30 44.97
N PRO D 149 11.73 0.93 45.17
CA PRO D 149 10.43 1.33 44.61
C PRO D 149 10.48 1.45 43.09
N LYS D 150 9.33 1.19 42.48
CA LYS D 150 9.18 1.32 41.04
C LYS D 150 8.75 2.74 40.69
N CYS D 151 9.38 3.29 39.65
CA CYS D 151 9.06 4.62 39.13
C CYS D 151 9.26 5.71 40.19
N GLY D 152 10.20 5.48 41.11
CA GLY D 152 10.48 6.43 42.17
C GLY D 152 11.61 5.96 43.06
N PRO D 153 12.36 6.90 43.63
CA PRO D 153 13.54 6.52 44.41
C PRO D 153 13.24 6.22 45.87
N ASP D 154 12.20 6.82 46.43
CA ASP D 154 11.92 6.71 47.86
C ASP D 154 10.49 6.26 48.09
N TYR D 155 10.26 5.71 49.28
CA TYR D 155 8.97 5.16 49.69
C TYR D 155 8.78 5.43 51.18
N TYR D 156 7.62 6.00 51.53
CA TYR D 156 7.32 6.35 52.92
C TYR D 156 5.97 5.82 53.34
N GLY D 157 5.53 4.71 52.74
CA GLY D 157 4.29 4.08 53.11
C GLY D 157 4.50 2.99 54.14
N PRO D 158 3.45 2.21 54.41
CA PRO D 158 3.53 1.20 55.48
C PRO D 158 4.24 -0.09 55.08
N THR D 159 4.48 -0.34 53.80
CA THR D 159 5.10 -1.59 53.36
C THR D 159 6.58 -1.58 53.73
N VAL D 160 6.97 -2.46 54.64
CA VAL D 160 8.35 -2.60 55.10
C VAL D 160 8.86 -3.95 54.61
N TYR D 161 9.81 -3.93 53.67
CA TYR D 161 10.28 -5.17 53.07
C TYR D 161 11.14 -5.97 54.03
N SER D 162 11.81 -5.31 54.97
CA SER D 162 12.62 -6.04 55.95
C SER D 162 11.78 -6.88 56.89
N GLU D 163 10.48 -6.58 57.01
CA GLU D 163 9.59 -7.38 57.83
C GLU D 163 9.21 -8.70 57.15
N LEU D 164 9.38 -8.79 55.83
CA LEU D 164 9.13 -10.06 55.15
C LEU D 164 10.19 -11.11 55.46
N LEU D 165 11.37 -10.68 55.92
CA LEU D 165 12.43 -11.60 56.30
C LEU D 165 12.44 -11.92 57.80
N SER D 166 11.69 -11.17 58.59
CA SER D 166 11.71 -11.31 60.05
C SER D 166 10.74 -12.39 60.49
N LEU D 167 11.24 -13.35 61.28
CA LEU D 167 10.38 -14.38 61.84
C LEU D 167 9.49 -13.84 62.95
N ALA D 168 9.87 -12.73 63.59
CA ALA D 168 9.06 -12.16 64.66
C ALA D 168 7.74 -11.62 64.13
N THR D 169 7.75 -11.01 62.94
CA THR D 169 6.56 -10.48 62.31
C THR D 169 5.85 -11.51 61.43
N ASN D 170 6.10 -12.80 61.65
CA ASN D 170 5.53 -13.89 60.87
C ASN D 170 5.86 -13.78 59.39
N ALA D 171 6.95 -13.09 59.06
CA ALA D 171 7.42 -12.92 57.67
C ALA D 171 6.33 -12.29 56.79
N ARG D 172 5.71 -11.23 57.30
CA ARG D 172 4.66 -10.54 56.57
C ARG D 172 4.82 -9.04 56.77
N THR D 173 4.20 -8.27 55.87
CA THR D 173 4.20 -6.82 55.96
C THR D 173 2.91 -6.31 55.33
N HIS D 174 2.63 -5.04 55.56
CA HIS D 174 1.38 -4.44 55.08
C HIS D 174 1.45 -4.16 53.59
N TRP D 175 0.28 -3.98 52.98
CA TRP D 175 0.18 -3.88 51.53
C TRP D 175 -1.09 -3.08 51.19
N TYR D 176 -0.94 -1.77 51.10
CA TYR D 176 -2.03 -0.86 50.74
C TYR D 176 -1.76 -0.35 49.32
N ALA D 177 -2.21 -1.10 48.33
CA ALA D 177 -1.90 -0.76 46.94
C ALA D 177 -2.62 0.51 46.50
N THR D 178 -3.89 0.66 46.86
CA THR D 178 -4.65 1.83 46.42
C THR D 178 -4.11 3.11 47.05
N ILE D 179 -3.77 3.07 48.34
CA ILE D 179 -3.28 4.26 49.02
C ILE D 179 -1.90 4.64 48.51
N ASP D 180 -1.01 3.65 48.33
CA ASP D 180 0.35 3.95 47.90
C ASP D 180 0.37 4.49 46.47
N TYR D 181 -0.46 3.93 45.59
CA TYR D 181 -0.51 4.44 44.22
C TYR D 181 -1.14 5.82 44.15
N SER D 182 -2.03 6.13 45.09
CA SER D 182 -2.59 7.48 45.15
C SER D 182 -1.51 8.50 45.51
N MET D 183 -0.69 8.18 46.52
CA MET D 183 0.44 9.04 46.85
C MET D 183 1.45 9.09 45.70
N PHE D 184 1.62 7.99 44.98
CA PHE D 184 2.48 7.99 43.81
C PHE D 184 1.90 8.88 42.71
N THR D 185 0.58 8.91 42.58
CA THR D 185 -0.04 9.76 41.57
C THR D 185 0.07 11.23 41.95
N ARG D 186 -0.15 11.56 43.22
CA ARG D 186 0.05 12.94 43.67
C ARG D 186 1.47 13.40 43.41
N SER D 187 2.44 12.50 43.57
CA SER D 187 3.84 12.86 43.34
C SER D 187 4.14 13.00 41.85
N VAL D 188 3.53 12.16 41.01
CA VAL D 188 3.81 12.22 39.59
C VAL D 188 3.22 13.48 38.98
N LEU D 189 2.01 13.87 39.41
CA LEU D 189 1.43 15.12 38.94
C LEU D 189 2.31 16.31 39.31
N THR D 190 2.86 16.30 40.53
CA THR D 190 3.76 17.37 40.94
C THR D 190 5.03 17.37 40.10
N GLY D 191 5.60 16.19 39.86
CA GLY D 191 6.81 16.11 39.05
C GLY D 191 6.60 16.54 37.61
N PHE D 192 5.40 16.27 37.07
CA PHE D 192 5.11 16.73 35.71
C PHE D 192 5.01 18.25 35.65
N VAL D 193 4.34 18.86 36.63
CA VAL D 193 4.28 20.31 36.69
C VAL D 193 5.67 20.90 36.86
N ALA D 194 6.50 20.25 37.69
CA ALA D 194 7.89 20.68 37.84
C ALA D 194 8.65 20.57 36.54
N LYS D 195 8.43 19.48 35.79
CA LYS D 195 9.02 19.36 34.46
C LYS D 195 8.44 20.39 33.50
N TYR D 196 7.17 20.75 33.67
CA TYR D 196 6.57 21.78 32.83
C TYR D 196 7.24 23.13 33.06
N PHE D 197 7.51 23.47 34.32
CA PHE D 197 8.16 24.74 34.63
C PHE D 197 9.59 24.79 34.06
N ASN D 198 10.29 23.66 34.11
CA ASN D 198 11.66 23.63 33.61
C ASN D 198 11.70 23.76 32.09
N GLU D 199 10.73 23.14 31.40
CA GLU D 199 10.72 23.21 29.94
C GLU D 199 10.33 24.60 29.45
N GLU D 200 9.32 25.21 30.07
CA GLU D 200 8.88 26.54 29.68
C GLU D 200 9.79 27.65 30.18
N ALA D 201 10.88 27.31 30.88
CA ALA D 201 11.80 28.30 31.42
C ALA D 201 11.08 29.31 32.30
N VAL D 202 10.14 28.81 33.10
CA VAL D 202 9.38 29.68 34.01
C VAL D 202 10.30 30.22 35.10
N PRO D 203 10.23 31.50 35.44
CA PRO D 203 11.08 32.02 36.51
C PRO D 203 10.84 31.27 37.82
N ILE D 204 11.87 31.25 38.66
CA ILE D 204 11.85 30.42 39.86
C ILE D 204 10.73 30.88 40.81
N ASP D 205 10.62 32.19 41.02
CA ASP D 205 9.61 32.71 41.95
C ASP D 205 8.19 32.60 41.39
N LYS D 206 8.04 32.34 40.09
CA LYS D 206 6.73 32.18 39.48
C LYS D 206 6.28 30.73 39.41
N ARG D 207 7.10 29.79 39.86
CA ARG D 207 6.76 28.36 39.82
C ARG D 207 5.80 28.06 40.97
N ILE D 208 4.53 28.41 40.75
CA ILE D 208 3.46 28.19 41.72
C ILE D 208 2.35 27.41 41.05
N VAL D 209 1.84 26.39 41.75
CA VAL D 209 0.79 25.52 41.23
C VAL D 209 -0.41 25.59 42.15
N SER D 210 -1.60 25.65 41.55
CA SER D 210 -2.86 25.69 42.30
C SER D 210 -3.44 24.28 42.39
N ILE D 211 -3.60 23.78 43.61
CA ILE D 211 -4.16 22.46 43.86
C ILE D 211 -5.65 22.64 44.13
N VAL D 212 -6.48 22.25 43.17
CA VAL D 212 -7.93 22.38 43.33
C VAL D 212 -8.41 21.40 44.37
N GLY D 213 -9.17 21.89 45.34
CA GLY D 213 -9.63 21.07 46.45
C GLY D 213 -8.51 20.82 47.45
N TYR D 214 -8.86 20.69 48.73
CA TYR D 214 -7.84 20.49 49.74
C TYR D 214 -7.24 19.09 49.61
N ASN D 215 -5.91 19.03 49.58
CA ASN D 215 -5.18 17.77 49.43
C ASN D 215 -3.86 17.93 50.18
N PRO D 216 -3.78 17.44 51.41
CA PRO D 216 -2.61 17.73 52.27
C PRO D 216 -1.28 17.36 51.65
N PRO D 217 -1.11 16.13 51.13
CA PRO D 217 0.26 15.70 50.73
C PRO D 217 0.89 16.54 49.63
N TYR D 218 0.13 17.40 48.95
CA TYR D 218 0.71 18.17 47.86
C TYR D 218 1.70 19.21 48.35
N VAL D 219 1.53 19.71 49.57
CA VAL D 219 2.49 20.66 50.13
C VAL D 219 3.87 20.03 50.21
N TRP D 220 3.93 18.76 50.64
CA TRP D 220 5.21 18.07 50.72
C TRP D 220 5.78 17.79 49.34
N THR D 221 4.94 17.30 48.41
CA THR D 221 5.43 16.94 47.08
C THR D 221 5.90 18.17 46.32
N CYS D 222 5.21 19.30 46.47
CA CYS D 222 5.61 20.52 45.77
C CYS D 222 6.96 21.02 46.26
N LEU D 223 7.18 21.00 47.58
CA LEU D 223 8.47 21.41 48.13
C LEU D 223 9.57 20.41 47.83
N ARG D 224 9.22 19.18 47.44
CA ARG D 224 10.22 18.23 46.99
C ARG D 224 10.70 18.51 45.57
N HIS D 225 9.90 19.22 44.78
CA HIS D 225 10.23 19.50 43.39
C HIS D 225 10.54 20.97 43.13
N GLY D 226 10.66 21.78 44.19
CA GLY D 226 11.04 23.17 44.02
C GLY D 226 9.95 24.10 43.53
N ILE D 227 8.69 23.79 43.82
CA ILE D 227 7.57 24.64 43.45
C ILE D 227 6.73 24.92 44.68
N ARG D 228 6.07 26.07 44.69
CA ARG D 228 5.27 26.48 45.84
C ARG D 228 3.81 26.12 45.61
N PRO D 229 3.16 25.46 46.57
CA PRO D 229 1.75 25.10 46.40
C PRO D 229 0.81 26.16 46.93
N THR D 230 -0.42 26.12 46.42
CA THR D 230 -1.51 26.97 46.91
C THR D 230 -2.83 26.26 46.65
N TYR D 231 -3.69 26.24 47.64
CA TYR D 231 -4.96 25.55 47.53
C TYR D 231 -6.07 26.51 47.09
N ILE D 232 -7.13 25.93 46.53
CA ILE D 232 -8.33 26.68 46.19
C ILE D 232 -9.53 25.75 46.33
N GLU D 233 -10.31 25.93 47.39
CA GLU D 233 -11.40 25.04 47.72
C GLU D 233 -12.74 25.68 47.39
N LYS D 234 -13.71 24.84 47.03
CA LYS D 234 -15.05 25.32 46.73
C LYS D 234 -15.69 25.95 47.94
N SER D 235 -15.72 25.23 49.07
CA SER D 235 -16.31 25.73 50.30
C SER D 235 -15.40 25.34 51.46
N LEU D 236 -14.74 26.33 52.06
CA LEU D 236 -13.91 26.10 53.23
C LEU D 236 -14.67 26.53 54.48
N PRO D 237 -15.04 25.62 55.37
CA PRO D 237 -15.82 26.02 56.55
C PRO D 237 -15.02 26.91 57.48
N ASN D 238 -15.76 27.68 58.28
CA ASN D 238 -15.13 28.58 59.23
C ASN D 238 -14.37 27.79 60.28
N PRO D 239 -13.12 28.15 60.58
CA PRO D 239 -12.35 27.35 61.56
C PRO D 239 -12.94 27.38 62.96
N GLY D 240 -13.59 28.47 63.34
CA GLY D 240 -14.22 28.58 64.64
C GLY D 240 -13.40 29.27 65.72
N GLY D 241 -12.33 29.96 65.34
CA GLY D 241 -11.50 30.68 66.28
C GLY D 241 -11.73 32.18 66.23
N LYS D 242 -10.74 32.92 66.71
CA LYS D 242 -10.77 34.38 66.70
C LYS D 242 -9.73 34.92 65.74
N GLY D 243 -9.78 36.23 65.51
CA GLY D 243 -8.91 36.88 64.56
C GLY D 243 -9.63 37.19 63.27
N PRO D 244 -8.95 37.90 62.35
CA PRO D 244 -9.59 38.23 61.07
C PRO D 244 -10.04 37.01 60.29
N PHE D 245 -9.25 35.94 60.29
CA PHE D 245 -9.60 34.70 59.61
C PHE D 245 -10.06 33.63 60.58
N GLY D 246 -10.20 33.96 61.86
CA GLY D 246 -10.69 32.99 62.84
C GLY D 246 -9.80 31.79 63.04
N LEU D 247 -8.49 32.01 63.10
CA LEU D 247 -7.52 30.93 63.22
C LEU D 247 -6.87 30.84 64.59
N ILE D 248 -7.23 31.72 65.53
CA ILE D 248 -6.70 31.67 66.88
C ILE D 248 -7.57 30.71 67.69
N LEU D 249 -7.00 29.56 68.06
CA LEU D 249 -7.69 28.50 68.78
C LEU D 249 -8.92 28.03 68.01
N PRO D 250 -8.75 27.24 66.95
CA PRO D 250 -9.89 26.76 66.18
C PRO D 250 -10.54 25.56 66.83
N VAL D 251 -11.82 25.37 66.50
CA VAL D 251 -12.60 24.28 67.07
C VAL D 251 -12.07 22.94 66.56
N ILE D 252 -11.96 21.96 67.46
CA ILE D 252 -11.50 20.64 67.10
C ILE D 252 -12.64 19.64 67.21
N HIS D 266 3.65 7.35 57.08
CA HIS D 266 4.63 7.02 58.10
C HIS D 266 6.03 7.44 57.66
N ASN D 267 6.36 8.72 57.90
CA ASN D 267 7.64 9.27 57.51
C ASN D 267 8.43 9.63 58.76
N PRO D 268 9.65 9.11 58.95
CA PRO D 268 10.40 9.42 60.17
C PRO D 268 10.85 10.86 60.28
N GLN D 269 10.74 11.66 59.22
CA GLN D 269 11.18 13.05 59.25
C GLN D 269 10.07 14.04 58.91
N ILE D 270 8.81 13.58 58.87
CA ILE D 270 7.70 14.49 58.61
C ILE D 270 7.33 15.32 59.82
N LYS D 271 7.86 14.99 61.00
CA LYS D 271 7.58 15.78 62.20
C LYS D 271 8.04 17.22 62.05
N LEU D 272 9.14 17.45 61.33
CA LEU D 272 9.63 18.79 61.08
C LEU D 272 9.26 19.31 59.69
N LEU D 273 9.09 18.42 58.71
CA LEU D 273 8.73 18.84 57.36
C LEU D 273 7.30 19.32 57.26
N CYS D 274 6.44 18.98 58.22
CA CYS D 274 5.06 19.45 58.17
C CYS D 274 4.99 20.97 58.30
N LEU D 275 5.77 21.55 59.21
CA LEU D 275 5.77 22.99 59.40
C LEU D 275 6.67 23.70 58.40
N ASP D 276 7.86 23.14 58.15
CA ASP D 276 8.86 23.86 57.36
C ASP D 276 8.44 23.98 55.90
N THR D 277 7.86 22.91 55.33
CA THR D 277 7.43 22.98 53.94
C THR D 277 6.32 24.01 53.76
N PHE D 278 5.44 24.14 54.75
CA PHE D 278 4.40 25.16 54.67
C PHE D 278 4.99 26.56 54.73
N MET D 279 5.96 26.78 55.63
CA MET D 279 6.60 28.08 55.71
C MET D 279 7.46 28.35 54.48
N LEU D 280 8.03 27.31 53.88
CA LEU D 280 8.79 27.47 52.64
C LEU D 280 7.89 27.78 51.45
N SER D 281 6.58 27.70 51.61
CA SER D 281 5.64 28.08 50.56
C SER D 281 5.23 29.54 50.63
N THR D 282 5.34 30.16 51.80
CA THR D 282 4.91 31.55 51.99
C THR D 282 5.87 32.56 51.40
N SER D 283 7.12 32.17 51.17
CA SER D 283 8.12 33.11 50.67
C SER D 283 9.29 32.34 50.08
N MET D 284 10.01 32.99 49.18
CA MET D 284 11.24 32.46 48.62
C MET D 284 12.46 32.82 49.45
N ASN D 285 12.28 33.56 50.54
CA ASN D 285 13.36 33.92 51.46
C ASN D 285 12.94 33.55 52.86
N ILE D 286 13.84 32.91 53.61
CA ILE D 286 13.52 32.34 54.91
C ILE D 286 14.57 32.77 55.92
N LEU D 287 14.11 33.28 57.07
CA LEU D 287 14.96 33.53 58.23
C LEU D 287 14.73 32.39 59.20
N TYR D 288 15.65 31.42 59.22
CA TYR D 288 15.52 30.22 60.04
C TYR D 288 16.38 30.39 61.28
N ILE D 289 15.75 30.63 62.42
CA ILE D 289 16.44 30.80 63.68
C ILE D 289 16.40 29.48 64.44
N GLY D 290 17.58 28.98 64.81
CA GLY D 290 17.69 27.68 65.45
C GLY D 290 17.58 26.55 64.44
N ALA D 291 18.36 26.65 63.37
CA ALA D 291 18.21 25.72 62.25
C ALA D 291 18.89 24.38 62.53
N TYR D 292 20.07 24.39 63.14
CA TYR D 292 20.86 23.18 63.29
C TYR D 292 20.06 22.12 64.04
N PRO D 293 20.02 20.87 63.55
CA PRO D 293 20.74 20.43 62.34
C PRO D 293 19.97 20.66 61.04
N ALA D 294 18.64 20.71 61.11
CA ALA D 294 17.78 20.86 59.92
C ALA D 294 18.07 19.79 58.88
N THR D 295 18.19 18.54 59.34
CA THR D 295 18.50 17.44 58.44
C THR D 295 17.34 17.14 57.49
N HIS D 296 16.11 17.47 57.90
CA HIS D 296 14.95 17.16 57.07
C HIS D 296 14.95 17.95 55.77
N LEU D 297 15.58 19.12 55.75
CA LEU D 297 15.58 19.95 54.55
C LEU D 297 16.46 19.39 53.44
N LEU D 298 17.37 18.47 53.76
CA LEU D 298 18.35 18.02 52.79
C LEU D 298 17.70 17.30 51.61
N SER D 299 16.56 16.64 51.82
CA SER D 299 15.88 15.91 50.78
C SER D 299 14.88 16.75 50.02
N LEU D 300 15.06 18.07 49.98
CA LEU D 300 14.17 18.98 49.29
C LEU D 300 14.94 19.75 48.23
N GLN D 301 14.33 19.92 47.06
CA GLN D 301 14.89 20.77 46.01
C GLN D 301 14.42 22.20 46.29
N LEU D 302 15.33 23.02 46.80
CA LEU D 302 15.03 24.41 47.11
C LEU D 302 15.81 25.36 46.20
N ASN D 303 15.90 25.03 44.92
CA ASN D 303 16.67 25.81 43.96
C ASN D 303 15.88 27.08 43.64
N GLY D 304 16.20 28.15 44.36
CA GLY D 304 15.52 29.42 44.18
C GLY D 304 15.27 30.12 45.50
N TRP D 305 15.49 29.40 46.60
CA TRP D 305 15.29 29.94 47.93
C TRP D 305 16.57 30.58 48.46
N THR D 306 16.40 31.41 49.49
CA THR D 306 17.51 32.05 50.19
C THR D 306 17.29 31.88 51.68
N ILE D 307 18.10 31.04 52.32
CA ILE D 307 17.92 30.68 53.72
C ILE D 307 18.99 31.41 54.54
N LEU D 308 18.54 32.22 55.50
CA LEU D 308 19.41 32.87 56.48
C LEU D 308 19.26 32.11 57.79
N ALA D 309 20.22 31.24 58.09
CA ALA D 309 20.14 30.35 59.25
C ALA D 309 20.90 30.95 60.41
N PHE D 310 20.29 30.94 61.60
CA PHE D 310 20.88 31.45 62.83
C PHE D 310 20.89 30.34 63.87
N ASP D 311 22.08 29.93 64.29
CA ASP D 311 22.26 28.95 65.35
C ASP D 311 23.74 28.92 65.76
N PRO D 312 24.05 28.82 67.05
CA PRO D 312 25.47 28.78 67.45
C PRO D 312 26.21 27.56 66.92
N LYS D 313 25.54 26.42 66.83
CA LYS D 313 26.18 25.17 66.41
C LYS D 313 26.37 25.07 64.90
N ILE D 314 26.09 26.14 64.15
CA ILE D 314 26.30 26.12 62.70
C ILE D 314 27.79 26.21 62.42
N THR D 315 28.28 25.31 61.57
CA THR D 315 29.68 25.25 61.18
C THR D 315 29.84 25.73 59.74
N SER D 316 31.08 25.69 59.26
CA SER D 316 31.35 26.07 57.87
C SER D 316 30.90 24.98 56.90
N ASP D 317 31.07 23.71 57.30
CA ASP D 317 30.65 22.61 56.43
C ASP D 317 29.13 22.48 56.38
N TRP D 318 28.44 22.87 57.45
CA TRP D 318 26.98 22.78 57.47
C TRP D 318 26.36 23.67 56.41
N THR D 319 26.92 24.86 56.19
CA THR D 319 26.39 25.76 55.18
C THR D 319 26.58 25.19 53.77
N ASP D 320 27.77 24.65 53.49
CA ASP D 320 28.01 24.07 52.17
C ASP D 320 27.19 22.80 51.96
N ALA D 321 26.97 22.02 53.02
CA ALA D 321 26.21 20.78 52.88
C ALA D 321 24.74 21.07 52.56
N MET D 322 24.17 22.10 53.20
CA MET D 322 22.77 22.43 52.95
C MET D 322 22.59 23.00 51.55
N ALA D 323 23.52 23.82 51.09
CA ALA D 323 23.38 24.45 49.78
C ALA D 323 23.56 23.44 48.66
N LYS D 324 24.50 22.50 48.81
CA LYS D 324 24.74 21.52 47.76
C LYS D 324 23.60 20.50 47.66
N ALA D 325 22.99 20.15 48.79
CA ALA D 325 21.96 19.13 48.79
C ALA D 325 20.59 19.69 48.39
N THR D 326 20.36 20.99 48.60
CA THR D 326 19.07 21.59 48.30
C THR D 326 19.10 22.57 47.13
N GLY D 327 20.28 23.05 46.73
CA GLY D 327 20.38 24.01 45.66
C GLY D 327 20.07 25.44 46.05
N ALA D 328 19.72 25.70 47.31
CA ALA D 328 19.40 27.04 47.78
C ALA D 328 20.65 27.78 48.18
N LYS D 329 20.56 29.11 48.17
CA LYS D 329 21.62 29.97 48.67
C LYS D 329 21.48 30.06 50.18
N VAL D 330 22.42 29.44 50.91
CA VAL D 330 22.37 29.36 52.37
C VAL D 330 23.45 30.26 52.94
N ILE D 331 23.06 31.16 53.82
CA ILE D 331 23.98 32.01 54.58
C ILE D 331 23.78 31.66 56.04
N GLY D 332 24.68 30.84 56.59
CA GLY D 332 24.56 30.36 57.95
C GLY D 332 25.42 31.16 58.90
N VAL D 333 24.79 31.73 59.94
CA VAL D 333 25.47 32.52 60.95
C VAL D 333 25.73 31.64 62.16
N SER D 334 26.98 31.61 62.61
CA SER D 334 27.39 30.78 63.75
C SER D 334 27.27 31.52 65.07
N LYS D 335 26.21 32.31 65.25
CA LYS D 335 26.00 33.10 66.46
C LYS D 335 24.55 32.94 66.91
N GLU D 336 24.23 33.55 68.05
CA GLU D 336 22.86 33.61 68.51
C GLU D 336 22.13 34.78 67.85
N PHE D 337 20.80 34.70 67.83
CA PHE D 337 19.99 35.72 67.19
C PHE D 337 19.79 36.89 68.14
N ASP D 338 20.14 38.09 67.69
CA ASP D 338 20.03 39.30 68.49
C ASP D 338 18.58 39.75 68.48
N PHE D 339 17.85 39.44 69.54
CA PHE D 339 16.44 39.81 69.65
C PHE D 339 16.22 41.19 70.27
N LYS D 340 17.21 41.71 71.00
CA LYS D 340 17.07 43.00 71.66
C LYS D 340 17.61 44.15 70.83
N SER D 341 17.88 43.93 69.54
CA SER D 341 18.32 44.97 68.63
C SER D 341 17.22 45.16 67.58
N PHE D 342 16.56 46.32 67.63
CA PHE D 342 15.40 46.58 66.78
C PHE D 342 15.83 47.49 65.62
N SER D 343 16.45 46.87 64.62
CA SER D 343 16.91 47.60 63.45
C SER D 343 17.08 46.63 62.29
N VAL D 344 16.90 47.16 61.07
CA VAL D 344 17.12 46.36 59.87
C VAL D 344 18.60 46.14 59.59
N GLN D 345 19.48 46.78 60.33
CA GLN D 345 20.92 46.60 60.19
C GLN D 345 21.47 45.49 61.09
N ALA D 346 20.61 44.86 61.89
CA ALA D 346 21.01 43.76 62.75
C ALA D 346 20.57 42.43 62.16
N ASN D 347 21.32 41.38 62.49
CA ASN D 347 21.07 40.03 62.01
C ASN D 347 21.09 39.92 60.49
N GLN D 348 21.81 40.84 59.83
CA GLN D 348 21.99 40.82 58.37
C GLN D 348 20.65 40.82 57.63
N LEU D 349 19.63 41.48 58.18
CA LEU D 349 18.37 41.64 57.47
C LEU D 349 18.47 42.62 56.32
N ASN D 350 19.63 43.24 56.11
CA ASN D 350 19.81 44.16 54.99
C ASN D 350 19.77 43.45 53.64
N MET D 351 19.92 42.13 53.62
CA MET D 351 19.87 41.36 52.37
C MET D 351 18.45 41.10 51.91
N PHE D 352 17.44 41.47 52.70
CA PHE D 352 16.04 41.25 52.34
C PHE D 352 15.30 42.55 52.11
N GLN D 353 16.01 43.61 51.70
CA GLN D 353 15.38 44.89 51.43
C GLN D 353 14.56 44.80 50.14
N ASN D 354 13.35 45.37 50.19
CA ASN D 354 12.42 45.34 49.06
C ASN D 354 12.15 43.91 48.60
N SER D 355 11.99 43.01 49.56
CA SER D 355 11.78 41.60 49.27
C SER D 355 10.77 41.01 50.23
N LYS D 356 10.25 39.84 49.88
CA LYS D 356 9.37 39.08 50.74
C LYS D 356 10.21 38.18 51.63
N LEU D 357 9.82 38.08 52.90
CA LEU D 357 10.59 37.31 53.87
C LEU D 357 9.65 36.65 54.87
N SER D 358 10.01 35.43 55.27
CA SER D 358 9.30 34.71 56.32
C SER D 358 10.30 34.23 57.36
N VAL D 359 9.84 34.11 58.60
CA VAL D 359 10.70 33.78 59.74
C VAL D 359 10.21 32.48 60.35
N ILE D 360 11.14 31.54 60.53
CA ILE D 360 10.86 30.27 61.18
C ILE D 360 11.64 30.26 62.49
N ASP D 361 10.94 30.49 63.60
CA ASP D 361 11.58 30.58 64.92
C ASP D 361 11.43 29.23 65.62
N ASP D 362 12.56 28.55 65.83
CA ASP D 362 12.60 27.28 66.55
C ASP D 362 13.48 27.38 67.79
N THR D 363 13.69 28.58 68.31
CA THR D 363 14.53 28.78 69.49
C THR D 363 13.69 28.62 70.75
N TRP D 364 14.31 28.06 71.79
CA TRP D 364 13.64 27.81 73.06
C TRP D 364 14.69 27.47 74.10
N VAL D 365 14.33 27.69 75.37
CA VAL D 365 15.17 27.35 76.50
C VAL D 365 14.28 26.84 77.63
N GLU D 366 14.84 25.94 78.44
CA GLU D 366 14.11 25.38 79.58
C GLU D 366 14.28 26.20 80.85
N THR D 367 14.97 27.34 80.79
CA THR D 367 15.14 28.22 81.93
C THR D 367 14.50 29.56 81.58
N ASP D 368 13.44 29.92 82.31
CA ASP D 368 12.68 31.14 82.08
C ASP D 368 12.16 31.21 80.64
N TYR D 369 11.38 30.17 80.28
CA TYR D 369 10.79 30.14 78.94
C TYR D 369 9.79 31.27 78.74
N GLU D 370 9.08 31.67 79.79
CA GLU D 370 8.18 32.80 79.69
C GLU D 370 8.93 34.09 79.42
N LYS D 371 10.05 34.30 80.11
CA LYS D 371 10.82 35.52 79.95
C LYS D 371 11.43 35.61 78.56
N PHE D 372 11.83 34.48 77.98
CA PHE D 372 12.45 34.49 76.66
C PHE D 372 11.42 34.71 75.56
N GLN D 373 10.20 34.19 75.74
CA GLN D 373 9.18 34.37 74.72
C GLN D 373 8.73 35.83 74.60
N SER D 374 8.69 36.54 75.73
CA SER D 374 8.32 37.96 75.69
C SER D 374 9.33 38.78 74.91
N GLU D 375 10.61 38.40 74.98
CA GLU D 375 11.62 39.12 74.20
C GLU D 375 11.48 38.83 72.72
N LYS D 376 11.15 37.58 72.37
CA LYS D 376 10.93 37.25 70.96
C LYS D 376 9.68 37.92 70.42
N GLN D 377 8.59 37.89 71.19
CA GLN D 377 7.32 38.44 70.72
C GLN D 377 7.44 39.93 70.42
N ALA D 378 8.16 40.66 71.27
CA ALA D 378 8.36 42.10 71.03
C ALA D 378 9.17 42.34 69.75
N TYR D 379 10.01 41.37 69.37
CA TYR D 379 10.79 41.53 68.14
C TYR D 379 9.95 41.18 66.92
N PHE D 380 9.14 40.13 67.00
CA PHE D 380 8.32 39.74 65.86
C PHE D 380 7.16 40.73 65.65
N GLU D 381 6.65 41.33 66.72
CA GLU D 381 5.63 42.35 66.57
C GLU D 381 6.18 43.60 65.91
N TRP D 382 7.49 43.85 66.05
CA TRP D 382 8.15 44.94 65.36
C TRP D 382 8.61 44.54 63.97
N LEU D 383 9.10 43.29 63.83
CA LEU D 383 9.57 42.82 62.53
C LEU D 383 8.44 42.70 61.51
N ILE D 384 7.20 42.53 61.97
CA ILE D 384 6.08 42.42 61.03
C ILE D 384 5.64 43.77 60.50
N ASP D 385 5.92 44.86 61.23
CA ASP D 385 5.56 46.21 60.79
C ASP D 385 6.74 46.89 60.12
N ARG D 386 7.24 46.25 59.06
CA ARG D 386 8.39 46.75 58.31
C ARG D 386 7.92 47.21 56.93
N THR D 387 8.04 48.51 56.68
CA THR D 387 7.80 49.03 55.34
C THR D 387 8.95 48.75 54.39
N SER D 388 10.11 48.37 54.92
CA SER D 388 11.29 48.08 54.12
C SER D 388 11.35 46.62 53.68
N ILE D 389 10.80 45.70 54.46
CA ILE D 389 10.79 44.28 54.15
C ILE D 389 9.35 43.78 54.19
N ASP D 390 8.92 43.13 53.11
CA ASP D 390 7.57 42.57 53.02
C ASP D 390 7.56 41.25 53.79
N VAL D 391 7.53 41.36 55.11
CA VAL D 391 7.53 40.19 55.97
C VAL D 391 6.17 39.49 55.87
N ARG D 392 6.18 38.26 55.38
CA ARG D 392 4.93 37.54 55.14
C ARG D 392 4.41 36.87 56.41
N LEU D 393 5.09 35.83 56.86
CA LEU D 393 4.62 35.03 57.99
C LEU D 393 5.77 34.74 58.94
N ILE D 394 5.48 34.78 60.24
CA ILE D 394 6.44 34.47 61.29
C ILE D 394 5.84 33.38 62.16
N SER D 395 6.58 32.28 62.33
CA SER D 395 6.14 31.13 63.10
C SER D 395 6.97 31.05 64.37
N MET D 396 6.31 31.13 65.53
CA MET D 396 6.98 31.12 66.82
C MET D 396 6.37 30.04 67.71
N LYS D 397 7.21 29.46 68.56
CA LYS D 397 6.75 28.49 69.54
C LYS D 397 6.05 29.23 70.68
N TRP D 398 4.85 28.77 71.03
CA TRP D 398 4.02 29.41 72.05
C TRP D 398 3.79 28.47 73.21
N ASN D 399 4.13 28.95 74.42
CA ASN D 399 3.86 28.19 75.65
C ASN D 399 3.90 29.20 76.79
N ARG D 400 2.74 29.82 77.05
CA ARG D 400 2.62 30.87 78.06
C ARG D 400 1.62 30.45 79.12
N SER D 401 2.04 30.50 80.38
CA SER D 401 1.16 30.20 81.50
C SER D 401 0.50 31.45 82.07
N LYS D 402 0.76 32.62 81.49
CA LYS D 402 0.21 33.88 81.96
C LYS D 402 -0.53 34.56 80.83
N ASP D 403 -1.49 35.41 81.20
CA ASP D 403 -2.23 36.18 80.21
C ASP D 403 -1.33 37.21 79.55
N THR D 404 -1.43 37.32 78.23
CA THR D 404 -0.58 38.24 77.48
C THR D 404 -1.31 38.71 76.23
N SER D 405 -1.11 39.98 75.88
CA SER D 405 -1.71 40.55 74.69
C SER D 405 -0.74 40.44 73.52
N VAL D 406 -1.27 40.07 72.36
CA VAL D 406 -0.48 39.89 71.14
C VAL D 406 -1.02 40.81 70.06
N SER D 407 -0.12 41.47 69.35
CA SER D 407 -0.46 42.34 68.23
C SER D 407 0.02 41.70 66.93
N HIS D 408 -0.77 41.88 65.87
CA HIS D 408 -0.49 41.29 64.56
C HIS D 408 -0.36 39.77 64.66
N LEU D 409 -1.40 39.16 65.20
CA LEU D 409 -1.46 37.70 65.38
C LEU D 409 -2.54 37.15 64.47
N LEU D 410 -2.17 36.19 63.63
CA LEU D 410 -3.09 35.58 62.66
C LEU D 410 -3.62 34.24 63.11
N ALA D 411 -2.79 33.39 63.70
CA ALA D 411 -3.20 32.05 64.07
C ALA D 411 -2.45 31.59 65.31
N LEU D 412 -3.14 30.82 66.15
CA LEU D 412 -2.54 30.15 67.32
C LEU D 412 -2.95 28.68 67.22
N LEU D 413 -2.14 27.89 66.54
CA LEU D 413 -2.49 26.51 66.23
C LEU D 413 -1.66 25.52 67.03
N PRO D 414 -2.20 24.35 67.35
CA PRO D 414 -1.40 23.31 67.97
C PRO D 414 -0.43 22.70 66.97
N GLN D 415 0.54 21.96 67.51
CA GLN D 415 1.50 21.27 66.67
C GLN D 415 0.91 19.94 66.22
N PRO D 416 0.62 19.78 64.92
CA PRO D 416 -0.03 18.53 64.47
C PRO D 416 0.82 17.30 64.66
N TYR D 417 2.15 17.44 64.65
CA TYR D 417 3.05 16.32 64.89
C TYR D 417 3.78 16.44 66.22
N GLY D 418 3.27 17.26 67.14
CA GLY D 418 3.84 17.37 68.46
C GLY D 418 3.43 16.28 69.41
N ALA D 419 2.47 15.44 69.01
CA ALA D 419 1.98 14.29 69.80
C ALA D 419 1.41 14.84 71.11
N SER D 420 1.81 14.32 72.27
CA SER D 420 1.23 14.70 73.55
C SER D 420 1.97 15.86 74.22
N ILE D 421 2.69 16.68 73.45
CA ILE D 421 3.46 17.77 74.02
C ILE D 421 2.54 18.93 74.37
N ARG D 422 3.05 19.87 75.17
CA ARG D 422 2.27 20.99 75.67
C ARG D 422 2.47 22.27 74.88
N GLU D 423 3.42 22.30 73.94
CA GLU D 423 3.78 23.52 73.24
C GLU D 423 2.84 23.78 72.07
N MET D 424 2.52 25.05 71.86
CA MET D 424 1.73 25.50 70.72
C MET D 424 2.62 26.29 69.76
N ARG D 425 2.02 26.72 68.65
CA ARG D 425 2.69 27.56 67.67
C ARG D 425 1.87 28.81 67.41
N ALA D 426 2.55 29.95 67.31
CA ALA D 426 1.93 31.21 66.96
C ALA D 426 2.38 31.65 65.58
N PHE D 427 1.49 32.31 64.86
CA PHE D 427 1.76 32.77 63.50
C PHE D 427 1.45 34.26 63.42
N PHE D 428 2.45 35.05 63.05
CA PHE D 428 2.33 36.50 62.95
C PHE D 428 2.17 36.90 61.49
N HIS D 429 1.25 37.83 61.24
CA HIS D 429 0.97 38.30 59.88
C HIS D 429 0.56 39.75 59.92
N LYS D 430 0.80 40.46 58.81
CA LYS D 430 0.40 41.85 58.72
C LYS D 430 -1.11 42.01 58.85
N LYS D 431 -1.87 41.11 58.19
CA LYS D 431 -3.32 41.14 58.25
C LYS D 431 -3.88 40.39 59.46
N GLY D 432 -3.08 40.19 60.50
CA GLY D 432 -3.54 39.54 61.70
C GLY D 432 -4.38 40.45 62.57
N ALA D 433 -4.77 39.93 63.73
CA ALA D 433 -5.53 40.73 64.68
C ALA D 433 -4.68 41.87 65.21
N SER D 434 -5.20 43.10 65.13
CA SER D 434 -4.45 44.27 65.56
C SER D 434 -4.08 44.18 67.05
N ASP D 435 -4.97 43.61 67.86
CA ASP D 435 -4.69 43.41 69.29
C ASP D 435 -5.69 42.42 69.84
N ILE D 436 -5.19 41.31 70.40
CA ILE D 436 -6.04 40.30 71.01
C ILE D 436 -5.35 39.79 72.28
N LYS D 437 -6.16 39.35 73.23
CA LYS D 437 -5.67 38.90 74.54
C LYS D 437 -5.79 37.38 74.61
N ILE D 438 -4.65 36.72 74.78
CA ILE D 438 -4.60 35.26 74.83
C ILE D 438 -4.67 34.85 76.30
N LEU D 439 -5.86 34.45 76.75
CA LEU D 439 -6.03 34.04 78.14
C LEU D 439 -5.40 32.69 78.39
N ALA D 440 -4.69 32.57 79.50
CA ALA D 440 -3.93 31.34 79.78
C ALA D 440 -4.86 30.18 80.12
N ALA D 441 -5.96 30.45 80.83
CA ALA D 441 -6.88 29.38 81.21
C ALA D 441 -7.59 28.79 80.01
N GLU D 442 -7.65 29.50 78.88
CA GLU D 442 -8.31 28.97 77.69
C GLU D 442 -7.38 28.08 76.87
N THR D 443 -6.08 28.40 76.84
CA THR D 443 -5.15 27.59 76.07
C THR D 443 -4.81 26.28 76.78
N GLU D 444 -4.74 26.30 78.11
CA GLU D 444 -4.46 25.07 78.85
C GLU D 444 -5.60 24.07 78.71
N LYS D 445 -6.84 24.55 78.75
CA LYS D 445 -7.97 23.67 78.49
C LYS D 445 -8.00 23.23 77.03
N TYR D 446 -7.66 24.13 76.11
CA TYR D 446 -7.58 23.78 74.70
C TYR D 446 -6.50 22.72 74.47
N MET D 447 -5.36 22.85 75.15
CA MET D 447 -4.31 21.86 75.01
C MET D 447 -4.70 20.54 75.68
N ASP D 448 -5.43 20.60 76.80
CA ASP D 448 -5.88 19.38 77.45
C ASP D 448 -6.75 18.54 76.53
N ASP D 449 -7.49 19.19 75.62
CA ASP D 449 -8.28 18.45 74.64
C ASP D 449 -7.40 17.92 73.52
N PHE D 450 -6.50 18.76 73.00
CA PHE D 450 -5.59 18.33 71.94
C PHE D 450 -4.60 17.28 72.43
N THR D 451 -4.24 17.34 73.71
CA THR D 451 -3.26 16.38 74.24
C THR D 451 -3.82 14.96 74.27
N ALA D 452 -5.12 14.81 74.52
CA ALA D 452 -5.74 13.50 74.70
C ALA D 452 -6.38 12.95 73.43
N MET D 453 -6.27 13.66 72.31
CA MET D 453 -6.85 13.17 71.07
C MET D 453 -5.99 12.06 70.47
N SER D 454 -6.57 11.37 69.48
CA SER D 454 -5.83 10.35 68.77
C SER D 454 -4.80 10.98 67.84
N VAL D 455 -3.78 10.19 67.48
CA VAL D 455 -2.71 10.69 66.63
C VAL D 455 -3.25 11.05 65.25
N SER D 456 -4.22 10.29 64.76
CA SER D 456 -4.81 10.60 63.46
C SER D 456 -5.55 11.93 63.49
N ASP D 457 -6.19 12.24 64.62
CA ASP D 457 -6.86 13.53 64.75
C ASP D 457 -5.89 14.66 65.02
N GLN D 458 -4.75 14.37 65.65
CA GLN D 458 -3.73 15.40 65.85
C GLN D 458 -3.12 15.83 64.52
N ILE D 459 -2.76 14.86 63.67
CA ILE D 459 -2.25 15.18 62.35
C ILE D 459 -3.35 15.80 61.48
N ASN D 460 -4.61 15.46 61.76
CA ASN D 460 -5.72 16.00 60.98
C ASN D 460 -5.82 17.51 61.10
N THR D 461 -5.41 18.08 62.24
CA THR D 461 -5.54 19.51 62.47
C THR D 461 -4.48 20.33 61.75
N GLN D 462 -3.74 19.75 60.82
CA GLN D 462 -2.82 20.52 60.01
C GLN D 462 -3.51 21.26 58.87
N LYS D 463 -4.82 21.09 58.72
CA LYS D 463 -5.56 21.87 57.74
C LYS D 463 -5.70 23.32 58.17
N PHE D 464 -5.71 23.58 59.47
CA PHE D 464 -5.69 24.96 59.96
C PHE D 464 -4.42 25.67 59.54
N MET D 465 -3.30 24.95 59.47
CA MET D 465 -2.04 25.55 59.04
C MET D 465 -2.08 25.89 57.56
N HIS D 466 -2.54 24.94 56.73
CA HIS D 466 -2.61 25.16 55.29
C HIS D 466 -3.67 26.18 54.89
N CYS D 467 -4.52 26.63 55.82
CA CYS D 467 -5.52 27.63 55.49
C CYS D 467 -4.88 28.94 55.05
N MET D 468 -3.69 29.25 55.57
CA MET D 468 -3.02 30.50 55.24
C MET D 468 -2.48 30.53 53.81
N ILE D 469 -2.48 29.41 53.10
CA ILE D 469 -2.08 29.37 51.71
C ILE D 469 -3.23 28.83 50.87
N THR D 470 -4.46 29.19 51.24
CA THR D 470 -5.65 28.69 50.58
C THR D 470 -6.54 29.86 50.17
N THR D 471 -6.93 29.88 48.90
CA THR D 471 -7.84 30.88 48.37
C THR D 471 -9.24 30.27 48.25
N VAL D 472 -10.23 30.94 48.82
CA VAL D 472 -11.61 30.46 48.79
C VAL D 472 -12.30 31.00 47.55
N GLY D 473 -13.03 30.13 46.86
CA GLY D 473 -13.73 30.50 45.65
C GLY D 473 -13.90 29.30 44.75
N ASP D 474 -14.36 29.57 43.53
CA ASP D 474 -14.60 28.56 42.52
C ASP D 474 -13.39 28.46 41.59
N ALA D 475 -12.86 27.26 41.44
CA ALA D 475 -11.70 27.06 40.57
C ALA D 475 -12.07 27.23 39.09
N LEU D 476 -13.35 27.10 38.73
CA LEU D 476 -13.75 27.25 37.35
C LEU D 476 -13.75 28.70 36.88
N LYS D 477 -13.66 29.67 37.80
CA LYS D 477 -13.66 31.08 37.46
C LYS D 477 -12.30 31.73 37.72
N MET D 478 -11.24 30.95 37.89
CA MET D 478 -9.94 31.51 38.20
C MET D 478 -9.32 32.14 36.96
N ASP D 479 -8.26 32.92 37.19
CA ASP D 479 -7.54 33.58 36.12
C ASP D 479 -6.44 32.65 35.61
N LEU D 480 -6.45 32.39 34.29
CA LEU D 480 -5.51 31.46 33.70
C LEU D 480 -4.46 32.19 32.86
N ASP D 481 -3.71 33.08 33.51
CA ASP D 481 -2.74 33.92 32.81
C ASP D 481 -1.36 33.25 32.77
N GLY D 482 -0.66 33.46 31.66
CA GLY D 482 0.74 33.10 31.52
C GLY D 482 1.12 31.69 31.89
N GLY D 483 0.41 30.70 31.35
CA GLY D 483 0.72 29.31 31.60
C GLY D 483 0.67 28.94 33.07
N ARG D 484 -0.45 29.22 33.72
CA ARG D 484 -0.60 28.93 35.14
C ARG D 484 -0.80 27.44 35.37
N ALA D 485 0.02 26.86 36.24
CA ALA D 485 -0.07 25.45 36.55
C ALA D 485 -1.18 25.23 37.59
N VAL D 486 -2.14 24.37 37.26
CA VAL D 486 -3.26 24.06 38.14
C VAL D 486 -3.45 22.56 38.14
N ILE D 487 -3.35 21.93 39.32
CA ILE D 487 -3.56 20.51 39.48
C ILE D 487 -4.93 20.29 40.09
N ALA D 488 -5.78 19.53 39.39
CA ALA D 488 -7.14 19.22 39.84
C ALA D 488 -7.25 17.71 39.99
N SER D 489 -6.78 17.20 41.12
CA SER D 489 -6.78 15.76 41.40
C SER D 489 -8.20 15.30 41.64
N TYR D 490 -8.84 14.74 40.62
CA TYR D 490 -10.22 14.24 40.65
C TYR D 490 -11.23 15.30 41.09
N SER D 491 -10.83 16.57 41.10
CA SER D 491 -11.64 17.60 41.75
C SER D 491 -12.77 18.08 40.85
N LEU D 492 -12.43 18.63 39.68
CA LEU D 492 -13.43 19.17 38.77
C LEU D 492 -14.40 18.11 38.28
N SER D 493 -14.02 16.84 38.37
CA SER D 493 -14.85 15.75 37.85
C SER D 493 -16.03 15.41 38.77
N ASN D 494 -16.03 15.87 40.02
CA ASN D 494 -17.11 15.52 40.92
C ASN D 494 -18.41 16.19 40.49
N SER D 495 -19.53 15.62 40.95
CA SER D 495 -20.85 15.97 40.43
C SER D 495 -21.28 17.40 40.71
N SER D 496 -20.57 18.12 41.59
CA SER D 496 -20.96 19.50 41.86
C SER D 496 -20.75 20.40 40.64
N ASN D 497 -19.75 20.10 39.82
CA ASN D 497 -19.49 20.86 38.60
C ASN D 497 -20.05 20.11 37.40
N SER D 498 -20.82 20.80 36.57
CA SER D 498 -21.46 20.19 35.43
C SER D 498 -20.45 19.91 34.32
N LYS D 499 -20.70 18.83 33.58
CA LYS D 499 -19.82 18.49 32.47
C LYS D 499 -19.79 19.59 31.40
N GLU D 500 -20.89 20.33 31.26
CA GLU D 500 -20.91 21.44 30.32
C GLU D 500 -19.94 22.54 30.73
N ARG D 501 -19.86 22.84 32.03
CA ARG D 501 -19.01 23.93 32.49
C ARG D 501 -17.56 23.51 32.62
N VAL D 502 -17.30 22.25 32.98
CA VAL D 502 -15.92 21.78 33.11
C VAL D 502 -15.26 21.72 31.74
N LEU D 503 -15.97 21.16 30.75
CA LEU D 503 -15.44 21.13 29.39
C LEU D 503 -15.22 22.53 28.84
N LYS D 504 -16.06 23.49 29.23
CA LYS D 504 -15.84 24.87 28.83
C LYS D 504 -14.60 25.45 29.49
N PHE D 505 -14.38 25.11 30.76
CA PHE D 505 -13.20 25.61 31.47
C PHE D 505 -11.92 25.05 30.87
N LEU D 506 -11.90 23.76 30.54
CA LEU D 506 -10.71 23.16 29.98
C LEU D 506 -10.45 23.61 28.55
N SER D 507 -11.52 23.85 27.78
CA SER D 507 -11.34 24.35 26.42
C SER D 507 -10.78 25.76 26.42
N ASP D 508 -11.25 26.60 27.35
CA ASP D 508 -10.69 27.94 27.47
C ASP D 508 -9.26 27.90 27.99
N ALA D 509 -8.96 26.95 28.89
CA ALA D 509 -7.61 26.84 29.43
C ALA D 509 -6.61 26.45 28.35
N ASN D 510 -7.03 25.60 27.41
CA ASN D 510 -6.13 25.21 26.33
C ASN D 510 -5.91 26.36 25.35
N LYS D 511 -6.96 27.14 25.07
CA LYS D 511 -6.80 28.31 24.23
C LYS D 511 -5.90 29.34 24.87
N ALA D 512 -5.95 29.46 26.20
CA ALA D 512 -5.12 30.40 26.93
C ALA D 512 -3.70 29.89 27.16
N LYS D 513 -3.34 28.74 26.60
CA LYS D 513 -2.01 28.16 26.76
C LYS D 513 -1.67 27.92 28.22
N ALA D 514 -2.68 27.56 29.01
CA ALA D 514 -2.49 27.29 30.42
C ALA D 514 -2.29 25.80 30.66
N MET D 515 -1.66 25.47 31.79
CA MET D 515 -1.35 24.09 32.16
C MET D 515 -2.26 23.70 33.32
N VAL D 516 -3.42 23.15 33.00
CA VAL D 516 -4.38 22.70 33.99
C VAL D 516 -4.47 21.18 33.85
N VAL D 517 -3.71 20.47 34.67
CA VAL D 517 -3.72 19.01 34.64
C VAL D 517 -5.03 18.51 35.23
N PHE D 518 -5.83 17.83 34.42
CA PHE D 518 -7.19 17.44 34.78
C PHE D 518 -7.31 15.93 34.81
N GLY D 519 -8.01 15.42 35.82
CA GLY D 519 -8.23 14.00 35.96
C GLY D 519 -9.69 13.71 36.24
N ALA D 520 -10.15 12.57 35.76
CA ALA D 520 -11.55 12.20 35.86
C ALA D 520 -11.67 10.69 35.67
N PRO D 521 -12.73 10.08 36.20
CA PRO D 521 -12.95 8.65 35.95
C PRO D 521 -13.31 8.40 34.49
N ASN D 522 -12.68 7.37 33.91
CA ASN D 522 -13.01 6.98 32.54
C ASN D 522 -14.38 6.31 32.54
N THR D 523 -15.35 6.96 31.89
CA THR D 523 -16.74 6.50 31.95
C THR D 523 -16.87 5.08 31.42
N HIS D 524 -16.35 4.83 30.23
CA HIS D 524 -16.55 3.54 29.58
C HIS D 524 -15.62 2.45 30.13
N ARG D 525 -14.50 2.82 30.76
CA ARG D 525 -13.66 1.81 31.39
C ARG D 525 -14.32 1.28 32.66
N LEU D 526 -14.94 2.15 33.44
CA LEU D 526 -15.66 1.71 34.62
C LEU D 526 -16.94 0.97 34.23
N ALA D 527 -17.59 1.38 33.13
CA ALA D 527 -18.76 0.65 32.65
C ALA D 527 -18.39 -0.75 32.22
N TYR D 528 -17.26 -0.91 31.54
CA TYR D 528 -16.80 -2.24 31.15
C TYR D 528 -16.38 -3.06 32.36
N ALA D 529 -15.93 -2.40 33.42
CA ALA D 529 -15.56 -3.13 34.64
C ALA D 529 -16.79 -3.66 35.35
N LYS D 530 -17.85 -2.86 35.43
CA LYS D 530 -19.08 -3.31 36.06
C LYS D 530 -19.85 -4.29 35.19
N LYS D 531 -19.73 -4.17 33.86
CA LYS D 531 -20.41 -5.09 32.96
C LYS D 531 -19.92 -6.52 33.15
N VAL D 532 -18.60 -6.71 33.19
CA VAL D 532 -18.04 -8.04 33.38
C VAL D 532 -18.04 -8.49 34.83
N GLY D 533 -18.45 -7.62 35.75
CA GLY D 533 -18.48 -8.00 37.15
C GLY D 533 -17.15 -7.96 37.85
N LEU D 534 -16.33 -6.95 37.58
CA LEU D 534 -15.05 -6.79 38.25
C LEU D 534 -15.28 -6.20 39.64
N VAL D 535 -15.41 -4.89 39.72
CA VAL D 535 -15.79 -4.24 40.98
C VAL D 535 -17.30 -4.32 41.12
N LEU D 536 -17.76 -4.79 42.27
CA LEU D 536 -19.16 -5.10 42.46
C LEU D 536 -19.98 -3.82 42.66
N ASP D 537 -21.31 -3.99 42.69
CA ASP D 537 -22.21 -2.85 42.83
C ASP D 537 -22.14 -2.20 44.20
N SER D 538 -21.65 -2.92 45.22
CA SER D 538 -21.62 -2.38 46.56
C SER D 538 -20.55 -1.30 46.71
N ALA D 539 -19.48 -1.37 45.91
CA ALA D 539 -18.39 -0.41 46.01
C ALA D 539 -18.62 0.83 45.15
N ILE D 540 -18.96 0.64 43.88
CA ILE D 540 -19.15 1.73 42.93
C ILE D 540 -20.44 1.48 42.17
N LYS D 541 -21.36 2.45 42.23
CA LYS D 541 -22.60 2.40 41.47
C LYS D 541 -22.59 3.52 40.43
N MET D 542 -23.01 3.19 39.21
CA MET D 542 -22.98 4.12 38.09
C MET D 542 -24.36 4.22 37.46
N SER D 543 -24.72 5.43 37.04
CA SER D 543 -25.98 5.68 36.35
C SER D 543 -25.69 6.68 35.24
N LYS D 544 -25.96 6.29 33.99
CA LYS D 544 -25.58 7.08 32.82
C LYS D 544 -24.10 7.36 32.84
N ASP D 545 -23.72 8.63 33.05
CA ASP D 545 -22.33 9.01 33.24
C ASP D 545 -22.09 9.63 34.61
N LEU D 546 -22.97 9.36 35.57
CA LEU D 546 -22.85 9.82 36.94
C LEU D 546 -22.42 8.66 37.81
N ILE D 547 -21.29 8.82 38.51
CA ILE D 547 -20.68 7.76 39.29
C ILE D 547 -20.80 8.09 40.77
N THR D 548 -21.08 7.07 41.59
CA THR D 548 -21.20 7.22 43.03
C THR D 548 -20.23 6.26 43.70
N PHE D 549 -19.32 6.80 44.50
CA PHE D 549 -18.32 6.01 45.22
C PHE D 549 -18.71 5.84 46.67
N SER D 550 -18.36 4.69 47.23
CA SER D 550 -18.58 4.39 48.64
C SER D 550 -17.25 4.08 49.32
N ASN D 551 -17.26 4.17 50.65
CA ASN D 551 -16.05 3.94 51.43
C ASN D 551 -15.73 2.45 51.51
N TRP D 557 -19.43 9.53 47.85
CA TRP D 557 -19.60 10.80 47.15
C TRP D 557 -19.81 10.57 45.65
N ARG D 558 -20.55 11.46 45.01
CA ARG D 558 -20.86 11.34 43.60
C ARG D 558 -19.80 12.03 42.75
N ASP D 559 -19.75 11.66 41.48
CA ASP D 559 -18.68 12.09 40.59
C ASP D 559 -19.12 11.90 39.15
N TYR D 560 -18.78 12.86 38.29
CA TYR D 560 -19.08 12.77 36.86
C TYR D 560 -18.00 11.98 36.14
N GLY D 561 -18.40 11.27 35.09
CA GLY D 561 -17.47 10.54 34.24
C GLY D 561 -17.20 11.29 32.95
N TYR D 562 -15.97 11.14 32.46
CA TYR D 562 -15.53 11.79 31.23
C TYR D 562 -14.83 10.79 30.34
N SER D 563 -15.15 10.81 29.05
CA SER D 563 -14.53 9.94 28.07
C SER D 563 -13.36 10.65 27.39
N GLN D 564 -12.57 9.86 26.66
CA GLN D 564 -11.37 10.38 26.01
C GLN D 564 -11.68 11.24 24.79
N SER D 565 -12.86 11.08 24.19
CA SER D 565 -13.19 11.82 22.97
C SER D 565 -13.68 13.22 23.29
N GLU D 566 -14.64 13.34 24.22
CA GLU D 566 -15.19 14.65 24.55
C GLU D 566 -14.15 15.58 25.17
N LEU D 567 -13.10 15.03 25.77
CA LEU D 567 -12.03 15.86 26.32
C LEU D 567 -11.06 16.32 25.22
N TYR D 568 -10.92 15.54 24.15
CA TYR D 568 -10.17 16.04 23.00
C TYR D 568 -10.96 17.11 22.26
N ASP D 569 -12.29 17.03 22.30
CA ASP D 569 -13.11 18.12 21.76
C ASP D 569 -12.92 19.39 22.57
N ALA D 570 -12.56 19.26 23.85
CA ALA D 570 -12.18 20.39 24.68
C ALA D 570 -10.69 20.70 24.59
N GLY D 571 -9.97 20.04 23.69
CA GLY D 571 -8.56 20.30 23.50
C GLY D 571 -7.68 19.75 24.60
N TYR D 572 -7.90 18.49 24.98
CA TYR D 572 -7.12 17.85 26.02
C TYR D 572 -6.77 16.43 25.59
N VAL D 573 -5.49 16.08 25.70
CA VAL D 573 -4.97 14.78 25.30
C VAL D 573 -4.71 13.95 26.54
N GLU D 574 -5.14 12.70 26.53
CA GLU D 574 -4.94 11.81 27.68
C GLU D 574 -3.51 11.32 27.71
N ILE D 575 -2.86 11.49 28.86
CA ILE D 575 -1.52 10.98 29.09
C ILE D 575 -1.57 10.04 30.27
N THR D 576 -0.67 9.06 30.29
CA THR D 576 -0.65 8.08 31.35
C THR D 576 0.33 8.50 32.44
N ILE D 577 0.07 8.02 33.66
CA ILE D 577 0.99 8.27 34.77
C ILE D 577 2.36 7.69 34.46
N ASP D 578 2.41 6.60 33.70
CA ASP D 578 3.69 6.05 33.25
C ASP D 578 4.45 7.07 32.41
N GLN D 579 3.76 7.70 31.45
CA GLN D 579 4.42 8.66 30.57
C GLN D 579 4.79 9.93 31.31
N MET D 580 4.01 10.34 32.31
CA MET D 580 4.30 11.58 33.03
C MET D 580 5.55 11.43 33.87
N VAL D 581 5.68 10.34 34.62
CA VAL D 581 6.86 10.15 35.44
C VAL D 581 8.08 9.89 34.58
N ALA D 582 7.91 9.25 33.41
CA ALA D 582 9.03 9.02 32.52
C ALA D 582 9.48 10.32 31.86
N TYR D 583 8.52 11.15 31.43
CA TYR D 583 8.86 12.45 30.84
C TYR D 583 9.47 13.40 31.86
N SER D 584 9.20 13.18 33.15
CA SER D 584 9.69 14.06 34.21
C SER D 584 10.76 13.38 35.07
N SER D 585 11.54 12.48 34.45
CA SER D 585 12.50 11.71 35.23
C SER D 585 13.65 12.57 35.74
N ASP D 586 14.17 13.46 34.91
CA ASP D 586 15.34 14.25 35.29
C ASP D 586 15.03 15.33 36.30
N VAL D 587 13.76 15.54 36.65
CA VAL D 587 13.37 16.49 37.69
C VAL D 587 12.59 15.84 38.82
N TYR D 588 12.34 14.54 38.75
CA TYR D 588 11.51 13.86 39.73
C TYR D 588 12.27 13.68 41.04
N ASN D 589 11.62 14.02 42.15
CA ASN D 589 12.20 13.88 43.48
C ASN D 589 11.18 13.30 44.47
N GLY D 590 10.09 12.74 43.96
CA GLY D 590 9.01 12.24 44.78
C GLY D 590 9.16 10.78 45.13
N VAL D 591 8.02 10.11 45.29
CA VAL D 591 7.97 8.73 45.74
C VAL D 591 7.60 7.83 44.57
N GLY D 592 7.82 6.53 44.76
CA GLY D 592 7.46 5.52 43.80
C GLY D 592 6.29 4.68 44.26
N TYR D 593 6.17 3.49 43.68
CA TYR D 593 5.12 2.55 44.05
C TYR D 593 5.65 1.14 43.89
N PHE D 594 4.89 0.18 44.43
CA PHE D 594 5.25 -1.23 44.35
C PHE D 594 4.24 -2.04 43.56
N ALA D 595 2.95 -1.83 43.80
CA ALA D 595 1.90 -2.55 43.09
C ALA D 595 0.95 -1.55 42.43
N ASN D 596 0.33 -1.99 41.35
CA ASN D 596 -0.73 -1.20 40.72
C ASN D 596 -2.05 -1.45 41.44
N SER D 597 -3.00 -0.56 41.21
CA SER D 597 -4.32 -0.64 41.84
C SER D 597 -5.38 -0.55 40.77
N THR D 598 -6.32 -1.50 40.81
CA THR D 598 -7.43 -1.48 39.85
C THR D 598 -8.31 -0.24 40.05
N TYR D 599 -8.43 0.23 41.29
CA TYR D 599 -9.22 1.43 41.55
C TYR D 599 -8.61 2.65 40.87
N ASN D 600 -7.29 2.80 40.94
CA ASN D 600 -6.64 3.94 40.31
C ASN D 600 -6.65 3.83 38.79
N ASP D 601 -6.67 2.61 38.25
CA ASP D 601 -6.68 2.43 36.81
C ASP D 601 -8.00 2.86 36.18
N LEU D 602 -9.06 3.01 36.99
CA LEU D 602 -10.35 3.45 36.46
C LEU D 602 -10.33 4.92 36.03
N PHE D 603 -9.35 5.69 36.51
CA PHE D 603 -9.26 7.11 36.21
C PHE D 603 -8.26 7.36 35.08
N SER D 604 -8.43 8.50 34.42
CA SER D 604 -7.54 8.92 33.34
C SER D 604 -7.09 10.36 33.59
N TRP D 605 -5.90 10.68 33.08
CA TRP D 605 -5.31 11.99 33.26
C TRP D 605 -5.08 12.66 31.91
N TYR D 606 -5.40 13.94 31.82
CA TYR D 606 -5.40 14.67 30.57
C TYR D 606 -4.62 15.97 30.73
N ILE D 607 -3.81 16.30 29.74
CA ILE D 607 -3.04 17.54 29.71
C ILE D 607 -3.49 18.33 28.48
N PRO D 608 -3.35 19.65 28.51
CA PRO D 608 -3.85 20.47 27.38
C PRO D 608 -3.16 20.11 26.08
N LYS D 609 -3.88 20.35 24.98
CA LYS D 609 -3.40 19.94 23.66
C LYS D 609 -2.26 20.80 23.16
N TRP D 610 -2.17 22.05 23.64
CA TRP D 610 -1.12 22.95 23.15
C TRP D 610 0.26 22.48 23.57
N TYR D 611 0.39 21.95 24.79
CA TYR D 611 1.68 21.47 25.25
C TYR D 611 2.05 20.13 24.63
N VAL D 612 1.07 19.35 24.19
CA VAL D 612 1.37 18.10 23.49
C VAL D 612 1.97 18.38 22.12
N HIS D 613 1.35 19.30 21.37
CA HIS D 613 1.87 19.64 20.05
C HIS D 613 3.23 20.32 20.14
N LYS D 614 3.49 21.06 21.22
CA LYS D 614 4.70 21.86 21.30
C LYS D 614 5.93 21.02 21.60
N ARG D 615 5.84 20.09 22.55
CA ARG D 615 7.00 19.36 23.02
C ARG D 615 6.82 17.84 23.09
N MET D 616 5.66 17.30 22.72
CA MET D 616 5.40 15.87 22.86
C MET D 616 5.08 15.19 21.55
N LEU D 617 5.25 15.86 20.41
CA LEU D 617 5.01 15.21 19.12
C LEU D 617 6.18 14.32 18.70
N MET D 618 7.35 14.51 19.31
CA MET D 618 8.51 13.66 19.03
C MET D 618 8.51 12.51 20.03
N GLN D 619 8.09 11.34 19.58
CA GLN D 619 7.88 10.19 20.46
C GLN D 619 9.23 9.58 20.83
N ASP D 620 9.76 9.97 21.99
CA ASP D 620 10.88 9.28 22.58
C ASP D 620 10.36 8.13 23.44
N ILE D 621 11.26 7.45 24.14
CA ILE D 621 10.85 6.29 24.93
C ILE D 621 10.00 6.71 26.12
N ARG D 622 10.20 7.93 26.63
CA ARG D 622 9.41 8.39 27.77
C ARG D 622 7.97 8.66 27.38
N LEU D 623 7.72 9.08 26.14
CA LEU D 623 6.39 9.42 25.67
C LEU D 623 5.80 8.36 24.74
N SER D 624 6.41 7.17 24.68
CA SER D 624 5.96 6.11 23.79
C SER D 624 5.04 5.14 24.52
N PRO D 625 4.12 4.49 23.81
CA PRO D 625 3.26 3.49 24.44
C PRO D 625 3.90 2.11 24.48
N ALA D 626 5.22 2.07 24.54
CA ALA D 626 5.94 0.79 24.46
C ALA D 626 5.57 -0.14 25.62
N ALA D 627 5.27 0.42 26.79
CA ALA D 627 4.95 -0.38 27.96
C ALA D 627 3.52 -0.92 27.94
N LEU D 628 2.80 -0.78 26.82
CA LEU D 628 1.41 -1.25 26.75
C LEU D 628 1.02 -1.82 25.39
N VAL D 629 1.75 -1.54 24.31
CA VAL D 629 1.29 -1.94 22.98
C VAL D 629 1.40 -3.43 22.76
N LYS D 630 2.35 -4.10 23.43
CA LYS D 630 2.62 -5.51 23.16
C LYS D 630 2.19 -6.45 24.27
N CYS D 631 2.16 -6.00 25.52
CA CYS D 631 1.91 -6.92 26.64
C CYS D 631 0.50 -7.50 26.60
N PHE D 632 -0.48 -6.73 26.12
CA PHE D 632 -1.85 -7.24 26.09
C PHE D 632 -2.07 -8.18 24.91
N THR D 633 -1.46 -7.90 23.76
CA THR D 633 -1.62 -8.78 22.61
C THR D 633 -0.93 -10.11 22.83
N THR D 634 0.28 -10.10 23.40
CA THR D 634 1.00 -11.34 23.65
C THR D 634 0.28 -12.21 24.67
N LEU D 635 -0.29 -11.60 25.71
CA LEU D 635 -1.01 -12.37 26.71
C LEU D 635 -2.21 -13.09 26.10
N ILE D 636 -2.90 -12.43 25.17
CA ILE D 636 -4.05 -13.06 24.53
C ILE D 636 -3.62 -14.09 23.52
N ARG D 637 -2.52 -13.84 22.80
CA ARG D 637 -2.03 -14.82 21.84
C ARG D 637 -1.56 -16.09 22.52
N ASN D 638 -1.04 -15.98 23.75
CA ASN D 638 -0.64 -17.18 24.49
C ASN D 638 -1.85 -17.93 25.02
N ILE D 639 -2.89 -17.20 25.44
CA ILE D 639 -4.07 -17.84 26.00
C ILE D 639 -4.88 -18.53 24.92
N CYS D 640 -4.96 -17.91 23.74
CA CYS D 640 -5.86 -18.39 22.67
C CYS D 640 -5.12 -19.18 21.59
N TYR D 641 -3.85 -19.53 21.80
CA TYR D 641 -3.06 -20.29 20.84
C TYR D 641 -3.03 -19.59 19.48
N VAL D 642 -2.56 -18.34 19.50
CA VAL D 642 -2.48 -17.51 18.30
C VAL D 642 -1.02 -17.46 17.86
N PRO D 643 -0.63 -18.17 16.80
CA PRO D 643 0.75 -18.06 16.31
C PRO D 643 1.07 -16.64 15.85
N HIS D 644 2.37 -16.38 15.70
CA HIS D 644 2.81 -15.02 15.36
C HIS D 644 2.33 -14.62 13.98
N GLU D 645 2.66 -15.40 12.95
CA GLU D 645 2.24 -15.07 11.60
C GLU D 645 0.73 -15.21 11.43
N THR D 646 0.10 -16.10 12.20
CA THR D 646 -1.35 -16.23 12.15
C THR D 646 -2.03 -14.95 12.64
N TYR D 647 -1.42 -14.26 13.60
CA TYR D 647 -1.98 -12.99 14.08
C TYR D 647 -2.09 -11.98 12.94
N TYR D 648 -1.07 -11.91 12.09
CA TYR D 648 -1.14 -11.01 10.95
C TYR D 648 -2.04 -11.55 9.85
N ARG D 649 -2.32 -12.85 9.83
CA ARG D 649 -3.31 -13.39 8.91
C ARG D 649 -4.71 -12.91 9.28
N PHE D 650 -5.05 -12.95 10.58
CA PHE D 650 -6.34 -12.44 11.03
C PHE D 650 -6.47 -10.95 10.74
N ARG D 651 -5.35 -10.23 10.73
CA ARG D 651 -5.38 -8.80 10.41
C ARG D 651 -5.86 -8.59 8.97
N GLY D 652 -5.30 -9.35 8.04
CA GLY D 652 -5.73 -9.23 6.65
C GLY D 652 -7.16 -9.68 6.43
N ILE D 653 -7.59 -10.71 7.16
CA ILE D 653 -8.96 -11.19 7.03
C ILE D 653 -9.94 -10.15 7.53
N LEU D 654 -9.60 -9.46 8.63
CA LEU D 654 -10.46 -8.39 9.12
C LEU D 654 -10.53 -7.22 8.14
N VAL D 655 -9.39 -6.92 7.50
CA VAL D 655 -9.40 -5.89 6.46
C VAL D 655 -10.18 -6.36 5.24
N ASP D 656 -10.05 -7.65 4.89
CA ASP D 656 -10.79 -8.18 3.77
C ASP D 656 -12.29 -8.15 4.02
N LYS D 657 -12.71 -8.31 5.28
CA LYS D 657 -14.12 -8.24 5.61
C LYS D 657 -14.65 -6.81 5.63
N TYR D 658 -13.78 -5.82 5.78
CA TYR D 658 -14.20 -4.42 5.79
C TYR D 658 -14.21 -3.81 4.38
N LEU D 659 -13.20 -4.14 3.57
CA LEU D 659 -13.16 -3.62 2.21
C LEU D 659 -14.34 -4.12 1.39
N ARG D 660 -14.68 -5.40 1.54
CA ARG D 660 -15.83 -5.94 0.83
C ARG D 660 -17.16 -5.47 1.43
N SER D 661 -17.15 -5.06 2.70
CA SER D 661 -18.36 -4.51 3.31
C SER D 661 -18.66 -3.11 2.78
N LYS D 662 -17.68 -2.42 2.21
CA LYS D 662 -17.87 -1.12 1.59
C LYS D 662 -17.92 -1.22 0.06
N ASN D 663 -18.22 -2.40 -0.47
CA ASN D 663 -18.42 -2.61 -1.91
C ASN D 663 -17.17 -2.25 -2.72
N VAL D 664 -16.01 -2.64 -2.21
CA VAL D 664 -14.77 -2.55 -2.98
C VAL D 664 -14.57 -3.89 -3.68
N ASP D 665 -14.31 -3.83 -4.99
CA ASP D 665 -14.18 -5.04 -5.77
C ASP D 665 -12.99 -5.86 -5.29
N PRO D 666 -13.17 -7.16 -5.01
CA PRO D 666 -12.04 -7.95 -4.50
C PRO D 666 -10.87 -8.04 -5.46
N SER D 667 -11.08 -7.84 -6.75
CA SER D 667 -10.00 -7.89 -7.73
C SER D 667 -9.12 -6.64 -7.70
N GLN D 668 -9.52 -5.60 -6.97
CA GLN D 668 -8.72 -4.38 -6.89
C GLN D 668 -7.60 -4.48 -5.88
N TYR D 669 -7.60 -5.49 -5.00
CA TYR D 669 -6.55 -5.65 -4.00
C TYR D 669 -6.18 -7.11 -3.90
N SER D 670 -5.17 -7.40 -3.07
CA SER D 670 -4.70 -8.77 -2.84
C SER D 670 -4.32 -8.87 -1.37
N ILE D 671 -5.03 -9.71 -0.63
CA ILE D 671 -4.82 -9.83 0.81
C ILE D 671 -3.55 -10.63 1.05
N VAL D 672 -2.52 -9.98 1.57
CA VAL D 672 -1.28 -10.66 1.96
C VAL D 672 -1.34 -11.14 3.40
N GLY D 673 -1.64 -10.23 4.33
CA GLY D 673 -1.83 -10.59 5.72
C GLY D 673 -0.56 -11.01 6.43
N SER D 674 0.50 -10.22 6.28
CA SER D 674 1.77 -10.47 6.94
C SER D 674 2.11 -9.29 7.85
N GLY D 675 3.28 -9.38 8.50
CA GLY D 675 3.73 -8.32 9.38
C GLY D 675 4.18 -7.07 8.65
N SER D 676 4.60 -7.19 7.39
CA SER D 676 5.07 -6.06 6.60
C SER D 676 4.09 -5.61 5.53
N LYS D 677 3.19 -6.49 5.08
CA LYS D 677 2.22 -6.15 4.04
C LYS D 677 0.85 -6.65 4.47
N THR D 678 -0.04 -5.71 4.81
CA THR D 678 -1.43 -6.09 5.09
C THR D 678 -2.13 -6.53 3.82
N PHE D 679 -2.08 -5.70 2.77
CA PHE D 679 -2.62 -6.05 1.47
C PHE D 679 -2.02 -5.13 0.42
N THR D 680 -1.94 -5.62 -0.80
CA THR D 680 -1.37 -4.87 -1.92
C THR D 680 -2.48 -4.37 -2.84
N VAL D 681 -2.38 -3.12 -3.25
CA VAL D 681 -3.37 -2.51 -4.13
C VAL D 681 -3.02 -2.85 -5.58
N LEU D 682 -4.05 -3.23 -6.34
CA LEU D 682 -3.88 -3.56 -7.76
C LEU D 682 -4.41 -2.49 -8.68
N SER D 683 -5.53 -1.85 -8.34
CA SER D 683 -6.08 -0.74 -9.11
C SER D 683 -6.58 0.33 -8.16
N HIS D 684 -6.54 1.57 -8.62
CA HIS D 684 -6.92 2.70 -7.78
C HIS D 684 -8.38 2.60 -7.35
N PHE D 685 -8.62 2.72 -6.04
CA PHE D 685 -9.97 2.75 -5.51
C PHE D 685 -9.98 3.59 -4.25
N GLU D 686 -11.16 4.12 -3.92
CA GLU D 686 -11.33 4.99 -2.77
C GLU D 686 -12.42 4.47 -1.86
N VAL D 687 -12.27 4.73 -0.57
CA VAL D 687 -13.23 4.32 0.45
C VAL D 687 -13.80 5.59 1.08
N PRO D 688 -15.13 5.74 1.12
CA PRO D 688 -15.71 6.95 1.72
C PRO D 688 -15.46 7.00 3.22
N HIS D 689 -14.84 8.08 3.68
CA HIS D 689 -14.52 8.26 5.08
C HIS D 689 -14.69 9.74 5.43
N GLU D 690 -15.15 9.99 6.67
CA GLU D 690 -15.41 11.36 7.10
C GLU D 690 -14.13 12.19 7.21
N CYS D 691 -12.98 11.56 7.38
CA CYS D 691 -11.70 12.25 7.42
C CYS D 691 -11.03 12.26 6.06
N GLY D 692 -11.82 12.56 5.02
CA GLY D 692 -11.34 12.52 3.67
C GLY D 692 -11.36 11.10 3.11
N PRO D 693 -11.70 10.96 1.83
CA PRO D 693 -11.72 9.63 1.22
C PRO D 693 -10.34 8.99 1.25
N LEU D 694 -10.31 7.69 1.58
CA LEU D 694 -9.07 6.95 1.66
C LEU D 694 -8.55 6.67 0.26
N VAL D 695 -7.39 7.25 -0.07
CA VAL D 695 -6.79 7.12 -1.39
C VAL D 695 -5.82 5.94 -1.36
N PHE D 696 -6.03 4.97 -2.26
CA PHE D 696 -5.17 3.80 -2.37
C PHE D 696 -4.57 3.78 -3.76
N GLU D 697 -3.29 4.14 -3.86
CA GLU D 697 -2.61 4.15 -5.15
C GLU D 697 -2.32 2.73 -5.60
N ALA D 698 -2.36 2.54 -6.92
CA ALA D 698 -2.12 1.22 -7.49
C ALA D 698 -0.65 0.82 -7.36
N SER D 699 -0.41 -0.49 -7.31
CA SER D 699 0.94 -1.05 -7.20
C SER D 699 1.66 -0.53 -5.96
N THR D 700 0.93 -0.42 -4.86
CA THR D 700 1.49 -0.01 -3.58
C THR D 700 1.08 -1.01 -2.50
N ASP D 701 1.89 -1.06 -1.45
CA ASP D 701 1.64 -1.96 -0.33
C ASP D 701 1.05 -1.18 0.84
N VAL D 702 -0.02 -1.70 1.43
CA VAL D 702 -0.66 -1.09 2.58
C VAL D 702 -0.27 -1.89 3.82
N ASN D 703 0.12 -1.18 4.88
CA ASN D 703 0.49 -1.81 6.16
C ASN D 703 -0.18 -0.98 7.26
N ILE D 704 -1.37 -1.41 7.67
CA ILE D 704 -2.12 -0.67 8.66
C ILE D 704 -1.37 -0.64 9.99
N SER D 705 -1.63 0.40 10.78
CA SER D 705 -0.96 0.56 12.06
C SER D 705 -1.52 -0.45 13.06
N GLY D 706 -0.66 -1.39 13.49
CA GLY D 706 -1.09 -2.39 14.45
C GLY D 706 -1.19 -1.88 15.87
N HIS D 707 -0.50 -0.79 16.19
CA HIS D 707 -0.56 -0.26 17.55
C HIS D 707 -1.93 0.30 17.88
N LEU D 708 -2.67 0.79 16.87
CA LEU D 708 -4.01 1.30 17.12
C LEU D 708 -4.93 0.20 17.62
N LEU D 709 -4.80 -1.00 17.04
CA LEU D 709 -5.66 -2.11 17.45
C LEU D 709 -5.34 -2.56 18.87
N SER D 710 -4.05 -2.69 19.20
CA SER D 710 -3.68 -3.18 20.52
C SER D 710 -3.91 -2.14 21.60
N LEU D 711 -3.71 -0.85 21.30
CA LEU D 711 -3.96 0.19 22.28
C LEU D 711 -5.44 0.29 22.62
N ALA D 712 -6.32 -0.08 21.68
CA ALA D 712 -7.74 -0.11 21.98
C ALA D 712 -8.09 -1.24 22.93
N ILE D 713 -7.39 -2.37 22.82
CA ILE D 713 -7.60 -3.46 23.76
C ILE D 713 -7.08 -3.08 25.14
N ALA D 714 -5.90 -2.46 25.19
CA ALA D 714 -5.35 -2.02 26.47
C ALA D 714 -6.21 -0.97 27.14
N ALA D 715 -7.00 -0.23 26.37
CA ALA D 715 -7.88 0.78 26.95
C ALA D 715 -9.03 0.18 27.75
N HIS D 716 -9.30 -1.12 27.57
CA HIS D 716 -10.37 -1.76 28.33
C HIS D 716 -10.01 -1.96 29.79
N PHE D 717 -8.72 -1.94 30.13
CA PHE D 717 -8.27 -2.33 31.46
C PHE D 717 -7.50 -1.25 32.20
N VAL D 718 -6.62 -0.52 31.50
CA VAL D 718 -5.80 0.52 32.11
C VAL D 718 -5.91 1.79 31.28
N ALA D 719 -5.34 2.86 31.82
CA ALA D 719 -5.29 4.14 31.09
C ALA D 719 -4.41 3.98 29.85
N SER D 720 -4.99 4.22 28.68
CA SER D 720 -4.30 3.99 27.43
C SER D 720 -3.89 5.31 26.79
N PRO D 721 -2.63 5.44 26.36
CA PRO D 721 -2.17 6.66 25.69
C PRO D 721 -2.51 6.68 24.19
N MET D 722 -3.77 6.40 23.87
CA MET D 722 -4.18 6.37 22.47
C MET D 722 -4.20 7.76 21.86
N ILE D 723 -4.68 8.76 22.61
CA ILE D 723 -4.81 10.10 22.06
C ILE D 723 -3.44 10.72 21.81
N LEU D 724 -2.50 10.51 22.72
CA LEU D 724 -1.15 11.03 22.52
C LEU D 724 -0.43 10.30 21.39
N TRP D 725 -0.65 8.99 21.28
CA TRP D 725 -0.02 8.23 20.20
C TRP D 725 -0.54 8.66 18.83
N ALA D 726 -1.83 8.97 18.74
CA ALA D 726 -2.40 9.40 17.47
C ALA D 726 -1.83 10.74 17.03
N GLU D 727 -1.70 11.68 17.97
CA GLU D 727 -1.08 12.97 17.64
C GLU D 727 0.36 12.79 17.19
N GLN D 728 1.08 11.86 17.81
CA GLN D 728 2.43 11.55 17.35
C GLN D 728 2.39 10.85 16.00
N MET D 729 1.38 10.02 15.76
CA MET D 729 1.29 9.31 14.49
C MET D 729 1.01 10.25 13.33
N LYS D 730 0.16 11.25 13.55
CA LYS D 730 -0.11 12.23 12.50
C LYS D 730 1.13 13.06 12.20
N TYR D 731 1.90 13.40 13.23
CA TYR D 731 3.13 14.16 13.03
C TYR D 731 4.19 13.36 12.31
N MET D 732 4.12 12.03 12.35
CA MET D 732 5.07 11.16 11.68
C MET D 732 4.61 10.74 10.29
N ALA D 733 3.82 11.58 9.61
CA ALA D 733 3.46 11.29 8.23
C ALA D 733 4.66 11.42 7.30
N VAL D 734 5.65 12.23 7.69
CA VAL D 734 6.91 12.38 6.96
C VAL D 734 8.05 12.31 7.97
N ASP D 735 9.26 12.24 7.45
CA ASP D 735 10.45 12.18 8.30
C ASP D 735 10.60 13.48 9.09
N ARG D 736 10.95 13.35 10.37
CA ARG D 736 11.10 14.49 11.26
C ARG D 736 12.46 14.41 11.95
N MET D 737 13.14 15.55 12.00
CA MET D 737 14.48 15.60 12.60
C MET D 737 14.39 15.38 14.11
N LEU D 738 15.41 14.71 14.65
CA LEU D 738 15.46 14.48 16.08
C LEU D 738 15.74 15.79 16.83
N PRO D 739 15.19 15.94 18.03
CA PRO D 739 15.46 17.14 18.83
C PRO D 739 16.94 17.27 19.13
N PRO D 740 17.49 18.48 19.11
CA PRO D 740 18.94 18.65 19.28
C PRO D 740 19.42 18.45 20.70
N ASN D 741 18.59 18.79 21.69
CA ASN D 741 19.01 18.73 23.08
C ASN D 741 18.84 17.36 23.71
N LEU D 742 17.84 16.60 23.29
CA LEU D 742 17.59 15.29 23.91
C LEU D 742 18.65 14.28 23.50
N ASP D 743 18.98 13.38 24.42
CA ASP D 743 19.90 12.29 24.13
C ASP D 743 19.28 11.37 23.09
N LYS D 744 20.02 11.15 21.99
CA LYS D 744 19.50 10.35 20.89
C LYS D 744 19.33 8.88 21.25
N SER D 745 19.86 8.43 22.39
CA SER D 745 19.63 7.07 22.83
C SER D 745 18.19 6.83 23.27
N LEU D 746 17.46 7.90 23.61
CA LEU D 746 16.06 7.76 24.01
C LEU D 746 15.15 7.34 22.86
N PHE D 747 15.63 7.43 21.62
CA PHE D 747 14.85 7.04 20.45
C PHE D 747 15.21 5.65 19.95
N PHE D 748 15.65 4.76 20.84
CA PHE D 748 16.08 3.43 20.41
C PHE D 748 14.92 2.59 19.91
N ASP D 749 13.70 2.84 20.42
CA ASP D 749 12.56 2.01 20.08
C ASP D 749 12.07 2.23 18.66
N ASN D 750 12.49 3.30 17.99
CA ASN D 750 12.02 3.61 16.65
C ASN D 750 13.20 3.71 15.69
N LYS D 751 12.88 3.58 14.40
CA LYS D 751 13.91 3.63 13.36
C LYS D 751 14.41 5.06 13.16
N VAL D 752 15.70 5.18 12.91
CA VAL D 752 16.35 6.47 12.65
C VAL D 752 17.09 6.36 11.32
N THR D 753 16.81 7.29 10.42
CA THR D 753 17.49 7.31 9.13
C THR D 753 18.95 7.72 9.30
N PRO D 754 19.80 7.37 8.33
CA PRO D 754 21.20 7.81 8.40
C PRO D 754 21.37 9.32 8.49
N SER D 755 20.36 10.10 8.08
CA SER D 755 20.44 11.55 8.22
C SER D 755 20.39 12.00 9.67
N GLY D 756 19.89 11.16 10.58
CA GLY D 756 19.70 11.54 11.95
C GLY D 756 18.30 11.99 12.29
N ALA D 757 17.28 11.47 11.60
CA ALA D 757 15.90 11.89 11.79
C ALA D 757 15.03 10.68 12.05
N LEU D 758 13.93 10.90 12.77
CA LEU D 758 12.98 9.83 13.04
C LEU D 758 12.23 9.46 11.76
N GLN D 759 12.31 8.19 11.36
CA GLN D 759 11.77 7.77 10.09
C GLN D 759 10.24 7.79 10.11
N ARG D 760 9.65 7.98 8.93
CA ARG D 760 8.21 8.01 8.78
C ARG D 760 7.59 6.69 9.23
N TRP D 761 6.40 6.78 9.84
CA TRP D 761 5.72 5.60 10.34
C TRP D 761 4.69 5.07 9.34
N HIS D 762 3.47 5.58 9.41
CA HIS D 762 2.37 5.11 8.56
C HIS D 762 1.68 6.29 7.91
N SER D 763 1.05 6.02 6.76
CA SER D 763 0.25 7.03 6.08
C SER D 763 -1.09 7.21 6.79
N ARG D 764 -1.78 8.31 6.47
CA ARG D 764 -3.07 8.56 7.09
C ARG D 764 -4.10 7.53 6.68
N GLU D 765 -3.93 6.91 5.51
CA GLU D 765 -4.84 5.86 5.09
C GLU D 765 -4.64 4.59 5.91
N GLU D 766 -3.38 4.23 6.18
CA GLU D 766 -3.10 3.04 6.97
C GLU D 766 -3.58 3.18 8.41
N VAL D 767 -3.57 4.39 8.95
CA VAL D 767 -4.00 4.59 10.33
C VAL D 767 -5.52 4.62 10.43
N LEU D 768 -6.18 5.33 9.51
CA LEU D 768 -7.63 5.40 9.54
C LEU D 768 -8.26 4.06 9.16
N LEU D 769 -7.57 3.25 8.35
CA LEU D 769 -8.10 1.95 8.00
C LEU D 769 -8.11 1.01 9.20
N ALA D 770 -7.11 1.13 10.07
CA ALA D 770 -7.09 0.32 11.28
C ALA D 770 -8.17 0.75 12.25
N ALA D 771 -8.55 2.04 12.25
CA ALA D 771 -9.61 2.51 13.12
C ALA D 771 -10.97 1.95 12.71
N GLU D 772 -11.16 1.70 11.42
CA GLU D 772 -12.45 1.17 10.95
C GLU D 772 -12.60 -0.30 11.33
N ILE D 773 -11.55 -1.09 11.15
CA ILE D 773 -11.58 -2.50 11.55
C ILE D 773 -11.35 -2.69 13.04
N CYS D 774 -11.20 -1.59 13.80
CA CYS D 774 -10.91 -1.71 15.22
C CYS D 774 -12.08 -2.31 15.99
N GLU D 775 -13.32 -2.04 15.56
CA GLU D 775 -14.47 -2.60 16.23
C GLU D 775 -14.52 -4.12 16.06
N SER D 776 -14.33 -4.60 14.83
CA SER D 776 -14.31 -6.04 14.58
C SER D 776 -13.06 -6.70 15.12
N TYR D 777 -11.97 -5.95 15.31
CA TYR D 777 -10.77 -6.52 15.91
C TYR D 777 -10.98 -6.83 17.38
N ALA D 778 -11.61 -5.92 18.12
CA ALA D 778 -11.89 -6.15 19.53
C ALA D 778 -12.89 -7.28 19.72
N ALA D 779 -13.82 -7.45 18.77
CA ALA D 779 -14.76 -8.56 18.85
C ALA D 779 -14.07 -9.91 18.67
N MET D 780 -12.96 -9.93 17.94
CA MET D 780 -12.23 -11.18 17.73
C MET D 780 -11.34 -11.52 18.92
N MET D 781 -10.60 -10.53 19.43
CA MET D 781 -9.63 -10.80 20.49
C MET D 781 -10.31 -11.12 21.81
N LEU D 782 -11.48 -10.52 22.08
CA LEU D 782 -12.17 -10.70 23.35
C LEU D 782 -13.46 -11.51 23.21
N ASN D 783 -13.65 -12.19 22.08
CA ASN D 783 -14.81 -13.07 21.87
C ASN D 783 -16.12 -12.31 22.06
N ASN D 784 -16.24 -11.18 21.37
CA ASN D 784 -17.42 -10.31 21.39
C ASN D 784 -17.78 -9.82 22.78
N LYS D 785 -16.91 -10.04 23.78
CA LYS D 785 -17.12 -9.56 25.13
C LYS D 785 -16.35 -8.27 25.41
N HIS D 786 -16.16 -7.46 24.38
CA HIS D 786 -15.50 -6.17 24.50
C HIS D 786 -16.54 -5.10 24.80
N SER D 787 -16.13 -3.84 24.77
CA SER D 787 -17.04 -2.71 24.95
C SER D 787 -17.06 -1.85 23.70
N PRO D 788 -18.13 -1.91 22.89
CA PRO D 788 -18.19 -1.04 21.71
C PRO D 788 -18.15 0.44 22.06
N ASP D 789 -18.53 0.82 23.28
CA ASP D 789 -18.43 2.21 23.69
C ASP D 789 -16.98 2.62 23.85
N ILE D 790 -16.14 1.73 24.38
CA ILE D 790 -14.71 2.03 24.52
C ILE D 790 -14.08 2.19 23.14
N ILE D 791 -14.39 1.27 22.22
CA ILE D 791 -13.89 1.39 20.85
C ILE D 791 -14.48 2.61 20.18
N GLY D 792 -15.75 2.93 20.48
CA GLY D 792 -16.39 4.06 19.84
C GLY D 792 -15.79 5.39 20.26
N THR D 793 -15.59 5.59 21.57
CA THR D 793 -15.04 6.85 22.04
C THR D 793 -13.59 7.03 21.62
N LEU D 794 -12.86 5.93 21.42
CA LEU D 794 -11.51 6.03 20.89
C LEU D 794 -11.53 6.29 19.39
N LYS D 795 -12.39 5.58 18.65
CA LYS D 795 -12.51 5.78 17.21
C LYS D 795 -12.94 7.21 16.90
N SER D 796 -13.85 7.77 17.71
CA SER D 796 -14.26 9.15 17.52
C SER D 796 -13.10 10.11 17.77
N ALA D 797 -12.22 9.79 18.72
CA ALA D 797 -11.09 10.66 19.00
C ALA D 797 -10.02 10.57 17.92
N ILE D 798 -9.83 9.39 17.33
CA ILE D 798 -8.86 9.25 16.25
C ILE D 798 -9.28 10.10 15.05
N ASN D 799 -10.58 10.18 14.80
CA ASN D 799 -11.07 10.97 13.66
C ASN D 799 -10.83 12.46 13.88
N LEU D 800 -11.01 12.94 15.12
CA LEU D 800 -10.81 14.36 15.40
C LEU D 800 -9.34 14.75 15.30
N VAL D 801 -8.43 13.82 15.58
CA VAL D 801 -7.00 14.09 15.40
C VAL D 801 -6.67 14.19 13.91
N PHE D 802 -7.31 13.35 13.09
CA PHE D 802 -7.09 13.33 11.64
C PHE D 802 -8.18 14.09 10.90
N LYS D 803 -8.67 15.18 11.47
CA LYS D 803 -9.71 15.97 10.81
C LYS D 803 -9.15 16.63 9.56
N ILE D 804 -10.03 16.84 8.58
CA ILE D 804 -9.62 17.41 7.30
C ILE D 804 -9.75 18.93 7.31
#